data_2WGF
#
_entry.id   2WGF
#
_cell.length_a   151.505
_cell.length_b   151.505
_cell.length_c   147.839
_cell.angle_alpha   90.00
_cell.angle_beta   90.00
_cell.angle_gamma   120.00
#
_symmetry.space_group_name_H-M   'P 31'
#
loop_
_entity.id
_entity.type
_entity.pdbx_description
1 polymer '3-OXOACYL-[ACYL-CARRIER-PROTEIN] SYNTHASE 1'
2 non-polymer 'SODIUM ION'
3 non-polymer 'TETRAETHYLENE GLYCOL'
4 non-polymer DI(HYDROXYETHYL)ETHER
5 water water
#
_entity_poly.entity_id   1
_entity_poly.type   'polypeptide(L)'
_entity_poly.pdbx_seq_one_letter_code
;MSQPSTANGGFPSVVVTAVTATTSISPDIESTWKGLLAGESGIHALEDEFVTKWDLAVKIGGHLKDPVDSHMGRLDMRRM
SYVQRMGKLLGGQLWESAGSPEVDPDRFAVVVGTGLGGAERIVESYDLMNAGGPRKVSPLAVQMIMPNGAAAVIGLQLGA
RAGVMTPVSAQSSGSEAIAHAWRQIVMGDADVAVCGGVEGPIEALPIAAFSMMRAMSTRNDEPERASRPFDKDRDGFVFG
EAGALMLIETEEHAKARGAKPLARLLGAGITSDAFHMVAPAADGVRAGRAMTRSLELAGLSPADIDHVNAHGTATPIGDA
AEANAIRVAGCDQAAVYAPKSALGHSIGAVGALESVLTVLTLRDGVIPPTLNYETPDPEIDLDVVAGEPRYGDYRYAVNN
SFGFGGHNVALAFGRY
;
_entity_poly.pdbx_strand_id   A,B,C,D,E,F,G,H
#
loop_
_chem_comp.id
_chem_comp.type
_chem_comp.name
_chem_comp.formula
NA non-polymer 'SODIUM ION' 'Na 1'
PEG non-polymer DI(HYDROXYETHYL)ETHER 'C4 H10 O3'
PG4 non-polymer 'TETRAETHYLENE GLYCOL' 'C8 H18 O5'
#
# COMPACT_ATOMS: atom_id res chain seq x y z
N SER A 2 13.65 47.42 2.05
CA SER A 2 14.95 47.40 1.37
C SER A 2 15.24 46.05 0.72
N GLN A 3 15.78 46.10 -0.49
CA GLN A 3 16.14 44.90 -1.24
C GLN A 3 17.34 44.19 -0.63
N PRO A 4 17.27 42.85 -0.55
CA PRO A 4 18.38 42.02 -0.06
C PRO A 4 19.63 42.16 -0.92
N SER A 5 20.78 42.00 -0.28
CA SER A 5 22.05 41.93 -0.98
C SER A 5 23.02 41.14 -0.11
N THR A 6 24.13 40.70 -0.68
CA THR A 6 25.14 39.98 0.09
C THR A 6 25.69 40.87 1.20
N ALA A 7 25.88 42.14 0.87
CA ALA A 7 26.52 43.10 1.78
C ALA A 7 25.70 43.35 3.04
N ASN A 8 24.39 43.49 2.89
CA ASN A 8 23.53 43.73 4.06
C ASN A 8 22.98 42.47 4.72
N GLY A 9 23.63 41.34 4.49
CA GLY A 9 23.21 40.09 5.10
C GLY A 9 21.95 39.50 4.50
N GLY A 10 21.41 40.15 3.48
CA GLY A 10 20.22 39.63 2.79
C GLY A 10 20.42 38.23 2.24
N PHE A 11 21.54 38.01 1.56
CA PHE A 11 21.90 36.70 1.03
C PHE A 11 22.92 36.01 1.92
N PRO A 12 22.97 34.66 1.89
CA PRO A 12 23.99 33.96 2.66
C PRO A 12 25.34 34.24 2.04
N SER A 13 26.40 34.23 2.85
CA SER A 13 27.75 34.38 2.31
C SER A 13 28.10 33.11 1.54
N VAL A 14 28.60 33.30 0.33
CA VAL A 14 28.99 32.19 -0.51
C VAL A 14 30.44 32.39 -0.86
N VAL A 15 31.24 31.35 -0.71
CA VAL A 15 32.68 31.44 -0.97
C VAL A 15 33.13 30.41 -1.98
N VAL A 16 34.19 30.73 -2.71
CA VAL A 16 34.86 29.79 -3.60
C VAL A 16 35.95 29.08 -2.80
N THR A 17 35.94 27.76 -2.80
CA THR A 17 36.85 27.00 -1.96
C THR A 17 37.81 26.12 -2.78
N ALA A 18 37.51 25.95 -4.06
CA ALA A 18 38.36 25.16 -4.96
C ALA A 18 38.08 25.51 -6.41
N VAL A 19 39.11 25.36 -7.24
CA VAL A 19 39.00 25.56 -8.69
C VAL A 19 39.79 24.50 -9.45
N THR A 20 39.38 24.25 -10.69
CA THR A 20 40.06 23.27 -11.52
C THR A 20 39.82 23.62 -12.99
N ALA A 21 40.86 23.49 -13.80
CA ALA A 21 40.79 23.83 -15.21
C ALA A 21 41.83 23.05 -16.01
N THR A 22 41.50 22.76 -17.27
CA THR A 22 42.45 22.22 -18.21
C THR A 22 42.55 23.19 -19.39
N THR A 23 43.77 23.62 -19.71
CA THR A 23 43.98 24.66 -20.71
C THR A 23 44.94 24.22 -21.81
N SER A 24 45.07 25.06 -22.83
CA SER A 24 46.06 24.86 -23.88
C SER A 24 47.48 25.06 -23.34
N ILE A 25 47.58 25.70 -22.18
CA ILE A 25 48.87 25.91 -21.53
C ILE A 25 49.22 24.75 -20.58
N SER A 26 48.23 24.25 -19.85
CA SER A 26 48.49 23.21 -18.86
C SER A 26 47.21 22.54 -18.38
N PRO A 27 47.31 21.25 -18.00
CA PRO A 27 46.26 20.48 -17.32
C PRO A 27 46.03 20.94 -15.88
N ASP A 28 46.92 21.80 -15.40
CA ASP A 28 46.87 22.28 -14.02
C ASP A 28 46.60 23.78 -14.00
N ILE A 29 45.56 24.18 -13.28
CA ILE A 29 45.18 25.60 -13.23
C ILE A 29 46.29 26.47 -12.67
N GLU A 30 47.06 25.93 -11.73
CA GLU A 30 48.12 26.70 -11.10
C GLU A 30 49.27 26.99 -12.06
N SER A 31 49.61 25.99 -12.88
CA SER A 31 50.69 26.12 -13.86
C SER A 31 50.29 27.09 -14.97
N THR A 32 49.00 27.08 -15.30
CA THR A 32 48.43 27.98 -16.29
C THR A 32 48.48 29.41 -15.77
N TRP A 33 48.20 29.56 -14.48
CA TRP A 33 48.20 30.86 -13.83
C TRP A 33 49.58 31.51 -13.93
N LYS A 34 50.61 30.79 -13.49
CA LYS A 34 51.99 31.27 -13.56
C LYS A 34 52.44 31.40 -15.01
N GLY A 35 51.93 30.53 -15.87
CA GLY A 35 52.21 30.63 -17.29
C GLY A 35 51.63 31.89 -17.90
N LEU A 36 50.43 32.24 -17.49
CA LEU A 36 49.80 33.48 -17.94
C LEU A 36 50.57 34.70 -17.43
N LEU A 37 51.14 34.58 -16.24
CA LEU A 37 51.84 35.71 -15.63
C LEU A 37 53.23 35.90 -16.25
N ALA A 38 53.72 34.85 -16.91
CA ALA A 38 55.00 34.95 -17.59
C ALA A 38 54.80 35.37 -19.06
N GLY A 39 53.55 35.67 -19.41
CA GLY A 39 53.21 36.19 -20.73
C GLY A 39 53.16 35.12 -21.79
N GLU A 40 52.85 33.90 -21.37
CA GLU A 40 52.81 32.75 -22.29
C GLU A 40 51.49 32.68 -23.04
N SER A 41 51.51 32.03 -24.21
CA SER A 41 50.33 31.85 -25.05
C SER A 41 50.10 30.38 -25.32
N GLY A 42 48.84 29.97 -25.33
CA GLY A 42 48.50 28.57 -25.58
C GLY A 42 48.32 28.31 -27.06
N ILE A 43 48.24 29.39 -27.83
CA ILE A 43 47.92 29.31 -29.25
C ILE A 43 49.14 28.92 -30.09
N HIS A 44 48.97 27.85 -30.86
CA HIS A 44 50.01 27.32 -31.73
C HIS A 44 49.48 27.14 -33.14
N ALA A 45 50.28 26.57 -34.03
CA ALA A 45 49.83 26.25 -35.38
C ALA A 45 49.04 24.95 -35.37
N LEU A 46 47.92 24.91 -36.09
CA LEU A 46 47.14 23.68 -36.17
C LEU A 46 47.90 22.60 -36.95
N GLU A 47 48.07 21.45 -36.33
CA GLU A 47 48.81 20.36 -36.97
C GLU A 47 47.94 19.16 -37.33
N ASP A 48 46.65 19.24 -37.02
CA ASP A 48 45.69 18.19 -37.35
C ASP A 48 45.46 18.13 -38.86
N GLU A 49 45.56 16.94 -39.43
CA GLU A 49 45.56 16.83 -40.90
C GLU A 49 44.23 17.25 -41.53
N PHE A 50 43.22 17.50 -40.71
CA PHE A 50 41.92 17.97 -41.21
C PHE A 50 41.98 19.42 -41.66
N VAL A 51 43.13 20.07 -41.41
CA VAL A 51 43.35 21.46 -41.77
C VAL A 51 43.64 21.61 -43.25
N THR A 52 44.68 20.91 -43.71
CA THR A 52 45.05 20.96 -45.12
C THR A 52 44.00 20.23 -45.95
N LYS A 53 43.51 19.11 -45.41
CA LYS A 53 42.48 18.30 -46.05
C LYS A 53 41.31 19.17 -46.51
N TRP A 54 40.85 20.04 -45.63
CA TRP A 54 39.77 20.96 -45.97
C TRP A 54 40.30 22.35 -46.34
N ASP A 55 41.62 22.47 -46.44
CA ASP A 55 42.29 23.77 -46.63
C ASP A 55 41.55 24.88 -45.89
N LEU A 56 41.41 24.70 -44.59
CA LEU A 56 40.73 25.65 -43.73
C LEU A 56 41.41 27.01 -43.78
N ALA A 57 40.60 28.07 -43.70
CA ALA A 57 41.14 29.43 -43.72
C ALA A 57 41.76 29.78 -42.37
N VAL A 58 41.33 29.07 -41.32
CA VAL A 58 41.95 29.20 -40.01
C VAL A 58 42.89 28.01 -39.75
N LYS A 59 44.12 28.30 -39.36
CA LYS A 59 45.16 27.29 -39.27
C LYS A 59 45.90 27.38 -37.93
N ILE A 60 45.30 28.11 -37.00
CA ILE A 60 45.88 28.29 -35.68
C ILE A 60 44.85 28.03 -34.59
N GLY A 61 45.32 27.82 -33.37
CA GLY A 61 44.45 27.56 -32.24
C GLY A 61 45.20 26.93 -31.10
N GLY A 62 44.50 26.72 -29.99
CA GLY A 62 45.09 26.10 -28.82
C GLY A 62 44.47 24.77 -28.39
N HIS A 63 45.14 23.68 -28.69
CA HIS A 63 44.74 22.38 -28.17
C HIS A 63 45.05 22.31 -26.68
N LEU A 64 44.28 21.51 -25.95
CA LEU A 64 44.63 21.21 -24.56
C LEU A 64 46.08 20.75 -24.48
N LYS A 65 46.77 21.14 -23.42
CA LYS A 65 48.16 20.73 -23.23
C LYS A 65 48.20 19.24 -22.91
N ASP A 66 47.27 18.81 -22.05
CA ASP A 66 47.16 17.41 -21.66
C ASP A 66 45.82 16.89 -22.13
N PRO A 67 45.83 16.12 -23.23
CA PRO A 67 44.61 15.56 -23.83
C PRO A 67 43.69 14.90 -22.82
N VAL A 68 42.38 15.17 -22.93
CA VAL A 68 41.40 14.56 -22.02
C VAL A 68 41.41 13.04 -22.17
N ASP A 69 41.42 12.56 -23.40
CA ASP A 69 41.25 11.13 -23.67
C ASP A 69 42.47 10.28 -23.32
N SER A 70 43.57 10.95 -22.96
CA SER A 70 44.76 10.24 -22.49
C SER A 70 44.60 9.82 -21.02
N HIS A 71 43.41 10.05 -20.48
CA HIS A 71 43.08 9.69 -19.11
C HIS A 71 41.86 8.78 -19.11
N MET A 72 41.44 8.37 -20.30
CA MET A 72 40.12 7.77 -20.51
C MET A 72 40.17 6.35 -21.06
N GLY A 73 39.49 5.44 -20.38
CA GLY A 73 39.56 4.02 -20.69
C GLY A 73 38.65 3.61 -21.82
N ARG A 74 38.83 2.40 -22.32
CA ARG A 74 38.06 1.94 -23.46
C ARG A 74 36.57 2.03 -23.20
N LEU A 75 36.16 1.85 -21.93
CA LEU A 75 34.77 1.97 -21.55
C LEU A 75 34.24 3.40 -21.59
N ASP A 76 34.99 4.33 -21.00
CA ASP A 76 34.65 5.74 -21.09
C ASP A 76 34.51 6.20 -22.55
N MET A 77 35.46 5.80 -23.39
CA MET A 77 35.49 6.19 -24.79
C MET A 77 34.26 5.71 -25.56
N ARG A 78 33.72 4.57 -25.13
CA ARG A 78 32.61 3.95 -25.84
C ARG A 78 31.29 4.43 -25.28
N ARG A 79 31.30 4.86 -24.03
CA ARG A 79 30.08 5.09 -23.28
C ARG A 79 29.73 6.57 -23.11
N MET A 80 30.74 7.43 -23.20
CA MET A 80 30.53 8.85 -23.01
C MET A 80 30.83 9.64 -24.27
N SER A 81 30.27 10.84 -24.35
CA SER A 81 30.73 11.82 -25.34
C SER A 81 31.95 12.54 -24.77
N TYR A 82 32.59 13.37 -25.58
CA TYR A 82 33.82 14.06 -25.15
C TYR A 82 33.58 15.01 -23.98
N VAL A 83 32.49 15.76 -24.00
CA VAL A 83 32.20 16.67 -22.90
C VAL A 83 31.97 15.90 -21.59
N GLN A 84 31.26 14.78 -21.68
CA GLN A 84 31.03 13.91 -20.53
C GLN A 84 32.34 13.39 -19.94
N ARG A 85 33.28 13.02 -20.83
CA ARG A 85 34.61 12.60 -20.40
C ARG A 85 35.40 13.73 -19.75
N MET A 86 35.48 14.88 -20.42
CA MET A 86 36.11 16.07 -19.84
C MET A 86 35.47 16.36 -18.49
N GLY A 87 34.15 16.24 -18.43
CA GLY A 87 33.41 16.46 -17.20
C GLY A 87 33.86 15.55 -16.08
N LYS A 88 33.99 14.26 -16.38
CA LYS A 88 34.50 13.29 -15.41
C LYS A 88 35.89 13.68 -14.91
N LEU A 89 36.78 14.01 -15.85
CA LEU A 89 38.14 14.38 -15.50
C LEU A 89 38.16 15.53 -14.49
N LEU A 90 37.69 16.69 -14.93
CA LEU A 90 37.73 17.88 -14.10
C LEU A 90 36.92 17.69 -12.83
N GLY A 91 35.74 17.09 -12.97
CA GLY A 91 34.90 16.75 -11.84
C GLY A 91 35.65 15.92 -10.82
N GLY A 92 36.44 14.96 -11.30
CA GLY A 92 37.28 14.15 -10.42
C GLY A 92 38.40 14.98 -9.79
N GLN A 93 39.11 15.72 -10.63
CA GLN A 93 40.24 16.53 -10.18
C GLN A 93 39.85 17.58 -9.15
N LEU A 94 38.65 18.12 -9.28
CA LEU A 94 38.22 19.21 -8.42
C LEU A 94 37.93 18.73 -7.01
N TRP A 95 37.33 17.55 -6.91
CA TRP A 95 36.84 17.04 -5.63
C TRP A 95 38.02 16.70 -4.74
N GLU A 96 39.08 16.17 -5.35
CA GLU A 96 40.28 15.86 -4.59
C GLU A 96 40.92 17.14 -4.10
N SER A 97 40.94 18.16 -4.95
CA SER A 97 41.53 19.46 -4.63
C SER A 97 40.85 20.08 -3.42
N ALA A 98 39.57 19.75 -3.21
CA ALA A 98 38.80 20.33 -2.12
C ALA A 98 38.90 19.50 -0.85
N GLY A 99 39.68 18.42 -0.92
CA GLY A 99 39.91 17.54 0.22
C GLY A 99 38.97 16.35 0.23
N SER A 100 38.22 16.19 -0.85
CA SER A 100 37.19 15.15 -0.93
C SER A 100 36.20 15.21 0.23
N PRO A 101 35.53 16.36 0.37
CA PRO A 101 34.60 16.58 1.50
C PRO A 101 33.41 15.63 1.45
N GLU A 102 32.98 15.16 2.61
CA GLU A 102 31.77 14.36 2.72
C GLU A 102 30.61 15.29 3.05
N VAL A 103 29.82 15.61 2.04
CA VAL A 103 28.74 16.57 2.21
C VAL A 103 27.39 15.87 2.30
N ASP A 104 26.36 16.63 2.67
CA ASP A 104 25.01 16.15 2.58
C ASP A 104 24.56 16.37 1.15
N PRO A 105 24.53 15.30 0.36
CA PRO A 105 24.22 15.43 -1.08
C PRO A 105 22.85 16.06 -1.30
N ASP A 106 21.99 16.08 -0.28
CA ASP A 106 20.66 16.67 -0.39
C ASP A 106 20.77 18.20 -0.44
N ARG A 107 21.99 18.68 -0.19
CA ARG A 107 22.28 20.11 -0.11
C ARG A 107 23.37 20.43 -1.13
N PHE A 108 23.54 19.51 -2.06
CA PHE A 108 24.66 19.56 -2.99
C PHE A 108 24.12 19.53 -4.42
N ALA A 109 24.32 20.63 -5.12
CA ALA A 109 23.88 20.74 -6.50
C ALA A 109 25.08 20.80 -7.44
N VAL A 110 24.81 20.67 -8.73
CA VAL A 110 25.83 20.76 -9.76
C VAL A 110 25.28 21.60 -10.90
N VAL A 111 26.06 22.56 -11.38
CA VAL A 111 25.67 23.36 -12.53
C VAL A 111 26.86 23.52 -13.48
N VAL A 112 26.69 23.01 -14.70
CA VAL A 112 27.76 23.01 -15.68
C VAL A 112 27.17 23.24 -17.07
N GLY A 113 27.57 24.35 -17.71
CA GLY A 113 27.09 24.69 -19.03
C GLY A 113 27.96 24.15 -20.14
N THR A 114 27.43 24.18 -21.36
CA THR A 114 28.19 23.73 -22.53
C THR A 114 27.65 24.41 -23.78
N GLY A 115 28.49 24.51 -24.80
CA GLY A 115 28.09 25.12 -26.05
C GLY A 115 27.05 24.34 -26.84
N LEU A 116 27.21 23.02 -26.91
CA LEU A 116 26.32 22.19 -27.69
C LEU A 116 26.03 20.90 -26.95
N GLY A 117 27.07 20.26 -26.45
CA GLY A 117 26.94 18.95 -25.82
C GLY A 117 27.78 17.90 -26.51
N GLY A 118 27.27 16.68 -26.59
CA GLY A 118 28.00 15.58 -27.21
C GLY A 118 27.64 15.42 -28.68
N ALA A 119 28.07 16.39 -29.49
CA ALA A 119 27.67 16.47 -30.90
C ALA A 119 28.34 15.45 -31.84
N GLU A 120 29.54 14.97 -31.49
CA GLU A 120 30.21 13.93 -32.27
C GLU A 120 29.35 12.67 -32.33
N ARG A 121 28.55 12.47 -31.29
CA ARG A 121 27.72 11.28 -31.17
C ARG A 121 26.48 11.41 -32.05
N ILE A 122 26.08 12.65 -32.32
CA ILE A 122 25.00 12.92 -33.26
C ILE A 122 25.39 12.54 -34.69
N VAL A 123 26.58 12.94 -35.11
CA VAL A 123 27.03 12.65 -36.48
C VAL A 123 27.37 11.17 -36.67
N GLU A 124 27.94 10.58 -35.63
CA GLU A 124 28.28 9.15 -35.61
C GLU A 124 27.01 8.31 -35.79
N SER A 125 26.05 8.53 -34.89
CA SER A 125 24.76 7.84 -34.93
C SER A 125 24.06 8.02 -36.28
N TYR A 126 24.35 9.14 -36.93
CA TYR A 126 23.74 9.49 -38.21
C TYR A 126 24.43 8.76 -39.37
N ASP A 127 25.76 8.71 -39.34
CA ASP A 127 26.53 7.93 -40.29
C ASP A 127 26.13 6.46 -40.23
N LEU A 128 26.02 5.94 -39.01
CA LEU A 128 25.78 4.52 -38.79
C LEU A 128 24.41 4.07 -39.24
N MET A 129 23.41 4.90 -39.00
CA MET A 129 22.04 4.56 -39.35
C MET A 129 21.89 4.52 -40.86
N ASN A 130 22.55 5.46 -41.54
CA ASN A 130 22.52 5.55 -42.99
C ASN A 130 23.11 4.32 -43.67
N ALA A 131 24.12 3.71 -43.03
CA ALA A 131 24.84 2.60 -43.63
C ALA A 131 24.34 1.22 -43.16
N GLY A 132 23.77 1.16 -41.96
CA GLY A 132 23.34 -0.09 -41.37
C GLY A 132 21.99 -0.05 -40.68
N GLY A 133 21.33 1.10 -40.75
CA GLY A 133 19.98 1.22 -40.21
C GLY A 133 19.89 1.43 -38.72
N PRO A 134 18.66 1.51 -38.19
CA PRO A 134 18.33 1.80 -36.79
C PRO A 134 19.07 0.92 -35.78
N ARG A 135 19.34 -0.33 -36.16
CA ARG A 135 19.95 -1.29 -35.26
C ARG A 135 21.41 -0.96 -34.95
N LYS A 136 21.98 -0.07 -35.75
CA LYS A 136 23.39 0.30 -35.63
C LYS A 136 23.62 1.39 -34.58
N VAL A 137 22.53 2.04 -34.16
CA VAL A 137 22.57 3.12 -33.18
C VAL A 137 22.81 2.59 -31.77
N SER A 138 23.74 3.22 -31.07
CA SER A 138 24.03 2.83 -29.69
C SER A 138 22.83 3.11 -28.79
N PRO A 139 22.52 2.16 -27.89
CA PRO A 139 21.50 2.33 -26.85
C PRO A 139 21.90 3.42 -25.87
N LEU A 140 23.14 3.91 -26.01
CA LEU A 140 23.62 5.01 -25.16
C LEU A 140 23.71 6.32 -25.94
N ALA A 141 23.28 6.30 -27.20
CA ALA A 141 23.32 7.49 -28.04
C ALA A 141 22.61 8.68 -27.37
N VAL A 142 21.45 8.40 -26.77
CA VAL A 142 20.59 9.45 -26.20
C VAL A 142 21.23 10.17 -25.01
N GLN A 143 21.72 9.39 -24.03
CA GLN A 143 22.35 9.95 -22.85
C GLN A 143 23.72 10.57 -23.14
N MET A 144 24.37 10.13 -24.21
CA MET A 144 25.68 10.69 -24.61
C MET A 144 25.50 12.01 -25.35
N ILE A 145 24.36 12.18 -26.02
CA ILE A 145 24.11 13.36 -26.84
C ILE A 145 23.42 14.47 -26.07
N MET A 146 22.59 14.10 -25.09
CA MET A 146 21.83 15.11 -24.37
C MET A 146 22.79 16.11 -23.74
N PRO A 147 22.63 17.40 -24.07
CA PRO A 147 23.57 18.47 -23.66
C PRO A 147 23.65 18.65 -22.16
N ASN A 148 22.72 18.06 -21.41
CA ASN A 148 22.83 17.98 -19.94
C ASN A 148 23.66 16.77 -19.51
N GLY A 149 24.32 16.14 -20.49
CA GLY A 149 25.08 14.92 -20.26
C GLY A 149 26.24 15.06 -19.31
N ALA A 150 27.05 16.10 -19.49
CA ALA A 150 28.21 16.35 -18.64
C ALA A 150 27.79 16.63 -17.19
N ALA A 151 26.89 17.59 -17.01
CA ALA A 151 26.33 17.93 -15.69
C ALA A 151 25.77 16.70 -14.98
N ALA A 152 25.00 15.90 -15.71
CA ALA A 152 24.40 14.69 -15.16
C ALA A 152 25.50 13.71 -14.73
N VAL A 153 26.51 13.55 -15.57
CA VAL A 153 27.67 12.74 -15.23
C VAL A 153 28.34 13.20 -13.92
N ILE A 154 28.56 14.52 -13.80
CA ILE A 154 29.21 15.08 -12.61
C ILE A 154 28.32 14.96 -11.37
N GLY A 155 27.02 15.16 -11.55
CA GLY A 155 26.09 14.99 -10.46
C GLY A 155 26.10 13.57 -9.93
N LEU A 156 26.00 12.61 -10.85
CA LEU A 156 26.01 11.19 -10.50
C LEU A 156 27.37 10.79 -9.92
N GLN A 157 28.42 11.32 -10.52
CA GLN A 157 29.79 11.01 -10.14
C GLN A 157 30.09 11.39 -8.69
N LEU A 158 29.82 12.65 -8.36
CA LEU A 158 30.13 13.18 -7.04
C LEU A 158 28.97 13.03 -6.04
N GLY A 159 27.75 12.81 -6.56
CA GLY A 159 26.61 12.48 -5.73
C GLY A 159 25.67 13.62 -5.35
N ALA A 160 25.47 14.56 -6.26
CA ALA A 160 24.63 15.73 -6.01
C ALA A 160 23.14 15.42 -6.14
N ARG A 161 22.39 15.70 -5.07
CA ARG A 161 20.95 15.43 -5.04
C ARG A 161 20.07 16.66 -4.77
N ALA A 162 20.67 17.85 -4.82
CA ALA A 162 19.89 19.07 -4.78
C ALA A 162 19.91 19.78 -6.14
N GLY A 163 19.90 18.98 -7.20
CA GLY A 163 19.75 19.51 -8.54
C GLY A 163 20.99 19.49 -9.41
N VAL A 164 20.83 18.96 -10.62
CA VAL A 164 21.83 19.08 -11.67
C VAL A 164 21.24 19.91 -12.82
N MET A 165 21.77 21.11 -13.05
CA MET A 165 21.21 22.00 -14.06
C MET A 165 22.21 22.33 -15.17
N THR A 166 21.68 22.56 -16.38
CA THR A 166 22.52 22.91 -17.53
C THR A 166 21.96 24.09 -18.29
N PRO A 167 22.45 25.30 -17.99
CA PRO A 167 22.04 26.48 -18.76
C PRO A 167 22.78 26.50 -20.09
N VAL A 168 22.07 26.85 -21.16
CA VAL A 168 22.72 27.06 -22.44
C VAL A 168 22.44 28.46 -23.00
N SER A 169 23.51 29.19 -23.24
CA SER A 169 23.44 30.53 -23.81
C SER A 169 24.69 30.72 -24.65
N ALA A 170 25.03 29.68 -25.41
CA ALA A 170 26.23 29.69 -26.22
C ALA A 170 27.46 30.12 -25.41
N GLN A 171 28.05 31.27 -25.73
CA GLN A 171 29.38 31.62 -25.21
C GLN A 171 29.42 32.19 -23.80
N SER A 172 28.27 32.28 -23.15
CA SER A 172 28.28 32.70 -21.74
C SER A 172 27.86 31.56 -20.80
N SER A 173 27.78 30.35 -21.33
CA SER A 173 27.28 29.18 -20.59
C SER A 173 28.05 28.85 -19.32
N GLY A 174 29.35 29.12 -19.32
CA GLY A 174 30.20 28.82 -18.18
C GLY A 174 29.98 29.76 -17.03
N SER A 175 29.74 31.03 -17.35
CA SER A 175 29.40 32.03 -16.34
C SER A 175 27.99 31.82 -15.83
N GLU A 176 27.05 31.63 -16.76
CA GLU A 176 25.65 31.44 -16.38
C GLU A 176 25.49 30.21 -15.51
N ALA A 177 26.31 29.19 -15.79
CA ALA A 177 26.38 27.98 -14.97
C ALA A 177 26.61 28.33 -13.51
N ILE A 178 27.60 29.17 -13.27
CA ILE A 178 27.99 29.56 -11.92
C ILE A 178 26.99 30.52 -11.29
N ALA A 179 26.40 31.37 -12.12
CA ALA A 179 25.38 32.31 -11.66
C ALA A 179 24.14 31.58 -11.14
N HIS A 180 23.81 30.45 -11.76
CA HIS A 180 22.67 29.63 -11.34
C HIS A 180 23.02 28.77 -10.13
N ALA A 181 24.30 28.48 -9.95
CA ALA A 181 24.75 27.74 -8.78
C ALA A 181 24.68 28.64 -7.55
N TRP A 182 25.03 29.91 -7.73
CA TRP A 182 24.89 30.92 -6.69
C TRP A 182 23.44 31.22 -6.31
N ARG A 183 22.52 31.07 -7.27
CA ARG A 183 21.10 31.30 -7.00
C ARG A 183 20.50 30.13 -6.22
N GLN A 184 20.84 28.91 -6.62
CA GLN A 184 20.37 27.71 -5.92
C GLN A 184 20.74 27.79 -4.44
N ILE A 185 21.92 28.34 -4.15
CA ILE A 185 22.43 28.43 -2.79
C ILE A 185 21.76 29.56 -1.98
N VAL A 186 21.75 30.76 -2.55
CA VAL A 186 21.25 31.94 -1.84
C VAL A 186 19.74 31.89 -1.65
N MET A 187 19.09 31.00 -2.40
CA MET A 187 17.63 30.80 -2.30
C MET A 187 17.23 29.66 -1.38
N GLY A 188 18.21 29.02 -0.75
CA GLY A 188 17.94 27.98 0.22
C GLY A 188 17.84 26.56 -0.32
N ASP A 189 18.05 26.41 -1.62
CA ASP A 189 17.97 25.09 -2.26
C ASP A 189 19.21 24.23 -2.03
N ALA A 190 20.35 24.85 -1.73
CA ALA A 190 21.58 24.09 -1.57
C ALA A 190 22.58 24.80 -0.64
N ASP A 191 23.59 24.06 -0.21
CA ASP A 191 24.65 24.63 0.63
C ASP A 191 25.97 24.69 -0.12
N VAL A 192 26.15 23.77 -1.05
CA VAL A 192 27.39 23.63 -1.79
C VAL A 192 27.08 23.22 -3.23
N ALA A 193 27.93 23.62 -4.16
CA ALA A 193 27.69 23.31 -5.56
C ALA A 193 28.97 23.30 -6.39
N VAL A 194 29.09 22.30 -7.25
CA VAL A 194 30.15 22.28 -8.27
C VAL A 194 29.65 22.97 -9.54
N CYS A 195 30.37 23.99 -10.00
CA CYS A 195 29.89 24.76 -11.15
C CYS A 195 30.97 25.16 -12.12
N GLY A 196 30.59 25.31 -13.39
CA GLY A 196 31.51 25.74 -14.42
C GLY A 196 30.99 25.39 -15.79
N GLY A 197 31.91 25.16 -16.74
CA GLY A 197 31.52 24.84 -18.09
C GLY A 197 32.50 23.88 -18.74
N VAL A 198 31.99 23.07 -19.66
CA VAL A 198 32.82 22.17 -20.45
C VAL A 198 32.59 22.45 -21.93
N GLU A 199 33.48 21.96 -22.77
CA GLU A 199 33.39 22.21 -24.19
C GLU A 199 34.30 21.23 -24.92
N GLY A 200 34.08 21.07 -26.21
CA GLY A 200 34.80 20.07 -26.98
C GLY A 200 36.06 20.60 -27.63
N PRO A 201 36.82 19.71 -28.27
CA PRO A 201 38.10 20.06 -28.85
C PRO A 201 37.93 20.75 -30.20
N ILE A 202 38.95 21.45 -30.65
CA ILE A 202 38.93 22.07 -31.97
C ILE A 202 38.78 21.03 -33.07
N GLU A 203 37.84 21.27 -33.98
CA GLU A 203 37.63 20.39 -35.13
C GLU A 203 37.26 21.17 -36.38
N ALA A 204 37.29 20.48 -37.51
CA ALA A 204 37.03 21.06 -38.82
C ALA A 204 35.67 21.76 -38.92
N LEU A 205 34.60 21.02 -38.64
CA LEU A 205 33.23 21.55 -38.73
C LEU A 205 33.03 22.81 -37.88
N PRO A 206 33.47 22.77 -36.60
CA PRO A 206 33.36 24.01 -35.81
C PRO A 206 34.18 25.18 -36.36
N ILE A 207 35.30 24.92 -37.02
CA ILE A 207 36.10 26.00 -37.61
C ILE A 207 35.34 26.59 -38.77
N ALA A 208 34.85 25.72 -39.65
CA ALA A 208 34.09 26.13 -40.83
C ALA A 208 32.90 27.02 -40.44
N ALA A 209 32.10 26.58 -39.47
CA ALA A 209 30.87 27.27 -39.10
C ALA A 209 31.14 28.66 -38.54
N PHE A 210 32.20 28.79 -37.75
CA PHE A 210 32.60 30.10 -37.20
C PHE A 210 33.38 30.95 -38.20
N SER A 211 34.13 30.30 -39.10
CA SER A 211 34.88 30.99 -40.15
C SER A 211 33.94 31.63 -41.18
N MET A 212 32.84 30.95 -41.47
CA MET A 212 31.90 31.44 -42.48
C MET A 212 31.11 32.66 -42.01
N MET A 213 31.28 33.03 -40.75
CA MET A 213 30.71 34.27 -40.21
C MET A 213 31.76 35.36 -40.20
N ARG A 214 33.00 35.00 -40.51
CA ARG A 214 34.15 35.91 -40.43
C ARG A 214 34.47 36.29 -38.97
N ALA A 215 34.17 35.37 -38.05
CA ALA A 215 34.32 35.64 -36.63
C ALA A 215 35.71 35.29 -36.11
N MET A 216 36.49 34.59 -36.93
CA MET A 216 37.76 34.05 -36.47
C MET A 216 38.98 34.74 -37.06
N SER A 217 40.04 34.82 -36.25
CA SER A 217 41.31 35.36 -36.71
C SER A 217 41.91 34.48 -37.82
N THR A 218 42.64 35.10 -38.75
CA THR A 218 43.31 34.38 -39.81
C THR A 218 44.76 34.83 -39.90
N ARG A 219 45.27 35.32 -38.78
CA ARG A 219 46.67 35.68 -38.65
C ARG A 219 47.50 34.41 -38.49
N ASN A 220 47.27 33.45 -39.37
CA ASN A 220 47.83 32.09 -39.27
C ASN A 220 49.34 32.01 -39.07
N ASP A 221 50.06 32.98 -39.60
CA ASP A 221 51.53 32.89 -39.65
C ASP A 221 52.21 33.36 -38.35
N GLU A 222 51.42 33.86 -37.42
CA GLU A 222 51.90 34.17 -36.08
C GLU A 222 50.82 33.81 -35.06
N PRO A 223 50.68 32.51 -34.79
CA PRO A 223 49.62 31.95 -33.93
C PRO A 223 49.50 32.68 -32.59
N GLU A 224 50.63 33.09 -32.04
CA GLU A 224 50.66 33.70 -30.72
C GLU A 224 50.35 35.20 -30.73
N ARG A 225 50.21 35.77 -31.93
CA ARG A 225 49.87 37.18 -32.05
C ARG A 225 48.45 37.40 -32.55
N ALA A 226 47.74 36.31 -32.87
CA ALA A 226 46.45 36.41 -33.54
C ALA A 226 45.37 37.03 -32.66
N SER A 227 45.25 36.53 -31.43
CA SER A 227 44.23 36.99 -30.50
C SER A 227 44.62 38.31 -29.84
N ARG A 228 43.91 39.38 -30.21
CA ARG A 228 44.26 40.73 -29.78
C ARG A 228 43.05 41.52 -29.29
N PRO A 229 42.47 41.13 -28.14
CA PRO A 229 41.31 41.82 -27.58
C PRO A 229 41.56 43.31 -27.36
N PHE A 230 40.70 44.15 -27.93
CA PHE A 230 40.77 45.59 -27.73
C PHE A 230 41.89 46.28 -28.50
N ASP A 231 42.88 45.52 -28.96
CA ASP A 231 43.91 46.05 -29.85
C ASP A 231 43.28 46.59 -31.15
N LYS A 232 43.77 47.72 -31.63
CA LYS A 232 43.20 48.32 -32.83
C LYS A 232 43.23 47.40 -34.06
N ASP A 233 44.08 46.38 -33.99
CA ASP A 233 44.30 45.48 -35.13
C ASP A 233 43.69 44.10 -35.00
N ARG A 234 42.84 43.91 -33.98
CA ARG A 234 42.14 42.65 -33.79
C ARG A 234 41.36 42.24 -35.03
N ASP A 235 41.26 40.94 -35.28
CA ASP A 235 40.53 40.44 -36.44
C ASP A 235 39.70 39.18 -36.16
N GLY A 236 39.15 39.08 -34.95
CA GLY A 236 38.34 37.93 -34.58
C GLY A 236 39.01 37.00 -33.59
N PHE A 237 38.25 36.03 -33.09
CA PHE A 237 38.73 35.15 -32.01
C PHE A 237 39.59 33.97 -32.48
N VAL A 238 40.29 33.37 -31.52
CA VAL A 238 41.12 32.20 -31.75
C VAL A 238 40.59 31.07 -30.87
N PHE A 239 40.39 29.89 -31.45
CA PHE A 239 39.95 28.74 -30.67
C PHE A 239 41.03 28.37 -29.66
N GLY A 240 40.62 28.20 -28.40
CA GLY A 240 41.53 27.80 -27.35
C GLY A 240 40.83 26.88 -26.37
N GLU A 241 40.98 25.57 -26.60
CA GLU A 241 40.29 24.56 -25.81
C GLU A 241 40.46 24.73 -24.31
N ALA A 242 39.34 24.63 -23.58
CA ALA A 242 39.40 24.63 -22.13
C ALA A 242 38.25 23.86 -21.49
N GLY A 243 38.39 23.67 -20.19
CA GLY A 243 37.33 23.15 -19.35
C GLY A 243 37.62 23.65 -17.95
N ALA A 244 36.58 23.99 -17.21
CA ALA A 244 36.81 24.57 -15.89
C ALA A 244 35.65 24.34 -14.95
N LEU A 245 35.98 24.09 -13.70
CA LEU A 245 34.99 23.91 -12.65
C LEU A 245 35.45 24.65 -11.38
N MET A 246 34.49 24.94 -10.51
CA MET A 246 34.82 25.49 -9.20
C MET A 246 33.85 24.97 -8.14
N LEU A 247 34.33 24.89 -6.91
CA LEU A 247 33.48 24.51 -5.79
C LEU A 247 33.03 25.76 -5.06
N ILE A 248 31.73 25.91 -4.88
CA ILE A 248 31.20 27.02 -4.09
C ILE A 248 30.30 26.50 -3.00
N GLU A 249 30.30 27.19 -1.86
CA GLU A 249 29.47 26.81 -0.74
C GLU A 249 29.28 28.01 0.16
N THR A 250 28.27 27.98 1.02
CA THR A 250 28.11 29.03 2.01
C THR A 250 29.41 29.15 2.81
N GLU A 251 29.70 30.36 3.30
CA GLU A 251 30.91 30.59 4.07
C GLU A 251 30.92 29.82 5.40
N GLU A 252 29.74 29.37 5.82
CA GLU A 252 29.60 28.61 7.06
C GLU A 252 29.82 27.11 6.84
N HIS A 253 29.44 26.64 5.66
CA HIS A 253 29.68 25.25 5.28
C HIS A 253 31.18 25.02 5.16
N ALA A 254 31.88 26.04 4.65
CA ALA A 254 33.33 25.95 4.45
C ALA A 254 34.04 26.03 5.79
N LYS A 255 33.61 27.00 6.59
CA LYS A 255 34.09 27.17 7.95
C LYS A 255 34.06 25.83 8.69
N ALA A 256 32.88 25.22 8.73
CA ALA A 256 32.69 23.92 9.37
C ALA A 256 33.76 22.89 9.00
N ARG A 257 33.92 22.66 7.70
CA ARG A 257 34.84 21.64 7.23
C ARG A 257 36.26 22.17 7.07
N GLY A 258 36.52 23.32 7.70
CA GLY A 258 37.84 23.93 7.61
C GLY A 258 38.32 24.05 6.18
N ALA A 259 37.50 24.64 5.32
CA ALA A 259 37.87 24.92 3.95
C ALA A 259 38.26 26.38 3.82
N LYS A 260 39.41 26.63 3.21
CA LYS A 260 39.90 28.00 3.05
C LYS A 260 39.38 28.57 1.73
N PRO A 261 38.54 29.61 1.81
CA PRO A 261 37.97 30.25 0.62
C PRO A 261 39.04 30.95 -0.21
N LEU A 262 38.96 30.78 -1.53
CA LEU A 262 39.89 31.37 -2.47
C LEU A 262 39.42 32.78 -2.84
N ALA A 263 38.10 32.94 -2.85
CA ALA A 263 37.48 34.23 -3.07
C ALA A 263 36.03 34.16 -2.58
N ARG A 264 35.28 35.24 -2.79
CA ARG A 264 33.84 35.23 -2.54
C ARG A 264 33.08 35.44 -3.83
N LEU A 265 31.98 34.72 -3.99
CA LEU A 265 31.04 34.97 -5.06
C LEU A 265 29.92 35.82 -4.48
N LEU A 266 29.83 37.07 -4.93
CA LEU A 266 28.98 38.06 -4.28
C LEU A 266 27.62 38.29 -4.94
N GLY A 267 27.55 38.21 -6.26
CA GLY A 267 26.29 38.43 -6.95
C GLY A 267 26.36 38.15 -8.44
N ALA A 268 25.21 38.02 -9.08
CA ALA A 268 25.14 37.62 -10.49
C ALA A 268 24.08 38.38 -11.26
N GLY A 269 24.43 38.85 -12.46
CA GLY A 269 23.51 39.60 -13.29
C GLY A 269 23.33 38.94 -14.64
N ILE A 270 22.07 38.72 -15.02
CA ILE A 270 21.75 38.10 -16.32
C ILE A 270 20.70 38.90 -17.10
N THR A 271 21.12 39.45 -18.23
CA THR A 271 20.24 40.27 -19.08
C THR A 271 20.30 39.77 -20.51
N SER A 272 19.53 40.41 -21.40
CA SER A 272 19.55 40.09 -22.84
C SER A 272 19.45 41.32 -23.75
N ASP A 273 19.86 41.19 -25.01
CA ASP A 273 19.93 42.32 -25.94
C ASP A 273 18.62 42.55 -26.72
N ALA A 274 17.95 41.46 -27.11
CA ALA A 274 16.83 41.54 -28.04
C ALA A 274 17.22 42.39 -29.24
N PHE A 275 18.44 42.20 -29.74
CA PHE A 275 19.00 43.04 -30.79
C PHE A 275 19.30 42.28 -32.10
N HIS A 276 20.10 41.22 -32.01
CA HIS A 276 20.56 40.46 -33.17
C HIS A 276 20.92 39.05 -32.69
N MET A 277 20.89 38.09 -33.60
CA MET A 277 21.11 36.69 -33.26
C MET A 277 22.57 36.39 -32.93
N VAL A 278 23.48 37.17 -33.51
CA VAL A 278 24.91 36.96 -33.26
C VAL A 278 25.69 38.24 -32.91
N ALA A 279 25.22 39.39 -33.40
CA ALA A 279 25.90 40.65 -33.10
C ALA A 279 25.50 41.25 -31.75
N PRO A 280 26.51 41.66 -30.96
CA PRO A 280 26.30 42.38 -29.69
C PRO A 280 25.69 43.76 -29.95
N ALA A 281 24.73 44.18 -29.13
CA ALA A 281 24.18 45.52 -29.23
C ALA A 281 25.29 46.55 -29.04
N ALA A 282 25.46 47.40 -30.05
CA ALA A 282 26.59 48.31 -30.07
C ALA A 282 26.63 49.22 -28.85
N ASP A 283 25.46 49.44 -28.24
CA ASP A 283 25.32 50.44 -27.17
C ASP A 283 25.73 49.93 -25.80
N GLY A 284 25.82 48.60 -25.68
CA GLY A 284 26.30 47.96 -24.47
C GLY A 284 25.39 48.12 -23.27
N VAL A 285 24.25 48.78 -23.47
CA VAL A 285 23.36 49.11 -22.36
C VAL A 285 22.94 47.88 -21.56
N ARG A 286 22.36 46.90 -22.26
CA ARG A 286 21.85 45.69 -21.62
C ARG A 286 22.95 44.83 -20.99
N ALA A 287 24.09 44.74 -21.67
CA ALA A 287 25.27 44.07 -21.13
C ALA A 287 25.78 44.84 -19.91
N GLY A 288 25.62 46.16 -19.95
CA GLY A 288 26.04 47.02 -18.85
C GLY A 288 25.06 46.93 -17.70
N ARG A 289 23.81 46.59 -18.03
CA ARG A 289 22.79 46.36 -17.02
C ARG A 289 23.08 45.09 -16.22
N ALA A 290 23.70 44.10 -16.88
CA ALA A 290 24.06 42.85 -16.22
C ALA A 290 25.15 43.09 -15.17
N MET A 291 26.17 43.86 -15.54
CA MET A 291 27.21 44.25 -14.59
C MET A 291 26.58 44.98 -13.40
N THR A 292 25.70 45.94 -13.69
CA THR A 292 25.02 46.70 -12.65
C THR A 292 24.27 45.76 -11.70
N ARG A 293 23.57 44.80 -12.28
CA ARG A 293 22.73 43.88 -11.53
C ARG A 293 23.55 42.92 -10.65
N SER A 294 24.72 42.49 -11.12
CA SER A 294 25.60 41.71 -10.27
C SER A 294 26.05 42.57 -9.08
N LEU A 295 26.21 43.87 -9.31
CA LEU A 295 26.59 44.82 -8.26
C LEU A 295 25.51 45.03 -7.20
N GLU A 296 24.27 45.22 -7.64
CA GLU A 296 23.13 45.44 -6.73
C GLU A 296 22.90 44.31 -5.75
N LEU A 297 23.05 43.08 -6.23
CA LEU A 297 22.84 41.92 -5.38
C LEU A 297 23.99 41.76 -4.40
N ALA A 298 25.20 42.13 -4.83
CA ALA A 298 26.37 42.08 -3.97
C ALA A 298 26.34 43.19 -2.92
N GLY A 299 25.67 44.29 -3.23
CA GLY A 299 25.67 45.46 -2.38
C GLY A 299 26.89 46.33 -2.65
N LEU A 300 27.38 46.28 -3.88
CA LEU A 300 28.53 47.10 -4.26
C LEU A 300 28.12 48.23 -5.22
N SER A 301 28.84 49.34 -5.14
CA SER A 301 28.63 50.42 -6.11
C SER A 301 29.70 50.37 -7.21
N PRO A 302 29.43 50.97 -8.37
CA PRO A 302 30.38 51.01 -9.48
C PRO A 302 31.81 51.37 -9.05
N ALA A 303 31.94 52.40 -8.22
CA ALA A 303 33.24 52.86 -7.73
C ALA A 303 34.02 51.78 -7.00
N ASP A 304 33.31 50.82 -6.40
CA ASP A 304 33.92 49.72 -5.68
C ASP A 304 34.75 48.76 -6.53
N ILE A 305 34.51 48.74 -7.84
CA ILE A 305 35.12 47.74 -8.72
C ILE A 305 36.53 48.11 -9.20
N ASP A 306 37.48 47.25 -8.82
CA ASP A 306 38.90 47.48 -9.09
C ASP A 306 39.37 46.74 -10.34
N HIS A 307 38.74 45.62 -10.65
CA HIS A 307 39.17 44.79 -11.79
C HIS A 307 38.00 44.31 -12.62
N VAL A 308 38.24 44.09 -13.90
CA VAL A 308 37.21 43.62 -14.82
C VAL A 308 37.80 42.58 -15.77
N ASN A 309 37.47 41.30 -15.55
CA ASN A 309 37.85 40.28 -16.52
C ASN A 309 36.89 40.33 -17.69
N ALA A 310 37.38 40.83 -18.82
CA ALA A 310 36.53 41.08 -19.99
C ALA A 310 36.35 39.85 -20.85
N HIS A 311 35.21 39.77 -21.52
CA HIS A 311 34.91 38.69 -22.45
C HIS A 311 35.88 38.76 -23.62
N GLY A 312 36.10 39.97 -24.13
CA GLY A 312 37.12 40.26 -25.12
C GLY A 312 37.45 39.18 -26.13
N THR A 313 36.48 38.89 -26.99
CA THR A 313 36.64 37.88 -28.04
C THR A 313 37.64 38.28 -29.11
N ALA A 314 37.99 39.57 -29.13
CA ALA A 314 38.92 40.14 -30.11
C ALA A 314 38.32 40.47 -31.49
N THR A 315 37.00 40.53 -31.59
CA THR A 315 36.35 41.01 -32.81
C THR A 315 36.13 42.53 -32.73
N PRO A 316 36.08 43.21 -33.88
CA PRO A 316 35.88 44.67 -33.91
C PRO A 316 34.60 45.15 -33.20
N ILE A 317 33.44 44.64 -33.59
CA ILE A 317 32.20 45.12 -32.98
C ILE A 317 32.01 44.59 -31.57
N GLY A 318 32.52 43.40 -31.32
CA GLY A 318 32.41 42.75 -30.02
C GLY A 318 33.15 43.47 -28.91
N ASP A 319 34.43 43.72 -29.11
CA ASP A 319 35.23 44.43 -28.11
C ASP A 319 34.77 45.89 -27.95
N ALA A 320 34.24 46.47 -29.02
CA ALA A 320 33.72 47.84 -29.00
C ALA A 320 32.41 47.95 -28.23
N ALA A 321 31.55 46.95 -28.40
CA ALA A 321 30.26 46.93 -27.71
C ALA A 321 30.49 46.76 -26.21
N GLU A 322 31.50 45.96 -25.87
CA GLU A 322 31.83 45.69 -24.47
C GLU A 322 32.50 46.87 -23.78
N ALA A 323 33.25 47.65 -24.55
CA ALA A 323 33.81 48.89 -24.02
C ALA A 323 32.67 49.83 -23.62
N ASN A 324 31.66 49.95 -24.49
CA ASN A 324 30.47 50.72 -24.15
C ASN A 324 29.73 50.18 -22.92
N ALA A 325 29.64 48.84 -22.84
CA ALA A 325 29.00 48.15 -21.72
C ALA A 325 29.63 48.55 -20.39
N ILE A 326 30.95 48.65 -20.38
CA ILE A 326 31.68 48.96 -19.17
C ILE A 326 31.45 50.41 -18.71
N ARG A 327 31.16 51.28 -19.68
CA ARG A 327 30.88 52.69 -19.39
C ARG A 327 29.45 52.92 -18.91
N VAL A 328 28.50 52.15 -19.44
CA VAL A 328 27.13 52.18 -18.95
C VAL A 328 27.12 51.74 -17.48
N ALA A 329 28.00 50.80 -17.15
CA ALA A 329 28.08 50.23 -15.81
C ALA A 329 28.88 51.08 -14.81
N GLY A 330 29.48 52.17 -15.28
CA GLY A 330 30.29 53.02 -14.42
C GLY A 330 31.54 52.32 -13.91
N CYS A 331 32.11 51.45 -14.75
CA CYS A 331 33.25 50.63 -14.34
C CYS A 331 34.47 50.82 -15.23
N ASP A 332 34.52 51.92 -15.97
CA ASP A 332 35.58 52.10 -16.97
C ASP A 332 36.91 52.57 -16.38
N GLN A 333 36.95 52.66 -15.06
CA GLN A 333 38.17 53.05 -14.37
C GLN A 333 38.79 51.87 -13.61
N ALA A 334 38.32 50.66 -13.93
CA ALA A 334 38.85 49.44 -13.32
C ALA A 334 39.97 48.90 -14.19
N ALA A 335 40.87 48.12 -13.58
CA ALA A 335 41.94 47.45 -14.30
C ALA A 335 41.37 46.29 -15.09
N VAL A 336 41.61 46.28 -16.40
CA VAL A 336 40.97 45.35 -17.32
C VAL A 336 41.94 44.29 -17.86
N TYR A 337 41.46 43.05 -17.92
CA TYR A 337 42.23 41.93 -18.43
C TYR A 337 41.38 41.05 -19.33
N ALA A 338 41.94 40.59 -20.44
CA ALA A 338 41.22 39.71 -21.35
C ALA A 338 42.00 38.42 -21.64
N PRO A 339 41.73 37.35 -20.87
CA PRO A 339 42.40 36.03 -20.92
C PRO A 339 42.44 35.36 -22.29
N LYS A 340 41.54 35.76 -23.21
CA LYS A 340 41.50 35.15 -24.54
C LYS A 340 42.74 35.52 -25.35
N SER A 341 43.37 36.63 -24.98
CA SER A 341 44.67 37.00 -25.53
C SER A 341 45.69 35.86 -25.48
N ALA A 342 45.59 35.01 -24.46
CA ALA A 342 46.55 33.92 -24.27
C ALA A 342 45.93 32.52 -24.29
N LEU A 343 44.65 32.42 -23.93
CA LEU A 343 43.99 31.10 -23.79
C LEU A 343 42.92 30.82 -24.85
N GLY A 344 42.63 31.80 -25.69
CA GLY A 344 41.65 31.63 -26.75
C GLY A 344 40.21 31.61 -26.27
N HIS A 345 39.30 31.23 -27.17
CA HIS A 345 37.87 31.18 -26.90
C HIS A 345 37.44 29.72 -26.76
N SER A 346 36.99 29.34 -25.56
CA SER A 346 36.55 27.98 -25.28
C SER A 346 35.03 27.84 -25.27
N ILE A 347 34.36 28.79 -25.91
CA ILE A 347 32.91 28.78 -26.07
C ILE A 347 32.17 28.57 -24.73
N GLY A 348 31.49 27.44 -24.59
CA GLY A 348 30.71 27.15 -23.39
C GLY A 348 31.49 27.07 -22.09
N ALA A 349 32.77 26.72 -22.17
CA ALA A 349 33.65 26.63 -21.02
C ALA A 349 34.23 27.97 -20.61
N VAL A 350 34.31 28.89 -21.59
CA VAL A 350 35.14 30.08 -21.48
C VAL A 350 34.81 30.96 -20.29
N GLY A 351 33.52 31.21 -20.07
CA GLY A 351 33.09 32.08 -18.99
C GLY A 351 33.51 31.55 -17.63
N ALA A 352 33.43 30.23 -17.46
CA ALA A 352 33.78 29.58 -16.22
C ALA A 352 35.29 29.55 -15.99
N LEU A 353 36.05 29.34 -17.05
CA LEU A 353 37.51 29.44 -16.99
C LEU A 353 37.93 30.85 -16.62
N GLU A 354 37.24 31.84 -17.19
CA GLU A 354 37.55 33.23 -16.94
C GLU A 354 37.10 33.65 -15.55
N SER A 355 36.10 32.96 -15.00
CA SER A 355 35.67 33.18 -13.62
C SER A 355 36.70 32.68 -12.60
N VAL A 356 37.38 31.59 -12.91
CA VAL A 356 38.45 31.07 -12.05
C VAL A 356 39.65 32.02 -12.10
N LEU A 357 39.92 32.58 -13.26
CA LEU A 357 41.01 33.54 -13.41
C LEU A 357 40.73 34.80 -12.62
N THR A 358 39.45 35.18 -12.55
CA THR A 358 39.02 36.35 -11.79
C THR A 358 39.25 36.12 -10.31
N VAL A 359 39.02 34.88 -9.89
CA VAL A 359 39.21 34.42 -8.53
C VAL A 359 40.69 34.35 -8.17
N LEU A 360 41.50 33.86 -9.10
CA LEU A 360 42.94 33.80 -8.90
C LEU A 360 43.56 35.18 -8.88
N THR A 361 42.90 36.14 -9.52
CA THR A 361 43.33 37.53 -9.48
C THR A 361 43.07 38.17 -8.12
N LEU A 362 41.94 37.80 -7.51
CA LEU A 362 41.56 38.34 -6.21
C LEU A 362 42.33 37.67 -5.07
N ARG A 363 42.76 36.44 -5.29
CA ARG A 363 43.53 35.71 -4.28
C ARG A 363 44.97 36.20 -4.27
N ASP A 364 45.54 36.37 -5.46
CA ASP A 364 46.96 36.66 -5.60
C ASP A 364 47.34 38.14 -5.75
N GLY A 365 46.35 39.01 -5.95
CA GLY A 365 46.60 40.44 -6.03
C GLY A 365 47.34 40.89 -7.27
N VAL A 366 47.15 40.16 -8.36
CA VAL A 366 47.86 40.40 -9.62
C VAL A 366 46.96 40.21 -10.83
N ILE A 367 47.24 40.93 -11.91
CA ILE A 367 46.58 40.68 -13.19
C ILE A 367 47.59 40.41 -14.30
N PRO A 368 47.45 39.25 -14.98
CA PRO A 368 48.39 38.90 -16.06
C PRO A 368 48.31 39.94 -17.17
N PRO A 369 49.35 39.99 -18.03
CA PRO A 369 49.30 40.98 -19.11
C PRO A 369 48.37 40.49 -20.21
N THR A 370 47.55 41.39 -20.73
CA THR A 370 46.74 41.05 -21.89
C THR A 370 47.69 41.02 -23.08
N LEU A 371 47.79 39.86 -23.73
CA LEU A 371 48.73 39.70 -24.85
C LEU A 371 48.32 40.48 -26.09
N ASN A 372 49.32 40.91 -26.85
CA ASN A 372 49.13 41.51 -28.18
C ASN A 372 48.46 42.88 -28.18
N TYR A 373 48.25 43.46 -27.01
CA TYR A 373 47.70 44.81 -26.92
C TYR A 373 48.82 45.79 -27.26
N GLU A 374 48.86 46.19 -28.53
CA GLU A 374 49.98 46.93 -29.10
C GLU A 374 49.59 48.31 -29.64
N THR A 375 48.31 48.47 -29.94
CA THR A 375 47.77 49.74 -30.43
C THR A 375 46.41 50.03 -29.79
N PRO A 376 46.38 50.96 -28.83
CA PRO A 376 45.10 51.34 -28.23
C PRO A 376 44.07 51.80 -29.26
N ASP A 377 42.85 51.26 -29.16
CA ASP A 377 41.75 51.63 -30.05
C ASP A 377 40.97 52.79 -29.43
N PRO A 378 40.93 53.94 -30.13
CA PRO A 378 40.34 55.18 -29.60
C PRO A 378 38.94 54.95 -29.05
N GLU A 379 38.15 54.18 -29.78
CA GLU A 379 36.77 53.90 -29.40
C GLU A 379 36.67 53.15 -28.08
N ILE A 380 37.68 52.35 -27.77
CA ILE A 380 37.64 51.57 -26.53
C ILE A 380 37.93 52.44 -25.29
N ASP A 381 39.16 52.90 -25.15
CA ASP A 381 39.50 53.77 -24.03
C ASP A 381 39.23 53.10 -22.68
N LEU A 382 39.99 52.04 -22.39
CA LEU A 382 39.92 51.34 -21.11
C LEU A 382 41.32 51.06 -20.58
N ASP A 383 41.41 50.84 -19.27
CA ASP A 383 42.69 50.54 -18.65
C ASP A 383 43.06 49.08 -18.89
N VAL A 384 43.63 48.80 -20.06
CA VAL A 384 44.01 47.45 -20.40
C VAL A 384 45.40 47.10 -19.88
N VAL A 385 45.43 46.29 -18.83
CA VAL A 385 46.69 45.79 -18.29
C VAL A 385 47.44 45.05 -19.38
N ALA A 386 48.69 45.45 -19.63
CA ALA A 386 49.45 44.91 -20.76
C ALA A 386 50.94 44.96 -20.46
N GLY A 387 51.72 44.15 -21.19
CA GLY A 387 53.17 44.16 -21.07
C GLY A 387 53.76 43.46 -19.87
N GLU A 388 53.28 43.82 -18.67
CA GLU A 388 53.72 43.20 -17.43
C GLU A 388 52.53 42.85 -16.55
N PRO A 389 52.73 41.93 -15.59
CA PRO A 389 51.70 41.66 -14.59
C PRO A 389 51.57 42.85 -13.64
N ARG A 390 50.35 43.33 -13.38
CA ARG A 390 50.17 44.47 -12.50
C ARG A 390 49.63 44.04 -11.14
N TYR A 391 50.27 44.53 -10.08
CA TYR A 391 49.87 44.19 -8.73
C TYR A 391 49.10 45.33 -8.08
N GLY A 392 48.22 44.97 -7.15
CA GLY A 392 47.42 45.94 -6.43
C GLY A 392 46.51 45.15 -5.51
N ASP A 393 45.93 45.83 -4.52
CA ASP A 393 45.00 45.15 -3.65
C ASP A 393 43.58 45.14 -4.24
N TYR A 394 43.38 44.29 -5.25
CA TYR A 394 42.07 44.12 -5.87
C TYR A 394 41.11 43.51 -4.85
N ARG A 395 40.01 44.23 -4.61
CA ARG A 395 39.03 43.80 -3.64
C ARG A 395 37.76 43.32 -4.33
N TYR A 396 37.39 43.97 -5.43
CA TYR A 396 36.16 43.63 -6.15
C TYR A 396 36.31 43.59 -7.68
N ALA A 397 35.73 42.57 -8.29
CA ALA A 397 35.95 42.31 -9.71
C ALA A 397 34.68 41.84 -10.40
N VAL A 398 34.53 42.20 -11.67
CA VAL A 398 33.43 41.64 -12.47
C VAL A 398 33.95 40.79 -13.63
N ASN A 399 33.52 39.53 -13.66
CA ASN A 399 33.75 38.66 -14.78
C ASN A 399 32.61 38.87 -15.77
N ASN A 400 32.93 39.19 -17.02
CA ASN A 400 31.94 39.40 -18.07
C ASN A 400 31.90 38.23 -19.06
N SER A 401 30.69 37.85 -19.50
CA SER A 401 30.54 36.86 -20.56
C SER A 401 29.29 37.13 -21.36
N PHE A 402 29.37 37.00 -22.68
CA PHE A 402 28.24 37.27 -23.56
C PHE A 402 28.12 36.15 -24.60
N GLY A 403 26.90 35.73 -24.91
CA GLY A 403 26.72 34.66 -25.88
C GLY A 403 25.88 35.03 -27.08
N PHE A 404 26.00 34.25 -28.14
CA PHE A 404 25.14 34.41 -29.30
C PHE A 404 23.70 34.15 -28.87
N GLY A 405 22.78 34.97 -29.36
CA GLY A 405 21.43 35.03 -28.83
C GLY A 405 21.27 36.29 -27.99
N GLY A 406 22.37 37.00 -27.77
CA GLY A 406 22.35 38.27 -27.06
C GLY A 406 22.29 38.11 -25.56
N HIS A 407 23.00 37.12 -25.05
CA HIS A 407 23.02 36.80 -23.63
C HIS A 407 24.16 37.52 -22.90
N ASN A 408 23.82 38.17 -21.79
CA ASN A 408 24.82 38.89 -21.01
C ASN A 408 24.84 38.39 -19.58
N VAL A 409 25.98 37.83 -19.17
CA VAL A 409 26.16 37.31 -17.81
C VAL A 409 27.35 37.99 -17.14
N ALA A 410 27.09 38.60 -15.99
CA ALA A 410 28.12 39.26 -15.21
C ALA A 410 28.15 38.69 -13.79
N LEU A 411 29.35 38.48 -13.27
CA LEU A 411 29.53 37.91 -11.95
C LEU A 411 30.35 38.86 -11.09
N ALA A 412 29.86 39.13 -9.88
CA ALA A 412 30.60 39.95 -8.93
C ALA A 412 31.42 39.07 -8.00
N PHE A 413 32.71 39.36 -7.90
CA PHE A 413 33.62 38.59 -7.05
C PHE A 413 34.29 39.49 -6.03
N GLY A 414 34.70 38.91 -4.91
CA GLY A 414 35.45 39.64 -3.90
C GLY A 414 36.65 38.85 -3.40
N ARG A 415 37.57 39.55 -2.76
CA ARG A 415 38.68 38.89 -2.09
C ARG A 415 38.17 38.38 -0.77
N TYR A 416 38.60 37.19 -0.36
CA TYR A 416 38.17 36.68 0.92
C TYR A 416 38.83 37.46 2.07
N SER B 2 11.38 33.15 9.59
CA SER B 2 10.35 32.53 8.77
C SER B 2 10.64 32.72 7.28
N GLN B 3 11.20 31.69 6.65
CA GLN B 3 11.62 31.77 5.27
C GLN B 3 10.46 32.23 4.40
N PRO B 4 10.78 32.89 3.28
CA PRO B 4 9.73 33.40 2.39
C PRO B 4 8.90 32.27 1.79
N SER B 5 7.59 32.49 1.73
CA SER B 5 6.71 31.67 0.92
C SER B 5 5.81 32.65 0.19
N THR B 6 5.00 32.13 -0.73
CA THR B 6 4.12 32.99 -1.51
C THR B 6 2.93 33.37 -0.65
N ALA B 7 2.52 32.46 0.22
CA ALA B 7 1.37 32.68 1.10
C ALA B 7 1.69 33.69 2.20
N ASN B 8 2.89 33.59 2.76
CA ASN B 8 3.27 34.44 3.88
C ASN B 8 3.80 35.81 3.46
N GLY B 9 3.92 36.02 2.15
CA GLY B 9 4.33 37.32 1.62
C GLY B 9 5.78 37.41 1.19
N GLY B 10 6.57 36.39 1.54
CA GLY B 10 7.99 36.38 1.23
C GLY B 10 8.28 36.62 -0.24
N PHE B 11 7.40 36.11 -1.10
CA PHE B 11 7.58 36.22 -2.54
C PHE B 11 6.47 37.06 -3.17
N PRO B 12 6.78 37.71 -4.30
CA PRO B 12 5.78 38.41 -5.10
C PRO B 12 4.74 37.41 -5.59
N SER B 13 3.51 37.85 -5.78
CA SER B 13 2.48 36.99 -6.35
C SER B 13 2.64 36.92 -7.86
N VAL B 14 2.53 35.71 -8.39
CA VAL B 14 2.74 35.45 -9.81
C VAL B 14 1.55 34.72 -10.43
N VAL B 15 1.07 35.26 -11.55
CA VAL B 15 -0.11 34.71 -12.19
C VAL B 15 0.20 34.25 -13.62
N VAL B 16 -0.50 33.21 -14.06
CA VAL B 16 -0.50 32.82 -15.47
C VAL B 16 -1.63 33.57 -16.14
N THR B 17 -1.32 34.33 -17.20
CA THR B 17 -2.31 35.23 -17.80
C THR B 17 -2.69 34.85 -19.23
N ALA B 18 -1.95 33.90 -19.80
CA ALA B 18 -2.22 33.40 -21.13
C ALA B 18 -1.44 32.12 -21.37
N VAL B 19 -1.98 31.25 -22.22
CA VAL B 19 -1.35 29.99 -22.57
C VAL B 19 -1.45 29.72 -24.06
N THR B 20 -0.53 28.91 -24.57
CA THR B 20 -0.54 28.52 -25.97
C THR B 20 0.14 27.17 -26.16
N ALA B 21 -0.41 26.32 -27.01
CA ALA B 21 0.13 24.99 -27.24
C ALA B 21 -0.30 24.42 -28.58
N THR B 22 0.59 23.66 -29.19
CA THR B 22 0.26 22.90 -30.39
C THR B 22 0.55 21.44 -30.09
N THR B 23 -0.39 20.56 -30.45
CA THR B 23 -0.28 19.13 -30.12
C THR B 23 -0.71 18.21 -31.27
N SER B 24 -0.81 16.92 -30.95
CA SER B 24 -1.23 15.91 -31.92
C SER B 24 -2.74 15.93 -32.15
N ILE B 25 -3.45 16.62 -31.26
CA ILE B 25 -4.91 16.72 -31.35
C ILE B 25 -5.35 18.01 -32.05
N SER B 26 -4.82 19.15 -31.62
CA SER B 26 -5.21 20.42 -32.21
C SER B 26 -4.03 21.39 -32.19
N PRO B 27 -4.05 22.41 -33.07
CA PRO B 27 -3.07 23.50 -33.03
C PRO B 27 -3.52 24.53 -32.00
N ASP B 28 -4.64 24.22 -31.37
CA ASP B 28 -5.35 25.14 -30.51
C ASP B 28 -5.50 24.55 -29.11
N ILE B 29 -4.99 25.26 -28.12
CA ILE B 29 -4.98 24.81 -26.72
C ILE B 29 -6.38 24.63 -26.14
N GLU B 30 -7.34 25.46 -26.56
CA GLU B 30 -8.69 25.34 -26.07
C GLU B 30 -9.41 24.16 -26.71
N SER B 31 -9.01 23.79 -27.91
CA SER B 31 -9.59 22.64 -28.58
C SER B 31 -8.91 21.31 -28.20
N THR B 32 -7.66 21.38 -27.78
CA THR B 32 -6.97 20.21 -27.24
C THR B 32 -7.61 19.83 -25.91
N TRP B 33 -7.90 20.84 -25.10
CA TRP B 33 -8.49 20.66 -23.78
C TRP B 33 -9.85 19.99 -23.92
N LYS B 34 -10.66 20.51 -24.83
CA LYS B 34 -11.99 19.95 -25.09
C LYS B 34 -11.96 18.48 -25.53
N GLY B 35 -11.04 18.15 -26.44
CA GLY B 35 -10.91 16.80 -26.93
C GLY B 35 -10.35 15.84 -25.90
N LEU B 36 -9.41 16.33 -25.10
CA LEU B 36 -8.85 15.57 -23.99
C LEU B 36 -9.93 15.18 -23.00
N LEU B 37 -10.92 16.07 -22.82
CA LEU B 37 -12.03 15.80 -21.92
C LEU B 37 -13.06 14.89 -22.58
N ALA B 38 -13.20 15.00 -23.89
CA ALA B 38 -14.10 14.12 -24.62
C ALA B 38 -13.52 12.70 -24.72
N GLY B 39 -12.26 12.55 -24.34
CA GLY B 39 -11.60 11.25 -24.37
C GLY B 39 -10.86 10.99 -25.67
N GLU B 40 -10.27 12.04 -26.24
CA GLU B 40 -9.54 11.89 -27.50
C GLU B 40 -8.07 11.54 -27.33
N SER B 41 -7.60 10.63 -28.19
CA SER B 41 -6.18 10.37 -28.32
C SER B 41 -5.65 11.15 -29.51
N GLY B 42 -4.39 11.56 -29.42
CA GLY B 42 -3.74 12.23 -30.53
C GLY B 42 -2.75 11.31 -31.23
N ILE B 43 -2.76 10.04 -30.85
CA ILE B 43 -1.81 9.06 -31.40
C ILE B 43 -2.46 8.26 -32.52
N HIS B 44 -1.67 7.97 -33.55
CA HIS B 44 -2.17 7.35 -34.76
C HIS B 44 -1.09 6.43 -35.29
N ALA B 45 -1.35 5.84 -36.46
CA ALA B 45 -0.34 5.05 -37.17
C ALA B 45 0.65 5.96 -37.89
N LEU B 46 1.93 5.62 -37.84
CA LEU B 46 2.95 6.42 -38.54
C LEU B 46 2.96 6.07 -40.02
N GLU B 47 2.68 7.07 -40.87
CA GLU B 47 2.56 6.85 -42.31
C GLU B 47 3.75 7.43 -43.09
N ASP B 48 4.67 8.06 -42.38
CA ASP B 48 5.89 8.59 -42.99
C ASP B 48 6.64 7.46 -43.70
N GLU B 49 7.26 7.78 -44.83
CA GLU B 49 7.95 6.75 -45.60
C GLU B 49 9.26 6.29 -44.97
N PHE B 50 9.82 7.10 -44.09
CA PHE B 50 11.01 6.68 -43.36
C PHE B 50 10.69 5.49 -42.44
N VAL B 51 9.40 5.28 -42.19
CA VAL B 51 8.96 4.19 -41.33
C VAL B 51 9.23 2.84 -41.96
N THR B 52 8.76 2.67 -43.19
CA THR B 52 9.01 1.45 -43.95
C THR B 52 10.47 1.38 -44.37
N LYS B 53 11.00 2.50 -44.85
CA LYS B 53 12.39 2.59 -45.29
C LYS B 53 13.38 2.02 -44.27
N TRP B 54 13.25 2.44 -43.01
CA TRP B 54 14.15 1.99 -41.95
C TRP B 54 13.60 0.79 -41.18
N ASP B 55 12.46 0.29 -41.61
CA ASP B 55 11.77 -0.78 -40.89
C ASP B 55 11.96 -0.62 -39.39
N LEU B 56 11.23 0.33 -38.81
CA LEU B 56 11.38 0.65 -37.39
C LEU B 56 10.40 -0.17 -36.56
N ALA B 57 10.82 -0.59 -35.38
CA ALA B 57 9.98 -1.41 -34.51
C ALA B 57 8.81 -0.61 -33.96
N VAL B 58 8.95 0.71 -33.99
CA VAL B 58 7.91 1.62 -33.52
C VAL B 58 7.31 2.35 -34.71
N LYS B 59 6.03 2.12 -34.96
CA LYS B 59 5.33 2.70 -36.10
C LYS B 59 4.11 3.52 -35.64
N ILE B 60 4.15 3.96 -34.39
CA ILE B 60 3.09 4.81 -33.84
C ILE B 60 3.65 6.05 -33.15
N GLY B 61 2.90 7.14 -33.23
CA GLY B 61 3.25 8.39 -32.58
C GLY B 61 2.23 9.44 -32.92
N GLY B 62 2.26 10.58 -32.24
CA GLY B 62 1.31 11.64 -32.50
C GLY B 62 1.92 12.87 -33.14
N HIS B 63 1.93 12.91 -34.47
CA HIS B 63 2.36 14.11 -35.19
C HIS B 63 1.48 15.28 -34.81
N LEU B 64 1.99 16.49 -35.02
CA LEU B 64 1.22 17.69 -34.76
C LEU B 64 -0.05 17.74 -35.62
N LYS B 65 -1.18 18.10 -35.02
CA LYS B 65 -2.42 18.22 -35.77
C LYS B 65 -2.29 19.18 -36.95
N ASP B 66 -1.54 20.26 -36.75
CA ASP B 66 -1.24 21.20 -37.81
C ASP B 66 0.25 21.48 -37.81
N PRO B 67 0.95 21.04 -38.87
CA PRO B 67 2.42 21.12 -38.98
C PRO B 67 2.95 22.54 -38.89
N VAL B 68 4.00 22.74 -38.10
CA VAL B 68 4.62 24.05 -37.96
C VAL B 68 4.96 24.68 -39.32
N ASP B 69 5.68 23.94 -40.17
CA ASP B 69 6.10 24.44 -41.49
C ASP B 69 4.97 24.89 -42.42
N SER B 70 3.72 24.55 -42.09
CA SER B 70 2.60 24.98 -42.92
C SER B 70 2.23 26.45 -42.59
N HIS B 71 3.02 27.03 -41.69
CA HIS B 71 2.83 28.41 -41.28
C HIS B 71 4.11 29.19 -41.47
N MET B 72 5.10 28.57 -42.11
CA MET B 72 6.41 29.18 -42.27
C MET B 72 6.73 29.44 -43.74
N GLY B 73 7.19 30.66 -44.02
CA GLY B 73 7.50 31.07 -45.38
C GLY B 73 8.87 30.56 -45.79
N ARG B 74 9.28 30.91 -47.00
CA ARG B 74 10.54 30.44 -47.58
C ARG B 74 11.74 31.04 -46.83
N LEU B 75 11.52 32.22 -46.26
CA LEU B 75 12.57 32.94 -45.55
C LEU B 75 12.85 32.24 -44.23
N ASP B 76 11.81 32.08 -43.43
CA ASP B 76 11.94 31.40 -42.14
C ASP B 76 12.48 29.98 -42.28
N MET B 77 12.12 29.30 -43.38
CA MET B 77 12.53 27.92 -43.64
C MET B 77 14.03 27.76 -43.90
N ARG B 78 14.71 28.86 -44.19
CA ARG B 78 16.14 28.75 -44.47
C ARG B 78 16.98 29.50 -43.44
N ARG B 79 16.34 30.33 -42.62
CA ARG B 79 17.05 31.10 -41.60
C ARG B 79 16.82 30.62 -40.18
N MET B 80 16.01 29.58 -40.00
CA MET B 80 15.75 29.00 -38.68
C MET B 80 15.76 27.47 -38.69
N SER B 81 16.15 26.89 -37.57
CA SER B 81 16.00 25.46 -37.36
C SER B 81 14.54 25.18 -36.99
N TYR B 82 14.15 23.91 -36.95
CA TYR B 82 12.76 23.56 -36.65
C TYR B 82 12.24 24.21 -35.39
N VAL B 83 12.97 24.01 -34.28
CA VAL B 83 12.53 24.50 -32.97
C VAL B 83 12.50 26.03 -32.87
N GLN B 84 13.40 26.70 -33.56
CA GLN B 84 13.34 28.16 -33.70
C GLN B 84 12.04 28.58 -34.39
N ARG B 85 11.65 27.82 -35.42
CA ARG B 85 10.41 28.09 -36.15
C ARG B 85 9.16 27.73 -35.36
N MET B 86 9.25 26.69 -34.53
CA MET B 86 8.15 26.39 -33.62
C MET B 86 7.97 27.49 -32.59
N GLY B 87 9.07 27.92 -31.98
CA GLY B 87 9.07 28.97 -30.98
C GLY B 87 8.59 30.31 -31.50
N LYS B 88 8.93 30.63 -32.74
CA LYS B 88 8.45 31.86 -33.35
C LYS B 88 6.93 31.84 -33.47
N LEU B 89 6.40 30.71 -33.94
CA LEU B 89 4.96 30.52 -34.10
C LEU B 89 4.20 30.64 -32.77
N LEU B 90 4.69 29.94 -31.75
CA LEU B 90 4.02 29.93 -30.45
C LEU B 90 4.19 31.25 -29.71
N GLY B 91 5.40 31.81 -29.81
CA GLY B 91 5.67 33.11 -29.24
C GLY B 91 4.71 34.17 -29.76
N GLY B 92 4.53 34.20 -31.08
CA GLY B 92 3.61 35.13 -31.71
C GLY B 92 2.15 34.81 -31.45
N GLN B 93 1.84 33.51 -31.33
CA GLN B 93 0.49 33.07 -30.99
C GLN B 93 0.11 33.47 -29.56
N LEU B 94 1.01 33.18 -28.63
CA LEU B 94 0.81 33.57 -27.23
C LEU B 94 0.70 35.08 -27.06
N TRP B 95 1.57 35.84 -27.74
CA TRP B 95 1.58 37.29 -27.55
C TRP B 95 0.20 37.90 -27.81
N GLU B 96 -0.37 37.60 -28.98
CA GLU B 96 -1.70 38.09 -29.35
C GLU B 96 -2.79 37.58 -28.41
N SER B 97 -2.69 36.32 -27.98
CA SER B 97 -3.65 35.74 -27.03
C SER B 97 -3.65 36.50 -25.72
N ALA B 98 -2.54 37.15 -25.41
CA ALA B 98 -2.43 37.98 -24.22
C ALA B 98 -2.83 39.42 -24.52
N GLY B 99 -3.07 39.71 -25.80
CA GLY B 99 -3.53 41.02 -26.23
C GLY B 99 -2.45 41.90 -26.82
N SER B 100 -1.29 41.31 -27.10
CA SER B 100 -0.14 42.07 -27.59
C SER B 100 0.25 43.16 -26.59
N PRO B 101 0.49 42.77 -25.33
CA PRO B 101 0.75 43.78 -24.30
C PRO B 101 1.91 44.71 -24.65
N GLU B 102 1.91 45.88 -24.03
CA GLU B 102 3.07 46.76 -24.07
C GLU B 102 3.72 46.72 -22.70
N VAL B 103 4.84 46.00 -22.61
CA VAL B 103 5.53 45.85 -21.34
C VAL B 103 6.93 46.46 -21.37
N ASP B 104 7.47 46.75 -20.18
CA ASP B 104 8.84 47.23 -20.06
C ASP B 104 9.81 46.14 -20.47
N PRO B 105 10.46 46.31 -21.64
CA PRO B 105 11.37 45.30 -22.21
C PRO B 105 12.41 44.84 -21.21
N ASP B 106 12.86 45.75 -20.35
CA ASP B 106 13.93 45.48 -19.39
C ASP B 106 13.49 44.68 -18.20
N ARG B 107 12.19 44.42 -18.11
CA ARG B 107 11.59 43.65 -17.02
C ARG B 107 10.91 42.42 -17.62
N PHE B 108 11.17 42.20 -18.90
CA PHE B 108 10.55 41.15 -19.69
C PHE B 108 11.58 40.10 -20.08
N ALA B 109 11.35 38.87 -19.62
CA ALA B 109 12.32 37.80 -19.79
C ALA B 109 11.73 36.63 -20.55
N VAL B 110 12.61 35.75 -21.03
CA VAL B 110 12.20 34.57 -21.77
C VAL B 110 12.93 33.37 -21.20
N VAL B 111 12.19 32.33 -20.83
CA VAL B 111 12.81 31.07 -20.45
C VAL B 111 12.10 29.90 -21.15
N VAL B 112 12.77 29.32 -22.14
CA VAL B 112 12.25 28.20 -22.90
C VAL B 112 13.21 27.02 -22.87
N GLY B 113 12.73 25.84 -22.50
CA GLY B 113 13.56 24.65 -22.49
C GLY B 113 13.47 23.83 -23.77
N THR B 114 14.52 23.07 -24.08
CA THR B 114 14.47 22.13 -25.20
C THR B 114 15.39 20.93 -24.98
N GLY B 115 15.07 19.83 -25.67
CA GLY B 115 15.82 18.59 -25.58
C GLY B 115 17.26 18.68 -26.06
N LEU B 116 17.49 19.14 -27.29
CA LEU B 116 18.87 19.33 -27.75
C LEU B 116 19.15 20.59 -28.57
N GLY B 117 18.18 21.09 -29.31
CA GLY B 117 18.38 22.28 -30.13
C GLY B 117 18.09 22.02 -31.59
N GLY B 118 18.73 22.78 -32.48
CA GLY B 118 18.52 22.64 -33.91
C GLY B 118 19.42 21.61 -34.55
N ALA B 119 19.26 20.36 -34.13
CA ALA B 119 20.15 19.25 -34.50
C ALA B 119 20.17 18.89 -35.99
N GLU B 120 19.04 19.07 -36.68
CA GLU B 120 18.97 18.79 -38.11
C GLU B 120 19.96 19.64 -38.91
N ARG B 121 20.31 20.79 -38.36
CA ARG B 121 21.23 21.71 -39.04
C ARG B 121 22.69 21.27 -38.88
N ILE B 122 22.95 20.49 -37.83
CA ILE B 122 24.28 19.93 -37.58
C ILE B 122 24.62 18.90 -38.65
N VAL B 123 23.68 17.98 -38.89
CA VAL B 123 23.87 16.91 -39.85
C VAL B 123 23.79 17.41 -41.29
N GLU B 124 23.05 18.48 -41.50
CA GLU B 124 22.99 19.14 -42.80
C GLU B 124 24.34 19.79 -43.14
N SER B 125 24.87 20.59 -42.21
CA SER B 125 26.16 21.26 -42.39
C SER B 125 27.28 20.25 -42.54
N TYR B 126 27.11 19.10 -41.91
CA TYR B 126 28.07 18.01 -41.93
C TYR B 126 28.11 17.34 -43.31
N ASP B 127 26.93 17.06 -43.86
CA ASP B 127 26.81 16.52 -45.22
C ASP B 127 27.35 17.52 -46.25
N LEU B 128 26.99 18.79 -46.08
CA LEU B 128 27.44 19.85 -46.97
C LEU B 128 28.96 19.97 -47.05
N MET B 129 29.62 19.87 -45.90
CA MET B 129 31.08 20.01 -45.86
C MET B 129 31.75 18.78 -46.45
N ASN B 130 31.29 17.61 -46.05
CA ASN B 130 31.79 16.37 -46.61
C ASN B 130 31.69 16.36 -48.13
N ALA B 131 30.68 17.06 -48.65
CA ALA B 131 30.36 17.04 -50.07
C ALA B 131 30.93 18.21 -50.90
N GLY B 132 31.09 19.38 -50.27
CA GLY B 132 31.63 20.54 -50.95
C GLY B 132 32.60 21.42 -50.17
N GLY B 133 33.09 20.90 -49.04
CA GLY B 133 34.04 21.64 -48.22
C GLY B 133 33.44 22.67 -47.27
N PRO B 134 34.32 23.41 -46.57
CA PRO B 134 34.04 24.40 -45.53
C PRO B 134 33.12 25.54 -45.95
N ARG B 135 33.30 26.01 -47.18
CA ARG B 135 32.53 27.18 -47.63
C ARG B 135 31.12 26.83 -48.05
N LYS B 136 30.75 25.57 -47.86
CA LYS B 136 29.37 25.14 -48.08
C LYS B 136 28.59 25.11 -46.77
N VAL B 137 29.23 25.50 -45.67
CA VAL B 137 28.50 25.72 -44.44
C VAL B 137 27.98 27.17 -44.47
N SER B 138 26.72 27.34 -44.09
CA SER B 138 26.11 28.66 -44.10
C SER B 138 26.59 29.46 -42.90
N PRO B 139 26.68 30.78 -43.05
CA PRO B 139 27.03 31.70 -41.95
C PRO B 139 25.93 31.76 -40.90
N LEU B 140 24.79 31.14 -41.17
CA LEU B 140 23.68 31.14 -40.24
C LEU B 140 23.57 29.84 -39.45
N ALA B 141 24.56 28.98 -39.58
CA ALA B 141 24.49 27.62 -39.04
C ALA B 141 24.65 27.56 -37.52
N VAL B 142 25.56 28.38 -36.98
CA VAL B 142 25.79 28.45 -35.54
C VAL B 142 24.55 28.92 -34.79
N GLN B 143 23.91 29.97 -35.29
CA GLN B 143 22.69 30.49 -34.68
C GLN B 143 21.50 29.55 -34.87
N MET B 144 21.56 28.68 -35.88
CA MET B 144 20.48 27.73 -36.10
C MET B 144 20.70 26.47 -35.29
N ILE B 145 21.96 26.16 -35.03
CA ILE B 145 22.35 24.97 -34.28
C ILE B 145 22.28 25.20 -32.76
N MET B 146 22.88 26.30 -32.29
CA MET B 146 22.92 26.61 -30.86
C MET B 146 21.59 26.29 -30.15
N PRO B 147 21.69 25.54 -29.02
CA PRO B 147 20.55 25.02 -28.26
C PRO B 147 19.71 26.15 -27.67
N ASN B 148 20.33 27.31 -27.49
CA ASN B 148 19.62 28.49 -27.00
C ASN B 148 18.88 29.23 -28.11
N GLY B 149 19.02 28.72 -29.34
CA GLY B 149 18.48 29.38 -30.52
C GLY B 149 17.00 29.70 -30.46
N ALA B 150 16.18 28.73 -30.09
CA ALA B 150 14.74 28.94 -29.99
C ALA B 150 14.37 30.07 -29.01
N ALA B 151 15.06 30.11 -27.88
CA ALA B 151 14.80 31.09 -26.84
C ALA B 151 15.26 32.47 -27.28
N ALA B 152 16.41 32.51 -27.96
CA ALA B 152 16.93 33.75 -28.49
C ALA B 152 15.94 34.32 -29.53
N VAL B 153 15.50 33.47 -30.45
CA VAL B 153 14.49 33.83 -31.44
C VAL B 153 13.23 34.42 -30.80
N ILE B 154 12.73 33.80 -29.73
CA ILE B 154 11.55 34.34 -29.05
C ILE B 154 11.84 35.68 -28.32
N GLY B 155 13.03 35.81 -27.78
CA GLY B 155 13.43 37.03 -27.11
C GLY B 155 13.63 38.18 -28.09
N LEU B 156 14.19 37.88 -29.26
CA LEU B 156 14.33 38.86 -30.31
C LEU B 156 12.95 39.25 -30.82
N GLN B 157 12.11 38.23 -31.02
CA GLN B 157 10.77 38.40 -31.58
C GLN B 157 9.89 39.28 -30.71
N LEU B 158 9.83 38.97 -29.42
CA LEU B 158 8.93 39.71 -28.52
C LEU B 158 9.60 40.91 -27.85
N GLY B 159 10.93 40.90 -27.75
CA GLY B 159 11.68 42.01 -27.18
C GLY B 159 12.08 41.85 -25.71
N ALA B 160 12.44 40.63 -25.33
CA ALA B 160 12.80 40.30 -23.96
C ALA B 160 14.24 40.71 -23.61
N ARG B 161 14.38 41.74 -22.79
CA ARG B 161 15.70 42.26 -22.44
C ARG B 161 16.02 42.11 -20.95
N ALA B 162 15.23 41.30 -20.25
CA ALA B 162 15.51 40.96 -18.87
C ALA B 162 15.97 39.50 -18.74
N GLY B 163 16.64 39.00 -19.77
CA GLY B 163 17.22 37.67 -19.74
C GLY B 163 16.51 36.69 -20.66
N VAL B 164 17.29 35.90 -21.39
CA VAL B 164 16.78 34.83 -22.24
C VAL B 164 17.54 33.56 -21.91
N MET B 165 16.88 32.64 -21.21
CA MET B 165 17.55 31.47 -20.70
C MET B 165 16.98 30.19 -21.31
N THR B 166 17.83 29.17 -21.41
CA THR B 166 17.44 27.86 -21.89
C THR B 166 17.98 26.83 -20.91
N PRO B 167 17.13 26.28 -20.03
CA PRO B 167 17.61 25.17 -19.22
C PRO B 167 17.43 23.87 -20.00
N VAL B 168 18.41 22.98 -19.95
CA VAL B 168 18.21 21.68 -20.56
C VAL B 168 18.37 20.60 -19.49
N SER B 169 17.32 19.81 -19.33
CA SER B 169 17.34 18.68 -18.42
C SER B 169 16.44 17.61 -19.02
N ALA B 170 16.64 17.35 -20.31
CA ALA B 170 15.89 16.31 -21.00
C ALA B 170 14.38 16.50 -20.85
N GLN B 171 13.69 15.45 -20.43
CA GLN B 171 12.22 15.41 -20.40
C GLN B 171 11.57 16.39 -19.42
N SER B 172 12.38 17.05 -18.59
CA SER B 172 11.85 18.02 -17.65
C SER B 172 12.22 19.45 -18.07
N SER B 173 12.87 19.58 -19.24
CA SER B 173 13.35 20.86 -19.75
C SER B 173 12.29 21.98 -19.78
N GLY B 174 11.07 21.62 -20.17
CA GLY B 174 10.01 22.59 -20.37
C GLY B 174 9.38 23.01 -19.06
N SER B 175 9.45 22.11 -18.08
CA SER B 175 8.97 22.37 -16.72
C SER B 175 9.98 23.23 -15.98
N GLU B 176 11.26 22.95 -16.22
CA GLU B 176 12.32 23.63 -15.50
C GLU B 176 12.44 25.09 -15.96
N ALA B 177 12.04 25.33 -17.21
CA ALA B 177 12.02 26.68 -17.77
C ALA B 177 10.99 27.56 -17.07
N ILE B 178 9.80 27.00 -16.87
CA ILE B 178 8.76 27.67 -16.10
C ILE B 178 9.22 27.87 -14.65
N ALA B 179 9.89 26.87 -14.09
CA ALA B 179 10.52 27.00 -12.78
C ALA B 179 11.44 28.22 -12.72
N HIS B 180 12.33 28.34 -13.70
CA HIS B 180 13.33 29.41 -13.68
C HIS B 180 12.81 30.80 -14.01
N ALA B 181 11.65 30.87 -14.65
CA ALA B 181 10.99 32.15 -14.91
C ALA B 181 10.35 32.69 -13.64
N TRP B 182 9.68 31.81 -12.89
CA TRP B 182 9.11 32.19 -11.61
C TRP B 182 10.23 32.73 -10.74
N ARG B 183 11.22 31.88 -10.45
CA ARG B 183 12.43 32.30 -9.76
C ARG B 183 12.87 33.68 -10.21
N GLN B 184 12.99 33.84 -11.53
CA GLN B 184 13.46 35.08 -12.15
C GLN B 184 12.59 36.29 -11.80
N ILE B 185 11.29 36.05 -11.62
CA ILE B 185 10.37 37.12 -11.25
C ILE B 185 10.42 37.42 -9.76
N VAL B 186 10.28 36.39 -8.93
CA VAL B 186 10.29 36.57 -7.47
C VAL B 186 11.67 36.96 -6.92
N MET B 187 12.72 36.77 -7.71
CA MET B 187 14.04 37.28 -7.35
C MET B 187 14.16 38.77 -7.68
N GLY B 188 13.24 39.25 -8.52
CA GLY B 188 13.22 40.65 -8.86
C GLY B 188 14.13 41.01 -10.01
N ASP B 189 14.29 40.09 -10.95
CA ASP B 189 15.02 40.38 -12.18
C ASP B 189 14.04 40.64 -13.34
N ALA B 190 12.77 40.33 -13.10
CA ALA B 190 11.76 40.42 -14.14
C ALA B 190 10.36 40.55 -13.54
N ASP B 191 9.40 41.03 -14.34
CA ASP B 191 8.03 41.27 -13.89
C ASP B 191 7.02 40.47 -14.72
N VAL B 192 7.48 40.05 -15.89
CA VAL B 192 6.66 39.33 -16.85
C VAL B 192 7.60 38.37 -17.57
N ALA B 193 7.13 37.18 -17.88
CA ALA B 193 8.00 36.20 -18.50
C ALA B 193 7.24 35.22 -19.38
N VAL B 194 7.65 35.14 -20.65
CA VAL B 194 7.19 34.10 -21.56
C VAL B 194 8.05 32.84 -21.33
N CYS B 195 7.40 31.71 -21.10
CA CYS B 195 8.15 30.51 -20.68
C CYS B 195 7.56 29.16 -21.08
N GLY B 196 8.44 28.18 -21.26
CA GLY B 196 7.99 26.83 -21.59
C GLY B 196 9.03 26.03 -22.33
N GLY B 197 8.59 25.23 -23.29
CA GLY B 197 9.46 24.34 -24.03
C GLY B 197 8.99 24.05 -25.44
N VAL B 198 9.95 23.82 -26.32
CA VAL B 198 9.68 23.42 -27.69
C VAL B 198 10.54 22.22 -28.04
N GLU B 199 10.15 21.51 -29.09
CA GLU B 199 10.80 20.25 -29.40
C GLU B 199 10.62 19.93 -30.88
N GLY B 200 11.55 19.17 -31.44
CA GLY B 200 11.49 18.75 -32.83
C GLY B 200 10.47 17.65 -33.10
N PRO B 201 10.34 17.25 -34.38
CA PRO B 201 9.31 16.27 -34.73
C PRO B 201 9.76 14.81 -34.58
N ILE B 202 8.81 13.90 -34.67
CA ILE B 202 9.10 12.49 -34.83
C ILE B 202 9.88 12.30 -36.12
N GLU B 203 11.07 11.72 -36.01
CA GLU B 203 11.94 11.45 -37.16
C GLU B 203 12.66 10.12 -37.00
N ALA B 204 13.21 9.60 -38.09
CA ALA B 204 13.80 8.26 -38.10
C ALA B 204 14.91 8.05 -37.06
N LEU B 205 15.82 9.01 -36.97
CA LEU B 205 16.98 8.85 -36.08
C LEU B 205 16.65 8.96 -34.57
N PRO B 206 15.69 9.84 -34.21
CA PRO B 206 15.17 9.85 -32.83
C PRO B 206 14.49 8.54 -32.40
N ILE B 207 13.64 7.98 -33.26
CA ILE B 207 13.01 6.69 -32.94
C ILE B 207 14.08 5.64 -32.69
N ALA B 208 14.97 5.46 -33.68
CA ALA B 208 16.07 4.51 -33.59
C ALA B 208 16.79 4.60 -32.25
N ALA B 209 17.23 5.80 -31.89
CA ALA B 209 17.97 6.03 -30.65
C ALA B 209 17.19 5.68 -29.37
N PHE B 210 15.90 5.99 -29.34
CA PHE B 210 15.08 5.78 -28.15
C PHE B 210 14.58 4.34 -27.99
N SER B 211 14.43 3.62 -29.10
CA SER B 211 13.99 2.23 -29.02
C SER B 211 15.16 1.24 -28.87
N MET B 212 16.38 1.74 -29.05
CA MET B 212 17.58 0.96 -28.77
C MET B 212 17.78 0.83 -27.25
N MET B 213 17.12 1.70 -26.51
CA MET B 213 17.08 1.61 -25.05
C MET B 213 15.93 0.68 -24.67
N ARG B 214 15.07 0.42 -25.64
CA ARG B 214 13.94 -0.50 -25.49
C ARG B 214 12.90 -0.02 -24.50
N ALA B 215 12.80 1.30 -24.37
CA ALA B 215 11.84 1.91 -23.45
C ALA B 215 10.65 2.55 -24.19
N MET B 216 10.51 2.22 -25.48
CA MET B 216 9.37 2.69 -26.25
C MET B 216 8.31 1.60 -26.42
N SER B 217 7.04 2.02 -26.42
CA SER B 217 5.97 1.09 -26.70
C SER B 217 6.13 0.57 -28.12
N THR B 218 5.85 -0.72 -28.30
CA THR B 218 5.90 -1.36 -29.60
C THR B 218 4.53 -1.92 -29.97
N ARG B 219 3.47 -1.26 -29.49
CA ARG B 219 2.10 -1.72 -29.71
C ARG B 219 1.49 -1.06 -30.94
N ASN B 220 2.06 -1.38 -32.10
CA ASN B 220 1.77 -0.68 -33.34
C ASN B 220 0.41 -0.99 -33.96
N ASP B 221 -0.17 -2.13 -33.57
CA ASP B 221 -1.48 -2.53 -34.08
C ASP B 221 -2.62 -1.64 -33.59
N GLU B 222 -2.43 -1.02 -32.43
CA GLU B 222 -3.45 -0.21 -31.77
C GLU B 222 -2.83 1.06 -31.19
N PRO B 223 -2.45 2.01 -32.06
CA PRO B 223 -1.77 3.24 -31.68
C PRO B 223 -2.41 3.96 -30.48
N GLU B 224 -3.73 3.96 -30.39
CA GLU B 224 -4.42 4.74 -29.35
C GLU B 224 -4.38 4.10 -27.98
N ARG B 225 -4.05 2.82 -27.92
CA ARG B 225 -4.04 2.06 -26.68
C ARG B 225 -2.63 1.79 -26.19
N ALA B 226 -1.63 2.37 -26.84
CA ALA B 226 -0.23 2.05 -26.53
C ALA B 226 0.34 2.74 -25.29
N SER B 227 0.04 4.04 -25.14
CA SER B 227 0.53 4.80 -23.99
C SER B 227 -0.37 4.55 -22.78
N ARG B 228 0.11 3.71 -21.86
CA ARG B 228 -0.71 3.25 -20.74
C ARG B 228 -0.07 3.50 -19.38
N PRO B 229 0.11 4.77 -19.00
CA PRO B 229 0.71 5.13 -17.70
C PRO B 229 -0.07 4.59 -16.50
N PHE B 230 0.65 4.09 -15.51
CA PHE B 230 0.08 3.51 -14.29
C PHE B 230 -0.80 2.28 -14.55
N ASP B 231 -0.90 1.87 -15.81
CA ASP B 231 -1.58 0.63 -16.15
C ASP B 231 -0.61 -0.55 -15.97
N LYS B 232 -1.12 -1.67 -15.45
CA LYS B 232 -0.31 -2.87 -15.26
C LYS B 232 0.32 -3.39 -16.55
N ASP B 233 -0.34 -3.14 -17.68
CA ASP B 233 0.15 -3.61 -18.97
C ASP B 233 0.77 -2.53 -19.85
N ARG B 234 1.49 -1.60 -19.22
CA ARG B 234 2.27 -0.61 -19.97
C ARG B 234 3.57 -1.22 -20.51
N ASP B 235 4.03 -0.71 -21.65
CA ASP B 235 5.24 -1.26 -22.27
C ASP B 235 6.18 -0.19 -22.84
N GLY B 236 6.28 0.95 -22.16
CA GLY B 236 7.14 2.03 -22.62
C GLY B 236 6.36 3.22 -23.15
N PHE B 237 7.07 4.22 -23.65
CA PHE B 237 6.47 5.51 -24.01
C PHE B 237 6.15 5.68 -25.50
N VAL B 238 5.27 6.63 -25.78
CA VAL B 238 4.86 6.98 -27.15
C VAL B 238 5.27 8.42 -27.49
N PHE B 239 5.85 8.62 -28.67
CA PHE B 239 6.14 9.98 -29.11
C PHE B 239 4.83 10.70 -29.39
N GLY B 240 4.69 11.91 -28.87
CA GLY B 240 3.57 12.76 -29.18
C GLY B 240 4.09 14.18 -29.33
N GLU B 241 3.95 14.75 -30.52
CA GLU B 241 4.53 16.06 -30.82
C GLU B 241 3.83 17.21 -30.10
N ALA B 242 4.62 18.19 -29.69
CA ALA B 242 4.09 19.35 -28.99
C ALA B 242 5.14 20.42 -28.79
N GLY B 243 4.63 21.62 -28.49
CA GLY B 243 5.40 22.75 -28.03
C GLY B 243 4.40 23.58 -27.26
N ALA B 244 4.84 24.30 -26.23
CA ALA B 244 3.90 25.09 -25.47
C ALA B 244 4.58 26.21 -24.71
N LEU B 245 3.82 27.30 -24.54
CA LEU B 245 4.26 28.50 -23.84
C LEU B 245 3.15 29.04 -22.95
N MET B 246 3.53 29.69 -21.86
CA MET B 246 2.58 30.39 -21.01
C MET B 246 3.20 31.71 -20.63
N LEU B 247 2.36 32.70 -20.36
CA LEU B 247 2.83 34.02 -19.95
C LEU B 247 2.58 34.19 -18.46
N ILE B 248 3.65 34.51 -17.73
CA ILE B 248 3.51 34.79 -16.30
C ILE B 248 3.95 36.22 -15.96
N GLU B 249 3.37 36.77 -14.92
CA GLU B 249 3.72 38.11 -14.48
C GLU B 249 3.36 38.27 -13.01
N THR B 250 3.85 39.33 -12.38
CA THR B 250 3.44 39.64 -11.02
C THR B 250 1.94 39.87 -11.03
N GLU B 251 1.26 39.57 -9.94
CA GLU B 251 -0.18 39.84 -9.87
C GLU B 251 -0.40 41.34 -10.03
N GLU B 252 0.60 42.12 -9.62
CA GLU B 252 0.56 43.58 -9.74
C GLU B 252 0.70 44.03 -11.20
N HIS B 253 1.64 43.45 -11.92
CA HIS B 253 1.85 43.78 -13.33
C HIS B 253 0.57 43.48 -14.11
N ALA B 254 -0.06 42.36 -13.77
CA ALA B 254 -1.28 41.92 -14.44
C ALA B 254 -2.48 42.81 -14.13
N LYS B 255 -2.62 43.23 -12.87
CA LYS B 255 -3.73 44.08 -12.45
C LYS B 255 -3.64 45.46 -13.10
N ALA B 256 -2.40 45.88 -13.39
CA ALA B 256 -2.16 47.19 -13.95
C ALA B 256 -2.35 47.24 -15.47
N ARG B 257 -2.67 46.10 -16.08
CA ARG B 257 -2.95 46.07 -17.51
C ARG B 257 -4.29 45.41 -17.82
N GLY B 258 -4.92 44.85 -16.79
CA GLY B 258 -6.26 44.32 -16.92
C GLY B 258 -6.30 42.91 -17.47
N ALA B 259 -5.30 42.11 -17.12
CA ALA B 259 -5.24 40.72 -17.57
C ALA B 259 -5.98 39.81 -16.60
N LYS B 260 -6.68 38.82 -17.14
CA LYS B 260 -7.39 37.87 -16.30
C LYS B 260 -6.52 36.66 -16.05
N PRO B 261 -6.09 36.45 -14.79
CA PRO B 261 -5.26 35.30 -14.43
C PRO B 261 -6.02 34.00 -14.60
N LEU B 262 -5.38 33.02 -15.23
CA LEU B 262 -5.99 31.72 -15.45
C LEU B 262 -5.58 30.80 -14.31
N ALA B 263 -4.50 31.16 -13.63
CA ALA B 263 -4.06 30.44 -12.44
C ALA B 263 -2.90 31.20 -11.76
N ARG B 264 -2.44 30.65 -10.64
CA ARG B 264 -1.30 31.22 -9.94
C ARG B 264 -0.11 30.27 -10.02
N LEU B 265 1.09 30.83 -10.14
CA LEU B 265 2.30 30.04 -9.98
C LEU B 265 2.90 30.39 -8.63
N LEU B 266 3.05 29.37 -7.78
CA LEU B 266 3.27 29.60 -6.36
C LEU B 266 4.65 29.17 -5.89
N GLY B 267 5.22 28.19 -6.56
CA GLY B 267 6.51 27.67 -6.16
C GLY B 267 6.99 26.62 -7.11
N ALA B 268 8.24 26.21 -6.93
CA ALA B 268 8.85 25.18 -7.76
C ALA B 268 9.97 24.54 -6.97
N GLY B 269 10.21 23.26 -7.23
CA GLY B 269 11.34 22.57 -6.62
C GLY B 269 12.14 21.83 -7.66
N ILE B 270 13.46 21.98 -7.61
CA ILE B 270 14.34 21.21 -8.50
C ILE B 270 15.36 20.43 -7.71
N THR B 271 15.37 19.11 -7.90
CA THR B 271 16.32 18.23 -7.24
C THR B 271 16.91 17.25 -8.25
N SER B 272 17.68 16.29 -7.75
CA SER B 272 18.30 15.29 -8.61
C SER B 272 18.52 13.98 -7.85
N ASP B 273 18.55 12.87 -8.59
CA ASP B 273 18.59 11.53 -8.00
C ASP B 273 19.97 11.04 -7.61
N ALA B 274 20.99 11.48 -8.34
CA ALA B 274 22.31 10.88 -8.25
C ALA B 274 22.15 9.37 -8.14
N PHE B 275 21.40 8.80 -9.08
CA PHE B 275 21.19 7.37 -9.12
C PHE B 275 21.63 6.77 -10.45
N HIS B 276 20.90 7.09 -11.52
CA HIS B 276 21.21 6.54 -12.83
C HIS B 276 21.18 7.63 -13.90
N MET B 277 21.79 7.34 -15.04
CA MET B 277 21.86 8.30 -16.14
C MET B 277 20.53 8.47 -16.88
N VAL B 278 19.74 7.41 -16.94
CA VAL B 278 18.46 7.46 -17.65
C VAL B 278 17.27 6.92 -16.84
N ALA B 279 17.55 6.07 -15.87
CA ALA B 279 16.49 5.52 -15.05
C ALA B 279 16.33 6.36 -13.79
N PRO B 280 15.07 6.58 -13.36
CA PRO B 280 14.72 7.29 -12.12
C PRO B 280 15.10 6.45 -10.91
N ALA B 281 15.28 7.08 -9.75
CA ALA B 281 15.51 6.34 -8.53
C ALA B 281 14.24 5.57 -8.10
N ALA B 282 14.39 4.28 -7.83
CA ALA B 282 13.26 3.44 -7.42
C ALA B 282 12.45 4.00 -6.24
N ASP B 283 13.14 4.53 -5.24
CA ASP B 283 12.48 4.94 -3.99
C ASP B 283 11.68 6.24 -4.08
N GLY B 284 11.81 6.93 -5.21
CA GLY B 284 11.09 8.17 -5.47
C GLY B 284 11.36 9.30 -4.49
N VAL B 285 12.36 9.13 -3.64
CA VAL B 285 12.64 10.08 -2.56
C VAL B 285 13.03 11.48 -3.03
N ARG B 286 14.10 11.58 -3.82
CA ARG B 286 14.55 12.87 -4.32
C ARG B 286 13.47 13.54 -5.18
N ALA B 287 12.73 12.73 -5.93
CA ALA B 287 11.63 13.24 -6.75
C ALA B 287 10.48 13.80 -5.90
N GLY B 288 10.05 13.04 -4.90
CA GLY B 288 9.07 13.53 -3.95
C GLY B 288 9.56 14.81 -3.30
N ARG B 289 10.86 14.90 -3.08
CA ARG B 289 11.48 16.06 -2.44
C ARG B 289 11.30 17.33 -3.29
N ALA B 290 11.36 17.16 -4.60
CA ALA B 290 11.09 18.26 -5.52
C ALA B 290 9.67 18.78 -5.30
N MET B 291 8.70 17.87 -5.25
CA MET B 291 7.31 18.22 -4.97
C MET B 291 7.23 18.96 -3.65
N THR B 292 7.84 18.38 -2.61
CA THR B 292 7.88 18.98 -1.28
C THR B 292 8.43 20.41 -1.30
N ARG B 293 9.56 20.61 -1.98
CA ARG B 293 10.17 21.93 -2.14
C ARG B 293 9.21 22.93 -2.78
N SER B 294 8.43 22.50 -3.78
CA SER B 294 7.44 23.37 -4.40
C SER B 294 6.40 23.86 -3.40
N LEU B 295 6.00 22.97 -2.48
CA LEU B 295 5.00 23.31 -1.47
C LEU B 295 5.56 24.24 -0.40
N GLU B 296 6.80 24.01 0.00
CA GLU B 296 7.45 24.84 1.00
C GLU B 296 7.54 26.28 0.54
N LEU B 297 7.70 26.47 -0.76
CA LEU B 297 7.84 27.80 -1.34
C LEU B 297 6.49 28.47 -1.56
N ALA B 298 5.48 27.68 -1.91
CA ALA B 298 4.13 28.19 -2.10
C ALA B 298 3.45 28.45 -0.75
N GLY B 299 3.97 27.84 0.30
CA GLY B 299 3.42 27.98 1.64
C GLY B 299 2.26 27.01 1.86
N LEU B 300 2.38 25.83 1.26
CA LEU B 300 1.33 24.81 1.29
C LEU B 300 1.77 23.56 2.03
N SER B 301 0.80 22.86 2.62
CA SER B 301 1.06 21.52 3.14
C SER B 301 0.59 20.51 2.09
N PRO B 302 1.07 19.26 2.19
CA PRO B 302 0.65 18.26 1.20
C PRO B 302 -0.87 18.04 1.19
N ALA B 303 -1.50 18.38 2.31
CA ALA B 303 -2.94 18.16 2.48
C ALA B 303 -3.75 19.14 1.65
N ASP B 304 -3.09 20.16 1.11
CA ASP B 304 -3.76 21.19 0.33
C ASP B 304 -3.77 20.86 -1.16
N ILE B 305 -2.99 19.85 -1.56
CA ILE B 305 -2.89 19.50 -2.98
C ILE B 305 -4.02 18.58 -3.38
N ASP B 306 -4.86 19.07 -4.29
CA ASP B 306 -6.06 18.35 -4.70
C ASP B 306 -5.76 17.43 -5.89
N HIS B 307 -4.81 17.85 -6.72
CA HIS B 307 -4.56 17.19 -8.00
C HIS B 307 -3.08 17.20 -8.36
N VAL B 308 -2.59 16.04 -8.78
CA VAL B 308 -1.21 15.90 -9.26
C VAL B 308 -1.22 15.58 -10.75
N ASN B 309 -0.59 16.44 -11.54
CA ASN B 309 -0.39 16.18 -12.95
C ASN B 309 0.89 15.37 -13.09
N ALA B 310 0.73 14.11 -13.47
CA ALA B 310 1.84 13.17 -13.39
C ALA B 310 2.65 13.09 -14.67
N HIS B 311 3.97 13.15 -14.52
CA HIS B 311 4.89 12.86 -15.60
C HIS B 311 4.42 11.59 -16.32
N GLY B 312 4.20 10.53 -15.57
CA GLY B 312 3.62 9.29 -16.09
C GLY B 312 3.95 8.94 -17.53
N THR B 313 5.19 8.56 -17.77
CA THR B 313 5.66 8.24 -19.12
C THR B 313 5.10 6.92 -19.68
N ALA B 314 4.56 6.11 -18.77
CA ALA B 314 3.99 4.80 -19.10
C ALA B 314 5.04 3.71 -19.24
N THR B 315 6.24 3.96 -18.74
CA THR B 315 7.24 2.90 -18.61
C THR B 315 7.00 2.20 -17.28
N PRO B 316 7.43 0.93 -17.17
CA PRO B 316 7.35 0.21 -15.89
C PRO B 316 8.03 0.95 -14.72
N ILE B 317 9.31 1.25 -14.83
CA ILE B 317 10.05 1.81 -13.69
C ILE B 317 9.74 3.28 -13.40
N GLY B 318 9.37 4.03 -14.43
CA GLY B 318 9.04 5.43 -14.26
C GLY B 318 7.75 5.62 -13.50
N ASP B 319 6.70 4.90 -13.90
CA ASP B 319 5.42 5.01 -13.20
C ASP B 319 5.57 4.48 -11.78
N ALA B 320 6.38 3.43 -11.64
CA ALA B 320 6.58 2.77 -10.35
C ALA B 320 7.35 3.68 -9.40
N ALA B 321 8.35 4.37 -9.92
CA ALA B 321 9.15 5.32 -9.16
C ALA B 321 8.35 6.57 -8.79
N GLU B 322 7.52 7.04 -9.71
CA GLU B 322 6.73 8.25 -9.50
C GLU B 322 5.66 8.09 -8.42
N ALA B 323 5.04 6.92 -8.38
CA ALA B 323 4.03 6.63 -7.36
C ALA B 323 4.65 6.73 -5.96
N ASN B 324 5.89 6.26 -5.85
CA ASN B 324 6.64 6.33 -4.60
C ASN B 324 7.00 7.76 -4.20
N ALA B 325 7.25 8.60 -5.20
CA ALA B 325 7.57 10.00 -4.96
C ALA B 325 6.35 10.75 -4.47
N ILE B 326 5.18 10.37 -4.97
CA ILE B 326 3.91 10.98 -4.57
C ILE B 326 3.53 10.61 -3.14
N ARG B 327 4.01 9.46 -2.66
CA ARG B 327 3.81 9.05 -1.27
C ARG B 327 4.82 9.72 -0.37
N VAL B 328 6.06 9.85 -0.85
CA VAL B 328 7.09 10.58 -0.13
C VAL B 328 6.62 12.00 0.10
N ALA B 329 6.02 12.59 -0.94
CA ALA B 329 5.51 13.95 -0.87
C ALA B 329 4.23 14.02 -0.03
N GLY B 330 3.63 12.86 0.26
CA GLY B 330 2.39 12.80 1.00
C GLY B 330 1.20 13.28 0.19
N CYS B 331 1.29 13.13 -1.12
CA CYS B 331 0.24 13.56 -2.04
C CYS B 331 -0.46 12.38 -2.69
N ASP B 332 -0.53 11.25 -2.00
CA ASP B 332 -1.10 10.06 -2.62
C ASP B 332 -2.64 10.04 -2.59
N GLN B 333 -3.23 11.01 -1.88
CA GLN B 333 -4.69 11.10 -1.82
C GLN B 333 -5.22 12.02 -2.92
N ALA B 334 -4.32 12.57 -3.70
CA ALA B 334 -4.67 13.49 -4.77
C ALA B 334 -5.24 12.80 -6.02
N ALA B 335 -6.03 13.55 -6.78
CA ALA B 335 -6.48 13.08 -8.09
C ALA B 335 -5.32 13.16 -9.08
N VAL B 336 -4.91 12.01 -9.59
CA VAL B 336 -3.78 11.90 -10.50
C VAL B 336 -4.21 11.81 -11.98
N TYR B 337 -3.76 12.77 -12.78
CA TYR B 337 -3.91 12.70 -14.23
C TYR B 337 -2.57 12.48 -14.92
N ALA B 338 -2.56 11.61 -15.91
CA ALA B 338 -1.36 11.37 -16.72
C ALA B 338 -1.64 11.67 -18.20
N PRO B 339 -1.30 12.90 -18.64
CA PRO B 339 -1.63 13.43 -19.99
C PRO B 339 -0.94 12.68 -21.14
N LYS B 340 0.14 11.96 -20.86
CA LYS B 340 0.88 11.25 -21.89
C LYS B 340 0.07 10.06 -22.43
N SER B 341 -0.95 9.67 -21.69
CA SER B 341 -1.82 8.57 -22.09
C SER B 341 -2.55 8.92 -23.39
N ALA B 342 -2.70 10.22 -23.64
CA ALA B 342 -3.45 10.73 -24.78
C ALA B 342 -2.59 11.53 -25.76
N LEU B 343 -1.70 12.38 -25.23
CA LEU B 343 -0.94 13.30 -26.07
C LEU B 343 0.48 12.82 -26.35
N GLY B 344 0.90 11.78 -25.65
CA GLY B 344 2.21 11.18 -25.86
C GLY B 344 3.31 11.92 -25.15
N HIS B 345 4.56 11.64 -25.54
CA HIS B 345 5.75 12.25 -24.96
C HIS B 345 6.40 13.28 -25.91
N SER B 346 6.53 14.53 -25.44
CA SER B 346 7.16 15.57 -26.26
C SER B 346 8.56 15.96 -25.78
N ILE B 347 9.13 15.14 -24.90
CA ILE B 347 10.50 15.34 -24.43
C ILE B 347 10.73 16.77 -23.90
N GLY B 348 11.52 17.55 -24.62
CA GLY B 348 11.86 18.89 -24.18
C GLY B 348 10.66 19.80 -23.96
N ALA B 349 9.57 19.54 -24.67
CA ALA B 349 8.39 20.39 -24.62
C ALA B 349 7.34 19.95 -23.60
N VAL B 350 7.42 18.68 -23.17
CA VAL B 350 6.32 18.02 -22.46
C VAL B 350 5.95 18.63 -21.11
N GLY B 351 6.96 18.95 -20.30
CA GLY B 351 6.71 19.51 -18.99
C GLY B 351 6.02 20.85 -19.03
N ALA B 352 6.25 21.60 -20.12
CA ALA B 352 5.58 22.88 -20.36
C ALA B 352 4.13 22.67 -20.79
N LEU B 353 3.92 21.74 -21.72
CA LEU B 353 2.59 21.41 -22.16
C LEU B 353 1.74 20.96 -20.98
N GLU B 354 2.31 20.12 -20.12
CA GLU B 354 1.60 19.59 -18.96
C GLU B 354 1.39 20.65 -17.86
N SER B 355 2.26 21.64 -17.80
CA SER B 355 2.05 22.79 -16.93
C SER B 355 0.84 23.61 -17.39
N VAL B 356 0.68 23.74 -18.70
CA VAL B 356 -0.46 24.45 -19.27
C VAL B 356 -1.76 23.72 -18.92
N LEU B 357 -1.72 22.39 -19.01
CA LEU B 357 -2.86 21.54 -18.68
C LEU B 357 -3.27 21.69 -17.22
N THR B 358 -2.29 21.82 -16.34
CA THR B 358 -2.55 21.94 -14.91
C THR B 358 -3.33 23.22 -14.63
N VAL B 359 -2.99 24.26 -15.40
CA VAL B 359 -3.68 25.55 -15.36
C VAL B 359 -5.14 25.48 -15.86
N LEU B 360 -5.40 24.63 -16.84
CA LEU B 360 -6.76 24.45 -17.35
C LEU B 360 -7.59 23.56 -16.42
N THR B 361 -6.93 22.61 -15.78
CA THR B 361 -7.59 21.85 -14.71
C THR B 361 -8.03 22.80 -13.61
N LEU B 362 -7.13 23.67 -13.18
CA LEU B 362 -7.44 24.60 -12.11
C LEU B 362 -8.52 25.59 -12.52
N ARG B 363 -8.36 26.16 -13.71
CA ARG B 363 -9.31 27.18 -14.21
C ARG B 363 -10.71 26.63 -14.43
N ASP B 364 -10.81 25.46 -15.04
CA ASP B 364 -12.11 24.87 -15.36
C ASP B 364 -12.56 23.83 -14.33
N GLY B 365 -11.82 23.73 -13.22
CA GLY B 365 -12.14 22.80 -12.15
C GLY B 365 -12.56 21.43 -12.63
N VAL B 366 -11.77 20.85 -13.52
CA VAL B 366 -12.06 19.53 -14.06
C VAL B 366 -10.75 18.88 -14.51
N ILE B 367 -10.74 17.57 -14.50
CA ILE B 367 -9.57 16.79 -14.89
C ILE B 367 -10.02 15.83 -15.99
N PRO B 368 -9.20 15.65 -17.03
CA PRO B 368 -9.55 14.72 -18.12
C PRO B 368 -9.22 13.28 -17.73
N PRO B 369 -9.78 12.31 -18.47
CA PRO B 369 -9.45 10.93 -18.11
C PRO B 369 -8.07 10.50 -18.63
N THR B 370 -7.36 9.73 -17.82
CA THR B 370 -6.15 9.06 -18.25
C THR B 370 -6.57 7.87 -19.10
N LEU B 371 -6.22 7.89 -20.38
CA LEU B 371 -6.63 6.85 -21.30
C LEU B 371 -5.88 5.56 -21.05
N ASN B 372 -6.53 4.43 -21.35
CA ASN B 372 -5.90 3.12 -21.30
C ASN B 372 -5.65 2.60 -19.87
N TYR B 373 -6.12 3.32 -18.87
CA TYR B 373 -5.97 2.89 -17.48
C TYR B 373 -7.06 1.87 -17.14
N GLU B 374 -6.79 0.60 -17.43
CA GLU B 374 -7.83 -0.42 -17.42
C GLU B 374 -7.60 -1.52 -16.39
N THR B 375 -6.33 -1.76 -16.08
CA THR B 375 -5.95 -2.65 -15.00
C THR B 375 -5.18 -1.82 -13.96
N PRO B 376 -5.70 -1.73 -12.74
CA PRO B 376 -4.94 -1.10 -11.64
C PRO B 376 -3.73 -1.94 -11.24
N ASP B 377 -2.54 -1.37 -11.37
CA ASP B 377 -1.31 -2.03 -10.95
C ASP B 377 -1.18 -1.83 -9.45
N PRO B 378 -1.14 -2.96 -8.70
CA PRO B 378 -1.09 -2.97 -7.23
C PRO B 378 -0.01 -2.06 -6.65
N GLU B 379 1.22 -2.25 -7.07
CA GLU B 379 2.33 -1.45 -6.56
C GLU B 379 2.10 0.05 -6.70
N ILE B 380 1.32 0.44 -7.71
CA ILE B 380 1.07 1.85 -7.98
C ILE B 380 0.24 2.50 -6.88
N ASP B 381 -1.02 2.08 -6.77
CA ASP B 381 -1.88 2.49 -5.66
C ASP B 381 -2.14 3.99 -5.63
N LEU B 382 -2.53 4.55 -6.76
CA LEU B 382 -2.88 5.97 -6.84
C LEU B 382 -4.31 6.15 -7.32
N ASP B 383 -4.96 7.22 -6.88
CA ASP B 383 -6.29 7.58 -7.38
C ASP B 383 -6.16 8.19 -8.78
N VAL B 384 -6.14 7.33 -9.80
CA VAL B 384 -5.99 7.83 -11.16
C VAL B 384 -7.36 8.12 -11.78
N VAL B 385 -7.47 9.29 -12.42
CA VAL B 385 -8.67 9.70 -13.13
C VAL B 385 -8.79 8.91 -14.44
N ALA B 386 -9.99 8.42 -14.76
CA ALA B 386 -10.17 7.56 -15.91
C ALA B 386 -11.64 7.31 -16.24
N GLY B 387 -11.90 6.87 -17.47
CA GLY B 387 -13.26 6.63 -17.92
C GLY B 387 -13.93 7.93 -18.31
N GLU B 388 -14.15 8.79 -17.32
CA GLU B 388 -14.78 10.08 -17.59
CA GLU B 388 -14.79 10.07 -17.58
C GLU B 388 -13.96 11.18 -16.94
N PRO B 389 -14.03 12.41 -17.51
CA PRO B 389 -13.30 13.50 -16.86
C PRO B 389 -13.78 13.60 -15.42
N ARG B 390 -13.01 14.23 -14.54
CA ARG B 390 -13.48 14.37 -13.16
C ARG B 390 -13.51 15.82 -12.68
N TYR B 391 -14.73 16.34 -12.55
CA TYR B 391 -14.93 17.69 -12.02
C TYR B 391 -14.82 17.68 -10.50
N GLY B 392 -14.45 18.83 -9.93
CA GLY B 392 -14.25 18.93 -8.50
C GLY B 392 -13.71 20.28 -8.08
N ASP B 393 -13.67 20.51 -6.78
CA ASP B 393 -13.23 21.79 -6.25
C ASP B 393 -11.70 21.77 -6.07
N TYR B 394 -10.98 22.08 -7.15
CA TYR B 394 -9.53 22.02 -7.14
C TYR B 394 -8.91 23.39 -6.87
N ARG B 395 -8.19 23.49 -5.77
CA ARG B 395 -7.59 24.76 -5.37
C ARG B 395 -6.08 24.76 -5.58
N TYR B 396 -5.47 23.58 -5.49
CA TYR B 396 -4.02 23.45 -5.68
C TYR B 396 -3.64 22.17 -6.41
N ALA B 397 -2.52 22.22 -7.13
CA ALA B 397 -2.08 21.10 -7.96
C ALA B 397 -0.58 21.15 -8.22
N VAL B 398 0.06 19.98 -8.18
CA VAL B 398 1.47 19.88 -8.52
C VAL B 398 1.69 19.22 -9.88
N ASN B 399 2.57 19.82 -10.69
CA ASN B 399 2.89 19.29 -12.00
C ASN B 399 4.31 18.72 -11.98
N ASN B 400 4.40 17.41 -12.19
CA ASN B 400 5.66 16.67 -12.10
C ASN B 400 6.35 16.45 -13.44
N SER B 401 7.63 16.80 -13.52
CA SER B 401 8.41 16.51 -14.71
C SER B 401 9.78 15.92 -14.31
N PHE B 402 10.12 14.77 -14.90
CA PHE B 402 11.36 14.08 -14.60
C PHE B 402 12.16 13.81 -15.88
N GLY B 403 13.48 13.94 -15.82
CA GLY B 403 14.29 13.87 -17.02
C GLY B 403 15.51 12.98 -16.94
N PHE B 404 15.92 12.46 -18.10
CA PHE B 404 17.16 11.69 -18.21
C PHE B 404 18.31 12.53 -17.72
N GLY B 405 19.16 11.93 -16.88
CA GLY B 405 20.26 12.63 -16.25
C GLY B 405 20.06 12.78 -14.75
N GLY B 406 18.89 12.38 -14.26
CA GLY B 406 18.62 12.36 -12.84
C GLY B 406 17.85 13.56 -12.33
N HIS B 407 17.12 14.23 -13.22
CA HIS B 407 16.46 15.49 -12.88
C HIS B 407 14.99 15.35 -12.47
N ASN B 408 14.61 16.11 -11.44
CA ASN B 408 13.24 16.14 -10.96
C ASN B 408 12.73 17.56 -10.79
N VAL B 409 11.68 17.91 -11.54
CA VAL B 409 11.11 19.25 -11.43
C VAL B 409 9.66 19.17 -10.97
N ALA B 410 9.33 19.94 -9.95
CA ALA B 410 7.96 20.03 -9.47
C ALA B 410 7.50 21.49 -9.39
N LEU B 411 6.31 21.76 -9.95
CA LEU B 411 5.72 23.10 -10.00
C LEU B 411 4.38 23.14 -9.28
N ALA B 412 4.23 24.08 -8.35
CA ALA B 412 2.99 24.20 -7.57
C ALA B 412 2.09 25.29 -8.12
N PHE B 413 0.87 24.92 -8.50
CA PHE B 413 -0.10 25.85 -9.09
C PHE B 413 -1.32 25.94 -8.20
N GLY B 414 -2.05 27.04 -8.31
CA GLY B 414 -3.29 27.22 -7.58
C GLY B 414 -4.34 27.94 -8.41
N ARG B 415 -5.61 27.59 -8.20
CA ARG B 415 -6.70 28.32 -8.84
C ARG B 415 -6.59 29.79 -8.43
N TYR B 416 -6.83 30.69 -9.37
CA TYR B 416 -6.71 32.11 -9.10
C TYR B 416 -7.73 32.59 -8.05
N SER C 2 -54.66 -2.69 -40.68
CA SER C 2 -53.93 -3.87 -40.23
C SER C 2 -52.94 -3.52 -39.12
N GLN C 3 -53.13 -4.14 -37.96
CA GLN C 3 -52.25 -3.88 -36.82
C GLN C 3 -50.90 -4.54 -37.02
N PRO C 4 -49.83 -3.73 -37.00
CA PRO C 4 -48.46 -4.26 -37.01
C PRO C 4 -48.25 -5.25 -35.88
N SER C 5 -47.59 -6.36 -36.18
CA SER C 5 -47.24 -7.35 -35.17
C SER C 5 -45.96 -8.06 -35.62
N THR C 6 -45.23 -8.62 -34.66
CA THR C 6 -43.99 -9.28 -35.01
C THR C 6 -44.25 -10.28 -36.14
N ALA C 7 -45.27 -11.12 -35.96
CA ALA C 7 -45.62 -12.17 -36.91
C ALA C 7 -45.90 -11.71 -38.35
N ASN C 8 -46.40 -10.49 -38.54
CA ASN C 8 -46.74 -10.04 -39.89
C ASN C 8 -45.73 -9.08 -40.53
N GLY C 9 -44.52 -9.05 -39.98
CA GLY C 9 -43.49 -8.15 -40.46
C GLY C 9 -43.77 -6.70 -40.12
N GLY C 10 -44.78 -6.47 -39.30
CA GLY C 10 -45.10 -5.13 -38.85
C GLY C 10 -44.04 -4.55 -37.94
N PHE C 11 -43.50 -5.37 -37.05
CA PHE C 11 -42.35 -4.99 -36.23
C PHE C 11 -41.10 -5.74 -36.68
N PRO C 12 -39.92 -5.13 -36.54
CA PRO C 12 -38.71 -5.89 -36.82
C PRO C 12 -38.65 -7.10 -35.90
N SER C 13 -38.02 -8.18 -36.37
CA SER C 13 -37.79 -9.33 -35.53
C SER C 13 -36.71 -9.02 -34.48
N VAL C 14 -37.07 -9.17 -33.21
CA VAL C 14 -36.12 -8.96 -32.14
C VAL C 14 -35.76 -10.30 -31.53
N VAL C 15 -34.47 -10.54 -31.38
CA VAL C 15 -33.96 -11.78 -30.80
C VAL C 15 -33.18 -11.51 -29.50
N VAL C 16 -33.17 -12.50 -28.62
CA VAL C 16 -32.39 -12.45 -27.38
C VAL C 16 -31.05 -13.19 -27.58
N THR C 17 -29.95 -12.45 -27.61
CA THR C 17 -28.67 -13.04 -27.96
C THR C 17 -27.71 -13.30 -26.80
N ALA C 18 -28.09 -12.88 -25.59
CA ALA C 18 -27.24 -13.09 -24.41
C ALA C 18 -27.99 -12.85 -23.10
N VAL C 19 -27.58 -13.56 -22.05
CA VAL C 19 -28.19 -13.42 -20.73
C VAL C 19 -27.16 -13.53 -19.59
N THR C 20 -27.24 -12.63 -18.63
CA THR C 20 -26.45 -12.73 -17.41
C THR C 20 -27.36 -12.52 -16.20
N ALA C 21 -26.93 -12.99 -15.04
CA ALA C 21 -27.67 -12.82 -13.79
C ALA C 21 -26.93 -13.42 -12.63
N THR C 22 -27.09 -12.81 -11.46
CA THR C 22 -26.56 -13.38 -10.23
C THR C 22 -27.76 -13.67 -9.31
N THR C 23 -27.78 -14.85 -8.70
CA THR C 23 -28.90 -15.25 -7.85
C THR C 23 -28.42 -15.91 -6.57
N SER C 24 -29.36 -16.30 -5.70
CA SER C 24 -28.99 -16.96 -4.44
C SER C 24 -28.39 -18.35 -4.68
N ILE C 25 -28.56 -18.87 -5.90
CA ILE C 25 -27.99 -20.18 -6.27
C ILE C 25 -26.56 -20.07 -6.82
N SER C 26 -26.34 -19.10 -7.71
CA SER C 26 -25.06 -18.98 -8.39
C SER C 26 -24.91 -17.61 -9.06
N PRO C 27 -23.65 -17.18 -9.27
CA PRO C 27 -23.32 -16.04 -10.13
C PRO C 27 -23.46 -16.41 -11.59
N ASP C 28 -23.41 -17.70 -11.92
CA ASP C 28 -23.48 -18.13 -13.32
C ASP C 28 -24.89 -18.61 -13.66
N ILE C 29 -25.52 -17.94 -14.61
CA ILE C 29 -26.91 -18.24 -14.96
C ILE C 29 -27.13 -19.70 -15.37
N GLU C 30 -26.17 -20.30 -16.07
CA GLU C 30 -26.33 -21.69 -16.50
C GLU C 30 -26.23 -22.68 -15.32
N SER C 31 -25.57 -22.28 -14.24
CA SER C 31 -25.50 -23.11 -13.02
C SER C 31 -26.77 -22.96 -12.20
N THR C 32 -27.25 -21.73 -12.09
CA THR C 32 -28.55 -21.48 -11.49
C THR C 32 -29.57 -22.29 -12.26
N TRP C 33 -29.46 -22.27 -13.58
CA TRP C 33 -30.38 -22.98 -14.45
C TRP C 33 -30.30 -24.51 -14.27
N LYS C 34 -29.08 -25.04 -14.18
CA LYS C 34 -28.87 -26.47 -13.86
C LYS C 34 -29.38 -26.83 -12.46
N GLY C 35 -29.11 -25.98 -11.48
CA GLY C 35 -29.54 -26.22 -10.12
C GLY C 35 -31.04 -26.15 -9.95
N LEU C 36 -31.66 -25.17 -10.59
CA LEU C 36 -33.12 -25.04 -10.54
C LEU C 36 -33.80 -26.33 -10.99
N LEU C 37 -33.28 -26.90 -12.07
CA LEU C 37 -33.81 -28.16 -12.62
C LEU C 37 -33.57 -29.33 -11.67
N ALA C 38 -32.44 -29.30 -10.99
CA ALA C 38 -32.12 -30.33 -9.99
C ALA C 38 -32.90 -30.14 -8.70
N GLY C 39 -33.80 -29.15 -8.68
CA GLY C 39 -34.64 -28.89 -7.53
C GLY C 39 -33.92 -28.21 -6.38
N GLU C 40 -32.88 -27.46 -6.68
CA GLU C 40 -32.15 -26.76 -5.62
C GLU C 40 -32.86 -25.49 -5.20
N SER C 41 -32.64 -25.08 -3.95
CA SER C 41 -33.21 -23.85 -3.40
C SER C 41 -32.09 -22.89 -3.00
N GLY C 42 -32.33 -21.58 -3.15
CA GLY C 42 -31.34 -20.57 -2.79
C GLY C 42 -31.64 -19.90 -1.46
N ILE C 43 -32.70 -20.37 -0.81
CA ILE C 43 -33.13 -19.79 0.45
C ILE C 43 -32.52 -20.54 1.63
N HIS C 44 -32.14 -19.78 2.65
CA HIS C 44 -31.46 -20.32 3.81
C HIS C 44 -31.83 -19.46 5.01
N ALA C 45 -31.43 -19.89 6.20
CA ALA C 45 -31.63 -19.07 7.38
C ALA C 45 -30.76 -17.81 7.29
N LEU C 46 -31.33 -16.67 7.64
CA LEU C 46 -30.55 -15.44 7.67
C LEU C 46 -29.64 -15.40 8.88
N GLU C 47 -28.33 -15.42 8.64
CA GLU C 47 -27.34 -15.35 9.72
C GLU C 47 -26.97 -13.90 10.04
N ASP C 48 -27.38 -12.98 9.17
CA ASP C 48 -27.10 -11.56 9.34
C ASP C 48 -27.46 -11.11 10.75
N GLU C 49 -26.52 -10.45 11.41
CA GLU C 49 -26.71 -10.07 12.81
C GLU C 49 -27.82 -9.06 13.04
N PHE C 50 -28.36 -8.50 11.96
CA PHE C 50 -29.50 -7.58 12.09
C PHE C 50 -30.81 -8.34 12.36
N VAL C 51 -30.82 -9.62 12.01
CA VAL C 51 -31.99 -10.46 12.25
C VAL C 51 -32.22 -10.59 13.74
N THR C 52 -31.13 -10.72 14.47
CA THR C 52 -31.19 -10.89 15.91
C THR C 52 -31.07 -9.52 16.60
N LYS C 53 -30.46 -8.58 15.88
CA LYS C 53 -30.31 -7.22 16.37
C LYS C 53 -31.68 -6.58 16.64
N TRP C 54 -32.62 -6.86 15.75
CA TRP C 54 -33.95 -6.28 15.80
C TRP C 54 -35.00 -7.33 16.11
N ASP C 55 -34.61 -8.60 16.07
CA ASP C 55 -35.55 -9.69 16.26
C ASP C 55 -36.62 -9.63 15.20
N LEU C 56 -36.19 -9.65 13.95
CA LEU C 56 -37.08 -9.61 12.81
C LEU C 56 -37.99 -10.84 12.82
N ALA C 57 -39.26 -10.66 12.47
CA ALA C 57 -40.17 -11.77 12.33
C ALA C 57 -39.75 -12.60 11.12
N VAL C 58 -39.01 -11.97 10.23
CA VAL C 58 -38.48 -12.65 9.06
C VAL C 58 -37.02 -13.01 9.32
N LYS C 59 -36.73 -14.29 9.31
CA LYS C 59 -35.39 -14.78 9.58
C LYS C 59 -34.90 -15.64 8.43
N ILE C 60 -35.56 -15.52 7.29
CA ILE C 60 -35.22 -16.32 6.11
C ILE C 60 -35.07 -15.48 4.86
N GLY C 61 -34.29 -15.98 3.91
CA GLY C 61 -34.05 -15.33 2.65
C GLY C 61 -32.78 -15.86 2.01
N GLY C 62 -32.59 -15.52 0.74
CA GLY C 62 -31.38 -15.91 0.03
C GLY C 62 -30.49 -14.74 -0.38
N HIS C 63 -29.28 -14.69 0.16
CA HIS C 63 -28.28 -13.77 -0.34
C HIS C 63 -27.67 -14.37 -1.60
N LEU C 64 -27.20 -13.52 -2.52
CA LEU C 64 -26.44 -14.00 -3.67
C LEU C 64 -25.39 -15.00 -3.21
N LYS C 65 -25.18 -16.06 -3.98
CA LYS C 65 -24.11 -16.98 -3.69
C LYS C 65 -22.81 -16.18 -3.71
N ASP C 66 -22.63 -15.37 -4.74
CA ASP C 66 -21.42 -14.57 -4.91
C ASP C 66 -21.69 -13.10 -4.68
N PRO C 67 -21.20 -12.54 -3.57
CA PRO C 67 -21.44 -11.14 -3.21
C PRO C 67 -20.96 -10.16 -4.27
N VAL C 68 -21.77 -9.14 -4.55
CA VAL C 68 -21.37 -8.09 -5.47
C VAL C 68 -20.03 -7.47 -5.03
N ASP C 69 -19.97 -7.06 -3.77
CA ASP C 69 -18.86 -6.25 -3.28
C ASP C 69 -17.53 -6.99 -3.20
N SER C 70 -17.56 -8.31 -3.28
CA SER C 70 -16.34 -9.08 -3.29
C SER C 70 -15.62 -8.92 -4.63
N HIS C 71 -16.18 -8.10 -5.51
CA HIS C 71 -15.56 -7.78 -6.80
C HIS C 71 -15.30 -6.28 -6.91
N MET C 72 -15.35 -5.56 -5.79
CA MET C 72 -15.36 -4.11 -5.84
C MET C 72 -14.16 -3.42 -5.19
N GLY C 73 -13.54 -2.52 -5.93
CA GLY C 73 -12.39 -1.77 -5.44
C GLY C 73 -12.78 -0.85 -4.29
N ARG C 74 -11.77 -0.27 -3.65
CA ARG C 74 -12.01 0.68 -2.57
C ARG C 74 -12.71 1.94 -3.08
N LEU C 75 -12.54 2.23 -4.36
CA LEU C 75 -13.10 3.43 -4.99
C LEU C 75 -14.56 3.24 -5.34
N ASP C 76 -14.85 2.17 -6.09
CA ASP C 76 -16.23 1.82 -6.44
C ASP C 76 -17.12 1.75 -5.20
N MET C 77 -16.55 1.37 -4.07
CA MET C 77 -17.30 1.29 -2.81
C MET C 77 -17.61 2.67 -2.22
N ARG C 78 -16.82 3.67 -2.59
CA ARG C 78 -17.01 5.04 -2.11
C ARG C 78 -17.79 5.87 -3.11
N ARG C 79 -17.67 5.53 -4.39
CA ARG C 79 -18.18 6.38 -5.47
C ARG C 79 -19.41 5.80 -6.17
N MET C 80 -19.85 4.63 -5.72
CA MET C 80 -21.01 3.99 -6.32
C MET C 80 -22.02 3.53 -5.29
N SER C 81 -23.30 3.58 -5.67
CA SER C 81 -24.35 2.97 -4.87
C SER C 81 -24.31 1.47 -5.16
N TYR C 82 -24.95 0.69 -4.30
CA TYR C 82 -24.91 -0.75 -4.45
C TYR C 82 -25.45 -1.22 -5.80
N VAL C 83 -26.57 -0.64 -6.22
CA VAL C 83 -27.20 -1.05 -7.48
C VAL C 83 -26.35 -0.67 -8.70
N GLN C 84 -25.52 0.37 -8.55
CA GLN C 84 -24.58 0.78 -9.60
C GLN C 84 -23.38 -0.13 -9.71
N ARG C 85 -22.96 -0.69 -8.57
CA ARG C 85 -21.88 -1.67 -8.55
C ARG C 85 -22.38 -3.02 -9.08
N MET C 86 -23.61 -3.38 -8.73
CA MET C 86 -24.21 -4.59 -9.26
C MET C 86 -24.38 -4.45 -10.76
N GLY C 87 -24.69 -3.23 -11.21
CA GLY C 87 -24.87 -2.97 -12.62
C GLY C 87 -23.57 -2.99 -13.40
N LYS C 88 -22.54 -2.34 -12.87
CA LYS C 88 -21.22 -2.38 -13.48
C LYS C 88 -20.77 -3.81 -13.69
N LEU C 89 -20.87 -4.59 -12.62
CA LEU C 89 -20.56 -6.01 -12.62
C LEU C 89 -21.28 -6.81 -13.69
N LEU C 90 -22.61 -6.70 -13.70
CA LEU C 90 -23.43 -7.52 -14.60
C LEU C 90 -23.38 -7.06 -16.06
N GLY C 91 -23.11 -5.78 -16.28
CA GLY C 91 -23.00 -5.26 -17.62
C GLY C 91 -21.73 -5.73 -18.30
N GLY C 92 -20.66 -5.89 -17.51
CA GLY C 92 -19.39 -6.36 -18.03
C GLY C 92 -19.43 -7.85 -18.29
N GLN C 93 -20.06 -8.58 -17.38
CA GLN C 93 -20.27 -10.00 -17.57
C GLN C 93 -21.13 -10.23 -18.81
N LEU C 94 -22.12 -9.37 -19.02
CA LEU C 94 -23.05 -9.51 -20.14
C LEU C 94 -22.37 -9.22 -21.47
N TRP C 95 -21.64 -8.11 -21.52
CA TRP C 95 -20.95 -7.68 -22.72
C TRP C 95 -19.88 -8.69 -23.15
N GLU C 96 -19.28 -9.35 -22.18
CA GLU C 96 -18.21 -10.32 -22.43
C GLU C 96 -18.77 -11.64 -22.95
N SER C 97 -19.86 -12.10 -22.35
CA SER C 97 -20.51 -13.33 -22.80
C SER C 97 -21.12 -13.12 -24.17
N ALA C 98 -21.44 -11.87 -24.50
CA ALA C 98 -21.99 -11.52 -25.80
C ALA C 98 -20.93 -11.50 -26.90
N GLY C 99 -19.66 -11.52 -26.50
CA GLY C 99 -18.55 -11.53 -27.43
C GLY C 99 -17.85 -10.17 -27.48
N SER C 100 -18.04 -9.39 -26.41
CA SER C 100 -17.52 -8.02 -26.35
C SER C 100 -17.69 -7.30 -27.69
N PRO C 101 -18.93 -7.28 -28.20
CA PRO C 101 -19.24 -6.84 -29.57
C PRO C 101 -19.01 -5.36 -29.82
N GLU C 102 -18.53 -5.05 -31.02
CA GLU C 102 -18.37 -3.66 -31.44
C GLU C 102 -19.64 -3.19 -32.13
N VAL C 103 -20.43 -2.38 -31.42
CA VAL C 103 -21.70 -1.91 -31.96
C VAL C 103 -21.69 -0.41 -32.24
N ASP C 104 -22.57 0.00 -33.15
CA ASP C 104 -22.85 1.41 -33.38
C ASP C 104 -23.43 2.00 -32.10
N PRO C 105 -22.72 2.94 -31.46
CA PRO C 105 -23.18 3.48 -30.18
C PRO C 105 -24.46 4.28 -30.32
N ASP C 106 -24.69 4.86 -31.50
CA ASP C 106 -25.86 5.70 -31.75
C ASP C 106 -27.11 4.88 -32.03
N ARG C 107 -26.94 3.55 -32.12
CA ARG C 107 -28.05 2.62 -32.32
C ARG C 107 -28.13 1.64 -31.15
N PHE C 108 -27.46 1.97 -30.06
CA PHE C 108 -27.34 1.10 -28.89
C PHE C 108 -27.99 1.78 -27.67
N ALA C 109 -28.99 1.12 -27.09
CA ALA C 109 -29.72 1.67 -25.94
C ALA C 109 -29.53 0.84 -24.70
N VAL C 110 -29.89 1.43 -23.57
CA VAL C 110 -29.86 0.76 -22.26
C VAL C 110 -31.17 1.04 -21.52
N VAL C 111 -31.82 -0.02 -21.06
CA VAL C 111 -33.04 0.11 -20.26
C VAL C 111 -33.00 -0.80 -19.03
N VAL C 112 -32.60 -0.24 -17.88
CA VAL C 112 -32.48 -1.01 -16.64
C VAL C 112 -33.44 -0.55 -15.54
N GLY C 113 -34.17 -1.49 -14.95
CA GLY C 113 -35.16 -1.19 -13.92
C GLY C 113 -34.61 -1.37 -12.52
N THR C 114 -35.39 -0.93 -11.54
CA THR C 114 -35.04 -1.11 -10.13
C THR C 114 -36.12 -0.57 -9.23
N GLY C 115 -36.12 -1.03 -7.98
CA GLY C 115 -37.18 -0.72 -7.04
C GLY C 115 -37.17 0.70 -6.50
N LEU C 116 -35.98 1.24 -6.26
CA LEU C 116 -35.81 2.45 -5.45
C LEU C 116 -34.61 3.29 -5.90
N GLY C 117 -33.43 2.71 -5.80
CA GLY C 117 -32.20 3.39 -6.18
C GLY C 117 -31.12 3.19 -5.15
N GLY C 118 -30.11 4.06 -5.19
CA GLY C 118 -29.02 4.04 -4.22
C GLY C 118 -29.46 4.66 -2.92
N ALA C 119 -30.43 4.01 -2.26
CA ALA C 119 -31.09 4.56 -1.09
C ALA C 119 -30.28 4.52 0.21
N GLU C 120 -29.27 3.65 0.28
CA GLU C 120 -28.38 3.62 1.44
C GLU C 120 -27.70 4.98 1.57
N ARG C 121 -27.38 5.56 0.41
CA ARG C 121 -26.70 6.84 0.37
C ARG C 121 -27.61 7.91 0.95
N ILE C 122 -28.92 7.73 0.76
CA ILE C 122 -29.91 8.64 1.30
C ILE C 122 -29.78 8.72 2.81
N VAL C 123 -29.94 7.58 3.48
CA VAL C 123 -29.87 7.52 4.94
C VAL C 123 -28.46 7.81 5.45
N GLU C 124 -27.47 7.55 4.61
CA GLU C 124 -26.09 7.85 4.97
C GLU C 124 -25.79 9.35 4.88
N SER C 125 -26.20 9.98 3.77
CA SER C 125 -26.11 11.44 3.63
C SER C 125 -26.89 12.18 4.73
N TYR C 126 -28.07 11.66 5.03
CA TYR C 126 -28.92 12.14 6.11
C TYR C 126 -28.19 12.13 7.47
N ASP C 127 -27.56 11.01 7.77
CA ASP C 127 -26.79 10.81 9.01
C ASP C 127 -25.53 11.67 9.10
N LEU C 128 -24.89 11.92 7.97
CA LEU C 128 -23.62 12.66 7.96
C LEU C 128 -23.85 14.15 8.18
N MET C 129 -24.91 14.67 7.58
CA MET C 129 -25.25 16.08 7.72
C MET C 129 -25.85 16.37 9.09
N ASN C 130 -26.47 15.34 9.66
CA ASN C 130 -27.06 15.45 10.98
C ASN C 130 -26.01 15.53 12.07
N ALA C 131 -24.80 15.06 11.75
CA ALA C 131 -23.71 15.10 12.72
C ALA C 131 -22.58 16.04 12.31
N GLY C 132 -22.58 16.50 11.07
CA GLY C 132 -21.48 17.33 10.60
C GLY C 132 -21.86 18.57 9.81
N GLY C 133 -23.12 18.71 9.46
CA GLY C 133 -23.57 19.82 8.63
C GLY C 133 -23.60 19.45 7.15
N PRO C 134 -24.03 20.39 6.30
CA PRO C 134 -24.12 20.21 4.85
C PRO C 134 -22.81 19.78 4.18
N ARG C 135 -21.68 20.27 4.68
CA ARG C 135 -20.38 20.02 4.05
C ARG C 135 -19.89 18.57 4.15
N LYS C 136 -20.55 17.76 4.97
CA LYS C 136 -20.19 16.36 5.17
C LYS C 136 -20.87 15.44 4.14
N VAL C 137 -21.74 16.02 3.34
CA VAL C 137 -22.44 15.31 2.28
C VAL C 137 -21.58 15.21 1.02
N SER C 138 -21.51 14.01 0.46
CA SER C 138 -20.67 13.74 -0.70
C SER C 138 -21.11 14.48 -1.97
N PRO C 139 -20.13 15.03 -2.71
CA PRO C 139 -20.38 15.69 -4.00
C PRO C 139 -20.91 14.70 -5.04
N LEU C 140 -20.89 13.42 -4.67
CA LEU C 140 -21.34 12.34 -5.54
C LEU C 140 -22.70 11.79 -5.11
N ALA C 141 -23.19 12.30 -3.98
CA ALA C 141 -24.41 11.82 -3.34
C ALA C 141 -25.63 11.76 -4.27
N VAL C 142 -25.80 12.78 -5.10
CA VAL C 142 -26.97 12.84 -5.98
C VAL C 142 -26.91 11.79 -7.07
N GLN C 143 -25.73 11.63 -7.69
CA GLN C 143 -25.53 10.65 -8.76
C GLN C 143 -25.59 9.19 -8.27
N MET C 144 -25.34 8.97 -6.99
CA MET C 144 -25.42 7.64 -6.39
C MET C 144 -26.85 7.29 -5.99
N ILE C 145 -27.60 8.31 -5.55
CA ILE C 145 -28.97 8.13 -5.07
C ILE C 145 -30.01 8.01 -6.19
N MET C 146 -29.93 8.89 -7.18
CA MET C 146 -30.86 8.88 -8.32
C MET C 146 -31.09 7.47 -8.87
N PRO C 147 -32.37 7.07 -8.99
CA PRO C 147 -32.82 5.73 -9.39
C PRO C 147 -32.41 5.36 -10.82
N ASN C 148 -32.09 6.36 -11.63
CA ASN C 148 -31.59 6.13 -12.98
C ASN C 148 -30.09 5.85 -12.97
N GLY C 149 -29.52 5.84 -11.77
CA GLY C 149 -28.08 5.75 -11.58
C GLY C 149 -27.42 4.46 -12.05
N ALA C 150 -28.07 3.32 -11.81
CA ALA C 150 -27.54 2.04 -12.28
C ALA C 150 -27.57 1.94 -13.80
N ALA C 151 -28.72 2.23 -14.39
CA ALA C 151 -28.81 2.27 -15.84
C ALA C 151 -27.73 3.19 -16.42
N ALA C 152 -27.55 4.34 -15.77
CA ALA C 152 -26.60 5.36 -16.24
C ALA C 152 -25.15 4.87 -16.21
N VAL C 153 -24.76 4.22 -15.12
CA VAL C 153 -23.44 3.61 -15.06
C VAL C 153 -23.27 2.52 -16.12
N ILE C 154 -24.35 1.84 -16.46
CA ILE C 154 -24.30 0.79 -17.49
C ILE C 154 -24.19 1.41 -18.88
N GLY C 155 -25.07 2.36 -19.17
CA GLY C 155 -25.04 3.06 -20.45
C GLY C 155 -23.71 3.74 -20.70
N LEU C 156 -23.06 4.14 -19.60
CA LEU C 156 -21.78 4.83 -19.66
C LEU C 156 -20.63 3.84 -19.78
N GLN C 157 -20.73 2.71 -19.10
CA GLN C 157 -19.68 1.70 -19.13
C GLN C 157 -19.56 1.04 -20.50
N LEU C 158 -20.69 0.92 -21.19
CA LEU C 158 -20.73 0.17 -22.45
C LEU C 158 -20.79 1.10 -23.66
N GLY C 159 -21.13 2.37 -23.42
CA GLY C 159 -21.16 3.38 -24.48
C GLY C 159 -22.46 3.45 -25.27
N ALA C 160 -23.58 3.42 -24.57
CA ALA C 160 -24.89 3.47 -25.22
C ALA C 160 -25.34 4.92 -25.40
N ARG C 161 -25.58 5.31 -26.65
CA ARG C 161 -25.99 6.67 -26.96
C ARG C 161 -27.34 6.73 -27.68
N ALA C 162 -28.01 5.58 -27.78
CA ALA C 162 -29.38 5.54 -28.30
C ALA C 162 -30.43 5.53 -27.18
N GLY C 163 -30.04 5.97 -25.99
CA GLY C 163 -30.96 6.08 -24.88
C GLY C 163 -30.62 5.28 -23.63
N VAL C 164 -30.76 5.92 -22.47
CA VAL C 164 -30.71 5.23 -21.19
C VAL C 164 -31.97 5.51 -20.37
N MET C 165 -32.81 4.50 -20.19
CA MET C 165 -34.11 4.70 -19.55
C MET C 165 -34.29 3.76 -18.36
N THR C 166 -34.93 4.27 -17.31
CA THR C 166 -35.19 3.50 -16.09
C THR C 166 -36.68 3.59 -15.73
N PRO C 167 -37.45 2.55 -16.05
CA PRO C 167 -38.85 2.53 -15.62
C PRO C 167 -38.95 2.03 -14.19
N VAL C 168 -39.84 2.62 -13.40
CA VAL C 168 -40.09 2.11 -12.06
C VAL C 168 -41.55 1.69 -11.90
N SER C 169 -41.74 0.41 -11.62
CA SER C 169 -43.05 -0.11 -11.29
C SER C 169 -42.92 -1.13 -10.15
N ALA C 170 -42.09 -0.79 -9.17
CA ALA C 170 -41.79 -1.68 -8.05
C ALA C 170 -41.43 -3.08 -8.53
N GLN C 171 -42.25 -4.07 -8.14
CA GLN C 171 -41.98 -5.48 -8.40
C GLN C 171 -42.01 -5.89 -9.87
N SER C 172 -42.51 -5.02 -10.74
CA SER C 172 -42.56 -5.31 -12.17
C SER C 172 -41.60 -4.44 -13.00
N SER C 173 -40.61 -3.85 -12.33
CA SER C 173 -39.66 -2.93 -12.98
C SER C 173 -38.70 -3.64 -13.94
N GLY C 174 -38.23 -4.82 -13.53
CA GLY C 174 -37.29 -5.61 -14.30
C GLY C 174 -37.83 -6.12 -15.63
N SER C 175 -39.14 -6.37 -15.69
CA SER C 175 -39.78 -6.80 -16.93
C SER C 175 -40.15 -5.63 -17.83
N GLU C 176 -40.65 -4.56 -17.22
CA GLU C 176 -41.07 -3.39 -17.99
C GLU C 176 -39.86 -2.75 -18.66
N ALA C 177 -38.70 -2.89 -18.03
CA ALA C 177 -37.44 -2.46 -18.64
C ALA C 177 -37.20 -3.18 -19.95
N ILE C 178 -37.36 -4.51 -19.92
CA ILE C 178 -37.20 -5.31 -21.13
C ILE C 178 -38.26 -4.92 -22.18
N ALA C 179 -39.42 -4.48 -21.70
CA ALA C 179 -40.53 -4.09 -22.56
C ALA C 179 -40.24 -2.81 -23.35
N HIS C 180 -39.66 -1.82 -22.67
CA HIS C 180 -39.33 -0.56 -23.33
C HIS C 180 -38.08 -0.70 -24.21
N ALA C 181 -37.20 -1.62 -23.85
CA ALA C 181 -36.08 -1.95 -24.72
C ALA C 181 -36.60 -2.42 -26.07
N TRP C 182 -37.54 -3.37 -26.03
CA TRP C 182 -38.26 -3.81 -27.23
C TRP C 182 -38.85 -2.63 -28.00
N ARG C 183 -39.68 -1.83 -27.32
CA ARG C 183 -40.32 -0.65 -27.92
C ARG C 183 -39.32 0.27 -28.62
N GLN C 184 -38.20 0.52 -27.96
CA GLN C 184 -37.18 1.44 -28.46
C GLN C 184 -36.45 0.90 -29.70
N ILE C 185 -36.64 -0.39 -29.98
CA ILE C 185 -36.07 -1.03 -31.16
C ILE C 185 -37.10 -1.13 -32.29
N VAL C 186 -38.30 -1.59 -31.95
CA VAL C 186 -39.35 -1.78 -32.96
C VAL C 186 -39.93 -0.43 -33.41
N MET C 187 -39.67 0.64 -32.64
CA MET C 187 -40.04 1.98 -33.05
C MET C 187 -38.95 2.58 -33.93
N GLY C 188 -37.80 1.90 -33.95
CA GLY C 188 -36.71 2.27 -34.83
C GLY C 188 -35.65 3.15 -34.19
N ASP C 189 -35.69 3.27 -32.87
CA ASP C 189 -34.78 4.18 -32.17
C ASP C 189 -33.44 3.54 -31.82
N ALA C 190 -33.42 2.21 -31.70
CA ALA C 190 -32.17 1.45 -31.53
C ALA C 190 -32.17 0.14 -32.32
N ASP C 191 -31.02 -0.53 -32.35
CA ASP C 191 -30.87 -1.83 -33.03
C ASP C 191 -30.43 -2.91 -32.03
N VAL C 192 -29.97 -2.46 -30.87
CA VAL C 192 -29.43 -3.30 -29.83
C VAL C 192 -29.66 -2.60 -28.49
N ALA C 193 -29.93 -3.38 -27.45
CA ALA C 193 -30.28 -2.84 -26.14
C ALA C 193 -29.89 -3.75 -24.98
N VAL C 194 -29.21 -3.20 -23.99
CA VAL C 194 -29.01 -3.90 -22.73
C VAL C 194 -30.18 -3.58 -21.81
N CYS C 195 -30.87 -4.62 -21.33
CA CYS C 195 -32.08 -4.41 -20.53
C CYS C 195 -32.28 -5.46 -19.43
N GLY C 196 -32.80 -4.99 -18.30
CA GLY C 196 -33.09 -5.86 -17.17
C GLY C 196 -33.42 -5.12 -15.89
N GLY C 197 -32.88 -5.59 -14.78
CA GLY C 197 -33.16 -4.96 -13.50
C GLY C 197 -32.15 -5.34 -12.43
N VAL C 198 -31.88 -4.40 -11.53
CA VAL C 198 -31.01 -4.66 -10.40
C VAL C 198 -31.76 -4.31 -9.12
N GLU C 199 -31.19 -4.66 -7.99
CA GLU C 199 -31.85 -4.45 -6.70
C GLU C 199 -30.84 -4.61 -5.57
N GLY C 200 -31.14 -4.01 -4.42
CA GLY C 200 -30.24 -4.05 -3.29
C GLY C 200 -30.24 -5.38 -2.53
N PRO C 201 -29.39 -5.48 -1.51
CA PRO C 201 -29.32 -6.68 -0.68
C PRO C 201 -30.45 -6.68 0.35
N ILE C 202 -30.65 -7.82 1.00
CA ILE C 202 -31.61 -7.94 2.09
C ILE C 202 -31.09 -7.17 3.30
N GLU C 203 -31.86 -6.20 3.78
CA GLU C 203 -31.50 -5.47 4.98
C GLU C 203 -32.66 -5.45 5.96
N ALA C 204 -32.47 -4.78 7.09
CA ALA C 204 -33.47 -4.74 8.17
C ALA C 204 -34.70 -3.88 7.84
N LEU C 205 -34.47 -2.62 7.47
CA LEU C 205 -35.58 -1.72 7.14
C LEU C 205 -36.50 -2.28 6.04
N PRO C 206 -35.92 -2.78 4.93
CA PRO C 206 -36.70 -3.44 3.88
C PRO C 206 -37.54 -4.64 4.36
N ILE C 207 -36.98 -5.47 5.21
CA ILE C 207 -37.73 -6.60 5.77
C ILE C 207 -38.87 -6.11 6.67
N ALA C 208 -38.58 -5.15 7.54
CA ALA C 208 -39.57 -4.60 8.45
C ALA C 208 -40.72 -3.91 7.71
N ALA C 209 -40.38 -3.11 6.70
CA ALA C 209 -41.37 -2.40 5.92
C ALA C 209 -42.31 -3.38 5.24
N PHE C 210 -41.75 -4.40 4.57
CA PHE C 210 -42.54 -5.43 3.92
C PHE C 210 -43.25 -6.36 4.94
N SER C 211 -42.60 -6.63 6.07
CA SER C 211 -43.16 -7.44 7.15
C SER C 211 -44.41 -6.82 7.74
N MET C 212 -44.33 -5.52 7.98
CA MET C 212 -45.44 -4.77 8.56
C MET C 212 -46.65 -4.74 7.65
N MET C 213 -46.47 -5.21 6.42
CA MET C 213 -47.55 -5.34 5.46
C MET C 213 -48.08 -6.77 5.49
N ARG C 214 -47.38 -7.65 6.21
CA ARG C 214 -47.71 -9.08 6.29
C ARG C 214 -47.61 -9.80 4.94
N ALA C 215 -46.68 -9.34 4.10
CA ALA C 215 -46.49 -9.92 2.78
C ALA C 215 -45.46 -11.05 2.82
N MET C 216 -44.64 -11.07 3.86
CA MET C 216 -43.50 -11.97 3.92
C MET C 216 -43.77 -13.27 4.67
N SER C 217 -43.13 -14.34 4.19
CA SER C 217 -43.17 -15.63 4.87
C SER C 217 -42.35 -15.60 6.18
N THR C 218 -42.88 -16.28 7.19
CA THR C 218 -42.22 -16.40 8.48
C THR C 218 -42.09 -17.89 8.85
N ARG C 219 -41.98 -18.75 7.85
CA ARG C 219 -41.79 -20.17 8.07
C ARG C 219 -40.29 -20.42 8.27
N ASN C 220 -39.77 -19.88 9.37
CA ASN C 220 -38.33 -19.78 9.62
C ASN C 220 -37.58 -21.08 9.92
N ASP C 221 -38.31 -22.11 10.34
CA ASP C 221 -37.68 -23.40 10.66
C ASP C 221 -37.37 -24.25 9.42
N GLU C 222 -38.06 -23.96 8.31
CA GLU C 222 -37.75 -24.63 7.05
C GLU C 222 -37.68 -23.60 5.93
N PRO C 223 -36.55 -22.87 5.86
CA PRO C 223 -36.42 -21.73 4.94
C PRO C 223 -36.72 -22.12 3.50
N GLU C 224 -36.31 -23.32 3.10
CA GLU C 224 -36.47 -23.80 1.73
C GLU C 224 -37.92 -24.13 1.39
N ARG C 225 -38.75 -24.29 2.42
CA ARG C 225 -40.16 -24.66 2.24
C ARG C 225 -41.10 -23.46 2.39
N ALA C 226 -40.51 -22.30 2.66
CA ALA C 226 -41.26 -21.09 2.95
C ALA C 226 -42.02 -20.52 1.74
N SER C 227 -41.37 -20.52 0.57
CA SER C 227 -41.96 -19.89 -0.62
C SER C 227 -42.74 -20.91 -1.43
N ARG C 228 -44.07 -20.84 -1.31
CA ARG C 228 -44.96 -21.84 -1.88
C ARG C 228 -45.98 -21.18 -2.79
N PRO C 229 -45.52 -20.63 -3.93
CA PRO C 229 -46.44 -20.01 -4.89
C PRO C 229 -47.52 -20.99 -5.36
N PHE C 230 -48.77 -20.53 -5.40
CA PHE C 230 -49.92 -21.33 -5.82
C PHE C 230 -50.25 -22.54 -4.92
N ASP C 231 -49.53 -22.66 -3.81
CA ASP C 231 -49.83 -23.68 -2.81
C ASP C 231 -50.83 -23.15 -1.79
N LYS C 232 -51.83 -23.96 -1.48
CA LYS C 232 -52.86 -23.57 -0.53
C LYS C 232 -52.26 -23.05 0.77
N ASP C 233 -51.10 -23.60 1.13
CA ASP C 233 -50.46 -23.26 2.39
C ASP C 233 -49.43 -22.13 2.29
N ARG C 234 -49.46 -21.41 1.17
CA ARG C 234 -48.57 -20.28 0.98
C ARG C 234 -48.83 -19.20 2.02
N ASP C 235 -47.76 -18.61 2.57
CA ASP C 235 -47.92 -17.57 3.58
C ASP C 235 -47.14 -16.28 3.30
N GLY C 236 -46.90 -15.99 2.03
CA GLY C 236 -46.25 -14.76 1.66
C GLY C 236 -44.99 -15.03 0.87
N PHE C 237 -44.28 -13.96 0.50
CA PHE C 237 -43.06 -14.09 -0.31
C PHE C 237 -41.81 -14.19 0.55
N VAL C 238 -40.73 -14.66 -0.07
CA VAL C 238 -39.43 -14.77 0.58
C VAL C 238 -38.41 -14.00 -0.26
N PHE C 239 -37.59 -13.17 0.38
CA PHE C 239 -36.57 -12.37 -0.31
C PHE C 239 -35.52 -13.24 -0.95
N GLY C 240 -35.28 -13.02 -2.24
CA GLY C 240 -34.23 -13.72 -2.96
C GLY C 240 -33.42 -12.76 -3.80
N GLU C 241 -32.21 -12.46 -3.33
CA GLU C 241 -31.35 -11.47 -3.98
C GLU C 241 -30.94 -11.86 -5.39
N ALA C 242 -31.00 -10.89 -6.29
CA ALA C 242 -30.61 -11.13 -7.67
C ALA C 242 -30.39 -9.83 -8.43
N GLY C 243 -29.93 -9.98 -9.66
CA GLY C 243 -29.79 -8.90 -10.62
C GLY C 243 -29.75 -9.64 -11.94
N ALA C 244 -30.29 -9.06 -12.99
CA ALA C 244 -30.37 -9.79 -14.25
C ALA C 244 -30.41 -8.89 -15.49
N LEU C 245 -29.55 -9.21 -16.47
CA LEU C 245 -29.50 -8.46 -17.72
C LEU C 245 -29.45 -9.38 -18.94
N MET C 246 -30.22 -9.05 -19.96
CA MET C 246 -30.11 -9.74 -21.24
C MET C 246 -29.71 -8.78 -22.36
N LEU C 247 -29.27 -9.36 -23.47
CA LEU C 247 -28.90 -8.59 -24.65
C LEU C 247 -29.92 -8.87 -25.72
N ILE C 248 -30.49 -7.83 -26.30
CA ILE C 248 -31.46 -7.99 -27.37
C ILE C 248 -31.14 -7.09 -28.57
N GLU C 249 -31.54 -7.53 -29.74
CA GLU C 249 -31.27 -6.79 -30.96
C GLU C 249 -32.18 -7.27 -32.09
N THR C 250 -32.12 -6.62 -33.24
CA THR C 250 -32.85 -7.11 -34.40
C THR C 250 -32.17 -8.39 -34.84
N GLU C 251 -32.97 -9.30 -35.41
CA GLU C 251 -32.45 -10.52 -36.01
C GLU C 251 -31.41 -10.18 -37.08
N GLU C 252 -31.64 -9.06 -37.75
CA GLU C 252 -30.76 -8.54 -38.79
C GLU C 252 -29.39 -8.11 -38.22
N HIS C 253 -29.40 -7.57 -37.01
CA HIS C 253 -28.17 -7.11 -36.34
C HIS C 253 -27.42 -8.28 -35.69
N ALA C 254 -28.15 -9.22 -35.12
CA ALA C 254 -27.54 -10.41 -34.56
C ALA C 254 -26.86 -11.20 -35.67
N LYS C 255 -27.62 -11.40 -36.75
CA LYS C 255 -27.20 -12.19 -37.91
C LYS C 255 -25.92 -11.62 -38.54
N ALA C 256 -25.83 -10.29 -38.61
CA ALA C 256 -24.70 -9.63 -39.23
C ALA C 256 -23.40 -9.79 -38.45
N ARG C 257 -23.49 -9.99 -37.14
CA ARG C 257 -22.29 -10.06 -36.30
C ARG C 257 -22.00 -11.48 -35.82
N GLY C 258 -22.72 -12.45 -36.36
CA GLY C 258 -22.46 -13.84 -36.06
C GLY C 258 -23.02 -14.32 -34.71
N ALA C 259 -23.89 -13.51 -34.10
CA ALA C 259 -24.49 -13.91 -32.82
C ALA C 259 -25.68 -14.88 -32.99
N LYS C 260 -25.67 -15.94 -32.18
CA LYS C 260 -26.69 -16.98 -32.22
C LYS C 260 -27.76 -16.71 -31.17
N PRO C 261 -29.00 -16.44 -31.62
CA PRO C 261 -30.13 -16.16 -30.73
C PRO C 261 -30.52 -17.34 -29.84
N LEU C 262 -30.77 -17.05 -28.57
CA LEU C 262 -31.26 -18.04 -27.62
C LEU C 262 -32.79 -18.05 -27.63
N ALA C 263 -33.38 -16.96 -28.12
CA ALA C 263 -34.82 -16.85 -28.20
C ALA C 263 -35.23 -15.58 -28.91
N ARG C 264 -36.54 -15.42 -29.04
CA ARG C 264 -37.14 -14.24 -29.65
C ARG C 264 -37.97 -13.47 -28.61
N LEU C 265 -37.91 -12.14 -28.68
CA LEU C 265 -38.77 -11.28 -27.89
C LEU C 265 -39.82 -10.69 -28.82
N LEU C 266 -41.04 -11.21 -28.72
CA LEU C 266 -42.06 -11.02 -29.75
C LEU C 266 -43.04 -9.87 -29.49
N GLY C 267 -43.39 -9.66 -28.22
CA GLY C 267 -44.38 -8.66 -27.90
C GLY C 267 -44.31 -8.30 -26.43
N ALA C 268 -45.00 -7.23 -26.05
CA ALA C 268 -44.93 -6.72 -24.69
C ALA C 268 -46.21 -5.96 -24.34
N GLY C 269 -46.79 -6.28 -23.19
CA GLY C 269 -48.04 -5.67 -22.79
C GLY C 269 -47.94 -5.00 -21.43
N ILE C 270 -48.30 -3.72 -21.38
CA ILE C 270 -48.32 -2.96 -20.14
C ILE C 270 -49.70 -2.37 -19.91
N THR C 271 -50.32 -2.73 -18.79
CA THR C 271 -51.56 -2.10 -18.35
C THR C 271 -51.49 -1.78 -16.85
N SER C 272 -52.64 -1.42 -16.28
CA SER C 272 -52.70 -1.04 -14.88
C SER C 272 -54.06 -1.41 -14.30
N ASP C 273 -54.13 -1.50 -12.97
CA ASP C 273 -55.31 -2.00 -12.27
C ASP C 273 -56.32 -0.91 -11.91
N ALA C 274 -55.82 0.28 -11.53
CA ALA C 274 -56.63 1.28 -10.84
C ALA C 274 -57.54 0.59 -9.83
N PHE C 275 -56.93 0.03 -8.78
CA PHE C 275 -57.67 -0.76 -7.80
C PHE C 275 -57.23 -0.49 -6.37
N HIS C 276 -55.96 -0.76 -6.08
CA HIS C 276 -55.40 -0.59 -4.74
C HIS C 276 -53.93 -0.20 -4.89
N MET C 277 -53.36 0.42 -3.87
CA MET C 277 -51.97 0.82 -3.91
C MET C 277 -50.99 -0.37 -3.85
N VAL C 278 -51.42 -1.47 -3.22
CA VAL C 278 -50.55 -2.62 -3.02
C VAL C 278 -51.23 -3.98 -3.26
N ALA C 279 -52.56 -4.00 -3.26
CA ALA C 279 -53.28 -5.24 -3.59
C ALA C 279 -53.71 -5.27 -5.06
N PRO C 280 -53.53 -6.43 -5.70
CA PRO C 280 -53.99 -6.67 -7.07
C PRO C 280 -55.50 -6.84 -7.13
N ALA C 281 -56.12 -6.35 -8.19
CA ALA C 281 -57.53 -6.61 -8.43
C ALA C 281 -57.77 -8.12 -8.41
N ALA C 282 -58.84 -8.53 -7.73
CA ALA C 282 -59.11 -9.97 -7.58
C ALA C 282 -59.62 -10.63 -8.87
N ASP C 283 -60.21 -9.85 -9.76
CA ASP C 283 -60.74 -10.38 -11.01
C ASP C 283 -59.68 -10.66 -12.08
N GLY C 284 -58.46 -10.16 -11.86
CA GLY C 284 -57.34 -10.39 -12.75
C GLY C 284 -57.58 -10.00 -14.21
N VAL C 285 -58.50 -9.08 -14.43
CA VAL C 285 -58.90 -8.73 -15.79
C VAL C 285 -57.88 -7.85 -16.49
N ARG C 286 -57.39 -6.81 -15.80
CA ARG C 286 -56.46 -5.88 -16.44
C ARG C 286 -55.06 -6.49 -16.60
N ALA C 287 -54.70 -7.35 -15.66
CA ALA C 287 -53.42 -8.05 -15.73
C ALA C 287 -53.50 -9.16 -16.78
N GLY C 288 -54.65 -9.78 -16.93
CA GLY C 288 -54.87 -10.71 -18.02
C GLY C 288 -54.76 -9.99 -19.35
N ARG C 289 -55.33 -8.80 -19.41
CA ARG C 289 -55.31 -7.96 -20.61
C ARG C 289 -53.90 -7.47 -20.95
N ALA C 290 -53.00 -7.51 -19.96
CA ALA C 290 -51.60 -7.25 -20.22
C ALA C 290 -50.99 -8.45 -20.97
N MET C 291 -51.42 -9.65 -20.61
CA MET C 291 -51.00 -10.86 -21.34
C MET C 291 -51.51 -10.81 -22.77
N THR C 292 -52.80 -10.52 -22.92
CA THR C 292 -53.45 -10.36 -24.21
C THR C 292 -52.74 -9.38 -25.15
N ARG C 293 -52.35 -8.23 -24.61
CA ARG C 293 -51.74 -7.18 -25.42
C ARG C 293 -50.34 -7.53 -25.94
N SER C 294 -49.62 -8.41 -25.24
CA SER C 294 -48.34 -8.89 -25.75
C SER C 294 -48.55 -9.92 -26.88
N LEU C 295 -49.74 -10.54 -26.90
CA LEU C 295 -50.09 -11.49 -27.96
C LEU C 295 -50.62 -10.78 -29.23
N GLU C 296 -51.24 -9.61 -29.05
CA GLU C 296 -51.64 -8.79 -30.20
C GLU C 296 -50.40 -8.28 -30.92
N LEU C 297 -49.39 -7.97 -30.13
CA LEU C 297 -48.17 -7.37 -30.67
C LEU C 297 -47.25 -8.43 -31.26
N ALA C 298 -47.26 -9.61 -30.64
CA ALA C 298 -46.51 -10.75 -31.12
C ALA C 298 -47.16 -11.37 -32.37
N GLY C 299 -48.49 -11.39 -32.39
CA GLY C 299 -49.23 -12.00 -33.49
C GLY C 299 -49.77 -13.37 -33.13
N LEU C 300 -49.86 -13.64 -31.84
CA LEU C 300 -50.23 -14.95 -31.35
C LEU C 300 -51.62 -14.92 -30.74
N SER C 301 -52.26 -16.08 -30.69
CA SER C 301 -53.51 -16.27 -29.98
C SER C 301 -53.19 -16.93 -28.64
N PRO C 302 -54.15 -16.93 -27.70
CA PRO C 302 -53.93 -17.58 -26.40
C PRO C 302 -53.47 -19.03 -26.54
N ALA C 303 -54.09 -19.79 -27.44
CA ALA C 303 -53.83 -21.22 -27.60
C ALA C 303 -52.43 -21.53 -28.11
N ASP C 304 -51.76 -20.52 -28.66
CA ASP C 304 -50.37 -20.66 -29.12
C ASP C 304 -49.39 -20.65 -27.97
N ILE C 305 -49.86 -20.34 -26.77
CA ILE C 305 -48.99 -20.21 -25.61
C ILE C 305 -48.82 -21.55 -24.89
N ASP C 306 -47.58 -22.04 -24.89
CA ASP C 306 -47.26 -23.35 -24.35
C ASP C 306 -46.88 -23.31 -22.87
N HIS C 307 -46.61 -22.12 -22.35
CA HIS C 307 -45.91 -21.99 -21.08
C HIS C 307 -46.04 -20.57 -20.52
N VAL C 308 -46.38 -20.49 -19.24
CA VAL C 308 -46.42 -19.19 -18.55
C VAL C 308 -45.46 -19.23 -17.37
N ASN C 309 -44.42 -18.39 -17.41
CA ASN C 309 -43.58 -18.16 -16.22
C ASN C 309 -44.28 -17.08 -15.39
N ALA C 310 -44.86 -17.51 -14.26
CA ALA C 310 -45.77 -16.69 -13.47
C ALA C 310 -45.05 -15.82 -12.43
N HIS C 311 -45.61 -14.66 -12.17
CA HIS C 311 -45.06 -13.79 -11.14
C HIS C 311 -45.00 -14.54 -9.82
N GLY C 312 -46.07 -15.28 -9.52
CA GLY C 312 -46.16 -16.10 -8.33
C GLY C 312 -45.36 -15.69 -7.12
N THR C 313 -45.88 -14.78 -6.30
CA THR C 313 -45.16 -14.32 -5.11
C THR C 313 -45.57 -15.04 -3.82
N ALA C 314 -46.60 -15.87 -3.91
CA ALA C 314 -46.98 -16.76 -2.84
C ALA C 314 -47.72 -16.07 -1.70
N THR C 315 -48.29 -14.90 -2.00
CA THR C 315 -49.26 -14.27 -1.12
C THR C 315 -50.62 -14.84 -1.49
N PRO C 316 -51.53 -14.95 -0.52
CA PRO C 316 -52.83 -15.56 -0.80
C PRO C 316 -53.61 -14.82 -1.89
N ILE C 317 -53.68 -13.51 -1.83
CA ILE C 317 -54.45 -12.77 -2.82
C ILE C 317 -53.68 -12.53 -4.12
N GLY C 318 -52.37 -12.60 -4.04
CA GLY C 318 -51.52 -12.44 -5.22
C GLY C 318 -51.73 -13.59 -6.20
N ASP C 319 -51.45 -14.81 -5.74
CA ASP C 319 -51.54 -15.97 -6.63
C ASP C 319 -52.97 -16.22 -7.12
N ALA C 320 -53.95 -15.84 -6.31
CA ALA C 320 -55.35 -15.98 -6.68
C ALA C 320 -55.75 -14.98 -7.77
N ALA C 321 -55.29 -13.75 -7.63
CA ALA C 321 -55.52 -12.74 -8.65
C ALA C 321 -54.88 -13.20 -9.97
N GLU C 322 -53.62 -13.61 -9.88
CA GLU C 322 -52.86 -14.04 -11.06
C GLU C 322 -53.37 -15.33 -11.69
N ALA C 323 -54.06 -16.17 -10.93
CA ALA C 323 -54.69 -17.35 -11.51
C ALA C 323 -55.82 -16.90 -12.42
N ASN C 324 -56.68 -16.03 -11.90
CA ASN C 324 -57.73 -15.43 -12.70
C ASN C 324 -57.19 -14.70 -13.93
N ALA C 325 -56.14 -13.90 -13.72
CA ALA C 325 -55.50 -13.15 -14.81
C ALA C 325 -55.12 -14.05 -15.98
N ILE C 326 -54.63 -15.24 -15.67
CA ILE C 326 -54.22 -16.19 -16.68
C ILE C 326 -55.41 -16.86 -17.38
N ARG C 327 -56.53 -16.96 -16.67
CA ARG C 327 -57.76 -17.46 -17.26
C ARG C 327 -58.35 -16.44 -18.22
N VAL C 328 -58.49 -15.20 -17.73
CA VAL C 328 -58.90 -14.07 -18.57
C VAL C 328 -58.12 -14.05 -19.88
N ALA C 329 -56.80 -14.25 -19.78
CA ALA C 329 -55.93 -14.24 -20.95
C ALA C 329 -56.13 -15.46 -21.87
N GLY C 330 -56.82 -16.49 -21.36
CA GLY C 330 -57.02 -17.71 -22.10
C GLY C 330 -55.74 -18.53 -22.14
N CYS C 331 -54.95 -18.40 -21.08
CA CYS C 331 -53.67 -19.07 -20.99
C CYS C 331 -53.62 -20.12 -19.88
N ASP C 332 -54.76 -20.43 -19.26
CA ASP C 332 -54.81 -21.35 -18.13
C ASP C 332 -54.53 -22.81 -18.50
N GLN C 333 -54.33 -23.08 -19.77
CA GLN C 333 -53.96 -24.43 -20.17
C GLN C 333 -52.46 -24.58 -20.40
N ALA C 334 -51.75 -23.46 -20.24
CA ALA C 334 -50.29 -23.44 -20.33
C ALA C 334 -49.66 -24.15 -19.14
N ALA C 335 -48.46 -24.70 -19.35
CA ALA C 335 -47.64 -25.21 -18.27
C ALA C 335 -47.08 -24.02 -17.50
N VAL C 336 -47.36 -23.98 -16.20
CA VAL C 336 -47.00 -22.83 -15.38
C VAL C 336 -45.82 -23.08 -14.43
N TYR C 337 -44.89 -22.12 -14.43
CA TYR C 337 -43.74 -22.17 -13.54
C TYR C 337 -43.76 -20.93 -12.66
N ALA C 338 -43.27 -21.07 -11.43
CA ALA C 338 -43.23 -19.97 -10.49
C ALA C 338 -41.92 -20.07 -9.70
N PRO C 339 -40.85 -19.48 -10.25
CA PRO C 339 -39.45 -19.52 -9.80
C PRO C 339 -39.14 -18.80 -8.48
N LYS C 340 -40.10 -18.07 -7.93
CA LYS C 340 -39.90 -17.48 -6.60
C LYS C 340 -39.97 -18.59 -5.55
N SER C 341 -40.48 -19.75 -5.95
CA SER C 341 -40.47 -20.95 -5.13
C SER C 341 -39.05 -21.33 -4.72
N ALA C 342 -38.09 -21.05 -5.60
CA ALA C 342 -36.72 -21.47 -5.41
C ALA C 342 -35.73 -20.31 -5.28
N LEU C 343 -35.97 -19.22 -6.01
CA LEU C 343 -35.03 -18.09 -6.02
C LEU C 343 -35.50 -16.88 -5.24
N GLY C 344 -36.75 -16.91 -4.78
CA GLY C 344 -37.29 -15.81 -4.01
C GLY C 344 -37.59 -14.57 -4.82
N HIS C 345 -37.95 -13.49 -4.12
CA HIS C 345 -38.39 -12.24 -4.74
C HIS C 345 -37.33 -11.15 -4.65
N SER C 346 -36.90 -10.61 -5.79
CA SER C 346 -35.89 -9.55 -5.81
C SER C 346 -36.44 -8.22 -6.29
N ILE C 347 -37.75 -8.02 -6.14
CA ILE C 347 -38.41 -6.75 -6.42
C ILE C 347 -38.03 -6.18 -7.79
N GLY C 348 -37.30 -5.07 -7.81
CA GLY C 348 -36.94 -4.41 -9.06
C GLY C 348 -36.18 -5.26 -10.06
N ALA C 349 -35.55 -6.32 -9.57
CA ALA C 349 -34.76 -7.19 -10.45
C ALA C 349 -35.49 -8.45 -10.93
N VAL C 350 -36.59 -8.81 -10.28
CA VAL C 350 -37.17 -10.15 -10.47
C VAL C 350 -37.78 -10.41 -11.85
N GLY C 351 -38.36 -9.39 -12.46
CA GLY C 351 -38.98 -9.52 -13.77
C GLY C 351 -37.99 -9.80 -14.89
N ALA C 352 -36.79 -9.26 -14.73
CA ALA C 352 -35.69 -9.52 -15.64
C ALA C 352 -35.20 -10.94 -15.45
N LEU C 353 -35.05 -11.34 -14.19
CA LEU C 353 -34.54 -12.65 -13.83
C LEU C 353 -35.45 -13.71 -14.42
N GLU C 354 -36.75 -13.51 -14.27
CA GLU C 354 -37.73 -14.49 -14.72
C GLU C 354 -37.96 -14.39 -16.23
N SER C 355 -37.58 -13.27 -16.82
CA SER C 355 -37.51 -13.15 -18.29
C SER C 355 -36.38 -14.02 -18.82
N VAL C 356 -35.24 -14.00 -18.14
CA VAL C 356 -34.13 -14.86 -18.51
C VAL C 356 -34.51 -16.34 -18.39
N LEU C 357 -35.21 -16.68 -17.31
CA LEU C 357 -35.64 -18.06 -17.07
C LEU C 357 -36.60 -18.53 -18.17
N THR C 358 -37.48 -17.64 -18.62
CA THR C 358 -38.43 -17.94 -19.67
C THR C 358 -37.72 -18.28 -20.98
N VAL C 359 -36.67 -17.52 -21.28
CA VAL C 359 -35.85 -17.78 -22.46
C VAL C 359 -35.11 -19.11 -22.36
N LEU C 360 -34.55 -19.38 -21.19
CA LEU C 360 -33.88 -20.65 -20.96
C LEU C 360 -34.85 -21.81 -21.18
N THR C 361 -36.10 -21.61 -20.77
CA THR C 361 -37.12 -22.65 -20.95
C THR C 361 -37.40 -22.98 -22.42
N LEU C 362 -37.46 -21.96 -23.26
CA LEU C 362 -37.73 -22.17 -24.68
C LEU C 362 -36.51 -22.76 -25.39
N ARG C 363 -35.32 -22.31 -25.01
CA ARG C 363 -34.07 -22.82 -25.57
C ARG C 363 -33.91 -24.32 -25.30
N ASP C 364 -34.24 -24.73 -24.09
CA ASP C 364 -33.98 -26.09 -23.63
C ASP C 364 -35.16 -27.07 -23.73
N GLY C 365 -36.36 -26.53 -23.93
CA GLY C 365 -37.57 -27.35 -23.95
C GLY C 365 -37.80 -28.03 -22.62
N VAL C 366 -37.65 -27.27 -21.54
CA VAL C 366 -37.84 -27.83 -20.21
C VAL C 366 -38.20 -26.76 -19.18
N ILE C 367 -39.16 -27.09 -18.32
CA ILE C 367 -39.57 -26.23 -17.22
C ILE C 367 -39.19 -26.92 -15.90
N PRO C 368 -38.49 -26.19 -15.00
CA PRO C 368 -38.13 -26.75 -13.69
C PRO C 368 -39.35 -26.90 -12.76
N PRO C 369 -39.26 -27.81 -11.77
CA PRO C 369 -40.32 -28.01 -10.78
C PRO C 369 -40.55 -26.77 -9.91
N THR C 370 -41.78 -26.35 -9.75
CA THR C 370 -42.11 -25.29 -8.81
C THR C 370 -41.97 -25.87 -7.42
N LEU C 371 -40.94 -25.46 -6.69
CA LEU C 371 -40.70 -25.98 -5.36
C LEU C 371 -41.90 -25.76 -4.44
N ASN C 372 -42.11 -26.70 -3.51
CA ASN C 372 -43.08 -26.55 -2.42
C ASN C 372 -44.56 -26.61 -2.80
N TYR C 373 -44.84 -27.01 -4.03
CA TYR C 373 -46.21 -27.11 -4.51
C TYR C 373 -46.70 -28.54 -4.23
N GLU C 374 -47.40 -28.70 -3.11
CA GLU C 374 -47.71 -30.02 -2.55
C GLU C 374 -49.21 -30.20 -2.28
N THR C 375 -49.93 -29.10 -2.21
CA THR C 375 -51.38 -29.17 -2.05
C THR C 375 -52.04 -28.20 -3.00
N PRO C 376 -52.53 -28.71 -4.13
CA PRO C 376 -53.26 -27.89 -5.10
C PRO C 376 -54.39 -27.12 -4.45
N ASP C 377 -54.58 -25.88 -4.91
CA ASP C 377 -55.58 -24.98 -4.40
C ASP C 377 -56.76 -24.97 -5.38
N PRO C 378 -57.98 -25.23 -4.87
CA PRO C 378 -59.18 -25.36 -5.72
C PRO C 378 -59.39 -24.16 -6.64
N GLU C 379 -59.20 -22.97 -6.08
CA GLU C 379 -59.41 -21.72 -6.81
C GLU C 379 -58.34 -21.44 -7.86
N ILE C 380 -57.12 -21.87 -7.59
CA ILE C 380 -56.01 -21.66 -8.53
C ILE C 380 -56.23 -22.43 -9.81
N ASP C 381 -56.28 -23.75 -9.70
CA ASP C 381 -56.64 -24.58 -10.83
C ASP C 381 -55.80 -24.24 -12.07
N LEU C 382 -54.49 -24.33 -11.91
CA LEU C 382 -53.54 -24.11 -12.98
C LEU C 382 -52.64 -25.34 -13.09
N ASP C 383 -52.05 -25.54 -14.27
CA ASP C 383 -51.08 -26.61 -14.45
C ASP C 383 -49.71 -26.16 -13.96
N VAL C 384 -49.56 -26.10 -12.64
CA VAL C 384 -48.30 -25.72 -12.02
C VAL C 384 -47.36 -26.93 -12.00
N VAL C 385 -46.18 -26.76 -12.60
CA VAL C 385 -45.17 -27.81 -12.68
C VAL C 385 -44.48 -28.02 -11.34
N ALA C 386 -44.56 -29.24 -10.83
CA ALA C 386 -43.96 -29.57 -9.55
C ALA C 386 -43.34 -30.98 -9.55
N GLY C 387 -42.45 -31.24 -8.60
CA GLY C 387 -41.89 -32.56 -8.42
C GLY C 387 -40.70 -32.83 -9.31
N GLU C 388 -40.94 -32.89 -10.61
CA GLU C 388 -39.90 -33.17 -11.59
C GLU C 388 -39.95 -32.16 -12.74
N PRO C 389 -38.80 -31.93 -13.40
CA PRO C 389 -38.85 -31.05 -14.57
C PRO C 389 -39.90 -31.50 -15.59
N ARG C 390 -40.37 -30.58 -16.41
CA ARG C 390 -41.29 -30.99 -17.46
C ARG C 390 -40.81 -30.63 -18.85
N TYR C 391 -40.68 -31.65 -19.67
CA TYR C 391 -40.16 -31.49 -21.02
C TYR C 391 -41.32 -31.30 -21.98
N GLY C 392 -41.05 -30.61 -23.08
CA GLY C 392 -42.08 -30.32 -24.05
C GLY C 392 -41.51 -29.44 -25.14
N ASP C 393 -42.19 -29.46 -26.29
CA ASP C 393 -41.78 -28.66 -27.43
C ASP C 393 -42.37 -27.26 -27.23
N TYR C 394 -41.74 -26.51 -26.32
CA TYR C 394 -42.24 -25.16 -26.00
C TYR C 394 -41.88 -24.16 -27.08
N ARG C 395 -42.93 -23.62 -27.72
CA ARG C 395 -42.80 -22.74 -28.86
C ARG C 395 -42.88 -21.27 -28.45
N TYR C 396 -43.95 -20.95 -27.72
CA TYR C 396 -44.24 -19.58 -27.28
C TYR C 396 -44.64 -19.56 -25.81
N ALA C 397 -44.20 -18.52 -25.11
CA ALA C 397 -44.44 -18.40 -23.68
C ALA C 397 -44.68 -16.95 -23.30
N VAL C 398 -45.26 -16.74 -22.12
CA VAL C 398 -45.45 -15.41 -21.58
C VAL C 398 -44.79 -15.33 -20.21
N ASN C 399 -44.08 -14.23 -19.96
CA ASN C 399 -43.55 -13.95 -18.63
C ASN C 399 -44.38 -12.87 -17.96
N ASN C 400 -44.94 -13.19 -16.80
CA ASN C 400 -45.82 -12.28 -16.06
C ASN C 400 -45.09 -11.48 -14.98
N SER C 401 -45.43 -10.21 -14.83
CA SER C 401 -44.87 -9.39 -13.75
C SER C 401 -45.84 -8.31 -13.28
N PHE C 402 -46.05 -8.26 -11.96
CA PHE C 402 -46.98 -7.31 -11.37
C PHE C 402 -46.37 -6.47 -10.25
N GLY C 403 -46.71 -5.19 -10.22
CA GLY C 403 -46.11 -4.28 -9.28
C GLY C 403 -47.09 -3.54 -8.41
N PHE C 404 -46.74 -3.38 -7.13
CA PHE C 404 -47.47 -2.48 -6.24
C PHE C 404 -47.70 -1.17 -7.00
N GLY C 405 -48.90 -0.61 -6.86
CA GLY C 405 -49.31 0.53 -7.64
C GLY C 405 -50.29 0.12 -8.71
N GLY C 406 -50.42 -1.20 -8.89
CA GLY C 406 -51.33 -1.77 -9.87
C GLY C 406 -50.73 -2.01 -11.25
N HIS C 407 -49.42 -2.26 -11.32
CA HIS C 407 -48.74 -2.35 -12.61
C HIS C 407 -48.71 -3.77 -13.20
N ASN C 408 -49.08 -3.88 -14.48
CA ASN C 408 -49.11 -5.17 -15.16
C ASN C 408 -48.23 -5.20 -16.41
N VAL C 409 -47.20 -6.04 -16.39
CA VAL C 409 -46.34 -6.22 -17.55
C VAL C 409 -46.32 -7.69 -17.99
N ALA C 410 -46.56 -7.92 -19.28
CA ALA C 410 -46.46 -9.26 -19.85
C ALA C 410 -45.50 -9.25 -21.05
N LEU C 411 -44.50 -10.12 -21.00
CA LEU C 411 -43.57 -10.29 -22.12
C LEU C 411 -43.81 -11.62 -22.84
N ALA C 412 -44.16 -11.54 -24.12
CA ALA C 412 -44.33 -12.74 -24.95
C ALA C 412 -43.00 -13.16 -25.62
N PHE C 413 -42.49 -14.34 -25.23
CA PHE C 413 -41.26 -14.89 -25.80
C PHE C 413 -41.56 -16.09 -26.70
N GLY C 414 -40.63 -16.40 -27.59
CA GLY C 414 -40.78 -17.52 -28.51
C GLY C 414 -39.48 -18.26 -28.71
N ARG C 415 -39.57 -19.55 -29.04
CA ARG C 415 -38.39 -20.36 -29.32
C ARG C 415 -37.76 -19.94 -30.63
N TYR C 416 -36.45 -19.80 -30.65
CA TYR C 416 -35.75 -19.42 -31.87
C TYR C 416 -35.74 -20.56 -32.89
N SER D 2 -40.45 3.84 -46.52
CA SER D 2 -40.85 5.00 -45.74
C SER D 2 -41.24 4.61 -44.32
N GLN D 3 -40.88 5.46 -43.35
CA GLN D 3 -41.17 5.19 -41.95
C GLN D 3 -42.25 6.16 -41.45
N PRO D 4 -42.98 5.75 -40.39
CA PRO D 4 -44.06 6.60 -39.86
C PRO D 4 -43.59 7.99 -39.42
N SER D 5 -44.50 8.95 -39.50
CA SER D 5 -44.32 10.25 -38.89
C SER D 5 -45.72 10.78 -38.65
N THR D 6 -45.84 11.81 -37.83
CA THR D 6 -47.14 12.41 -37.59
C THR D 6 -47.65 13.08 -38.87
N ALA D 7 -46.76 13.80 -39.56
CA ALA D 7 -47.15 14.59 -40.74
C ALA D 7 -47.70 13.74 -41.89
N ASN D 8 -47.13 12.55 -42.06
CA ASN D 8 -47.44 11.72 -43.21
C ASN D 8 -48.53 10.69 -42.88
N GLY D 9 -49.13 10.84 -41.71
CA GLY D 9 -50.28 10.03 -41.34
C GLY D 9 -49.93 8.72 -40.66
N GLY D 10 -48.65 8.37 -40.65
CA GLY D 10 -48.19 7.12 -40.07
C GLY D 10 -48.54 6.94 -38.61
N PHE D 11 -48.43 8.03 -37.84
CA PHE D 11 -48.85 8.05 -36.44
C PHE D 11 -50.20 8.77 -36.32
N PRO D 12 -51.02 8.34 -35.37
CA PRO D 12 -52.26 9.05 -34.99
C PRO D 12 -51.98 10.50 -34.56
N SER D 13 -52.94 11.40 -34.82
CA SER D 13 -52.80 12.78 -34.39
C SER D 13 -53.03 12.90 -32.89
N VAL D 14 -52.08 13.51 -32.20
CA VAL D 14 -52.20 13.70 -30.76
C VAL D 14 -52.27 15.20 -30.46
N VAL D 15 -53.28 15.57 -29.68
CA VAL D 15 -53.48 16.97 -29.30
C VAL D 15 -53.42 17.11 -27.78
N VAL D 16 -52.94 18.26 -27.31
CA VAL D 16 -53.03 18.61 -25.89
C VAL D 16 -54.37 19.29 -25.63
N THR D 17 -55.15 18.74 -24.70
CA THR D 17 -56.51 19.22 -24.48
C THR D 17 -56.69 19.98 -23.16
N ALA D 18 -55.70 19.87 -22.28
CA ALA D 18 -55.74 20.52 -20.97
C ALA D 18 -54.35 20.56 -20.34
N VAL D 19 -54.14 21.55 -19.47
CA VAL D 19 -52.88 21.66 -18.73
C VAL D 19 -53.12 22.16 -17.32
N THR D 20 -52.31 21.67 -16.38
CA THR D 20 -52.33 22.15 -15.01
C THR D 20 -50.91 22.27 -14.47
N ALA D 21 -50.67 23.27 -13.62
CA ALA D 21 -49.33 23.51 -13.10
C ALA D 21 -49.35 24.32 -11.82
N THR D 22 -48.45 24.00 -10.90
CA THR D 22 -48.26 24.78 -9.69
C THR D 22 -46.81 25.25 -9.58
N THR D 23 -46.61 26.55 -9.37
CA THR D 23 -45.26 27.12 -9.37
C THR D 23 -45.02 28.10 -8.22
N SER D 24 -43.81 28.62 -8.16
CA SER D 24 -43.45 29.62 -7.16
C SER D 24 -44.09 30.97 -7.44
N ILE D 25 -44.70 31.09 -8.63
CA ILE D 25 -45.41 32.31 -9.00
C ILE D 25 -46.91 32.25 -8.64
N SER D 26 -47.56 31.15 -8.99
CA SER D 26 -48.99 30.98 -8.77
C SER D 26 -49.34 29.49 -8.76
N PRO D 27 -50.49 29.14 -8.17
CA PRO D 27 -51.01 27.77 -8.16
C PRO D 27 -51.74 27.41 -9.45
N ASP D 28 -51.88 28.40 -10.33
CA ASP D 28 -52.70 28.27 -11.54
C ASP D 28 -51.81 28.58 -12.75
N ILE D 29 -51.91 27.78 -13.80
CA ILE D 29 -51.02 27.94 -14.96
C ILE D 29 -51.23 29.24 -15.74
N GLU D 30 -52.48 29.67 -15.85
CA GLU D 30 -52.80 30.93 -16.52
C GLU D 30 -52.26 32.14 -15.76
N SER D 31 -52.23 32.06 -14.43
CA SER D 31 -51.72 33.15 -13.60
C SER D 31 -50.20 33.21 -13.64
N THR D 32 -49.59 32.04 -13.51
CA THR D 32 -48.16 31.86 -13.75
C THR D 32 -47.77 32.34 -15.16
N TRP D 33 -48.61 32.01 -16.14
CA TRP D 33 -48.33 32.39 -17.52
C TRP D 33 -48.36 33.90 -17.73
N LYS D 34 -49.35 34.55 -17.14
CA LYS D 34 -49.45 36.01 -17.21
C LYS D 34 -48.32 36.69 -16.43
N GLY D 35 -47.84 36.03 -15.39
CA GLY D 35 -46.76 36.56 -14.56
C GLY D 35 -45.42 36.49 -15.26
N LEU D 36 -45.16 35.40 -15.96
CA LEU D 36 -43.98 35.27 -16.81
C LEU D 36 -43.96 36.36 -17.85
N LEU D 37 -45.13 36.65 -18.42
CA LEU D 37 -45.26 37.65 -19.46
C LEU D 37 -45.08 39.05 -18.90
N ALA D 38 -45.37 39.21 -17.61
CA ALA D 38 -45.24 40.50 -16.95
C ALA D 38 -43.82 40.67 -16.39
N GLY D 39 -42.95 39.70 -16.68
CA GLY D 39 -41.55 39.78 -16.30
C GLY D 39 -41.28 39.47 -14.84
N GLU D 40 -42.18 38.72 -14.21
CA GLU D 40 -42.05 38.36 -12.81
C GLU D 40 -41.08 37.22 -12.59
N SER D 41 -40.44 37.22 -11.43
CA SER D 41 -39.66 36.08 -10.94
C SER D 41 -40.36 35.49 -9.71
N GLY D 42 -40.31 34.16 -9.59
CA GLY D 42 -40.89 33.47 -8.44
C GLY D 42 -39.82 33.11 -7.42
N ILE D 43 -38.61 33.56 -7.68
CA ILE D 43 -37.45 33.25 -6.84
C ILE D 43 -37.27 34.33 -5.79
N HIS D 44 -36.98 33.93 -4.55
CA HIS D 44 -36.88 34.85 -3.45
C HIS D 44 -35.80 34.39 -2.50
N ALA D 45 -35.80 34.94 -1.28
CA ALA D 45 -34.89 34.49 -0.24
C ALA D 45 -35.58 33.37 0.55
N LEU D 46 -34.79 32.40 1.00
CA LEU D 46 -35.32 31.32 1.80
C LEU D 46 -35.39 31.73 3.27
N GLU D 47 -36.59 31.65 3.84
CA GLU D 47 -36.83 32.07 5.21
C GLU D 47 -36.93 30.84 6.10
N ASP D 48 -36.76 29.67 5.51
CA ASP D 48 -36.74 28.44 6.28
C ASP D 48 -35.64 28.57 7.31
N GLU D 49 -35.92 28.23 8.56
CA GLU D 49 -34.90 28.37 9.57
C GLU D 49 -33.87 27.26 9.50
N PHE D 50 -34.01 26.39 8.49
CA PHE D 50 -33.01 25.36 8.23
C PHE D 50 -31.82 25.90 7.44
N VAL D 51 -31.93 27.13 6.95
CA VAL D 51 -30.80 27.76 6.26
C VAL D 51 -29.85 28.42 7.26
N THR D 52 -30.38 28.89 8.38
CA THR D 52 -29.53 29.38 9.47
C THR D 52 -29.13 28.23 10.38
N LYS D 53 -30.02 27.25 10.51
CA LYS D 53 -29.76 26.06 11.29
C LYS D 53 -28.54 25.33 10.74
N TRP D 54 -28.39 25.37 9.41
CA TRP D 54 -27.29 24.69 8.76
C TRP D 54 -26.28 25.66 8.15
N ASP D 55 -26.64 26.93 8.10
CA ASP D 55 -25.87 27.91 7.34
C ASP D 55 -25.54 27.37 5.95
N LEU D 56 -26.58 27.13 5.16
CA LEU D 56 -26.40 26.61 3.82
C LEU D 56 -25.75 27.67 2.94
N ALA D 57 -24.91 27.22 2.00
CA ALA D 57 -24.26 28.13 1.07
C ALA D 57 -25.26 28.78 0.11
N VAL D 58 -26.35 28.06 -0.17
CA VAL D 58 -27.46 28.60 -0.96
C VAL D 58 -28.58 29.04 -0.01
N LYS D 59 -28.98 30.31 -0.11
CA LYS D 59 -30.00 30.86 0.78
C LYS D 59 -31.14 31.47 -0.02
N ILE D 60 -31.22 31.08 -1.29
CA ILE D 60 -32.27 31.55 -2.17
C ILE D 60 -32.96 30.37 -2.84
N GLY D 61 -34.19 30.61 -3.29
CA GLY D 61 -34.95 29.59 -3.99
C GLY D 61 -36.39 30.06 -4.12
N GLY D 62 -37.19 29.30 -4.87
CA GLY D 62 -38.60 29.60 -4.98
C GLY D 62 -39.45 28.48 -4.41
N HIS D 63 -40.06 28.72 -3.26
CA HIS D 63 -41.13 27.87 -2.74
C HIS D 63 -42.40 28.09 -3.57
N LEU D 64 -43.23 27.06 -3.70
CA LEU D 64 -44.56 27.20 -4.29
C LEU D 64 -45.30 28.41 -3.72
N LYS D 65 -46.04 29.12 -4.55
CA LYS D 65 -46.85 30.23 -4.05
C LYS D 65 -47.97 29.68 -3.17
N ASP D 66 -48.59 28.61 -3.64
CA ASP D 66 -49.58 27.90 -2.86
C ASP D 66 -49.02 26.55 -2.42
N PRO D 67 -48.75 26.38 -1.11
CA PRO D 67 -48.23 25.11 -0.58
C PRO D 67 -49.19 23.95 -0.81
N VAL D 68 -48.68 22.86 -1.37
CA VAL D 68 -49.51 21.69 -1.66
C VAL D 68 -50.22 21.20 -0.40
N ASP D 69 -49.59 21.35 0.76
CA ASP D 69 -50.11 20.77 2.00
C ASP D 69 -51.21 21.61 2.64
N SER D 70 -51.35 22.85 2.21
CA SER D 70 -52.45 23.67 2.71
C SER D 70 -53.77 23.14 2.12
N HIS D 71 -53.65 22.10 1.30
CA HIS D 71 -54.77 21.47 0.63
C HIS D 71 -55.00 20.04 1.09
N MET D 72 -54.21 19.58 2.05
CA MET D 72 -54.28 18.19 2.50
C MET D 72 -54.74 18.04 3.94
N GLY D 73 -55.71 17.15 4.15
CA GLY D 73 -56.23 16.88 5.49
C GLY D 73 -55.36 15.87 6.20
N ARG D 74 -55.64 15.62 7.49
CA ARG D 74 -54.77 14.78 8.31
C ARG D 74 -54.61 13.41 7.70
N LEU D 75 -55.64 12.99 6.97
CA LEU D 75 -55.68 11.65 6.39
C LEU D 75 -54.69 11.56 5.23
N ASP D 76 -54.68 12.59 4.39
CA ASP D 76 -53.73 12.69 3.28
C ASP D 76 -52.30 12.90 3.76
N MET D 77 -52.16 13.53 4.92
CA MET D 77 -50.84 13.82 5.46
C MET D 77 -50.16 12.56 5.99
N ARG D 78 -50.95 11.53 6.27
CA ARG D 78 -50.39 10.31 6.82
C ARG D 78 -50.43 9.10 5.87
N ARG D 79 -51.10 9.24 4.74
CA ARG D 79 -51.22 8.09 3.83
C ARG D 79 -50.47 8.30 2.51
N MET D 80 -49.98 9.51 2.29
CA MET D 80 -49.21 9.84 1.10
C MET D 80 -47.96 10.63 1.42
N SER D 81 -46.89 10.32 0.69
CA SER D 81 -45.67 11.11 0.73
C SER D 81 -45.91 12.39 -0.07
N TYR D 82 -44.99 13.35 0.04
CA TYR D 82 -45.20 14.67 -0.55
C TYR D 82 -45.55 14.65 -2.04
N VAL D 83 -44.74 13.95 -2.84
CA VAL D 83 -45.00 13.83 -4.28
C VAL D 83 -46.38 13.27 -4.57
N GLN D 84 -46.74 12.20 -3.85
CA GLN D 84 -48.09 11.63 -3.93
C GLN D 84 -49.16 12.69 -3.68
N ARG D 85 -48.94 13.52 -2.66
CA ARG D 85 -49.92 14.56 -2.34
C ARG D 85 -49.99 15.59 -3.45
N MET D 86 -48.82 15.95 -3.99
CA MET D 86 -48.74 16.87 -5.12
C MET D 86 -49.51 16.37 -6.34
N GLY D 87 -49.30 15.09 -6.68
CA GLY D 87 -49.95 14.49 -7.83
C GLY D 87 -51.45 14.44 -7.71
N LYS D 88 -51.92 14.06 -6.53
CA LYS D 88 -53.35 13.98 -6.26
C LYS D 88 -53.99 15.34 -6.48
N LEU D 89 -53.34 16.38 -5.95
CA LEU D 89 -53.82 17.73 -6.06
C LEU D 89 -53.91 18.17 -7.51
N LEU D 90 -52.81 18.03 -8.23
CA LEU D 90 -52.72 18.44 -9.62
C LEU D 90 -53.59 17.56 -10.52
N GLY D 91 -53.63 16.28 -10.21
CA GLY D 91 -54.46 15.34 -10.95
C GLY D 91 -55.93 15.73 -10.94
N GLY D 92 -56.45 16.06 -9.77
CA GLY D 92 -57.84 16.46 -9.63
C GLY D 92 -58.13 17.78 -10.32
N GLN D 93 -57.17 18.71 -10.23
CA GLN D 93 -57.31 20.02 -10.85
C GLN D 93 -57.26 19.93 -12.36
N LEU D 94 -56.49 18.97 -12.87
CA LEU D 94 -56.41 18.74 -14.29
C LEU D 94 -57.75 18.21 -14.81
N TRP D 95 -58.21 17.10 -14.24
CA TRP D 95 -59.42 16.46 -14.72
C TRP D 95 -60.60 17.44 -14.81
N GLU D 96 -60.75 18.26 -13.77
CA GLU D 96 -61.80 19.27 -13.75
C GLU D 96 -61.59 20.32 -14.84
N SER D 97 -60.35 20.77 -15.02
CA SER D 97 -60.01 21.66 -16.14
C SER D 97 -60.31 21.03 -17.49
N ALA D 98 -60.28 19.70 -17.54
CA ALA D 98 -60.66 18.97 -18.73
C ALA D 98 -62.18 18.76 -18.79
N GLY D 99 -62.88 19.29 -17.80
CA GLY D 99 -64.33 19.13 -17.73
C GLY D 99 -64.75 17.76 -17.25
N SER D 100 -63.84 17.07 -16.55
CA SER D 100 -64.12 15.74 -16.02
C SER D 100 -64.66 14.82 -17.11
N PRO D 101 -63.81 14.44 -18.07
CA PRO D 101 -64.25 13.53 -19.14
C PRO D 101 -64.66 12.15 -18.61
N GLU D 102 -65.53 11.48 -19.36
CA GLU D 102 -65.92 10.11 -19.08
C GLU D 102 -65.28 9.24 -20.15
N VAL D 103 -64.05 8.81 -19.93
CA VAL D 103 -63.33 8.03 -20.93
C VAL D 103 -63.30 6.54 -20.62
N ASP D 104 -63.02 5.74 -21.63
CA ASP D 104 -62.80 4.31 -21.47
C ASP D 104 -61.57 4.12 -20.58
N PRO D 105 -61.77 3.59 -19.37
CA PRO D 105 -60.64 3.44 -18.45
C PRO D 105 -59.59 2.51 -19.06
N ASP D 106 -60.05 1.61 -19.93
CA ASP D 106 -59.18 0.62 -20.53
C ASP D 106 -58.34 1.23 -21.64
N ARG D 107 -58.66 2.47 -22.00
CA ARG D 107 -57.91 3.23 -23.00
C ARG D 107 -57.24 4.47 -22.40
N PHE D 108 -56.98 4.42 -21.09
CA PHE D 108 -56.52 5.57 -20.32
C PHE D 108 -55.19 5.23 -19.64
N ALA D 109 -54.13 5.96 -19.96
CA ALA D 109 -52.83 5.74 -19.34
C ALA D 109 -52.40 6.92 -18.46
N VAL D 110 -51.42 6.70 -17.60
CA VAL D 110 -50.80 7.75 -16.80
C VAL D 110 -49.29 7.60 -16.79
N VAL D 111 -48.57 8.59 -17.31
CA VAL D 111 -47.11 8.59 -17.25
C VAL D 111 -46.56 9.84 -16.54
N VAL D 112 -46.07 9.66 -15.32
CA VAL D 112 -45.63 10.78 -14.50
C VAL D 112 -44.22 10.53 -13.93
N GLY D 113 -43.27 11.39 -14.31
CA GLY D 113 -41.90 11.23 -13.88
C GLY D 113 -41.66 12.03 -12.62
N THR D 114 -40.66 11.62 -11.84
CA THR D 114 -40.26 12.33 -10.62
C THR D 114 -38.79 12.09 -10.32
N GLY D 115 -38.18 12.98 -9.55
CA GLY D 115 -36.77 12.90 -9.22
C GLY D 115 -36.34 11.63 -8.54
N LEU D 116 -36.93 11.31 -7.39
CA LEU D 116 -36.64 10.05 -6.71
C LEU D 116 -37.83 9.28 -6.12
N GLY D 117 -38.82 10.01 -5.60
CA GLY D 117 -39.97 9.38 -4.99
C GLY D 117 -40.28 10.02 -3.65
N GLY D 118 -40.94 9.27 -2.76
CA GLY D 118 -41.35 9.78 -1.45
C GLY D 118 -40.28 9.56 -0.39
N ALA D 119 -39.09 10.08 -0.66
CA ALA D 119 -37.88 9.78 0.11
C ALA D 119 -37.91 10.23 1.57
N GLU D 120 -38.83 11.12 1.90
CA GLU D 120 -38.90 11.60 3.28
C GLU D 120 -39.48 10.50 4.16
N ARG D 121 -40.19 9.58 3.53
CA ARG D 121 -40.76 8.45 4.25
C ARG D 121 -39.68 7.40 4.50
N ILE D 122 -38.60 7.45 3.71
CA ILE D 122 -37.46 6.56 3.93
C ILE D 122 -36.68 6.98 5.18
N VAL D 123 -36.31 8.26 5.22
CA VAL D 123 -35.54 8.81 6.33
C VAL D 123 -36.36 8.85 7.61
N GLU D 124 -37.68 8.92 7.47
CA GLU D 124 -38.58 8.76 8.60
C GLU D 124 -38.64 7.32 9.12
N SER D 125 -39.00 6.39 8.24
CA SER D 125 -39.11 4.97 8.61
C SER D 125 -37.83 4.47 9.25
N TYR D 126 -36.72 5.03 8.80
CA TYR D 126 -35.39 4.75 9.30
C TYR D 126 -35.30 5.17 10.76
N ASP D 127 -35.62 6.43 11.03
CA ASP D 127 -35.63 6.95 12.39
C ASP D 127 -36.57 6.20 13.33
N LEU D 128 -37.84 6.10 12.93
CA LEU D 128 -38.82 5.27 13.63
C LEU D 128 -38.25 3.92 14.07
N MET D 129 -37.51 3.28 13.20
CA MET D 129 -36.98 1.95 13.48
C MET D 129 -35.79 1.99 14.43
N ASN D 130 -34.94 3.00 14.25
CA ASN D 130 -33.79 3.19 15.12
C ASN D 130 -34.21 3.41 16.58
N ALA D 131 -35.11 4.34 16.82
CA ALA D 131 -35.63 4.58 18.17
C ALA D 131 -36.47 3.45 18.76
N GLY D 132 -37.42 2.92 17.98
CA GLY D 132 -38.39 1.99 18.54
C GLY D 132 -38.53 0.61 17.93
N GLY D 133 -37.67 0.27 16.97
CA GLY D 133 -37.71 -1.05 16.37
C GLY D 133 -38.58 -1.20 15.15
N PRO D 134 -38.63 -2.44 14.60
CA PRO D 134 -39.23 -2.85 13.32
C PRO D 134 -40.73 -2.60 13.18
N ARG D 135 -41.48 -2.75 14.27
CA ARG D 135 -42.92 -2.58 14.23
C ARG D 135 -43.35 -1.12 14.18
N LYS D 136 -42.39 -0.22 14.32
CA LYS D 136 -42.65 1.21 14.27
C LYS D 136 -42.68 1.72 12.84
N VAL D 137 -42.33 0.85 11.91
CA VAL D 137 -42.42 1.16 10.49
C VAL D 137 -43.83 0.91 9.97
N SER D 138 -44.42 1.93 9.38
CA SER D 138 -45.80 1.85 8.93
C SER D 138 -46.03 0.77 7.86
N PRO D 139 -47.18 0.08 7.93
CA PRO D 139 -47.57 -0.82 6.85
C PRO D 139 -47.87 -0.07 5.54
N LEU D 140 -47.72 1.26 5.57
CA LEU D 140 -47.91 2.09 4.37
C LEU D 140 -46.58 2.60 3.82
N ALA D 141 -45.51 2.40 4.57
CA ALA D 141 -44.20 2.95 4.24
C ALA D 141 -43.77 2.66 2.80
N VAL D 142 -43.92 1.43 2.36
CA VAL D 142 -43.50 1.00 1.03
C VAL D 142 -44.27 1.70 -0.10
N GLN D 143 -45.59 1.79 0.02
CA GLN D 143 -46.40 2.42 -1.03
C GLN D 143 -46.27 3.95 -1.09
N MET D 144 -45.78 4.56 0.00
CA MET D 144 -45.49 5.99 0.01
C MET D 144 -44.10 6.28 -0.54
N ILE D 145 -43.18 5.35 -0.27
CA ILE D 145 -41.79 5.49 -0.65
C ILE D 145 -41.55 5.20 -2.13
N MET D 146 -42.14 4.13 -2.64
CA MET D 146 -41.82 3.68 -3.99
C MET D 146 -41.92 4.84 -4.96
N PRO D 147 -40.95 4.96 -5.88
CA PRO D 147 -40.86 6.08 -6.83
C PRO D 147 -42.05 6.13 -7.79
N ASN D 148 -42.67 4.99 -8.04
CA ASN D 148 -43.90 4.91 -8.85
C ASN D 148 -45.19 5.33 -8.10
N GLY D 149 -45.06 5.68 -6.83
CA GLY D 149 -46.21 6.02 -5.99
C GLY D 149 -47.03 7.21 -6.47
N ALA D 150 -46.37 8.29 -6.86
CA ALA D 150 -47.05 9.46 -7.37
C ALA D 150 -47.90 9.13 -8.60
N ALA D 151 -47.30 8.45 -9.57
CA ALA D 151 -48.00 8.01 -10.78
C ALA D 151 -49.10 7.01 -10.45
N ALA D 152 -48.84 6.16 -9.46
CA ALA D 152 -49.78 5.15 -9.03
C ALA D 152 -51.04 5.76 -8.42
N VAL D 153 -50.87 6.76 -7.56
CA VAL D 153 -51.98 7.49 -6.94
C VAL D 153 -52.90 8.17 -7.97
N ILE D 154 -52.30 8.84 -8.94
CA ILE D 154 -53.04 9.53 -10.00
C ILE D 154 -53.82 8.50 -10.83
N GLY D 155 -53.15 7.43 -11.21
CA GLY D 155 -53.81 6.37 -11.96
C GLY D 155 -55.02 5.83 -11.23
N LEU D 156 -54.84 5.54 -9.94
CA LEU D 156 -55.91 5.03 -9.08
C LEU D 156 -57.03 6.06 -8.87
N GLN D 157 -56.67 7.35 -8.79
CA GLN D 157 -57.62 8.44 -8.61
C GLN D 157 -58.52 8.62 -9.83
N LEU D 158 -57.87 8.80 -10.98
CA LEU D 158 -58.58 9.09 -12.23
C LEU D 158 -59.14 7.84 -12.91
N GLY D 159 -58.57 6.68 -12.61
CA GLY D 159 -59.10 5.42 -13.12
C GLY D 159 -58.39 4.90 -14.37
N ALA D 160 -57.07 5.05 -14.41
CA ALA D 160 -56.28 4.68 -15.59
C ALA D 160 -55.90 3.21 -15.63
N ARG D 161 -56.32 2.52 -16.69
CA ARG D 161 -56.14 1.07 -16.79
C ARG D 161 -55.42 0.62 -18.05
N ALA D 162 -54.98 1.56 -18.88
CA ALA D 162 -54.17 1.23 -20.05
C ALA D 162 -52.68 1.40 -19.73
N GLY D 163 -52.34 1.49 -18.46
CA GLY D 163 -50.95 1.64 -18.09
C GLY D 163 -50.66 2.83 -17.21
N VAL D 164 -49.84 2.60 -16.20
CA VAL D 164 -49.33 3.63 -15.32
C VAL D 164 -47.81 3.46 -15.25
N MET D 165 -47.09 4.45 -15.79
CA MET D 165 -45.65 4.34 -15.96
C MET D 165 -44.90 5.53 -15.37
N THR D 166 -43.71 5.25 -14.85
CA THR D 166 -42.87 6.27 -14.26
C THR D 166 -41.43 6.11 -14.78
N PRO D 167 -41.09 6.92 -15.81
CA PRO D 167 -39.72 7.02 -16.33
C PRO D 167 -38.91 7.88 -15.37
N VAL D 168 -37.68 7.48 -15.08
CA VAL D 168 -36.82 8.39 -14.33
C VAL D 168 -35.50 8.63 -15.05
N SER D 169 -35.19 9.91 -15.24
CA SER D 169 -33.98 10.36 -15.90
C SER D 169 -33.53 11.68 -15.28
N ALA D 170 -33.68 11.79 -13.97
CA ALA D 170 -33.24 12.97 -13.25
C ALA D 170 -33.97 14.21 -13.74
N GLN D 171 -33.24 15.19 -14.26
CA GLN D 171 -33.86 16.48 -14.56
C GLN D 171 -34.70 16.49 -15.85
N SER D 172 -34.65 15.39 -16.62
CA SER D 172 -35.50 15.24 -17.80
C SER D 172 -36.69 14.29 -17.59
N SER D 173 -36.88 13.82 -16.35
CA SER D 173 -37.96 12.91 -15.98
C SER D 173 -39.34 13.39 -16.41
N GLY D 174 -39.61 14.68 -16.22
CA GLY D 174 -40.91 15.26 -16.52
C GLY D 174 -41.22 15.33 -18.00
N SER D 175 -40.18 15.49 -18.81
CA SER D 175 -40.33 15.48 -20.26
C SER D 175 -40.42 14.04 -20.79
N GLU D 176 -39.65 13.15 -20.20
CA GLU D 176 -39.61 11.77 -20.70
C GLU D 176 -40.95 11.09 -20.46
N ALA D 177 -41.68 11.58 -19.46
CA ALA D 177 -43.02 11.10 -19.14
C ALA D 177 -43.97 11.42 -20.28
N ILE D 178 -43.90 12.64 -20.79
CA ILE D 178 -44.73 13.07 -21.90
C ILE D 178 -44.35 12.36 -23.20
N ALA D 179 -43.05 12.13 -23.38
CA ALA D 179 -42.56 11.37 -24.53
C ALA D 179 -43.15 9.97 -24.58
N HIS D 180 -43.14 9.27 -23.45
CA HIS D 180 -43.64 7.89 -23.37
C HIS D 180 -45.15 7.76 -23.44
N ALA D 181 -45.86 8.78 -22.96
CA ALA D 181 -47.31 8.80 -23.08
C ALA D 181 -47.69 8.98 -24.54
N TRP D 182 -46.92 9.80 -25.25
CA TRP D 182 -47.07 9.92 -26.69
C TRP D 182 -46.94 8.53 -27.33
N ARG D 183 -45.80 7.86 -27.08
CA ARG D 183 -45.57 6.50 -27.58
C ARG D 183 -46.72 5.55 -27.31
N GLN D 184 -47.26 5.60 -26.09
CA GLN D 184 -48.36 4.73 -25.67
C GLN D 184 -49.63 4.95 -26.50
N ILE D 185 -49.84 6.19 -26.93
CA ILE D 185 -51.02 6.52 -27.72
C ILE D 185 -50.85 6.14 -29.19
N VAL D 186 -49.71 6.48 -29.78
CA VAL D 186 -49.45 6.20 -31.20
C VAL D 186 -49.09 4.75 -31.48
N MET D 187 -48.65 4.03 -30.46
CA MET D 187 -48.39 2.60 -30.58
C MET D 187 -49.67 1.79 -30.40
N GLY D 188 -50.75 2.46 -29.98
CA GLY D 188 -52.06 1.85 -29.92
C GLY D 188 -52.55 1.38 -28.55
N ASP D 189 -51.85 1.77 -27.49
CA ASP D 189 -52.19 1.22 -26.17
C ASP D 189 -53.19 2.09 -25.42
N ALA D 190 -53.12 3.40 -25.64
CA ALA D 190 -54.06 4.31 -25.01
C ALA D 190 -54.63 5.27 -26.04
N ASP D 191 -55.81 5.83 -25.73
CA ASP D 191 -56.44 6.88 -26.53
C ASP D 191 -56.28 8.23 -25.82
N VAL D 192 -56.09 8.16 -24.51
CA VAL D 192 -55.94 9.36 -23.69
C VAL D 192 -54.88 9.07 -22.62
N ALA D 193 -54.28 10.12 -22.08
CA ALA D 193 -53.23 9.97 -21.06
C ALA D 193 -53.00 11.25 -20.27
N VAL D 194 -52.84 11.10 -18.95
CA VAL D 194 -52.35 12.21 -18.14
C VAL D 194 -50.84 12.07 -18.00
N CYS D 195 -50.11 13.17 -18.20
CA CYS D 195 -48.65 13.08 -18.12
C CYS D 195 -47.92 14.36 -17.66
N GLY D 196 -46.69 14.16 -17.20
CA GLY D 196 -45.87 15.25 -16.71
C GLY D 196 -45.00 14.75 -15.58
N GLY D 197 -44.78 15.61 -14.59
CA GLY D 197 -43.85 15.27 -13.53
C GLY D 197 -44.13 16.02 -12.25
N VAL D 198 -43.76 15.39 -11.14
CA VAL D 198 -43.95 15.96 -9.83
C VAL D 198 -42.62 15.91 -9.10
N GLU D 199 -42.47 16.75 -8.09
CA GLU D 199 -41.22 16.81 -7.33
C GLU D 199 -41.46 17.34 -5.92
N GLY D 200 -40.53 17.03 -5.01
CA GLY D 200 -40.62 17.52 -3.64
C GLY D 200 -40.21 18.97 -3.48
N PRO D 201 -40.32 19.50 -2.26
CA PRO D 201 -40.02 20.90 -1.99
C PRO D 201 -38.53 21.15 -1.79
N ILE D 202 -38.19 22.42 -1.62
CA ILE D 202 -36.83 22.77 -1.25
C ILE D 202 -36.62 22.41 0.21
N GLU D 203 -35.58 21.61 0.46
CA GLU D 203 -35.22 21.18 1.82
C GLU D 203 -33.71 21.15 2.00
N ALA D 204 -33.27 21.11 3.26
CA ALA D 204 -31.85 21.24 3.59
C ALA D 204 -30.95 20.19 2.88
N LEU D 205 -31.30 18.92 3.01
CA LEU D 205 -30.47 17.85 2.45
C LEU D 205 -30.25 17.96 0.94
N PRO D 206 -31.34 18.17 0.17
CA PRO D 206 -31.29 18.45 -1.28
C PRO D 206 -30.42 19.64 -1.68
N ILE D 207 -30.49 20.74 -0.93
CA ILE D 207 -29.59 21.87 -1.19
C ILE D 207 -28.16 21.46 -0.88
N ALA D 208 -27.97 20.73 0.22
CA ALA D 208 -26.62 20.27 0.61
C ALA D 208 -25.95 19.41 -0.44
N ALA D 209 -26.72 18.50 -1.03
CA ALA D 209 -26.19 17.54 -2.01
C ALA D 209 -25.87 18.20 -3.35
N PHE D 210 -26.73 19.12 -3.76
CA PHE D 210 -26.57 19.81 -5.03
C PHE D 210 -25.49 20.89 -4.97
N SER D 211 -25.35 21.55 -3.82
CA SER D 211 -24.32 22.59 -3.73
C SER D 211 -22.94 22.01 -3.45
N MET D 212 -22.91 20.78 -2.97
CA MET D 212 -21.64 20.09 -2.77
C MET D 212 -21.06 19.64 -4.12
N MET D 213 -21.92 19.64 -5.15
CA MET D 213 -21.48 19.47 -6.54
C MET D 213 -21.12 20.81 -7.13
N ARG D 214 -21.37 21.87 -6.36
CA ARG D 214 -21.11 23.24 -6.81
C ARG D 214 -21.87 23.59 -8.10
N ALA D 215 -23.10 23.08 -8.19
CA ALA D 215 -23.95 23.26 -9.37
C ALA D 215 -24.95 24.41 -9.17
N MET D 216 -25.07 24.88 -7.94
CA MET D 216 -26.05 25.91 -7.61
C MET D 216 -25.45 27.31 -7.58
N SER D 217 -26.32 28.31 -7.68
CA SER D 217 -25.93 29.71 -7.64
C SER D 217 -25.96 30.23 -6.21
N THR D 218 -24.99 31.06 -5.84
CA THR D 218 -24.93 31.62 -4.50
C THR D 218 -24.98 33.13 -4.55
N ARG D 219 -25.73 33.65 -5.53
CA ARG D 219 -26.01 35.07 -5.59
C ARG D 219 -27.15 35.36 -4.61
N ASN D 220 -26.91 34.97 -3.36
CA ASN D 220 -27.84 35.16 -2.26
C ASN D 220 -28.30 36.61 -2.07
N ASP D 221 -27.40 37.55 -2.40
CA ASP D 221 -27.70 38.98 -2.25
C ASP D 221 -28.87 39.47 -3.10
N GLU D 222 -29.08 38.86 -4.26
CA GLU D 222 -30.16 39.27 -5.15
C GLU D 222 -30.90 38.08 -5.78
N PRO D 223 -31.86 37.50 -5.04
CA PRO D 223 -32.55 36.28 -5.43
C PRO D 223 -33.08 36.26 -6.87
N GLU D 224 -33.76 37.33 -7.28
CA GLU D 224 -34.40 37.37 -8.60
C GLU D 224 -33.41 37.46 -9.76
N ARG D 225 -32.15 37.74 -9.44
CA ARG D 225 -31.12 37.89 -10.46
C ARG D 225 -30.17 36.68 -10.56
N ALA D 226 -30.34 35.70 -9.67
CA ALA D 226 -29.38 34.60 -9.55
C ALA D 226 -29.36 33.62 -10.73
N SER D 227 -30.54 33.34 -11.28
CA SER D 227 -30.64 32.39 -12.39
C SER D 227 -30.50 33.12 -13.71
N ARG D 228 -29.39 32.88 -14.40
CA ARG D 228 -29.08 33.65 -15.59
C ARG D 228 -28.66 32.76 -16.77
N PRO D 229 -29.61 32.00 -17.32
CA PRO D 229 -29.30 31.12 -18.44
C PRO D 229 -28.74 31.89 -19.64
N PHE D 230 -27.59 31.43 -20.12
CA PHE D 230 -26.96 31.95 -21.33
C PHE D 230 -26.28 33.30 -21.11
N ASP D 231 -26.29 33.76 -19.87
CA ASP D 231 -25.63 34.99 -19.50
C ASP D 231 -24.18 34.73 -19.13
N LYS D 232 -23.29 35.63 -19.56
CA LYS D 232 -21.87 35.54 -19.23
C LYS D 232 -21.65 35.41 -17.71
N ASP D 233 -22.58 35.94 -16.93
CA ASP D 233 -22.40 36.06 -15.49
C ASP D 233 -23.10 34.97 -14.66
N ARG D 234 -23.59 33.93 -15.31
CA ARG D 234 -24.30 32.86 -14.60
C ARG D 234 -23.36 32.02 -13.73
N ASP D 235 -23.88 31.49 -12.62
CA ASP D 235 -23.08 30.67 -11.72
C ASP D 235 -23.85 29.47 -11.14
N GLY D 236 -24.60 28.79 -11.99
CA GLY D 236 -25.30 27.59 -11.57
C GLY D 236 -26.78 27.80 -11.47
N PHE D 237 -27.52 26.71 -11.27
CA PHE D 237 -28.99 26.77 -11.20
C PHE D 237 -29.54 27.25 -9.86
N VAL D 238 -30.81 27.65 -9.90
CA VAL D 238 -31.58 27.99 -8.73
C VAL D 238 -32.73 26.98 -8.59
N PHE D 239 -33.04 26.58 -7.35
CA PHE D 239 -34.21 25.76 -7.08
C PHE D 239 -35.50 26.58 -7.21
N GLY D 240 -36.42 26.09 -8.02
CA GLY D 240 -37.76 26.61 -8.03
C GLY D 240 -38.72 25.46 -7.96
N GLU D 241 -39.55 25.42 -6.92
CA GLU D 241 -40.51 24.33 -6.75
C GLU D 241 -41.59 24.40 -7.81
N ALA D 242 -42.15 23.25 -8.17
CA ALA D 242 -43.18 23.17 -9.21
C ALA D 242 -43.61 21.74 -9.45
N GLY D 243 -44.80 21.60 -10.03
CA GLY D 243 -45.32 20.32 -10.46
C GLY D 243 -46.31 20.60 -11.57
N ALA D 244 -46.21 19.87 -12.68
CA ALA D 244 -47.09 20.12 -13.81
C ALA D 244 -47.60 18.87 -14.53
N LEU D 245 -48.86 18.90 -14.94
CA LEU D 245 -49.52 17.81 -15.66
C LEU D 245 -50.28 18.30 -16.88
N MET D 246 -50.27 17.51 -17.95
CA MET D 246 -51.08 17.83 -19.12
C MET D 246 -51.86 16.58 -19.52
N LEU D 247 -53.03 16.82 -20.10
CA LEU D 247 -53.85 15.77 -20.66
C LEU D 247 -53.57 15.72 -22.15
N ILE D 248 -53.44 14.52 -22.69
CA ILE D 248 -53.31 14.34 -24.12
C ILE D 248 -54.16 13.16 -24.59
N GLU D 249 -54.63 13.25 -25.83
CA GLU D 249 -55.42 12.20 -26.45
C GLU D 249 -55.35 12.39 -27.96
N THR D 250 -55.91 11.44 -28.70
CA THR D 250 -55.94 11.55 -30.15
C THR D 250 -56.83 12.71 -30.55
N GLU D 251 -56.55 13.33 -31.70
CA GLU D 251 -57.41 14.39 -32.21
C GLU D 251 -58.83 13.86 -32.29
N GLU D 252 -58.95 12.64 -32.81
CA GLU D 252 -60.23 11.93 -32.91
C GLU D 252 -60.97 11.87 -31.56
N HIS D 253 -60.27 11.44 -30.52
CA HIS D 253 -60.87 11.30 -29.20
C HIS D 253 -61.35 12.66 -28.68
N ALA D 254 -60.54 13.70 -28.86
CA ALA D 254 -60.90 15.05 -28.50
C ALA D 254 -62.13 15.51 -29.28
N LYS D 255 -62.09 15.30 -30.60
CA LYS D 255 -63.19 15.65 -31.49
C LYS D 255 -64.52 15.09 -30.97
N ALA D 256 -64.47 13.86 -30.48
CA ALA D 256 -65.68 13.13 -30.11
C ALA D 256 -66.36 13.69 -28.87
N ARG D 257 -65.57 14.18 -27.91
CA ARG D 257 -66.12 14.64 -26.65
C ARG D 257 -66.20 16.16 -26.59
N GLY D 258 -66.07 16.79 -27.75
CA GLY D 258 -66.19 18.23 -27.87
C GLY D 258 -65.11 19.01 -27.14
N ALA D 259 -63.90 18.47 -27.11
CA ALA D 259 -62.76 19.15 -26.47
C ALA D 259 -61.98 20.02 -27.46
N LYS D 260 -61.57 21.20 -26.99
CA LYS D 260 -60.76 22.12 -27.78
C LYS D 260 -59.28 22.04 -27.39
N PRO D 261 -58.41 21.65 -28.35
CA PRO D 261 -56.98 21.43 -28.13
C PRO D 261 -56.17 22.71 -27.99
N LEU D 262 -55.15 22.68 -27.14
CA LEU D 262 -54.28 23.84 -26.93
C LEU D 262 -53.10 23.84 -27.91
N ALA D 263 -52.77 22.65 -28.42
CA ALA D 263 -51.66 22.48 -29.34
C ALA D 263 -51.62 21.04 -29.82
N ARG D 264 -50.54 20.65 -30.47
CA ARG D 264 -50.35 19.27 -30.88
C ARG D 264 -48.99 18.77 -30.41
N LEU D 265 -48.94 17.51 -29.96
CA LEU D 265 -47.71 16.81 -29.63
C LEU D 265 -47.34 15.92 -30.81
N LEU D 266 -46.29 16.31 -31.53
CA LEU D 266 -46.02 15.74 -32.84
C LEU D 266 -45.04 14.57 -32.81
N GLY D 267 -44.16 14.56 -31.81
CA GLY D 267 -43.18 13.50 -31.74
C GLY D 267 -42.19 13.69 -30.62
N ALA D 268 -41.57 12.59 -30.19
CA ALA D 268 -40.65 12.60 -29.08
C ALA D 268 -39.27 12.04 -29.47
N GLY D 269 -38.24 12.43 -28.71
CA GLY D 269 -36.90 11.96 -28.96
C GLY D 269 -36.12 11.75 -27.67
N ILE D 270 -35.55 10.55 -27.53
CA ILE D 270 -34.77 10.20 -26.35
C ILE D 270 -33.42 9.60 -26.72
N THR D 271 -32.34 10.24 -26.29
CA THR D 271 -31.00 9.74 -26.57
C THR D 271 -30.11 9.82 -25.33
N SER D 272 -28.85 9.45 -25.50
CA SER D 272 -27.88 9.57 -24.42
C SER D 272 -26.46 9.90 -24.91
N ASP D 273 -25.66 10.45 -23.98
CA ASP D 273 -24.32 10.95 -24.26
C ASP D 273 -23.22 9.89 -24.14
N ALA D 274 -23.44 8.91 -23.29
CA ALA D 274 -22.33 8.04 -22.88
C ALA D 274 -21.06 8.87 -22.68
N PHE D 275 -21.15 9.88 -21.82
CA PHE D 275 -20.03 10.76 -21.55
C PHE D 275 -19.76 10.90 -20.06
N HIS D 276 -20.77 11.26 -19.29
CA HIS D 276 -20.56 11.58 -17.88
C HIS D 276 -21.79 11.33 -17.02
N MET D 277 -21.56 11.12 -15.73
CA MET D 277 -22.64 10.80 -14.80
C MET D 277 -23.52 12.00 -14.47
N VAL D 278 -22.96 13.20 -14.53
CA VAL D 278 -23.71 14.41 -14.21
C VAL D 278 -23.53 15.51 -15.26
N ALA D 279 -22.39 15.50 -15.93
CA ALA D 279 -22.09 16.51 -16.92
C ALA D 279 -22.56 16.13 -18.32
N PRO D 280 -23.02 17.13 -19.09
CA PRO D 280 -23.50 16.97 -20.47
C PRO D 280 -22.32 17.04 -21.44
N ALA D 281 -22.30 16.19 -22.46
CA ALA D 281 -21.21 16.21 -23.42
C ALA D 281 -21.08 17.62 -23.98
N ALA D 282 -19.83 18.07 -24.13
CA ALA D 282 -19.56 19.43 -24.58
C ALA D 282 -20.07 19.68 -26.00
N ASP D 283 -19.91 18.70 -26.88
CA ASP D 283 -20.23 18.87 -28.30
C ASP D 283 -21.74 18.97 -28.58
N GLY D 284 -22.56 18.62 -27.59
CA GLY D 284 -24.01 18.66 -27.71
C GLY D 284 -24.57 17.88 -28.89
N VAL D 285 -23.87 16.83 -29.31
CA VAL D 285 -24.26 16.06 -30.49
C VAL D 285 -25.41 15.07 -30.23
N ARG D 286 -25.33 14.30 -29.15
CA ARG D 286 -26.35 13.33 -28.84
C ARG D 286 -27.57 14.04 -28.32
N ALA D 287 -27.35 15.18 -27.68
CA ALA D 287 -28.44 16.00 -27.21
C ALA D 287 -29.20 16.56 -28.42
N GLY D 288 -28.47 17.18 -29.33
CA GLY D 288 -29.05 17.64 -30.58
C GLY D 288 -29.69 16.53 -31.41
N ARG D 289 -29.21 15.30 -31.21
CA ARG D 289 -29.77 14.14 -31.89
C ARG D 289 -31.17 13.81 -31.36
N ALA D 290 -31.45 14.21 -30.13
CA ALA D 290 -32.77 13.99 -29.57
C ALA D 290 -33.75 14.99 -30.16
N MET D 291 -33.27 16.21 -30.39
CA MET D 291 -34.02 17.22 -31.09
C MET D 291 -34.32 16.76 -32.53
N THR D 292 -33.29 16.29 -33.23
CA THR D 292 -33.44 15.78 -34.59
C THR D 292 -34.47 14.66 -34.64
N ARG D 293 -34.31 13.69 -33.76
CA ARG D 293 -35.22 12.55 -33.67
C ARG D 293 -36.67 13.01 -33.50
N SER D 294 -36.89 14.02 -32.66
CA SER D 294 -38.25 14.48 -32.41
C SER D 294 -38.88 15.10 -33.65
N LEU D 295 -38.05 15.61 -34.55
CA LEU D 295 -38.49 16.18 -35.82
C LEU D 295 -38.84 15.09 -36.82
N GLU D 296 -37.96 14.10 -36.93
CA GLU D 296 -38.15 12.98 -37.83
C GLU D 296 -39.45 12.25 -37.55
N LEU D 297 -39.78 12.10 -36.27
CA LEU D 297 -41.03 11.45 -35.86
C LEU D 297 -42.22 12.39 -36.03
N ALA D 298 -41.96 13.69 -35.90
CA ALA D 298 -42.96 14.73 -36.08
C ALA D 298 -43.32 14.95 -37.56
N GLY D 299 -42.38 14.63 -38.45
CA GLY D 299 -42.55 14.84 -39.89
C GLY D 299 -41.91 16.14 -40.35
N LEU D 300 -41.02 16.67 -39.51
CA LEU D 300 -40.53 18.04 -39.63
C LEU D 300 -39.06 18.16 -40.06
N SER D 301 -38.69 19.35 -40.54
CA SER D 301 -37.28 19.70 -40.75
C SER D 301 -36.87 20.82 -39.79
N PRO D 302 -35.57 20.95 -39.52
CA PRO D 302 -35.14 21.93 -38.51
C PRO D 302 -35.61 23.36 -38.81
N ALA D 303 -35.89 23.64 -40.08
CA ALA D 303 -36.27 24.98 -40.52
C ALA D 303 -37.74 25.31 -40.19
N ASP D 304 -38.49 24.30 -39.77
CA ASP D 304 -39.89 24.47 -39.38
C ASP D 304 -39.96 24.96 -37.94
N ILE D 305 -38.89 24.74 -37.19
CA ILE D 305 -38.83 25.06 -35.76
C ILE D 305 -38.63 26.56 -35.50
N ASP D 306 -39.68 27.19 -34.97
CA ASP D 306 -39.72 28.63 -34.75
C ASP D 306 -39.27 28.99 -33.35
N HIS D 307 -39.48 28.09 -32.41
CA HIS D 307 -39.23 28.34 -31.00
C HIS D 307 -38.52 27.16 -30.34
N VAL D 308 -37.53 27.46 -29.50
CA VAL D 308 -36.88 26.46 -28.67
C VAL D 308 -36.95 26.87 -27.20
N ASN D 309 -37.82 26.20 -26.45
CA ASN D 309 -37.81 26.30 -24.99
C ASN D 309 -36.61 25.49 -24.49
N ALA D 310 -35.60 26.19 -23.98
CA ALA D 310 -34.33 25.57 -23.62
C ALA D 310 -34.28 25.02 -22.19
N HIS D 311 -33.56 23.92 -22.01
CA HIS D 311 -33.30 23.42 -20.67
C HIS D 311 -32.71 24.57 -19.89
N GLY D 312 -31.65 25.18 -20.44
CA GLY D 312 -31.01 26.36 -19.88
C GLY D 312 -31.08 26.52 -18.36
N THR D 313 -30.24 25.76 -17.64
CA THR D 313 -30.23 25.79 -16.18
C THR D 313 -29.39 26.89 -15.55
N ALA D 314 -28.59 27.57 -16.38
CA ALA D 314 -27.71 28.65 -15.92
C ALA D 314 -26.41 28.15 -15.32
N THR D 315 -26.10 26.88 -15.54
CA THR D 315 -24.77 26.38 -15.21
C THR D 315 -23.88 26.71 -16.39
N PRO D 316 -22.61 27.05 -16.13
CA PRO D 316 -21.70 27.37 -17.24
C PRO D 316 -21.59 26.24 -18.28
N ILE D 317 -21.34 25.01 -17.86
CA ILE D 317 -21.16 23.91 -18.80
C ILE D 317 -22.46 23.40 -19.47
N GLY D 318 -23.59 23.58 -18.81
CA GLY D 318 -24.86 23.09 -19.30
C GLY D 318 -25.44 23.95 -20.42
N ASP D 319 -25.38 25.26 -20.25
CA ASP D 319 -25.84 26.17 -21.29
C ASP D 319 -24.95 26.04 -22.52
N ALA D 320 -23.64 25.96 -22.30
CA ALA D 320 -22.68 25.84 -23.40
C ALA D 320 -22.97 24.62 -24.27
N ALA D 321 -23.21 23.48 -23.63
CA ALA D 321 -23.45 22.22 -24.33
C ALA D 321 -24.76 22.27 -25.11
N GLU D 322 -25.79 22.85 -24.51
CA GLU D 322 -27.07 22.99 -25.19
C GLU D 322 -27.02 23.98 -26.36
N ALA D 323 -26.31 25.08 -26.19
CA ALA D 323 -26.03 25.98 -27.31
C ALA D 323 -25.50 25.18 -28.50
N ASN D 324 -24.52 24.31 -28.25
CA ASN D 324 -24.03 23.41 -29.30
C ASN D 324 -25.11 22.44 -29.76
N ALA D 325 -25.84 21.87 -28.82
CA ALA D 325 -26.91 20.93 -29.14
C ALA D 325 -27.90 21.55 -30.12
N ILE D 326 -28.16 22.83 -29.93
CA ILE D 326 -29.19 23.51 -30.71
C ILE D 326 -28.70 23.82 -32.13
N ARG D 327 -27.41 24.16 -32.25
CA ARG D 327 -26.76 24.32 -33.55
C ARG D 327 -26.67 22.99 -34.30
N VAL D 328 -26.20 21.96 -33.58
CA VAL D 328 -26.07 20.61 -34.12
C VAL D 328 -27.35 20.15 -34.82
N ALA D 329 -28.50 20.48 -34.23
CA ALA D 329 -29.78 20.04 -34.77
C ALA D 329 -30.37 21.01 -35.80
N GLY D 330 -29.64 22.06 -36.13
CA GLY D 330 -30.06 23.02 -37.13
C GLY D 330 -31.11 24.00 -36.64
N CYS D 331 -31.28 24.05 -35.31
CA CYS D 331 -32.34 24.84 -34.70
C CYS D 331 -31.85 26.15 -34.07
N ASP D 332 -30.68 26.64 -34.49
CA ASP D 332 -30.14 27.86 -33.85
C ASP D 332 -30.71 29.18 -34.37
N GLN D 333 -31.63 29.11 -35.34
CA GLN D 333 -32.33 30.30 -35.82
C GLN D 333 -33.68 30.49 -35.12
N ALA D 334 -34.09 29.50 -34.33
CA ALA D 334 -35.32 29.58 -33.55
C ALA D 334 -35.19 30.62 -32.44
N ALA D 335 -36.33 31.08 -31.93
CA ALA D 335 -36.33 32.00 -30.78
C ALA D 335 -36.25 31.23 -29.47
N VAL D 336 -35.25 31.53 -28.66
CA VAL D 336 -34.97 30.76 -27.45
C VAL D 336 -35.54 31.38 -26.18
N TYR D 337 -36.07 30.51 -25.33
CA TYR D 337 -36.61 30.88 -24.04
C TYR D 337 -36.03 29.94 -22.99
N ALA D 338 -35.55 30.50 -21.88
CA ALA D 338 -35.14 29.70 -20.73
C ALA D 338 -36.00 30.09 -19.53
N PRO D 339 -37.09 29.34 -19.30
CA PRO D 339 -38.04 29.62 -18.20
C PRO D 339 -37.44 29.48 -16.78
N LYS D 340 -36.28 28.83 -16.66
CA LYS D 340 -35.64 28.62 -15.36
C LYS D 340 -35.08 29.93 -14.81
N SER D 341 -34.90 30.91 -15.68
CA SER D 341 -34.44 32.22 -15.27
C SER D 341 -35.42 32.90 -14.31
N ALA D 342 -36.65 32.41 -14.30
CA ALA D 342 -37.74 33.01 -13.54
C ALA D 342 -38.44 32.01 -12.63
N LEU D 343 -38.57 30.77 -13.10
CA LEU D 343 -39.29 29.74 -12.35
C LEU D 343 -38.37 28.81 -11.58
N GLY D 344 -37.09 28.83 -11.93
CA GLY D 344 -36.12 27.96 -11.29
C GLY D 344 -36.16 26.53 -11.80
N HIS D 345 -35.49 25.66 -11.06
CA HIS D 345 -35.32 24.26 -11.45
C HIS D 345 -36.15 23.40 -10.53
N SER D 346 -37.10 22.65 -11.09
CA SER D 346 -37.92 21.73 -10.29
C SER D 346 -37.49 20.27 -10.50
N ILE D 347 -36.28 20.08 -10.99
CA ILE D 347 -35.69 18.76 -11.14
C ILE D 347 -36.60 17.79 -11.94
N GLY D 348 -37.27 16.89 -11.25
CA GLY D 348 -38.11 15.88 -11.89
C GLY D 348 -39.41 16.39 -12.49
N ALA D 349 -39.82 17.61 -12.14
CA ALA D 349 -41.07 18.17 -12.62
C ALA D 349 -40.89 19.18 -13.74
N VAL D 350 -39.66 19.67 -13.88
CA VAL D 350 -39.37 20.86 -14.70
C VAL D 350 -39.63 20.64 -16.18
N GLY D 351 -39.37 19.43 -16.66
CA GLY D 351 -39.56 19.13 -18.06
C GLY D 351 -41.02 19.16 -18.45
N ALA D 352 -41.87 18.78 -17.50
CA ALA D 352 -43.32 18.80 -17.69
C ALA D 352 -43.84 20.21 -17.63
N LEU D 353 -43.32 21.01 -16.68
CA LEU D 353 -43.68 22.41 -16.54
C LEU D 353 -43.35 23.17 -17.81
N GLU D 354 -42.16 22.94 -18.35
CA GLU D 354 -41.67 23.62 -19.53
C GLU D 354 -42.34 23.16 -20.84
N SER D 355 -42.89 21.95 -20.86
CA SER D 355 -43.72 21.51 -21.98
C SER D 355 -45.08 22.22 -21.95
N VAL D 356 -45.60 22.42 -20.75
CA VAL D 356 -46.82 23.21 -20.59
C VAL D 356 -46.62 24.65 -21.07
N LEU D 357 -45.50 25.27 -20.70
CA LEU D 357 -45.19 26.62 -21.14
C LEU D 357 -45.02 26.65 -22.65
N THR D 358 -44.43 25.58 -23.18
CA THR D 358 -44.25 25.45 -24.61
C THR D 358 -45.61 25.52 -25.30
N VAL D 359 -46.50 24.61 -24.90
CA VAL D 359 -47.89 24.60 -25.35
C VAL D 359 -48.55 25.99 -25.31
N LEU D 360 -48.46 26.66 -24.17
CA LEU D 360 -49.00 28.01 -24.00
C LEU D 360 -48.41 29.06 -24.96
N THR D 361 -47.13 28.91 -25.31
CA THR D 361 -46.48 29.80 -26.28
C THR D 361 -47.12 29.68 -27.65
N LEU D 362 -47.44 28.44 -28.01
CA LEU D 362 -48.01 28.14 -29.33
C LEU D 362 -49.46 28.56 -29.39
N ARG D 363 -50.19 28.30 -28.31
CA ARG D 363 -51.56 28.74 -28.22
C ARG D 363 -51.65 30.24 -28.49
N ASP D 364 -50.91 31.01 -27.70
CA ASP D 364 -51.06 32.47 -27.67
C ASP D 364 -50.10 33.23 -28.59
N GLY D 365 -49.15 32.52 -29.20
CA GLY D 365 -48.19 33.15 -30.09
C GLY D 365 -47.27 34.16 -29.43
N VAL D 366 -46.81 33.85 -28.23
CA VAL D 366 -45.93 34.74 -27.46
C VAL D 366 -44.88 33.94 -26.66
N ILE D 367 -43.70 34.52 -26.49
CA ILE D 367 -42.65 33.95 -25.66
C ILE D 367 -42.23 34.95 -24.57
N PRO D 368 -42.36 34.57 -23.28
CA PRO D 368 -41.96 35.47 -22.20
C PRO D 368 -40.48 35.87 -22.29
N PRO D 369 -40.10 36.93 -21.56
CA PRO D 369 -38.69 37.32 -21.56
C PRO D 369 -37.89 36.33 -20.72
N THR D 370 -36.67 36.05 -21.14
CA THR D 370 -35.74 35.28 -20.33
C THR D 370 -35.06 36.26 -19.37
N LEU D 371 -35.41 36.18 -18.09
CA LEU D 371 -34.87 37.11 -17.10
C LEU D 371 -33.35 37.02 -17.02
N ASN D 372 -32.72 38.12 -16.64
CA ASN D 372 -31.31 38.15 -16.26
C ASN D 372 -30.29 38.11 -17.41
N TYR D 373 -30.80 38.08 -18.63
CA TYR D 373 -29.98 38.01 -19.84
C TYR D 373 -29.49 39.41 -20.20
N GLU D 374 -28.45 39.88 -19.50
CA GLU D 374 -28.04 41.27 -19.61
C GLU D 374 -26.68 41.44 -20.29
N THR D 375 -25.83 40.44 -20.13
CA THR D 375 -24.55 40.41 -20.82
C THR D 375 -24.37 39.04 -21.47
N PRO D 376 -25.01 38.83 -22.64
CA PRO D 376 -24.95 37.54 -23.33
C PRO D 376 -23.55 36.97 -23.34
N ASP D 377 -23.44 35.66 -23.17
CA ASP D 377 -22.16 34.97 -23.22
C ASP D 377 -21.66 35.06 -24.65
N PRO D 378 -20.47 35.65 -24.83
CA PRO D 378 -19.88 35.80 -26.17
C PRO D 378 -19.76 34.46 -26.89
N GLU D 379 -19.64 33.39 -26.13
CA GLU D 379 -19.43 32.06 -26.71
C GLU D 379 -20.73 31.32 -27.04
N ILE D 380 -21.87 32.01 -27.01
CA ILE D 380 -23.15 31.33 -27.21
C ILE D 380 -23.87 31.66 -28.53
N ASP D 381 -24.40 32.86 -28.64
CA ASP D 381 -25.08 33.32 -29.86
C ASP D 381 -26.35 32.53 -30.23
N LEU D 382 -27.38 32.73 -29.41
CA LEU D 382 -28.70 32.19 -29.68
C LEU D 382 -29.64 33.37 -29.74
N ASP D 383 -30.77 33.24 -30.44
CA ASP D 383 -31.80 34.27 -30.39
C ASP D 383 -32.56 34.11 -29.08
N VAL D 384 -31.97 34.55 -27.98
CA VAL D 384 -32.61 34.46 -26.68
C VAL D 384 -33.58 35.61 -26.48
N VAL D 385 -34.82 35.28 -26.13
CA VAL D 385 -35.85 36.30 -25.97
C VAL D 385 -35.74 36.96 -24.61
N ALA D 386 -35.65 38.29 -24.61
CA ALA D 386 -35.42 39.07 -23.40
C ALA D 386 -36.08 40.43 -23.54
N GLY D 387 -36.13 41.17 -22.42
CA GLY D 387 -36.69 42.52 -22.39
C GLY D 387 -38.20 42.54 -22.23
N GLU D 388 -38.91 42.23 -23.30
CA GLU D 388 -40.37 42.14 -23.31
CA GLU D 388 -40.36 42.09 -23.24
C GLU D 388 -40.80 40.85 -24.00
N PRO D 389 -42.02 40.36 -23.70
CA PRO D 389 -42.53 39.17 -24.40
C PRO D 389 -42.51 39.38 -25.90
N ARG D 390 -42.23 38.33 -26.66
CA ARG D 390 -42.19 38.45 -28.11
C ARG D 390 -43.38 37.76 -28.79
N TYR D 391 -44.30 38.58 -29.28
CA TYR D 391 -45.39 38.11 -30.12
C TYR D 391 -44.81 37.77 -31.49
N GLY D 392 -45.03 36.53 -31.91
CA GLY D 392 -44.51 36.02 -33.17
C GLY D 392 -45.34 34.86 -33.67
N ASP D 393 -45.17 34.53 -34.94
CA ASP D 393 -45.93 33.44 -35.56
C ASP D 393 -45.27 32.07 -35.33
N TYR D 394 -45.50 31.49 -34.14
CA TYR D 394 -44.87 30.21 -33.79
C TYR D 394 -45.78 29.03 -34.15
N ARG D 395 -45.35 28.24 -35.14
CA ARG D 395 -46.14 27.11 -35.64
C ARG D 395 -45.65 25.77 -35.10
N TYR D 396 -44.34 25.70 -34.83
CA TYR D 396 -43.69 24.49 -34.34
C TYR D 396 -42.61 24.84 -33.32
N ALA D 397 -42.54 24.08 -32.24
CA ALA D 397 -41.58 24.36 -31.16
C ALA D 397 -40.94 23.08 -30.63
N VAL D 398 -39.69 23.17 -30.19
CA VAL D 398 -39.03 22.04 -29.53
C VAL D 398 -38.74 22.33 -28.05
N ASN D 399 -38.99 21.34 -27.20
CA ASN D 399 -38.80 21.47 -25.76
C ASN D 399 -37.70 20.54 -25.25
N ASN D 400 -36.59 21.13 -24.79
CA ASN D 400 -35.41 20.37 -24.35
C ASN D 400 -35.34 20.14 -22.85
N SER D 401 -35.06 18.89 -22.46
CA SER D 401 -34.70 18.55 -21.09
C SER D 401 -33.51 17.60 -21.09
N PHE D 402 -32.58 17.85 -20.19
CA PHE D 402 -31.40 17.00 -20.01
C PHE D 402 -31.25 16.72 -18.52
N GLY D 403 -31.03 15.46 -18.17
CA GLY D 403 -30.81 15.08 -16.78
C GLY D 403 -29.47 14.41 -16.57
N PHE D 404 -29.02 14.39 -15.31
CA PHE D 404 -27.84 13.61 -14.89
C PHE D 404 -27.98 12.14 -15.27
N GLY D 405 -26.87 11.57 -15.72
CA GLY D 405 -26.88 10.20 -16.22
C GLY D 405 -26.65 10.19 -17.73
N GLY D 406 -26.74 11.37 -18.34
CA GLY D 406 -26.51 11.58 -19.76
C GLY D 406 -27.76 11.44 -20.60
N HIS D 407 -28.92 11.75 -20.01
CA HIS D 407 -30.21 11.62 -20.66
C HIS D 407 -30.63 12.89 -21.42
N ASN D 408 -31.06 12.71 -22.66
CA ASN D 408 -31.57 13.84 -23.44
C ASN D 408 -32.96 13.54 -23.99
N VAL D 409 -33.92 14.41 -23.68
CA VAL D 409 -35.28 14.26 -24.16
C VAL D 409 -35.68 15.56 -24.86
N ALA D 410 -36.24 15.42 -26.06
CA ALA D 410 -36.73 16.57 -26.79
C ALA D 410 -38.17 16.32 -27.22
N LEU D 411 -39.04 17.28 -26.91
CA LEU D 411 -40.44 17.20 -27.31
C LEU D 411 -40.74 18.22 -28.40
N ALA D 412 -41.32 17.74 -29.50
CA ALA D 412 -41.70 18.60 -30.61
C ALA D 412 -43.20 18.87 -30.58
N PHE D 413 -43.55 20.15 -30.41
CA PHE D 413 -44.94 20.58 -30.34
C PHE D 413 -45.31 21.41 -31.57
N GLY D 414 -46.60 21.40 -31.90
CA GLY D 414 -47.10 22.18 -33.01
C GLY D 414 -48.41 22.87 -32.67
N ARG D 415 -48.70 23.93 -33.42
CA ARG D 415 -49.87 24.77 -33.19
C ARG D 415 -51.14 24.07 -33.66
N TYR D 416 -52.22 24.20 -32.89
CA TYR D 416 -53.49 23.61 -33.33
C TYR D 416 -54.19 24.49 -34.37
N SER E 2 -0.36 -40.30 -25.92
CA SER E 2 0.38 -41.56 -25.88
C SER E 2 1.85 -41.31 -25.49
N GLN E 3 2.26 -41.88 -24.36
CA GLN E 3 3.58 -41.64 -23.80
C GLN E 3 4.69 -42.38 -24.55
N PRO E 4 5.81 -41.68 -24.80
CA PRO E 4 6.99 -42.26 -25.49
C PRO E 4 7.55 -43.48 -24.74
N SER E 5 8.07 -44.43 -25.51
CA SER E 5 8.73 -45.59 -24.93
C SER E 5 9.77 -46.09 -25.92
N THR E 6 10.66 -46.95 -25.45
CA THR E 6 11.69 -47.50 -26.33
C THR E 6 11.06 -48.43 -27.36
N ALA E 7 10.06 -49.20 -26.92
CA ALA E 7 9.41 -50.17 -27.79
C ALA E 7 8.64 -49.51 -28.92
N ASN E 8 8.17 -48.29 -28.68
CA ASN E 8 7.34 -47.59 -29.67
C ASN E 8 8.09 -46.49 -30.40
N GLY E 9 9.39 -46.38 -30.13
CA GLY E 9 10.23 -45.42 -30.82
C GLY E 9 10.21 -44.03 -30.23
N GLY E 10 9.47 -43.86 -29.14
CA GLY E 10 9.47 -42.59 -28.43
C GLY E 10 10.89 -42.19 -28.09
N PHE E 11 11.68 -43.18 -27.69
CA PHE E 11 13.11 -43.01 -27.42
C PHE E 11 13.92 -43.81 -28.45
N PRO E 12 15.15 -43.37 -28.72
CA PRO E 12 16.01 -44.12 -29.64
C PRO E 12 16.47 -45.42 -28.97
N SER E 13 16.74 -46.45 -29.77
CA SER E 13 17.24 -47.70 -29.22
C SER E 13 18.66 -47.49 -28.70
N VAL E 14 18.90 -47.92 -27.46
CA VAL E 14 20.20 -47.81 -26.82
C VAL E 14 20.75 -49.19 -26.43
N VAL E 15 21.92 -49.53 -26.95
CA VAL E 15 22.51 -50.85 -26.74
C VAL E 15 23.72 -50.81 -25.80
N VAL E 16 24.07 -51.97 -25.26
CA VAL E 16 25.27 -52.12 -24.44
C VAL E 16 26.35 -52.81 -25.28
N THR E 17 27.46 -52.12 -25.53
CA THR E 17 28.47 -52.69 -26.44
C THR E 17 29.71 -53.28 -25.78
N ALA E 18 29.97 -52.88 -24.54
CA ALA E 18 31.12 -53.39 -23.80
C ALA E 18 30.91 -53.23 -22.31
N VAL E 19 31.41 -54.18 -21.54
CA VAL E 19 31.34 -54.12 -20.09
C VAL E 19 32.75 -54.37 -19.54
N THR E 20 33.04 -53.79 -18.39
CA THR E 20 34.31 -54.05 -17.72
C THR E 20 34.12 -54.06 -16.20
N ALA E 21 34.85 -54.92 -15.49
CA ALA E 21 34.75 -54.96 -14.04
C ALA E 21 35.92 -55.65 -13.36
N THR E 22 36.26 -55.17 -12.17
CA THR E 22 37.18 -55.86 -11.29
C THR E 22 36.41 -56.20 -10.02
N THR E 23 36.55 -57.44 -9.55
CA THR E 23 35.86 -57.86 -8.33
C THR E 23 36.79 -58.63 -7.39
N SER E 24 36.20 -59.16 -6.33
CA SER E 24 36.92 -59.98 -5.36
C SER E 24 37.19 -61.40 -5.89
N ILE E 25 36.58 -61.72 -7.03
CA ILE E 25 36.71 -63.04 -7.65
C ILE E 25 37.74 -63.01 -8.76
N SER E 26 37.80 -61.89 -9.48
CA SER E 26 38.67 -61.77 -10.64
C SER E 26 38.75 -60.32 -11.05
N PRO E 27 39.90 -59.92 -11.61
CA PRO E 27 40.12 -58.58 -12.18
C PRO E 27 39.47 -58.54 -13.55
N ASP E 28 39.00 -59.69 -13.98
CA ASP E 28 38.46 -59.90 -15.31
C ASP E 28 36.97 -60.23 -15.19
N ILE E 29 36.14 -59.60 -16.00
CA ILE E 29 34.69 -59.73 -15.82
C ILE E 29 34.14 -61.06 -16.35
N GLU E 30 34.73 -61.55 -17.44
CA GLU E 30 34.29 -62.82 -18.01
C GLU E 30 34.72 -64.00 -17.12
N SER E 31 35.88 -63.86 -16.48
CA SER E 31 36.33 -64.85 -15.50
C SER E 31 35.48 -64.81 -14.23
N THR E 32 35.10 -63.60 -13.82
CA THR E 32 34.16 -63.43 -12.71
C THR E 32 32.84 -64.12 -13.04
N TRP E 33 32.29 -63.79 -14.21
CA TRP E 33 31.05 -64.42 -14.66
C TRP E 33 31.13 -65.93 -14.52
N LYS E 34 32.27 -66.50 -14.92
CA LYS E 34 32.45 -67.95 -14.88
C LYS E 34 32.58 -68.47 -13.45
N GLY E 35 33.37 -67.79 -12.63
CA GLY E 35 33.46 -68.13 -11.22
C GLY E 35 32.09 -68.13 -10.57
N LEU E 36 31.33 -67.07 -10.81
CA LEU E 36 29.96 -66.99 -10.30
C LEU E 36 29.16 -68.22 -10.70
N LEU E 37 29.19 -68.55 -11.99
CA LEU E 37 28.50 -69.72 -12.52
C LEU E 37 29.01 -71.01 -11.85
N ALA E 38 30.21 -70.95 -11.31
CA ALA E 38 30.83 -72.12 -10.68
C ALA E 38 30.53 -72.20 -9.19
N GLY E 39 29.68 -71.29 -8.72
CA GLY E 39 29.34 -71.22 -7.31
C GLY E 39 30.46 -70.69 -6.43
N GLU E 40 31.34 -69.87 -7.00
CA GLU E 40 32.47 -69.31 -6.26
C GLU E 40 32.11 -68.05 -5.48
N SER E 41 32.71 -67.92 -4.30
CA SER E 41 32.53 -66.77 -3.44
C SER E 41 33.83 -65.97 -3.31
N GLY E 42 33.73 -64.64 -3.37
CA GLY E 42 34.89 -63.77 -3.23
C GLY E 42 35.15 -63.35 -1.80
N ILE E 43 34.26 -63.78 -0.90
CA ILE E 43 34.32 -63.39 0.50
C ILE E 43 35.28 -64.28 1.29
N HIS E 44 36.26 -63.66 1.94
CA HIS E 44 37.32 -64.36 2.64
C HIS E 44 37.53 -63.77 4.03
N ALA E 45 38.54 -64.26 4.74
CA ALA E 45 38.86 -63.73 6.06
C ALA E 45 39.79 -62.54 5.91
N LEU E 46 39.50 -61.46 6.63
CA LEU E 46 40.31 -60.26 6.55
C LEU E 46 41.70 -60.47 7.17
N GLU E 47 42.73 -60.17 6.40
CA GLU E 47 44.12 -60.37 6.83
C GLU E 47 44.77 -59.05 7.21
N ASP E 48 44.19 -57.95 6.75
CA ASP E 48 44.72 -56.63 7.04
C ASP E 48 44.87 -56.50 8.54
N GLU E 49 46.00 -55.98 8.99
CA GLU E 49 46.35 -56.06 10.40
C GLU E 49 45.48 -55.16 11.28
N PHE E 50 44.80 -54.21 10.65
CA PHE E 50 43.87 -53.33 11.37
C PHE E 50 42.66 -54.10 11.94
N VAL E 51 42.40 -55.29 11.41
CA VAL E 51 41.38 -56.16 12.00
C VAL E 51 41.82 -56.60 13.40
N THR E 52 43.13 -56.62 13.61
CA THR E 52 43.70 -56.96 14.92
C THR E 52 43.98 -55.68 15.70
N LYS E 53 44.55 -54.68 15.01
CA LYS E 53 44.90 -53.42 15.64
C LYS E 53 43.68 -52.73 16.23
N TRP E 54 42.55 -52.85 15.56
CA TRP E 54 41.32 -52.24 16.05
C TRP E 54 40.39 -53.26 16.69
N ASP E 55 40.73 -54.54 16.56
CA ASP E 55 39.85 -55.61 17.03
C ASP E 55 38.44 -55.29 16.54
N LEU E 56 38.24 -55.39 15.23
CA LEU E 56 36.95 -55.09 14.62
C LEU E 56 35.96 -56.24 14.86
N ALA E 57 34.67 -55.91 14.92
CA ALA E 57 33.64 -56.92 15.12
C ALA E 57 33.34 -57.66 13.82
N VAL E 58 33.81 -57.07 12.72
CA VAL E 58 33.71 -57.69 11.39
C VAL E 58 35.13 -58.00 10.90
N LYS E 59 35.38 -59.27 10.63
CA LYS E 59 36.70 -59.74 10.27
C LYS E 59 36.67 -60.40 8.91
N ILE E 60 35.64 -60.11 8.13
CA ILE E 60 35.42 -60.74 6.83
C ILE E 60 35.14 -59.72 5.73
N GLY E 61 35.44 -60.10 4.50
CA GLY E 61 35.17 -59.23 3.37
C GLY E 61 35.87 -59.71 2.14
N GLY E 62 35.63 -59.04 1.02
CA GLY E 62 36.29 -59.36 -0.23
C GLY E 62 37.15 -58.27 -0.82
N HIS E 63 38.46 -58.40 -0.67
CA HIS E 63 39.38 -57.53 -1.40
C HIS E 63 39.43 -57.98 -2.85
N LEU E 64 39.62 -57.03 -3.76
CA LEU E 64 39.79 -57.40 -5.16
C LEU E 64 40.87 -58.48 -5.29
N LYS E 65 40.58 -59.49 -6.10
CA LYS E 65 41.51 -60.57 -6.38
C LYS E 65 42.88 -60.06 -6.87
N ASP E 66 42.85 -58.92 -7.56
CA ASP E 66 44.05 -58.25 -8.08
C ASP E 66 43.91 -56.75 -7.84
N PRO E 67 44.66 -56.22 -6.86
CA PRO E 67 44.59 -54.80 -6.45
C PRO E 67 44.75 -53.84 -7.63
N VAL E 68 44.01 -52.75 -7.59
CA VAL E 68 44.12 -51.71 -8.60
C VAL E 68 45.54 -51.18 -8.69
N ASP E 69 46.24 -51.11 -7.55
CA ASP E 69 47.56 -50.49 -7.48
C ASP E 69 48.71 -51.28 -8.15
N SER E 70 48.52 -52.58 -8.37
CA SER E 70 49.53 -53.35 -9.10
C SER E 70 49.56 -52.94 -10.58
N HIS E 71 48.70 -51.98 -10.94
CA HIS E 71 48.59 -51.52 -12.32
C HIS E 71 48.83 -50.03 -12.40
N MET E 72 49.04 -49.40 -11.24
CA MET E 72 49.21 -47.95 -11.19
C MET E 72 50.66 -47.55 -10.99
N GLY E 73 51.11 -46.56 -11.75
CA GLY E 73 52.47 -46.05 -11.63
C GLY E 73 52.56 -45.25 -10.35
N ARG E 74 53.78 -45.05 -9.86
CA ARG E 74 53.99 -44.39 -8.57
C ARG E 74 53.54 -42.93 -8.56
N LEU E 75 53.62 -42.29 -9.72
CA LEU E 75 53.16 -40.92 -9.86
C LEU E 75 51.65 -40.88 -9.60
N ASP E 76 50.91 -41.72 -10.31
CA ASP E 76 49.47 -41.84 -10.09
C ASP E 76 49.15 -42.11 -8.63
N MET E 77 50.01 -42.89 -7.96
CA MET E 77 49.89 -43.15 -6.53
C MET E 77 49.71 -41.86 -5.74
N ARG E 78 50.49 -40.85 -6.12
CA ARG E 78 50.49 -39.56 -5.39
C ARG E 78 49.45 -38.57 -5.91
N ARG E 79 49.18 -38.58 -7.21
CA ARG E 79 48.42 -37.50 -7.83
C ARG E 79 46.93 -37.83 -7.98
N MET E 80 46.57 -39.10 -7.80
CA MET E 80 45.18 -39.51 -7.89
C MET E 80 44.69 -40.09 -6.57
N SER E 81 43.39 -40.00 -6.32
CA SER E 81 42.79 -40.69 -5.18
C SER E 81 42.46 -42.13 -5.58
N TYR E 82 42.29 -43.00 -4.60
CA TYR E 82 42.07 -44.41 -4.88
C TYR E 82 41.03 -44.63 -5.97
N VAL E 83 39.86 -44.03 -5.81
CA VAL E 83 38.74 -44.25 -6.73
C VAL E 83 39.02 -43.68 -8.12
N GLN E 84 39.89 -42.67 -8.18
CA GLN E 84 40.38 -42.10 -9.43
C GLN E 84 41.27 -43.08 -10.18
N ARG E 85 42.17 -43.73 -9.43
CA ARG E 85 43.02 -44.78 -10.00
C ARG E 85 42.20 -45.94 -10.56
N MET E 86 41.15 -46.33 -9.84
CA MET E 86 40.26 -47.38 -10.31
C MET E 86 39.56 -46.93 -11.60
N GLY E 87 39.15 -45.67 -11.64
CA GLY E 87 38.50 -45.13 -12.82
C GLY E 87 39.38 -45.16 -14.07
N LYS E 88 40.64 -44.75 -13.90
CA LYS E 88 41.60 -44.75 -15.00
C LYS E 88 41.83 -46.17 -15.54
N LEU E 89 42.11 -47.10 -14.63
CA LEU E 89 42.28 -48.50 -15.00
C LEU E 89 41.09 -49.03 -15.78
N LEU E 90 39.92 -49.04 -15.14
CA LEU E 90 38.72 -49.63 -15.75
C LEU E 90 38.29 -48.92 -17.03
N GLY E 91 38.56 -47.62 -17.10
CA GLY E 91 38.21 -46.84 -18.28
C GLY E 91 39.02 -47.21 -19.51
N GLY E 92 40.33 -47.37 -19.32
CA GLY E 92 41.21 -47.78 -20.41
C GLY E 92 40.98 -49.24 -20.78
N GLN E 93 40.63 -50.06 -19.79
CA GLN E 93 40.28 -51.46 -20.05
C GLN E 93 39.01 -51.53 -20.90
N LEU E 94 37.99 -50.79 -20.52
CA LEU E 94 36.74 -50.78 -21.25
C LEU E 94 36.95 -50.27 -22.68
N TRP E 95 37.65 -49.15 -22.83
CA TRP E 95 37.86 -48.58 -24.16
C TRP E 95 38.57 -49.57 -25.08
N GLU E 96 39.55 -50.28 -24.53
CA GLU E 96 40.24 -51.31 -25.30
C GLU E 96 39.28 -52.43 -25.67
N SER E 97 38.60 -52.99 -24.67
CA SER E 97 37.60 -54.02 -24.90
C SER E 97 36.60 -53.61 -25.98
N ALA E 98 36.27 -52.32 -26.02
CA ALA E 98 35.34 -51.78 -26.99
C ALA E 98 35.96 -51.67 -28.38
N GLY E 99 37.30 -51.81 -28.43
CA GLY E 99 38.04 -51.76 -29.67
C GLY E 99 38.64 -50.39 -29.93
N SER E 100 38.80 -49.61 -28.87
CA SER E 100 39.32 -48.25 -28.96
C SER E 100 38.66 -47.47 -30.10
N PRO E 101 37.33 -47.30 -30.03
CA PRO E 101 36.49 -46.62 -31.02
C PRO E 101 36.85 -45.16 -31.24
N GLU E 102 36.66 -44.69 -32.47
CA GLU E 102 36.85 -43.29 -32.81
C GLU E 102 35.49 -42.61 -32.89
N VAL E 103 35.08 -41.97 -31.80
CA VAL E 103 33.76 -41.35 -31.73
C VAL E 103 33.87 -39.83 -31.79
N ASP E 104 32.72 -39.17 -31.89
CA ASP E 104 32.67 -37.72 -31.82
C ASP E 104 32.71 -37.32 -30.35
N PRO E 105 33.78 -36.63 -29.93
CA PRO E 105 33.88 -36.31 -28.50
C PRO E 105 32.72 -35.43 -28.04
N ASP E 106 32.18 -34.64 -28.97
CA ASP E 106 31.08 -33.73 -28.67
C ASP E 106 29.76 -34.47 -28.57
N ARG E 107 29.79 -35.76 -28.93
CA ARG E 107 28.63 -36.65 -28.84
C ARG E 107 28.89 -37.82 -27.89
N PHE E 108 29.93 -37.70 -27.08
CA PHE E 108 30.38 -38.75 -26.19
C PHE E 108 30.37 -38.26 -24.75
N ALA E 109 29.65 -38.99 -23.88
CA ALA E 109 29.45 -38.58 -22.49
C ALA E 109 30.00 -39.61 -21.51
N VAL E 110 30.18 -39.21 -20.26
CA VAL E 110 30.67 -40.10 -19.20
C VAL E 110 29.94 -39.87 -17.88
N VAL E 111 29.30 -40.92 -17.36
CA VAL E 111 28.52 -40.83 -16.11
C VAL E 111 28.89 -41.95 -15.13
N VAL E 112 29.64 -41.60 -14.09
CA VAL E 112 30.12 -42.59 -13.14
C VAL E 112 29.80 -42.18 -11.71
N GLY E 113 29.23 -43.12 -10.95
CA GLY E 113 28.89 -42.87 -9.56
C GLY E 113 29.89 -43.44 -8.56
N THR E 114 29.85 -42.91 -7.34
CA THR E 114 30.65 -43.42 -6.22
C THR E 114 29.83 -43.25 -4.96
N GLY E 115 30.40 -43.64 -3.84
CA GLY E 115 29.74 -43.46 -2.56
C GLY E 115 30.20 -42.21 -1.82
N LEU E 116 31.48 -41.88 -1.95
CA LEU E 116 32.07 -40.80 -1.17
C LEU E 116 33.07 -39.94 -1.95
N GLY E 117 34.09 -40.58 -2.52
CA GLY E 117 35.10 -39.88 -3.30
C GLY E 117 36.48 -40.10 -2.72
N GLY E 118 37.41 -39.18 -2.97
CA GLY E 118 38.76 -39.29 -2.44
C GLY E 118 38.88 -38.83 -1.01
N ALA E 119 38.16 -39.50 -0.11
CA ALA E 119 38.12 -39.14 1.30
C ALA E 119 39.41 -39.44 2.04
N GLU E 120 40.22 -40.36 1.50
CA GLU E 120 41.53 -40.64 2.05
C GLU E 120 42.39 -39.38 2.00
N ARG E 121 42.15 -38.55 0.98
CA ARG E 121 42.92 -37.34 0.76
C ARG E 121 42.48 -36.20 1.70
N ILE E 122 41.21 -36.23 2.09
CA ILE E 122 40.69 -35.31 3.09
C ILE E 122 41.41 -35.53 4.42
N VAL E 123 41.43 -36.78 4.86
CA VAL E 123 42.06 -37.12 6.14
C VAL E 123 43.58 -36.98 6.07
N GLU E 124 44.15 -37.23 4.90
CA GLU E 124 45.58 -37.04 4.69
C GLU E 124 45.92 -35.55 4.76
N SER E 125 45.13 -34.73 4.08
CA SER E 125 45.26 -33.29 4.14
C SER E 125 45.08 -32.75 5.55
N TYR E 126 44.10 -33.32 6.26
CA TYR E 126 43.81 -32.95 7.65
C TYR E 126 45.03 -33.24 8.53
N ASP E 127 45.60 -34.43 8.41
CA ASP E 127 46.76 -34.81 9.20
C ASP E 127 47.97 -33.94 8.90
N LEU E 128 48.12 -33.58 7.63
CA LEU E 128 49.26 -32.79 7.16
C LEU E 128 49.23 -31.37 7.72
N MET E 129 48.13 -30.67 7.50
CA MET E 129 47.97 -29.31 8.00
C MET E 129 48.08 -29.23 9.52
N ASN E 130 47.48 -30.19 10.22
CA ASN E 130 47.57 -30.21 11.67
C ASN E 130 49.00 -30.34 12.17
N ALA E 131 49.86 -30.98 11.37
CA ALA E 131 51.24 -31.28 11.76
C ALA E 131 52.27 -30.28 11.22
N GLY E 132 51.99 -29.68 10.07
CA GLY E 132 52.96 -28.81 9.40
C GLY E 132 52.39 -27.48 8.96
N GLY E 133 51.07 -27.42 8.77
CA GLY E 133 50.41 -26.18 8.41
C GLY E 133 49.71 -26.26 7.07
N PRO E 134 48.99 -25.19 6.71
CA PRO E 134 48.22 -25.11 5.46
C PRO E 134 49.13 -25.25 4.24
N ARG E 135 50.36 -24.78 4.40
CA ARG E 135 51.36 -24.76 3.34
C ARG E 135 51.74 -26.20 2.93
N LYS E 136 51.60 -27.13 3.86
CA LYS E 136 51.94 -28.54 3.62
C LYS E 136 50.78 -29.33 2.98
N VAL E 137 49.84 -28.61 2.36
CA VAL E 137 48.70 -29.26 1.71
C VAL E 137 48.93 -29.31 0.20
N SER E 138 48.57 -30.43 -0.43
CA SER E 138 48.86 -30.62 -1.84
C SER E 138 48.07 -29.69 -2.74
N PRO E 139 48.75 -29.06 -3.70
CA PRO E 139 48.10 -28.22 -4.72
C PRO E 139 47.16 -29.04 -5.59
N LEU E 140 47.19 -30.36 -5.45
CA LEU E 140 46.30 -31.24 -6.21
C LEU E 140 45.25 -31.86 -5.29
N ALA E 141 45.15 -31.33 -4.07
CA ALA E 141 44.23 -31.87 -3.07
C ALA E 141 42.76 -31.84 -3.48
N VAL E 142 42.28 -30.70 -3.97
CA VAL E 142 40.85 -30.60 -4.26
C VAL E 142 40.44 -31.54 -5.40
N GLN E 143 41.28 -31.64 -6.42
CA GLN E 143 40.97 -32.47 -7.57
C GLN E 143 41.10 -33.97 -7.28
N MET E 144 41.68 -34.33 -6.14
CA MET E 144 41.72 -35.73 -5.71
C MET E 144 40.57 -36.01 -4.76
N ILE E 145 40.07 -34.96 -4.12
CA ILE E 145 39.05 -35.08 -3.09
C ILE E 145 37.64 -35.04 -3.68
N MET E 146 37.39 -34.08 -4.56
CA MET E 146 36.07 -33.86 -5.15
C MET E 146 35.46 -35.16 -5.71
N PRO E 147 34.21 -35.44 -5.31
CA PRO E 147 33.52 -36.71 -5.60
C PRO E 147 33.31 -36.97 -7.10
N ASN E 148 33.36 -35.91 -7.90
CA ASN E 148 33.31 -36.01 -9.36
C ASN E 148 34.68 -36.32 -9.99
N GLY E 149 35.69 -36.54 -9.15
CA GLY E 149 37.05 -36.72 -9.62
C GLY E 149 37.28 -37.92 -10.53
N ALA E 150 36.72 -39.07 -10.15
CA ALA E 150 36.84 -40.29 -10.93
C ALA E 150 36.11 -40.19 -12.27
N ALA E 151 34.92 -39.58 -12.26
CA ALA E 151 34.18 -39.33 -13.50
C ALA E 151 34.93 -38.34 -14.39
N ALA E 152 35.46 -37.28 -13.78
CA ALA E 152 36.22 -36.27 -14.52
C ALA E 152 37.49 -36.89 -15.10
N VAL E 153 38.20 -37.67 -14.29
CA VAL E 153 39.41 -38.37 -14.72
C VAL E 153 39.16 -39.22 -15.96
N ILE E 154 38.10 -40.02 -15.92
CA ILE E 154 37.67 -40.81 -17.07
C ILE E 154 37.26 -39.97 -18.28
N GLY E 155 36.71 -38.78 -18.04
CA GLY E 155 36.18 -37.94 -19.11
C GLY E 155 37.30 -37.27 -19.88
N LEU E 156 38.35 -36.88 -19.15
CA LEU E 156 39.54 -36.29 -19.73
C LEU E 156 40.34 -37.35 -20.47
N GLN E 157 40.47 -38.53 -19.85
CA GLN E 157 41.27 -39.61 -20.41
C GLN E 157 40.66 -40.24 -21.66
N LEU E 158 39.33 -40.27 -21.72
CA LEU E 158 38.61 -40.92 -22.81
C LEU E 158 38.17 -39.95 -23.91
N GLY E 159 37.96 -38.69 -23.52
CA GLY E 159 37.72 -37.63 -24.48
C GLY E 159 36.32 -37.07 -24.50
N ALA E 160 35.48 -37.53 -23.57
CA ALA E 160 34.05 -37.15 -23.54
C ALA E 160 33.81 -35.68 -23.24
N ARG E 161 33.21 -34.98 -24.19
CA ARG E 161 32.93 -33.55 -24.06
C ARG E 161 31.43 -33.23 -23.97
N ALA E 162 30.60 -34.28 -24.02
CA ALA E 162 29.14 -34.12 -24.00
C ALA E 162 28.54 -34.30 -22.61
N GLY E 163 29.34 -33.98 -21.60
CA GLY E 163 28.86 -34.05 -20.23
C GLY E 163 29.58 -35.13 -19.44
N VAL E 164 30.06 -34.77 -18.26
CA VAL E 164 30.67 -35.72 -17.35
C VAL E 164 29.94 -35.64 -16.01
N MET E 165 29.19 -36.69 -15.69
CA MET E 165 28.23 -36.64 -14.59
C MET E 165 28.51 -37.67 -13.50
N THR E 166 28.17 -37.28 -12.27
CA THR E 166 28.40 -38.10 -11.10
C THR E 166 27.20 -38.02 -10.17
N PRO E 167 26.21 -38.91 -10.36
CA PRO E 167 25.10 -39.02 -9.41
C PRO E 167 25.56 -39.73 -8.15
N VAL E 168 25.31 -39.17 -6.98
CA VAL E 168 25.58 -39.90 -5.75
C VAL E 168 24.28 -40.24 -5.04
N SER E 169 24.10 -41.52 -4.75
CA SER E 169 22.92 -42.00 -4.03
C SER E 169 23.28 -43.23 -3.21
N ALA E 170 24.47 -43.18 -2.60
CA ALA E 170 24.94 -44.29 -1.80
C ALA E 170 24.91 -45.58 -2.61
N GLN E 171 24.24 -46.61 -2.09
CA GLN E 171 24.30 -47.94 -2.68
C GLN E 171 23.54 -48.09 -4.02
N SER E 172 22.87 -47.03 -4.46
CA SER E 172 22.24 -47.03 -5.78
C SER E 172 23.04 -46.24 -6.83
N SER E 173 24.18 -45.68 -6.42
CA SER E 173 24.98 -44.79 -7.28
C SER E 173 25.36 -45.36 -8.65
N GLY E 174 25.86 -46.60 -8.65
CA GLY E 174 26.33 -47.23 -9.87
C GLY E 174 25.21 -47.46 -10.86
N SER E 175 24.04 -47.83 -10.34
CA SER E 175 22.84 -48.00 -11.16
C SER E 175 22.33 -46.66 -11.67
N GLU E 176 22.29 -45.67 -10.80
CA GLU E 176 21.74 -44.38 -11.16
C GLU E 176 22.55 -43.73 -12.28
N ALA E 177 23.87 -43.89 -12.22
CA ALA E 177 24.76 -43.32 -13.21
C ALA E 177 24.40 -43.85 -14.59
N ILE E 178 24.02 -45.13 -14.64
CA ILE E 178 23.61 -45.76 -15.89
C ILE E 178 22.24 -45.25 -16.35
N ALA E 179 21.38 -44.91 -15.40
CA ALA E 179 20.09 -44.31 -15.73
C ALA E 179 20.28 -42.93 -16.35
N HIS E 180 21.11 -42.12 -15.72
CA HIS E 180 21.38 -40.75 -16.16
C HIS E 180 22.16 -40.70 -17.47
N ALA E 181 22.81 -41.79 -17.84
CA ALA E 181 23.53 -41.88 -19.11
C ALA E 181 22.63 -42.31 -20.25
N TRP E 182 21.63 -43.13 -19.94
CA TRP E 182 20.56 -43.49 -20.88
C TRP E 182 19.74 -42.24 -21.24
N ARG E 183 19.43 -41.45 -20.21
CA ARG E 183 18.69 -40.19 -20.40
C ARG E 183 19.44 -39.26 -21.34
N GLN E 184 20.71 -39.02 -21.05
CA GLN E 184 21.57 -38.17 -21.87
C GLN E 184 21.54 -38.57 -23.34
N ILE E 185 21.36 -39.85 -23.62
CA ILE E 185 21.31 -40.31 -24.99
C ILE E 185 19.92 -40.13 -25.59
N VAL E 186 18.90 -40.64 -24.91
CA VAL E 186 17.53 -40.58 -25.40
C VAL E 186 17.03 -39.14 -25.49
N MET E 187 17.57 -38.27 -24.64
CA MET E 187 17.26 -36.85 -24.71
C MET E 187 17.96 -36.17 -25.89
N GLY E 188 19.05 -36.79 -26.36
CA GLY E 188 19.76 -36.30 -27.53
C GLY E 188 21.03 -35.54 -27.20
N ASP E 189 21.49 -35.65 -25.96
CA ASP E 189 22.69 -34.95 -25.56
C ASP E 189 23.96 -35.75 -25.83
N ALA E 190 23.80 -37.03 -26.14
CA ALA E 190 24.94 -37.89 -26.48
C ALA E 190 24.57 -39.09 -27.35
N ASP E 191 25.54 -39.60 -28.10
CA ASP E 191 25.33 -40.76 -28.95
C ASP E 191 25.95 -42.00 -28.31
N VAL E 192 26.91 -41.76 -27.41
CA VAL E 192 27.65 -42.83 -26.77
C VAL E 192 28.03 -42.37 -25.36
N ALA E 193 28.12 -43.32 -24.43
CA ALA E 193 28.42 -43.00 -23.04
C ALA E 193 29.11 -44.14 -22.30
N VAL E 194 30.00 -43.77 -21.39
CA VAL E 194 30.67 -44.68 -20.46
C VAL E 194 30.09 -44.47 -19.07
N CYS E 195 29.46 -45.50 -18.52
CA CYS E 195 28.72 -45.36 -17.26
C CYS E 195 28.93 -46.53 -16.31
N GLY E 196 28.97 -46.23 -15.01
CA GLY E 196 29.19 -47.28 -14.04
C GLY E 196 29.48 -46.71 -12.68
N GLY E 197 30.23 -47.45 -11.87
CA GLY E 197 30.56 -46.99 -10.53
C GLY E 197 31.93 -47.47 -10.09
N VAL E 198 32.54 -46.71 -9.19
CA VAL E 198 33.76 -47.11 -8.54
C VAL E 198 33.54 -46.84 -7.07
N GLU E 199 34.43 -47.35 -6.22
CA GLU E 199 34.27 -47.24 -4.79
C GLU E 199 35.57 -47.61 -4.10
N GLY E 200 35.81 -47.05 -2.92
CA GLY E 200 37.01 -47.38 -2.16
C GLY E 200 37.06 -48.85 -1.81
N PRO E 201 38.19 -49.30 -1.24
CA PRO E 201 38.31 -50.66 -0.75
C PRO E 201 37.97 -50.79 0.73
N ILE E 202 37.87 -52.01 1.22
CA ILE E 202 37.66 -52.29 2.63
C ILE E 202 38.72 -51.62 3.53
N GLU E 203 38.26 -50.89 4.53
CA GLU E 203 39.15 -50.25 5.51
C GLU E 203 38.52 -50.21 6.92
N ALA E 204 39.20 -49.57 7.86
CA ALA E 204 38.83 -49.63 9.25
C ALA E 204 37.70 -48.67 9.63
N LEU E 205 37.80 -47.43 9.17
CA LEU E 205 36.79 -46.42 9.50
C LEU E 205 35.43 -46.76 8.89
N PRO E 206 35.40 -47.15 7.60
CA PRO E 206 34.16 -47.63 6.98
C PRO E 206 33.53 -48.80 7.72
N ILE E 207 34.33 -49.81 8.06
CA ILE E 207 33.83 -50.96 8.81
C ILE E 207 33.23 -50.50 10.12
N ALA E 208 33.96 -49.64 10.83
CA ALA E 208 33.52 -49.09 12.11
C ALA E 208 32.25 -48.26 11.98
N ALA E 209 32.13 -47.54 10.88
CA ALA E 209 30.96 -46.71 10.65
C ALA E 209 29.70 -47.56 10.43
N PHE E 210 29.75 -48.45 9.45
CA PHE E 210 28.61 -49.29 9.13
C PHE E 210 28.32 -50.28 10.25
N SER E 211 29.35 -50.63 11.01
CA SER E 211 29.22 -51.63 12.07
C SER E 211 28.53 -51.10 13.33
N MET E 212 28.59 -49.78 13.52
CA MET E 212 27.88 -49.13 14.61
C MET E 212 26.40 -49.03 14.29
N MET E 213 26.08 -49.05 12.99
CA MET E 213 24.71 -49.11 12.53
C MET E 213 24.15 -50.50 12.84
N ARG E 214 25.04 -51.42 13.17
CA ARG E 214 24.68 -52.83 13.29
C ARG E 214 24.02 -53.26 11.97
N ALA E 215 24.74 -53.09 10.87
CA ALA E 215 24.22 -53.46 9.54
C ALA E 215 25.04 -54.58 8.89
N MET E 216 26.26 -54.78 9.39
CA MET E 216 27.16 -55.76 8.81
C MET E 216 26.99 -57.14 9.44
N SER E 217 27.25 -58.17 8.63
CA SER E 217 27.24 -59.54 9.11
C SER E 217 28.49 -59.75 9.95
N THR E 218 28.36 -60.50 11.04
CA THR E 218 29.50 -60.85 11.88
C THR E 218 29.74 -62.36 11.93
N ARG E 219 29.25 -63.08 10.94
CA ARG E 219 29.52 -64.51 10.79
C ARG E 219 30.96 -64.71 10.33
N ASN E 220 31.91 -64.50 11.25
CA ASN E 220 33.32 -64.45 10.87
C ASN E 220 33.98 -65.82 10.75
N ASP E 221 33.45 -66.81 11.46
CA ASP E 221 34.03 -68.15 11.42
C ASP E 221 33.80 -68.79 10.06
N GLU E 222 32.79 -68.32 9.33
CA GLU E 222 32.50 -68.81 7.99
C GLU E 222 32.24 -67.66 7.03
N PRO E 223 33.31 -67.19 6.37
CA PRO E 223 33.29 -65.99 5.53
C PRO E 223 32.44 -66.16 4.27
N GLU E 224 32.54 -67.33 3.63
CA GLU E 224 31.84 -67.57 2.37
C GLU E 224 30.34 -67.77 2.60
N ARG E 225 29.95 -67.92 3.86
CA ARG E 225 28.55 -68.15 4.23
C ARG E 225 27.89 -66.96 4.90
N ALA E 226 28.61 -65.83 4.97
CA ALA E 226 28.15 -64.67 5.70
C ALA E 226 27.02 -63.94 5.00
N SER E 227 27.16 -63.78 3.69
CA SER E 227 26.16 -63.10 2.87
C SER E 227 25.00 -64.05 2.52
N ARG E 228 23.81 -63.78 3.09
CA ARG E 228 22.66 -64.67 2.92
C ARG E 228 21.39 -63.95 2.47
N PRO E 229 21.41 -63.31 1.29
CA PRO E 229 20.22 -62.61 0.78
C PRO E 229 18.98 -63.51 0.72
N PHE E 230 17.91 -63.04 1.34
CA PHE E 230 16.61 -63.72 1.37
C PHE E 230 16.57 -64.98 2.25
N ASP E 231 17.70 -65.34 2.85
CA ASP E 231 17.77 -66.45 3.79
C ASP E 231 17.27 -66.02 5.14
N LYS E 232 16.79 -66.97 5.95
CA LYS E 232 16.17 -66.64 7.23
C LYS E 232 17.20 -66.39 8.32
N ASP E 233 18.46 -66.69 8.01
CA ASP E 233 19.55 -66.56 8.97
C ASP E 233 20.44 -65.34 8.68
N ARG E 234 20.07 -64.57 7.67
CA ARG E 234 20.86 -63.41 7.27
C ARG E 234 21.03 -62.44 8.43
N ASP E 235 22.26 -61.98 8.65
CA ASP E 235 22.53 -61.04 9.73
C ASP E 235 23.26 -59.78 9.24
N GLY E 236 23.04 -59.42 7.98
CA GLY E 236 23.55 -58.17 7.45
C GLY E 236 24.37 -58.31 6.17
N PHE E 237 24.86 -57.19 5.66
CA PHE E 237 25.66 -57.21 4.44
C PHE E 237 27.14 -57.48 4.66
N VAL E 238 27.78 -58.04 3.65
CA VAL E 238 29.22 -58.22 3.67
C VAL E 238 29.87 -57.28 2.66
N PHE E 239 31.04 -56.75 3.03
CA PHE E 239 31.83 -55.97 2.11
C PHE E 239 32.47 -56.85 1.03
N GLY E 240 32.30 -56.41 -0.21
CA GLY E 240 32.93 -57.04 -1.36
C GLY E 240 33.33 -55.94 -2.30
N GLU E 241 34.63 -55.76 -2.49
CA GLU E 241 35.13 -54.69 -3.35
C GLU E 241 34.84 -54.97 -4.82
N ALA E 242 34.57 -53.91 -5.57
CA ALA E 242 34.35 -54.02 -7.00
C ALA E 242 34.33 -52.63 -7.64
N GLY E 243 34.21 -52.63 -8.95
CA GLY E 243 34.06 -51.41 -9.72
C GLY E 243 33.71 -51.88 -11.12
N ALA E 244 32.77 -51.20 -11.78
CA ALA E 244 32.29 -51.64 -13.07
C ALA E 244 31.86 -50.52 -14.00
N LEU E 245 32.17 -50.68 -15.28
CA LEU E 245 31.83 -49.71 -16.31
C LEU E 245 31.19 -50.43 -17.48
N MET E 246 30.34 -49.73 -18.21
CA MET E 246 29.85 -50.25 -19.48
C MET E 246 29.77 -49.16 -20.55
N LEU E 247 29.97 -49.55 -21.80
CA LEU E 247 29.79 -48.62 -22.90
C LEU E 247 28.42 -48.82 -23.50
N ILE E 248 27.61 -47.76 -23.49
CA ILE E 248 26.33 -47.77 -24.16
C ILE E 248 26.27 -46.73 -25.29
N GLU E 249 25.46 -46.97 -26.30
CA GLU E 249 25.36 -46.04 -27.44
C GLU E 249 24.11 -46.34 -28.25
N THR E 250 23.77 -45.46 -29.18
CA THR E 250 22.57 -45.68 -29.98
C THR E 250 22.80 -46.89 -30.86
N GLU E 251 21.74 -47.68 -31.06
CA GLU E 251 21.84 -48.90 -31.85
C GLU E 251 22.36 -48.60 -33.25
N GLU E 252 22.22 -47.35 -33.66
CA GLU E 252 22.66 -46.90 -34.99
C GLU E 252 24.15 -46.56 -34.99
N HIS E 253 24.59 -45.93 -33.90
CA HIS E 253 25.99 -45.63 -33.65
C HIS E 253 26.80 -46.92 -33.66
N ALA E 254 26.44 -47.84 -32.78
CA ALA E 254 27.13 -49.13 -32.67
C ALA E 254 27.18 -49.86 -34.01
N LYS E 255 26.09 -49.77 -34.75
CA LYS E 255 25.95 -50.43 -36.05
C LYS E 255 26.97 -49.87 -37.06
N ALA E 256 27.01 -48.55 -37.18
CA ALA E 256 27.90 -47.89 -38.12
C ALA E 256 29.38 -48.15 -37.83
N ARG E 257 29.69 -48.58 -36.61
CA ARG E 257 31.08 -48.88 -36.27
C ARG E 257 31.36 -50.38 -36.14
N GLY E 258 30.36 -51.21 -36.39
CA GLY E 258 30.54 -52.65 -36.46
C GLY E 258 30.44 -53.37 -35.13
N ALA E 259 30.05 -52.65 -34.09
CA ALA E 259 29.97 -53.24 -32.75
C ALA E 259 28.80 -54.22 -32.59
N LYS E 260 29.09 -55.41 -32.10
CA LYS E 260 28.06 -56.37 -31.73
C LYS E 260 27.65 -56.13 -30.28
N PRO E 261 26.37 -55.77 -30.07
CA PRO E 261 25.80 -55.47 -28.76
C PRO E 261 25.65 -56.70 -27.85
N LEU E 262 26.01 -56.54 -26.58
CA LEU E 262 25.83 -57.59 -25.59
C LEU E 262 24.38 -57.59 -25.10
N ALA E 263 23.73 -56.44 -25.18
CA ALA E 263 22.35 -56.29 -24.75
C ALA E 263 21.76 -54.92 -25.10
N ARG E 264 20.50 -54.73 -24.72
CA ARG E 264 19.79 -53.47 -24.91
C ARG E 264 19.46 -52.86 -23.55
N LEU E 265 19.42 -51.54 -23.49
CA LEU E 265 19.04 -50.81 -22.28
C LEU E 265 17.75 -50.05 -22.57
N LEU E 266 16.65 -50.49 -21.97
CA LEU E 266 15.31 -50.09 -22.40
C LEU E 266 14.66 -48.98 -21.60
N GLY E 267 15.19 -48.65 -20.42
CA GLY E 267 14.64 -47.57 -19.64
C GLY E 267 15.02 -47.67 -18.17
N ALA E 268 14.72 -46.61 -17.43
CA ALA E 268 15.12 -46.54 -16.03
C ALA E 268 14.15 -45.71 -15.19
N GLY E 269 13.94 -46.13 -13.95
CA GLY E 269 13.09 -45.40 -13.03
C GLY E 269 13.88 -44.97 -11.82
N ILE E 270 13.51 -43.82 -11.26
CA ILE E 270 14.13 -43.28 -10.05
C ILE E 270 13.11 -42.67 -9.09
N THR E 271 12.88 -43.33 -7.95
CA THR E 271 11.93 -42.82 -6.97
C THR E 271 12.60 -42.80 -5.60
N SER E 272 11.89 -42.28 -4.61
CA SER E 272 12.39 -42.28 -3.22
C SER E 272 11.28 -42.62 -2.21
N ASP E 273 11.66 -43.02 -1.01
CA ASP E 273 10.71 -43.50 -0.02
C ASP E 273 10.06 -42.39 0.78
N ALA E 274 10.80 -41.32 1.02
CA ALA E 274 10.40 -40.33 2.01
C ALA E 274 9.94 -41.05 3.27
N PHE E 275 10.76 -42.00 3.73
CA PHE E 275 10.39 -42.84 4.87
C PHE E 275 11.41 -42.78 6.01
N HIS E 276 12.67 -43.03 5.68
CA HIS E 276 13.75 -43.08 6.67
C HIS E 276 15.07 -42.68 6.01
N MET E 277 16.05 -42.32 6.83
CA MET E 277 17.36 -41.90 6.31
C MET E 277 18.21 -43.08 5.84
N VAL E 278 18.13 -44.20 6.54
CA VAL E 278 18.89 -45.39 6.15
C VAL E 278 18.01 -46.63 5.93
N ALA E 279 16.92 -46.73 6.67
CA ALA E 279 16.00 -47.86 6.55
C ALA E 279 15.02 -47.71 5.39
N PRO E 280 14.84 -48.77 4.57
CA PRO E 280 13.97 -48.72 3.40
C PRO E 280 12.51 -48.71 3.81
N ALA E 281 11.62 -48.30 2.92
CA ALA E 281 10.18 -48.36 3.19
C ALA E 281 9.76 -49.82 3.29
N ALA E 282 9.05 -50.16 4.36
CA ALA E 282 8.60 -51.52 4.58
C ALA E 282 7.65 -52.00 3.49
N ASP E 283 6.76 -51.11 3.06
CA ASP E 283 5.73 -51.47 2.07
C ASP E 283 6.29 -51.66 0.66
N GLY E 284 7.44 -51.06 0.39
CA GLY E 284 8.12 -51.25 -0.87
C GLY E 284 7.45 -50.64 -2.08
N VAL E 285 6.40 -49.85 -1.84
CA VAL E 285 5.62 -49.29 -2.96
C VAL E 285 6.41 -48.30 -3.83
N ARG E 286 7.22 -47.47 -3.20
CA ARG E 286 8.06 -46.54 -3.96
C ARG E 286 9.20 -47.28 -4.70
N ALA E 287 9.68 -48.38 -4.12
CA ALA E 287 10.70 -49.21 -4.78
C ALA E 287 10.16 -49.99 -5.98
N GLY E 288 8.99 -50.61 -5.81
CA GLY E 288 8.35 -51.29 -6.92
C GLY E 288 7.96 -50.31 -8.01
N ARG E 289 7.72 -49.06 -7.61
CA ARG E 289 7.36 -47.99 -8.54
C ARG E 289 8.51 -47.67 -9.46
N ALA E 290 9.73 -47.72 -8.92
CA ALA E 290 10.92 -47.57 -9.74
C ALA E 290 10.92 -48.63 -10.83
N MET E 291 10.67 -49.88 -10.45
CA MET E 291 10.56 -50.97 -11.42
C MET E 291 9.45 -50.69 -12.43
N THR E 292 8.26 -50.32 -11.95
CA THR E 292 7.14 -50.00 -12.83
C THR E 292 7.49 -48.94 -13.88
N ARG E 293 8.25 -47.92 -13.46
CA ARG E 293 8.62 -46.79 -14.30
C ARG E 293 9.63 -47.16 -15.39
N SER E 294 10.56 -48.06 -15.07
CA SER E 294 11.51 -48.53 -16.07
C SER E 294 10.77 -49.32 -17.14
N LEU E 295 9.70 -49.99 -16.73
CA LEU E 295 8.85 -50.74 -17.65
C LEU E 295 8.07 -49.79 -18.57
N GLU E 296 7.59 -48.69 -18.00
CA GLU E 296 6.87 -47.67 -18.77
C GLU E 296 7.73 -47.10 -19.90
N LEU E 297 8.93 -46.62 -19.55
CA LEU E 297 9.86 -46.05 -20.51
C LEU E 297 10.40 -47.10 -21.47
N ALA E 298 10.40 -48.36 -21.02
CA ALA E 298 10.90 -49.47 -21.82
C ALA E 298 9.88 -49.94 -22.86
N GLY E 299 8.63 -50.02 -22.44
CA GLY E 299 7.57 -50.54 -23.30
C GLY E 299 7.21 -51.97 -22.94
N LEU E 300 7.71 -52.43 -21.79
CA LEU E 300 7.46 -53.79 -21.33
C LEU E 300 6.27 -53.84 -20.36
N SER E 301 5.67 -55.02 -20.24
CA SER E 301 4.70 -55.26 -19.17
C SER E 301 5.36 -56.07 -18.05
N PRO E 302 4.77 -56.08 -16.86
CA PRO E 302 5.35 -56.82 -15.73
C PRO E 302 5.63 -58.28 -16.07
N ALA E 303 4.74 -58.89 -16.85
CA ALA E 303 4.86 -60.29 -17.18
C ALA E 303 6.06 -60.53 -18.08
N ASP E 304 6.46 -59.51 -18.83
CA ASP E 304 7.58 -59.62 -19.77
C ASP E 304 8.88 -59.86 -19.03
N ILE E 305 8.90 -59.56 -17.74
CA ILE E 305 10.11 -59.68 -16.95
C ILE E 305 10.30 -61.12 -16.46
N ASP E 306 11.29 -61.78 -17.03
CA ASP E 306 11.58 -63.17 -16.71
C ASP E 306 12.67 -63.23 -15.65
N HIS E 307 13.31 -62.11 -15.39
CA HIS E 307 14.44 -62.09 -14.46
C HIS E 307 14.57 -60.78 -13.69
N VAL E 308 14.87 -60.90 -12.39
CA VAL E 308 15.17 -59.73 -11.56
C VAL E 308 16.49 -59.93 -10.83
N ASN E 309 17.46 -59.05 -11.11
CA ASN E 309 18.71 -59.01 -10.36
C ASN E 309 18.42 -58.24 -9.09
N ALA E 310 18.42 -58.93 -7.96
CA ALA E 310 18.02 -58.32 -6.70
C ALA E 310 19.14 -57.54 -6.03
N HIS E 311 18.80 -56.35 -5.53
CA HIS E 311 19.71 -55.59 -4.73
C HIS E 311 20.14 -56.48 -3.57
N GLY E 312 19.15 -57.19 -3.04
CA GLY E 312 19.33 -58.15 -1.97
C GLY E 312 20.57 -58.01 -1.11
N THR E 313 20.60 -57.00 -0.24
CA THR E 313 21.77 -56.77 0.62
C THR E 313 22.00 -57.84 1.68
N ALA E 314 20.95 -58.62 1.97
CA ALA E 314 20.99 -59.67 2.99
C ALA E 314 20.72 -59.14 4.40
N THR E 315 20.35 -57.87 4.51
CA THR E 315 19.85 -57.34 5.78
C THR E 315 18.37 -57.68 5.95
N PRO E 316 17.97 -57.98 7.19
CA PRO E 316 16.60 -58.38 7.55
C PRO E 316 15.47 -57.45 7.04
N ILE E 317 15.66 -56.14 7.01
CA ILE E 317 14.56 -55.29 6.55
C ILE E 317 14.74 -54.80 5.11
N GLY E 318 15.98 -54.74 4.65
CA GLY E 318 16.25 -54.48 3.26
C GLY E 318 15.66 -55.57 2.39
N ASP E 319 16.01 -56.83 2.70
CA ASP E 319 15.52 -57.97 1.95
C ASP E 319 14.01 -58.12 2.06
N ALA E 320 13.48 -57.90 3.25
CA ALA E 320 12.04 -57.94 3.46
C ALA E 320 11.32 -56.90 2.61
N ALA E 321 11.89 -55.70 2.57
CA ALA E 321 11.30 -54.61 1.80
C ALA E 321 11.33 -54.90 0.31
N GLU E 322 12.46 -55.41 -0.20
CA GLU E 322 12.57 -55.67 -1.63
C GLU E 322 11.63 -56.75 -2.14
N ALA E 323 11.34 -57.75 -1.32
CA ALA E 323 10.33 -58.74 -1.69
C ALA E 323 9.01 -58.03 -1.97
N ASN E 324 8.65 -57.12 -1.06
CA ASN E 324 7.44 -56.33 -1.18
C ASN E 324 7.39 -55.47 -2.43
N ALA E 325 8.52 -54.87 -2.77
CA ALA E 325 8.62 -54.03 -3.96
C ALA E 325 8.38 -54.81 -5.24
N ILE E 326 8.96 -56.01 -5.34
CA ILE E 326 8.81 -56.83 -6.54
C ILE E 326 7.37 -57.31 -6.72
N ARG E 327 6.73 -57.69 -5.63
CA ARG E 327 5.30 -57.95 -5.62
C ARG E 327 4.55 -56.73 -6.18
N VAL E 328 4.79 -55.57 -5.57
CA VAL E 328 4.16 -54.31 -6.01
C VAL E 328 4.24 -54.16 -7.52
N ALA E 329 5.44 -54.27 -8.07
CA ALA E 329 5.66 -54.12 -9.51
C ALA E 329 5.20 -55.33 -10.32
N GLY E 330 4.44 -56.22 -9.70
CA GLY E 330 3.90 -57.38 -10.37
C GLY E 330 4.94 -58.22 -11.07
N CYS E 331 6.11 -58.36 -10.44
CA CYS E 331 7.25 -59.09 -11.00
C CYS E 331 7.66 -60.32 -10.21
N ASP E 332 6.90 -60.68 -9.18
CA ASP E 332 7.32 -61.77 -8.28
C ASP E 332 7.30 -63.18 -8.87
N GLN E 333 7.04 -63.25 -10.18
CA GLN E 333 7.09 -64.52 -10.92
C GLN E 333 8.45 -64.66 -11.59
N ALA E 334 9.17 -63.56 -11.68
CA ALA E 334 10.49 -63.51 -12.32
C ALA E 334 11.52 -64.38 -11.60
N ALA E 335 12.51 -64.89 -12.33
CA ALA E 335 13.63 -65.61 -11.71
C ALA E 335 14.54 -64.60 -11.03
N VAL E 336 14.94 -64.90 -9.80
CA VAL E 336 15.69 -63.92 -9.00
C VAL E 336 17.14 -64.32 -8.72
N TYR E 337 18.05 -63.36 -8.89
CA TYR E 337 19.44 -63.51 -8.49
C TYR E 337 19.82 -62.47 -7.45
N ALA E 338 20.51 -62.89 -6.41
CA ALA E 338 21.07 -62.00 -5.42
C ALA E 338 22.59 -62.18 -5.40
N PRO E 339 23.33 -61.37 -6.20
CA PRO E 339 24.77 -61.48 -6.43
C PRO E 339 25.66 -61.13 -5.24
N LYS E 340 25.14 -60.36 -4.29
CA LYS E 340 25.90 -59.97 -3.11
C LYS E 340 26.23 -61.16 -2.22
N SER E 341 25.50 -62.25 -2.43
CA SER E 341 25.77 -63.51 -1.75
C SER E 341 27.21 -63.99 -2.01
N ALA E 342 27.73 -63.69 -3.19
CA ALA E 342 29.02 -64.19 -3.61
C ALA E 342 30.06 -63.09 -3.81
N LEU E 343 29.58 -61.88 -4.11
CA LEU E 343 30.48 -60.80 -4.48
C LEU E 343 30.54 -59.72 -3.43
N GLY E 344 29.57 -59.73 -2.52
CA GLY E 344 29.50 -58.75 -1.45
C GLY E 344 28.95 -57.40 -1.89
N HIS E 345 29.09 -56.40 -1.04
CA HIS E 345 28.55 -55.07 -1.29
C HIS E 345 29.67 -54.06 -1.52
N SER E 346 29.75 -53.49 -2.73
CA SER E 346 30.77 -52.49 -3.04
C SER E 346 30.26 -51.05 -2.92
N ILE E 347 29.13 -50.86 -2.24
CA ILE E 347 28.54 -49.55 -2.03
C ILE E 347 28.21 -48.81 -3.33
N GLY E 348 29.05 -47.86 -3.73
CA GLY E 348 28.76 -47.03 -4.89
C GLY E 348 29.02 -47.68 -6.25
N ALA E 349 29.70 -48.82 -6.25
CA ALA E 349 30.02 -49.52 -7.49
C ALA E 349 29.05 -50.65 -7.83
N VAL E 350 28.40 -51.18 -6.80
CA VAL E 350 27.67 -52.45 -6.89
C VAL E 350 26.45 -52.43 -7.81
N GLY E 351 25.78 -51.28 -7.91
CA GLY E 351 24.68 -51.13 -8.84
C GLY E 351 25.15 -51.30 -10.27
N ALA E 352 26.37 -50.83 -10.51
CA ALA E 352 26.97 -50.87 -11.85
C ALA E 352 27.40 -52.29 -12.18
N LEU E 353 28.13 -52.88 -11.24
CA LEU E 353 28.51 -54.29 -11.32
C LEU E 353 27.31 -55.17 -11.67
N GLU E 354 26.28 -55.14 -10.83
CA GLU E 354 25.12 -56.01 -11.02
C GLU E 354 24.37 -55.73 -12.31
N SER E 355 24.54 -54.53 -12.86
CA SER E 355 23.94 -54.19 -14.15
C SER E 355 24.72 -54.88 -15.25
N VAL E 356 26.00 -55.10 -14.99
CA VAL E 356 26.84 -55.87 -15.89
C VAL E 356 26.37 -57.32 -15.85
N LEU E 357 26.22 -57.85 -14.64
CA LEU E 357 25.78 -59.23 -14.43
C LEU E 357 24.43 -59.44 -15.13
N THR E 358 23.54 -58.47 -15.01
CA THR E 358 22.23 -58.56 -15.64
C THR E 358 22.36 -58.73 -17.15
N VAL E 359 23.28 -57.98 -17.75
CA VAL E 359 23.57 -58.04 -19.18
C VAL E 359 24.14 -59.39 -19.64
N LEU E 360 25.01 -59.97 -18.82
CA LEU E 360 25.66 -61.24 -19.15
C LEU E 360 24.67 -62.37 -18.98
N THR E 361 23.74 -62.21 -18.05
CA THR E 361 22.64 -63.16 -17.86
C THR E 361 21.78 -63.23 -19.11
N LEU E 362 21.43 -62.06 -19.64
CA LEU E 362 20.58 -61.96 -20.84
C LEU E 362 21.29 -62.51 -22.05
N ARG E 363 22.57 -62.17 -22.17
CA ARG E 363 23.44 -62.61 -23.25
C ARG E 363 23.68 -64.13 -23.24
N ASP E 364 24.07 -64.66 -22.08
CA ASP E 364 24.42 -66.07 -21.97
C ASP E 364 23.27 -66.99 -21.56
N GLY E 365 22.07 -66.41 -21.42
CA GLY E 365 20.88 -67.17 -21.12
C GLY E 365 21.02 -68.06 -19.89
N VAL E 366 21.50 -67.48 -18.80
CA VAL E 366 21.74 -68.23 -17.56
C VAL E 366 21.87 -67.30 -16.35
N ILE E 367 21.44 -67.79 -15.19
CA ILE E 367 21.58 -67.10 -13.92
C ILE E 367 22.43 -67.95 -12.98
N PRO E 368 23.47 -67.36 -12.38
CA PRO E 368 24.32 -68.03 -11.38
C PRO E 368 23.53 -68.34 -10.11
N PRO E 369 24.08 -69.22 -9.25
CA PRO E 369 23.43 -69.56 -7.98
C PRO E 369 23.60 -68.49 -6.90
N THR E 370 22.50 -67.98 -6.38
CA THR E 370 22.53 -67.15 -5.17
C THR E 370 23.04 -68.02 -4.04
N LEU E 371 24.24 -67.74 -3.54
CA LEU E 371 24.82 -68.54 -2.47
C LEU E 371 24.10 -68.39 -1.14
N ASN E 372 24.28 -69.39 -0.27
CA ASN E 372 23.84 -69.33 1.12
C ASN E 372 22.32 -69.22 1.30
N TYR E 373 21.57 -69.75 0.34
CA TYR E 373 20.12 -69.70 0.39
C TYR E 373 19.55 -71.04 0.85
N GLU E 374 19.62 -71.28 2.15
CA GLU E 374 19.41 -72.62 2.71
C GLU E 374 18.11 -72.75 3.47
N THR E 375 17.65 -71.65 4.06
CA THR E 375 16.40 -71.62 4.77
C THR E 375 15.66 -70.35 4.37
N PRO E 376 14.98 -70.41 3.22
CA PRO E 376 14.28 -69.24 2.68
C PRO E 376 13.38 -68.57 3.73
N ASP E 377 13.57 -67.26 3.92
CA ASP E 377 12.65 -66.46 4.73
C ASP E 377 11.21 -66.80 4.34
N PRO E 378 10.43 -67.30 5.31
CA PRO E 378 9.01 -67.62 5.10
C PRO E 378 8.16 -66.40 4.75
N GLU E 379 8.58 -65.22 5.22
CA GLU E 379 7.81 -64.00 5.01
C GLU E 379 7.94 -63.51 3.56
N ILE E 380 8.93 -64.05 2.85
CA ILE E 380 9.37 -63.49 1.58
C ILE E 380 8.84 -64.17 0.29
N ASP E 381 9.25 -65.41 0.04
CA ASP E 381 8.75 -66.18 -1.11
C ASP E 381 9.06 -65.59 -2.51
N LEU E 382 10.32 -65.69 -2.93
CA LEU E 382 10.71 -65.27 -4.27
C LEU E 382 11.44 -66.42 -4.97
N ASP E 383 11.08 -66.69 -6.21
CA ASP E 383 11.80 -67.69 -7.01
C ASP E 383 13.27 -67.31 -7.15
N VAL E 384 14.04 -67.48 -6.08
CA VAL E 384 15.46 -67.19 -6.08
C VAL E 384 16.28 -68.34 -6.67
N VAL E 385 17.06 -68.06 -7.70
CA VAL E 385 17.93 -69.08 -8.28
C VAL E 385 19.07 -69.46 -7.32
N ALA E 386 19.06 -70.69 -6.87
CA ALA E 386 20.09 -71.15 -5.95
C ALA E 386 20.43 -72.62 -6.23
N GLY E 387 21.59 -73.04 -5.76
CA GLY E 387 22.02 -74.42 -5.90
C GLY E 387 22.89 -74.58 -7.11
N GLU E 388 22.30 -74.37 -8.27
CA GLU E 388 22.99 -74.52 -9.53
C GLU E 388 22.58 -73.37 -10.44
N PRO E 389 23.46 -72.96 -11.36
CA PRO E 389 23.02 -71.96 -12.33
C PRO E 389 21.81 -72.47 -13.12
N ARG E 390 20.87 -71.57 -13.40
CA ARG E 390 19.65 -71.95 -14.12
C ARG E 390 19.67 -71.46 -15.56
N TYR E 391 19.50 -72.40 -16.48
CA TYR E 391 19.45 -72.07 -17.90
C TYR E 391 18.00 -71.88 -18.33
N GLY E 392 17.72 -70.72 -18.92
CA GLY E 392 16.38 -70.34 -19.29
C GLY E 392 16.36 -69.19 -20.27
N ASP E 393 15.20 -68.96 -20.87
CA ASP E 393 15.07 -68.02 -21.98
C ASP E 393 14.67 -66.61 -21.54
N TYR E 394 15.59 -65.91 -20.87
CA TYR E 394 15.34 -64.55 -20.42
C TYR E 394 15.37 -63.56 -21.59
N ARG E 395 14.20 -63.02 -21.91
CA ARG E 395 14.06 -61.99 -22.93
C ARG E 395 14.22 -60.59 -22.33
N TYR E 396 13.69 -60.42 -21.11
CA TYR E 396 13.73 -59.11 -20.43
C TYR E 396 14.06 -59.24 -18.95
N ALA E 397 14.61 -58.18 -18.37
CA ALA E 397 15.13 -58.24 -17.00
C ALA E 397 15.18 -56.86 -16.34
N VAL E 398 14.93 -56.81 -15.03
CA VAL E 398 15.07 -55.58 -14.26
C VAL E 398 16.16 -55.68 -13.19
N ASN E 399 16.95 -54.63 -13.05
CA ASN E 399 18.03 -54.56 -12.06
C ASN E 399 17.73 -53.49 -10.98
N ASN E 400 17.60 -53.91 -9.73
CA ASN E 400 17.25 -53.02 -8.62
C ASN E 400 18.45 -52.52 -7.78
N SER E 401 18.40 -51.27 -7.35
CA SER E 401 19.41 -50.75 -6.42
C SER E 401 18.76 -49.78 -5.45
N PHE E 402 19.13 -49.87 -4.18
CA PHE E 402 18.60 -48.98 -3.16
C PHE E 402 19.73 -48.45 -2.28
N GLY E 403 19.63 -47.17 -1.91
CA GLY E 403 20.67 -46.55 -1.12
C GLY E 403 20.10 -45.72 0.02
N PHE E 404 20.83 -45.65 1.12
CA PHE E 404 20.47 -44.79 2.24
C PHE E 404 20.09 -43.41 1.73
N GLY E 405 19.04 -42.83 2.30
CA GLY E 405 18.47 -41.60 1.79
C GLY E 405 17.15 -41.86 1.10
N GLY E 406 16.75 -43.13 1.07
CA GLY E 406 15.48 -43.52 0.52
C GLY E 406 15.47 -43.65 -0.99
N HIS E 407 16.65 -43.76 -1.57
CA HIS E 407 16.78 -43.83 -3.02
C HIS E 407 16.47 -45.21 -3.60
N ASN E 408 15.68 -45.25 -4.66
CA ASN E 408 15.43 -46.49 -5.38
C ASN E 408 15.69 -46.31 -6.88
N VAL E 409 16.53 -47.15 -7.45
CA VAL E 409 16.82 -47.12 -8.88
C VAL E 409 16.53 -48.47 -9.48
N ALA E 410 16.11 -48.48 -10.75
CA ALA E 410 15.77 -49.71 -11.43
C ALA E 410 16.03 -49.59 -12.94
N LEU E 411 16.68 -50.60 -13.51
CA LEU E 411 17.05 -50.57 -14.93
C LEU E 411 16.43 -51.73 -15.71
N ALA E 412 15.79 -51.40 -16.83
CA ALA E 412 15.22 -52.41 -17.72
C ALA E 412 16.19 -52.74 -18.83
N PHE E 413 16.56 -54.02 -18.92
CA PHE E 413 17.47 -54.51 -19.95
C PHE E 413 16.76 -55.53 -20.83
N GLY E 414 17.15 -55.59 -22.09
CA GLY E 414 16.60 -56.57 -23.00
C GLY E 414 17.71 -57.38 -23.65
N ARG E 415 17.34 -58.55 -24.16
CA ARG E 415 18.29 -59.35 -24.91
C ARG E 415 18.36 -58.82 -26.34
N TYR E 416 19.55 -58.91 -26.92
CA TYR E 416 19.76 -58.50 -28.30
C TYR E 416 19.76 -59.74 -29.21
N SER F 2 12.32 -32.76 -36.22
CA SER F 2 12.20 -31.56 -35.38
C SER F 2 12.20 -31.95 -33.92
N GLN F 3 12.89 -31.16 -33.09
CA GLN F 3 13.09 -31.52 -31.70
C GLN F 3 12.21 -30.70 -30.74
N PRO F 4 11.75 -31.35 -29.66
CA PRO F 4 10.95 -30.74 -28.59
C PRO F 4 11.70 -29.66 -27.81
N SER F 5 11.20 -28.42 -27.87
CA SER F 5 11.71 -27.36 -27.01
C SER F 5 10.57 -26.88 -26.13
N THR F 6 10.88 -26.02 -25.16
CA THR F 6 9.84 -25.47 -24.30
C THR F 6 8.97 -24.47 -25.06
N ALA F 7 9.53 -23.89 -26.13
CA ALA F 7 8.84 -22.88 -26.92
C ALA F 7 7.83 -23.48 -27.90
N ASN F 8 8.17 -24.60 -28.52
CA ASN F 8 7.29 -25.22 -29.52
C ASN F 8 6.23 -26.13 -28.89
N GLY F 9 6.29 -26.30 -27.58
CA GLY F 9 5.35 -27.15 -26.88
C GLY F 9 5.83 -28.58 -26.69
N GLY F 10 7.04 -28.87 -27.18
CA GLY F 10 7.63 -30.19 -27.03
C GLY F 10 7.92 -30.54 -25.58
N PHE F 11 8.16 -29.51 -24.77
CA PHE F 11 8.31 -29.70 -23.33
C PHE F 11 7.21 -28.95 -22.60
N PRO F 12 6.85 -29.43 -21.40
CA PRO F 12 5.85 -28.75 -20.58
C PRO F 12 6.44 -27.48 -19.99
N SER F 13 5.65 -26.40 -19.97
CA SER F 13 6.05 -25.18 -19.30
C SER F 13 6.40 -25.48 -17.85
N VAL F 14 7.60 -25.07 -17.43
CA VAL F 14 7.97 -25.14 -16.03
C VAL F 14 8.25 -23.73 -15.51
N VAL F 15 7.81 -23.44 -14.29
CA VAL F 15 7.93 -22.10 -13.73
C VAL F 15 8.58 -22.11 -12.37
N VAL F 16 9.32 -21.05 -12.06
CA VAL F 16 9.87 -20.85 -10.73
C VAL F 16 8.82 -20.13 -9.89
N THR F 17 8.51 -20.68 -8.72
CA THR F 17 7.35 -20.21 -7.97
C THR F 17 7.71 -19.80 -6.54
N ALA F 18 8.85 -20.26 -6.06
CA ALA F 18 9.38 -19.83 -4.77
C ALA F 18 10.90 -19.84 -4.82
N VAL F 19 11.54 -19.05 -3.95
CA VAL F 19 13.00 -19.05 -3.84
C VAL F 19 13.45 -18.75 -2.40
N THR F 20 14.35 -19.57 -1.86
CA THR F 20 14.90 -19.31 -0.54
C THR F 20 16.43 -19.33 -0.60
N ALA F 21 17.08 -18.55 0.27
CA ALA F 21 18.53 -18.47 0.28
C ALA F 21 19.07 -17.72 1.50
N THR F 22 20.22 -18.16 2.00
CA THR F 22 20.95 -17.45 3.05
C THR F 22 22.31 -17.04 2.50
N THR F 23 22.81 -15.89 2.94
CA THR F 23 24.04 -15.33 2.39
C THR F 23 24.90 -14.65 3.44
N SER F 24 26.07 -14.18 3.03
CA SER F 24 26.94 -13.39 3.90
C SER F 24 26.34 -12.01 4.21
N ILE F 25 25.37 -11.62 3.40
CA ILE F 25 24.65 -10.36 3.56
C ILE F 25 23.51 -10.47 4.59
N SER F 26 22.66 -11.47 4.41
CA SER F 26 21.49 -11.65 5.27
C SER F 26 20.88 -13.03 5.06
N PRO F 27 20.08 -13.51 6.04
CA PRO F 27 19.37 -14.79 5.92
C PRO F 27 18.21 -14.74 4.92
N ASP F 28 17.71 -13.55 4.62
CA ASP F 28 16.53 -13.38 3.76
C ASP F 28 16.88 -12.99 2.33
N ILE F 29 16.41 -13.78 1.37
CA ILE F 29 16.72 -13.58 -0.04
C ILE F 29 16.33 -12.20 -0.57
N GLU F 30 15.26 -11.62 -0.04
CA GLU F 30 14.81 -10.31 -0.49
C GLU F 30 15.70 -9.20 0.07
N SER F 31 15.98 -9.26 1.38
CA SER F 31 16.91 -8.33 2.01
C SER F 31 18.30 -8.42 1.38
N THR F 32 18.70 -9.64 1.03
CA THR F 32 19.93 -9.86 0.28
C THR F 32 19.84 -9.18 -1.10
N TRP F 33 18.73 -9.39 -1.79
CA TRP F 33 18.53 -8.77 -3.11
C TRP F 33 18.51 -7.25 -3.00
N LYS F 34 18.05 -6.73 -1.87
CA LYS F 34 18.02 -5.29 -1.64
C LYS F 34 19.39 -4.73 -1.28
N GLY F 35 20.16 -5.54 -0.54
CA GLY F 35 21.53 -5.20 -0.18
C GLY F 35 22.43 -5.14 -1.41
N LEU F 36 22.26 -6.12 -2.29
CA LEU F 36 22.99 -6.17 -3.55
C LEU F 36 22.73 -4.94 -4.42
N LEU F 37 21.46 -4.64 -4.66
CA LEU F 37 21.09 -3.52 -5.52
C LEU F 37 21.69 -2.21 -5.01
N ALA F 38 21.87 -2.12 -3.69
CA ALA F 38 22.45 -0.94 -3.05
C ALA F 38 23.98 -0.94 -3.10
N GLY F 39 24.55 -1.99 -3.68
CA GLY F 39 25.99 -2.11 -3.80
C GLY F 39 26.65 -2.61 -2.53
N GLU F 40 25.94 -3.46 -1.79
CA GLU F 40 26.47 -4.04 -0.55
C GLU F 40 27.41 -5.22 -0.81
N SER F 41 28.17 -5.59 0.22
CA SER F 41 29.08 -6.72 0.16
C SER F 41 29.00 -7.53 1.45
N GLY F 42 29.16 -8.85 1.32
CA GLY F 42 29.14 -9.72 2.47
C GLY F 42 30.54 -9.99 2.98
N ILE F 43 31.53 -9.75 2.13
CA ILE F 43 32.92 -10.07 2.43
C ILE F 43 33.53 -9.14 3.46
N HIS F 44 34.11 -9.72 4.50
CA HIS F 44 34.72 -8.98 5.60
C HIS F 44 36.05 -9.61 5.98
N ALA F 45 36.74 -8.99 6.93
CA ALA F 45 37.91 -9.64 7.53
C ALA F 45 37.44 -10.86 8.31
N LEU F 46 38.28 -11.87 8.40
CA LEU F 46 37.94 -13.09 9.12
C LEU F 46 38.50 -13.06 10.53
N GLU F 47 37.62 -13.02 11.52
CA GLU F 47 38.05 -12.92 12.91
C GLU F 47 38.19 -14.26 13.61
N ASP F 48 37.85 -15.35 12.92
CA ASP F 48 38.01 -16.68 13.47
C ASP F 48 39.46 -16.89 13.88
N GLU F 49 39.68 -17.16 15.15
CA GLU F 49 41.06 -17.27 15.65
C GLU F 49 41.80 -18.48 15.11
N PHE F 50 41.19 -19.19 14.16
CA PHE F 50 41.91 -20.20 13.41
C PHE F 50 42.67 -19.53 12.27
N VAL F 51 42.21 -18.33 11.90
CA VAL F 51 42.86 -17.54 10.84
C VAL F 51 44.26 -17.12 11.29
N THR F 52 44.43 -16.88 12.58
CA THR F 52 45.71 -16.43 13.12
C THR F 52 46.54 -17.56 13.71
N LYS F 53 45.92 -18.72 13.92
CA LYS F 53 46.66 -19.86 14.45
C LYS F 53 47.33 -20.65 13.32
N TRP F 54 46.69 -20.64 12.16
CA TRP F 54 47.26 -21.26 10.96
C TRP F 54 47.93 -20.20 10.09
N ASP F 55 48.06 -19.00 10.63
CA ASP F 55 48.49 -17.82 9.86
C ASP F 55 48.17 -17.97 8.37
N LEU F 56 46.90 -17.77 8.03
CA LEU F 56 46.43 -17.97 6.67
C LEU F 56 46.86 -16.85 5.77
N ALA F 57 47.10 -17.17 4.50
CA ALA F 57 47.37 -16.17 3.48
C ALA F 57 46.08 -15.41 3.15
N VAL F 58 44.97 -16.14 3.08
CA VAL F 58 43.65 -15.56 2.89
C VAL F 58 43.00 -15.14 4.22
N LYS F 59 42.73 -13.85 4.37
CA LYS F 59 42.22 -13.33 5.63
C LYS F 59 40.88 -12.62 5.49
N ILE F 60 40.18 -12.94 4.41
CA ILE F 60 38.84 -12.38 4.17
C ILE F 60 37.87 -13.48 3.73
N GLY F 61 36.61 -13.08 3.55
CA GLY F 61 35.55 -14.01 3.20
C GLY F 61 34.29 -13.56 3.88
N GLY F 62 33.16 -14.15 3.49
CA GLY F 62 31.88 -13.78 4.06
C GLY F 62 31.18 -14.91 4.78
N HIS F 63 31.27 -14.93 6.09
CA HIS F 63 30.46 -15.85 6.88
C HIS F 63 29.01 -15.49 6.66
N LEU F 64 28.12 -16.45 6.86
CA LEU F 64 26.69 -16.16 6.77
C LEU F 64 26.33 -15.08 7.77
N LYS F 65 25.46 -14.16 7.37
CA LYS F 65 24.97 -13.12 8.28
C LYS F 65 24.24 -13.77 9.45
N ASP F 66 23.46 -14.80 9.13
CA ASP F 66 22.73 -15.55 10.13
C ASP F 66 23.21 -16.99 10.15
N PRO F 67 23.97 -17.37 11.19
CA PRO F 67 24.56 -18.71 11.30
C PRO F 67 23.48 -19.79 11.18
N VAL F 68 23.73 -20.83 10.39
CA VAL F 68 22.73 -21.89 10.23
C VAL F 68 22.43 -22.56 11.57
N ASP F 69 23.49 -22.82 12.34
CA ASP F 69 23.38 -23.52 13.61
C ASP F 69 22.64 -22.70 14.67
N SER F 70 22.55 -21.39 14.43
CA SER F 70 21.85 -20.50 15.36
C SER F 70 20.42 -20.96 15.60
N HIS F 71 19.86 -21.68 14.63
CA HIS F 71 18.48 -22.16 14.68
C HIS F 71 18.39 -23.66 14.99
N MET F 72 19.48 -24.27 15.42
CA MET F 72 19.50 -25.73 15.60
C MET F 72 19.56 -26.17 17.06
N GLY F 73 18.81 -27.21 17.39
CA GLY F 73 18.76 -27.73 18.73
C GLY F 73 19.81 -28.80 19.02
N ARG F 74 20.02 -29.08 20.30
CA ARG F 74 21.01 -30.07 20.72
C ARG F 74 20.90 -31.39 19.97
N LEU F 75 19.69 -31.68 19.49
CA LEU F 75 19.42 -32.94 18.81
C LEU F 75 20.02 -32.95 17.41
N ASP F 76 19.77 -31.88 16.65
CA ASP F 76 20.23 -31.77 15.27
C ASP F 76 21.74 -31.54 15.18
N MET F 77 22.31 -30.93 16.21
CA MET F 77 23.73 -30.63 16.27
C MET F 77 24.58 -31.89 16.35
N ARG F 78 23.98 -33.00 16.77
CA ARG F 78 24.74 -34.24 16.94
C ARG F 78 24.31 -35.36 15.99
N ARG F 79 23.23 -35.14 15.23
CA ARG F 79 22.70 -36.20 14.37
C ARG F 79 22.75 -35.84 12.88
N MET F 80 23.02 -34.57 12.59
CA MET F 80 23.14 -34.12 11.21
C MET F 80 24.48 -33.46 10.95
N SER F 81 24.83 -33.34 9.67
CA SER F 81 26.01 -32.60 9.27
C SER F 81 25.58 -31.16 8.97
N TYR F 82 26.55 -30.29 8.73
CA TYR F 82 26.24 -28.87 8.54
C TYR F 82 25.37 -28.62 7.31
N VAL F 83 25.63 -29.38 6.24
CA VAL F 83 24.89 -29.18 4.99
C VAL F 83 23.48 -29.77 5.08
N GLN F 84 23.29 -30.74 5.97
CA GLN F 84 21.96 -31.24 6.30
C GLN F 84 21.20 -30.25 7.19
N ARG F 85 21.86 -29.77 8.24
CA ARG F 85 21.30 -28.72 9.08
C ARG F 85 20.87 -27.51 8.25
N MET F 86 21.72 -27.08 7.32
CA MET F 86 21.39 -25.99 6.41
C MET F 86 20.25 -26.38 5.49
N GLY F 87 20.20 -27.66 5.14
CA GLY F 87 19.15 -28.19 4.28
C GLY F 87 17.81 -28.28 4.99
N LYS F 88 17.81 -28.85 6.19
CA LYS F 88 16.60 -28.84 7.02
C LYS F 88 16.14 -27.41 7.25
N LEU F 89 17.09 -26.50 7.41
CA LEU F 89 16.81 -25.08 7.63
C LEU F 89 16.19 -24.39 6.41
N LEU F 90 16.88 -24.44 5.28
CA LEU F 90 16.38 -23.79 4.07
C LEU F 90 15.11 -24.47 3.58
N GLY F 91 15.03 -25.78 3.81
CA GLY F 91 13.89 -26.55 3.35
C GLY F 91 12.60 -26.08 3.98
N GLY F 92 12.60 -26.00 5.31
CA GLY F 92 11.44 -25.50 6.02
C GLY F 92 11.06 -24.11 5.54
N GLN F 93 12.05 -23.22 5.48
CA GLN F 93 11.84 -21.84 5.07
C GLN F 93 11.24 -21.69 3.68
N LEU F 94 11.73 -22.47 2.73
CA LEU F 94 11.25 -22.39 1.35
C LEU F 94 9.81 -22.86 1.22
N TRP F 95 9.50 -23.96 1.90
CA TRP F 95 8.16 -24.54 1.86
C TRP F 95 7.15 -23.52 2.36
N GLU F 96 7.32 -23.08 3.61
CA GLU F 96 6.44 -22.08 4.19
C GLU F 96 6.28 -20.85 3.30
N SER F 97 7.37 -20.43 2.68
CA SER F 97 7.35 -19.29 1.77
C SER F 97 6.49 -19.61 0.54
N ALA F 98 6.35 -20.89 0.23
CA ALA F 98 5.53 -21.33 -0.90
C ALA F 98 4.06 -21.45 -0.48
N GLY F 99 3.83 -21.34 0.82
CA GLY F 99 2.50 -21.51 1.38
C GLY F 99 2.33 -22.89 1.98
N SER F 100 3.40 -23.67 1.93
CA SER F 100 3.37 -25.05 2.41
C SER F 100 2.41 -25.87 1.57
N PRO F 101 2.72 -26.04 0.27
CA PRO F 101 1.85 -26.77 -0.65
C PRO F 101 1.52 -28.19 -0.15
N GLU F 102 0.32 -28.66 -0.45
CA GLU F 102 -0.06 -30.04 -0.18
C GLU F 102 -0.04 -30.80 -1.49
N VAL F 103 1.14 -31.27 -1.86
CA VAL F 103 1.35 -31.88 -3.17
C VAL F 103 1.41 -33.40 -3.09
N ASP F 104 1.23 -34.05 -4.24
CA ASP F 104 1.35 -35.50 -4.33
C ASP F 104 2.83 -35.86 -4.20
N PRO F 105 3.20 -36.56 -3.11
CA PRO F 105 4.60 -36.96 -2.93
C PRO F 105 5.11 -37.76 -4.13
N ASP F 106 4.34 -38.74 -4.58
CA ASP F 106 4.68 -39.52 -5.77
C ASP F 106 5.03 -38.67 -6.99
N ARG F 107 4.65 -37.39 -6.97
CA ARG F 107 4.91 -36.49 -8.09
C ARG F 107 5.79 -35.31 -7.67
N PHE F 108 6.37 -35.43 -6.48
CA PHE F 108 7.21 -34.39 -5.90
C PHE F 108 8.65 -34.87 -5.71
N ALA F 109 9.59 -34.15 -6.35
CA ALA F 109 11.00 -34.51 -6.30
C ALA F 109 11.87 -33.51 -5.53
N VAL F 110 13.07 -33.94 -5.17
CA VAL F 110 14.10 -33.05 -4.62
C VAL F 110 15.43 -33.35 -5.30
N VAL F 111 16.10 -32.29 -5.79
CA VAL F 111 17.42 -32.43 -6.40
C VAL F 111 18.35 -31.31 -5.93
N VAL F 112 19.28 -31.65 -5.04
CA VAL F 112 20.17 -30.66 -4.43
C VAL F 112 21.66 -31.00 -4.54
N GLY F 113 22.42 -30.13 -5.22
CA GLY F 113 23.85 -30.33 -5.38
C GLY F 113 24.68 -29.74 -4.25
N THR F 114 25.80 -30.38 -3.97
CA THR F 114 26.70 -29.94 -2.90
C THR F 114 28.14 -30.22 -3.27
N GLY F 115 29.07 -29.57 -2.58
CA GLY F 115 30.48 -29.70 -2.89
C GLY F 115 31.14 -31.00 -2.46
N LEU F 116 30.84 -31.46 -1.25
CA LEU F 116 31.57 -32.59 -0.68
C LEU F 116 30.72 -33.48 0.24
N GLY F 117 29.87 -32.84 1.04
CA GLY F 117 29.03 -33.56 1.98
C GLY F 117 29.44 -33.23 3.39
N GLY F 118 28.88 -33.96 4.35
CA GLY F 118 29.20 -33.74 5.75
C GLY F 118 30.61 -34.22 6.05
N ALA F 119 31.58 -33.50 5.51
CA ALA F 119 32.99 -33.91 5.55
C ALA F 119 33.54 -33.79 6.95
N GLU F 120 32.99 -32.87 7.72
CA GLU F 120 33.44 -32.64 9.09
C GLU F 120 33.27 -33.89 9.95
N ARG F 121 32.25 -34.69 9.63
CA ARG F 121 32.02 -35.94 10.34
C ARG F 121 33.04 -37.01 9.95
N ILE F 122 33.67 -36.83 8.79
CA ILE F 122 34.73 -37.74 8.34
C ILE F 122 36.00 -37.60 9.18
N VAL F 123 36.41 -36.35 9.43
CA VAL F 123 37.62 -36.08 10.22
C VAL F 123 37.37 -36.32 11.71
N GLU F 124 36.15 -36.00 12.15
CA GLU F 124 35.74 -36.24 13.52
C GLU F 124 35.66 -37.74 13.81
N SER F 125 35.02 -38.48 12.92
CA SER F 125 34.97 -39.94 13.01
C SER F 125 36.38 -40.50 13.12
N TYR F 126 37.25 -39.97 12.27
CA TYR F 126 38.66 -40.35 12.19
C TYR F 126 39.40 -40.11 13.51
N ASP F 127 39.31 -38.88 14.03
CA ASP F 127 39.88 -38.57 15.35
C ASP F 127 39.25 -39.45 16.44
N LEU F 128 37.94 -39.34 16.59
CA LEU F 128 37.17 -40.19 17.52
C LEU F 128 37.57 -41.67 17.53
N MET F 129 37.98 -42.19 16.38
CA MET F 129 38.36 -43.61 16.30
C MET F 129 39.84 -43.83 16.57
N ASN F 130 40.66 -42.82 16.30
CA ASN F 130 42.07 -42.89 16.63
C ASN F 130 42.26 -42.74 18.13
N ALA F 131 41.31 -42.05 18.76
CA ALA F 131 41.35 -41.80 20.20
C ALA F 131 41.01 -43.06 20.99
N GLY F 132 39.84 -43.65 20.71
CA GLY F 132 39.34 -44.72 21.53
C GLY F 132 38.90 -46.01 20.86
N GLY F 133 39.04 -46.10 19.54
CA GLY F 133 38.67 -47.30 18.82
C GLY F 133 37.28 -47.24 18.22
N PRO F 134 36.91 -48.27 17.46
CA PRO F 134 35.68 -48.39 16.65
C PRO F 134 34.37 -47.94 17.32
N ARG F 135 34.15 -48.25 18.60
CA ARG F 135 32.84 -48.00 19.20
C ARG F 135 32.64 -46.54 19.65
N LYS F 136 33.59 -45.68 19.32
CA LYS F 136 33.47 -44.26 19.61
C LYS F 136 33.04 -43.53 18.34
N VAL F 137 32.92 -44.29 17.25
CA VAL F 137 32.36 -43.77 16.01
C VAL F 137 30.84 -43.76 16.10
N SER F 138 30.21 -42.73 15.56
CA SER F 138 28.77 -42.60 15.68
C SER F 138 28.04 -43.58 14.78
N PRO F 139 26.92 -44.13 15.27
CA PRO F 139 26.05 -44.98 14.44
C PRO F 139 25.34 -44.18 13.36
N LEU F 140 25.53 -42.87 13.37
CA LEU F 140 24.91 -41.96 12.40
C LEU F 140 25.96 -41.38 11.44
N ALA F 141 27.22 -41.74 11.66
CA ALA F 141 28.32 -41.24 10.86
C ALA F 141 28.07 -41.37 9.37
N VAL F 142 27.75 -42.58 8.93
CA VAL F 142 27.50 -42.86 7.52
C VAL F 142 26.48 -41.91 6.89
N GLN F 143 25.31 -41.79 7.53
CA GLN F 143 24.22 -40.99 6.97
C GLN F 143 24.43 -39.47 7.06
N MET F 144 25.29 -39.03 7.99
CA MET F 144 25.67 -37.62 8.07
C MET F 144 26.75 -37.32 7.03
N ILE F 145 27.54 -38.34 6.71
CA ILE F 145 28.70 -38.19 5.84
C ILE F 145 28.39 -38.32 4.35
N MET F 146 27.42 -39.18 4.03
CA MET F 146 27.02 -39.39 2.63
C MET F 146 26.69 -38.07 1.94
N PRO F 147 27.25 -37.86 0.73
CA PRO F 147 27.06 -36.60 0.00
C PRO F 147 25.60 -36.37 -0.33
N ASN F 148 24.87 -37.45 -0.59
CA ASN F 148 23.44 -37.38 -0.85
C ASN F 148 22.65 -37.13 0.44
N GLY F 149 23.36 -36.89 1.54
CA GLY F 149 22.75 -36.75 2.85
C GLY F 149 21.88 -35.51 3.02
N ALA F 150 22.29 -34.41 2.38
CA ALA F 150 21.57 -33.16 2.48
C ALA F 150 20.26 -33.23 1.70
N ALA F 151 20.33 -33.60 0.44
CA ALA F 151 19.12 -33.77 -0.37
C ALA F 151 18.15 -34.76 0.29
N ALA F 152 18.70 -35.67 1.10
CA ALA F 152 17.93 -36.76 1.71
C ALA F 152 17.10 -36.32 2.93
N VAL F 153 17.61 -35.39 3.72
CA VAL F 153 16.81 -34.86 4.83
C VAL F 153 15.73 -33.88 4.33
N ILE F 154 16.00 -33.20 3.23
CA ILE F 154 15.01 -32.30 2.61
C ILE F 154 13.84 -33.07 1.98
N GLY F 155 14.14 -34.05 1.15
CA GLY F 155 13.12 -34.92 0.57
C GLY F 155 12.39 -35.77 1.61
N LEU F 156 13.04 -36.03 2.74
CA LEU F 156 12.41 -36.75 3.85
C LEU F 156 11.52 -35.81 4.66
N GLN F 157 12.03 -34.61 4.91
CA GLN F 157 11.31 -33.59 5.65
C GLN F 157 10.08 -33.08 4.89
N LEU F 158 10.18 -33.03 3.57
CA LEU F 158 9.13 -32.46 2.72
C LEU F 158 8.18 -33.51 2.13
N GLY F 159 8.57 -34.78 2.17
CA GLY F 159 7.76 -35.84 1.62
C GLY F 159 7.87 -35.96 0.11
N ALA F 160 9.10 -35.97 -0.39
CA ALA F 160 9.35 -36.15 -1.82
C ALA F 160 9.61 -37.62 -2.16
N ARG F 161 8.83 -38.15 -3.09
CA ARG F 161 8.89 -39.57 -3.44
C ARG F 161 8.97 -39.82 -4.94
N ALA F 162 9.20 -38.77 -5.71
CA ALA F 162 9.36 -38.92 -7.16
C ALA F 162 10.83 -38.99 -7.55
N GLY F 163 11.71 -38.98 -6.54
CA GLY F 163 13.14 -39.03 -6.78
C GLY F 163 13.92 -37.95 -6.04
N VAL F 164 14.99 -38.36 -5.36
CA VAL F 164 15.88 -37.43 -4.67
C VAL F 164 17.32 -37.61 -5.15
N MET F 165 17.84 -36.59 -5.82
CA MET F 165 19.11 -36.68 -6.52
C MET F 165 20.17 -35.68 -6.05
N THR F 166 21.42 -36.14 -6.00
CA THR F 166 22.55 -35.30 -5.62
C THR F 166 23.62 -35.36 -6.70
N PRO F 167 23.56 -34.41 -7.66
CA PRO F 167 24.56 -34.24 -8.71
C PRO F 167 25.79 -33.50 -8.18
N VAL F 168 26.97 -34.04 -8.44
CA VAL F 168 28.21 -33.40 -7.99
C VAL F 168 29.10 -33.08 -9.19
N SER F 169 29.41 -31.80 -9.36
CA SER F 169 30.26 -31.37 -10.46
C SER F 169 31.05 -30.17 -9.99
N ALA F 170 31.50 -30.25 -8.73
CA ALA F 170 32.28 -29.22 -8.10
C ALA F 170 31.52 -27.90 -8.01
N GLN F 171 32.03 -26.86 -8.67
CA GLN F 171 31.47 -25.53 -8.52
C GLN F 171 30.24 -25.26 -9.38
N SER F 172 29.90 -26.20 -10.25
CA SER F 172 28.65 -26.11 -11.01
C SER F 172 27.54 -27.02 -10.47
N SER F 173 27.72 -27.55 -9.26
CA SER F 173 26.76 -28.51 -8.66
C SER F 173 25.42 -27.88 -8.28
N GLY F 174 25.45 -26.63 -7.85
CA GLY F 174 24.25 -25.93 -7.43
C GLY F 174 23.35 -25.65 -8.62
N SER F 175 23.96 -25.50 -9.79
CA SER F 175 23.22 -25.28 -11.02
C SER F 175 22.80 -26.60 -11.67
N GLU F 176 23.64 -27.62 -11.57
CA GLU F 176 23.35 -28.88 -12.23
C GLU F 176 22.13 -29.55 -11.64
N ALA F 177 22.01 -29.50 -10.32
CA ALA F 177 20.85 -30.03 -9.62
C ALA F 177 19.57 -29.52 -10.28
N ILE F 178 19.47 -28.20 -10.39
CA ILE F 178 18.30 -27.54 -10.94
C ILE F 178 18.08 -27.93 -12.40
N ALA F 179 19.17 -28.27 -13.10
CA ALA F 179 19.09 -28.71 -14.49
C ALA F 179 18.56 -30.13 -14.56
N HIS F 180 18.70 -30.85 -13.45
CA HIS F 180 18.21 -32.22 -13.36
C HIS F 180 16.78 -32.32 -12.86
N ALA F 181 16.39 -31.38 -12.00
CA ALA F 181 15.02 -31.28 -11.54
C ALA F 181 14.13 -30.87 -12.70
N TRP F 182 14.67 -30.02 -13.57
CA TRP F 182 14.00 -29.69 -14.82
C TRP F 182 13.78 -30.96 -15.64
N ARG F 183 14.87 -31.60 -16.05
CA ARG F 183 14.81 -32.82 -16.87
C ARG F 183 13.84 -33.85 -16.31
N GLN F 184 13.84 -34.01 -14.99
CA GLN F 184 12.92 -34.92 -14.30
C GLN F 184 11.46 -34.50 -14.57
N ILE F 185 11.18 -33.21 -14.51
CA ILE F 185 9.83 -32.70 -14.79
C ILE F 185 9.44 -32.86 -16.26
N VAL F 186 10.30 -32.39 -17.16
CA VAL F 186 9.98 -32.41 -18.58
C VAL F 186 9.97 -33.82 -19.19
N MET F 187 10.55 -34.78 -18.48
CA MET F 187 10.55 -36.19 -18.92
C MET F 187 9.35 -36.97 -18.38
N GLY F 188 8.64 -36.38 -17.42
CA GLY F 188 7.40 -36.93 -16.90
C GLY F 188 7.46 -37.48 -15.50
N ASP F 189 8.66 -37.52 -14.94
CA ASP F 189 8.92 -38.21 -13.67
C ASP F 189 8.35 -37.50 -12.46
N ALA F 190 8.19 -36.18 -12.58
CA ALA F 190 7.66 -35.37 -11.48
C ALA F 190 6.86 -34.18 -12.03
N ASP F 191 6.11 -33.54 -11.14
CA ASP F 191 5.32 -32.36 -11.46
C ASP F 191 5.94 -31.14 -10.78
N VAL F 192 6.47 -31.36 -9.59
CA VAL F 192 7.05 -30.29 -8.77
C VAL F 192 8.36 -30.78 -8.17
N ALA F 193 9.27 -29.85 -7.91
CA ALA F 193 10.59 -30.20 -7.40
C ALA F 193 11.17 -29.09 -6.51
N VAL F 194 11.81 -29.50 -5.42
CA VAL F 194 12.60 -28.57 -4.62
C VAL F 194 14.08 -28.84 -4.92
N CYS F 195 14.72 -27.88 -5.58
CA CYS F 195 16.06 -28.06 -6.12
C CYS F 195 16.95 -26.86 -5.87
N GLY F 196 18.20 -27.12 -5.50
CA GLY F 196 19.17 -26.07 -5.27
C GLY F 196 20.58 -26.58 -5.07
N GLY F 197 21.23 -26.06 -4.04
CA GLY F 197 22.58 -26.45 -3.66
C GLY F 197 22.89 -25.99 -2.26
N VAL F 198 23.81 -26.69 -1.60
CA VAL F 198 24.25 -26.32 -0.24
C VAL F 198 25.74 -26.55 -0.05
N GLU F 199 26.33 -25.86 0.93
CA GLU F 199 27.77 -25.92 1.15
C GLU F 199 28.17 -25.61 2.60
N GLY F 200 29.39 -25.98 2.97
CA GLY F 200 29.85 -25.84 4.34
C GLY F 200 30.34 -24.43 4.65
N PRO F 201 30.72 -24.20 5.91
CA PRO F 201 31.25 -22.88 6.29
C PRO F 201 32.67 -22.71 5.77
N ILE F 202 33.15 -21.47 5.80
CA ILE F 202 34.57 -21.18 5.60
C ILE F 202 35.35 -21.71 6.80
N GLU F 203 36.32 -22.59 6.53
CA GLU F 203 37.23 -23.07 7.58
C GLU F 203 38.68 -23.01 7.10
N ALA F 204 39.59 -23.49 7.93
CA ALA F 204 41.03 -23.42 7.66
C ALA F 204 41.46 -24.34 6.52
N LEU F 205 41.04 -25.60 6.57
CA LEU F 205 41.46 -26.61 5.61
C LEU F 205 41.00 -26.32 4.18
N PRO F 206 39.71 -25.98 3.99
CA PRO F 206 39.25 -25.57 2.66
C PRO F 206 40.07 -24.39 2.10
N ILE F 207 40.38 -23.39 2.92
CA ILE F 207 41.23 -22.29 2.49
C ILE F 207 42.65 -22.76 2.17
N ALA F 208 43.24 -23.58 3.04
CA ALA F 208 44.57 -24.12 2.79
C ALA F 208 44.64 -24.83 1.44
N ALA F 209 43.63 -25.65 1.14
CA ALA F 209 43.60 -26.44 -0.08
C ALA F 209 43.48 -25.61 -1.36
N PHE F 210 42.50 -24.70 -1.40
CA PHE F 210 42.26 -23.86 -2.57
C PHE F 210 43.34 -22.80 -2.81
N SER F 211 43.94 -22.30 -1.73
CA SER F 211 44.97 -21.27 -1.85
C SER F 211 46.32 -21.87 -2.23
N MET F 212 46.51 -23.16 -1.95
CA MET F 212 47.67 -23.89 -2.43
C MET F 212 47.60 -24.13 -3.94
N MET F 213 46.42 -23.91 -4.52
CA MET F 213 46.26 -23.99 -5.95
C MET F 213 46.55 -22.63 -6.57
N ARG F 214 46.60 -21.62 -5.71
CA ARG F 214 46.79 -20.24 -6.13
C ARG F 214 45.60 -19.74 -6.96
N ALA F 215 44.41 -19.95 -6.41
CA ALA F 215 43.15 -19.55 -7.03
C ALA F 215 42.38 -18.53 -6.17
N MET F 216 42.80 -18.34 -4.93
CA MET F 216 42.11 -17.44 -4.02
C MET F 216 42.69 -16.01 -4.00
N SER F 217 41.88 -15.06 -3.53
CA SER F 217 42.33 -13.69 -3.36
C SER F 217 43.04 -13.54 -2.02
N THR F 218 44.04 -12.67 -1.97
CA THR F 218 44.78 -12.45 -0.74
C THR F 218 44.79 -10.95 -0.43
N ARG F 219 43.96 -10.21 -1.14
CA ARG F 219 43.80 -8.78 -0.95
C ARG F 219 43.18 -8.51 0.41
N ASN F 220 43.95 -8.73 1.46
CA ASN F 220 43.44 -8.71 2.83
C ASN F 220 43.09 -7.34 3.39
N ASP F 221 43.79 -6.31 2.91
CA ASP F 221 43.66 -4.97 3.48
C ASP F 221 42.37 -4.24 3.08
N GLU F 222 41.72 -4.72 2.03
CA GLU F 222 40.41 -4.21 1.62
C GLU F 222 39.48 -5.35 1.25
N PRO F 223 38.87 -5.98 2.27
CA PRO F 223 38.12 -7.24 2.14
C PRO F 223 36.95 -7.18 1.17
N GLU F 224 36.47 -5.98 0.85
CA GLU F 224 35.32 -5.85 -0.03
C GLU F 224 35.71 -5.59 -1.48
N ARG F 225 36.99 -5.27 -1.69
CA ARG F 225 37.50 -5.05 -3.04
C ARG F 225 38.22 -6.31 -3.54
N ALA F 226 38.32 -7.31 -2.68
CA ALA F 226 38.98 -8.56 -3.03
C ALA F 226 38.40 -9.20 -4.29
N SER F 227 37.10 -9.45 -4.31
CA SER F 227 36.49 -10.11 -5.46
C SER F 227 36.26 -9.13 -6.61
N ARG F 228 36.88 -9.41 -7.76
CA ARG F 228 36.95 -8.46 -8.87
C ARG F 228 36.80 -9.12 -10.25
N PRO F 229 35.74 -9.92 -10.43
CA PRO F 229 35.53 -10.57 -11.73
C PRO F 229 35.59 -9.61 -12.92
N PHE F 230 36.40 -9.98 -13.92
CA PHE F 230 36.54 -9.23 -15.18
C PHE F 230 37.33 -7.91 -15.05
N ASP F 231 37.72 -7.58 -13.82
CA ASP F 231 38.62 -6.47 -13.54
C ASP F 231 40.06 -6.94 -13.80
N LYS F 232 40.90 -6.10 -14.38
CA LYS F 232 42.25 -6.54 -14.75
C LYS F 232 43.14 -6.74 -13.52
N ASP F 233 42.72 -6.18 -12.38
CA ASP F 233 43.48 -6.31 -11.14
C ASP F 233 42.95 -7.43 -10.25
N ARG F 234 42.30 -8.43 -10.86
CA ARG F 234 41.74 -9.53 -10.08
C ARG F 234 42.81 -10.58 -9.79
N ASP F 235 42.73 -11.18 -8.61
CA ASP F 235 43.73 -12.15 -8.18
C ASP F 235 43.12 -13.40 -7.55
N GLY F 236 41.93 -13.78 -8.01
CA GLY F 236 41.30 -14.99 -7.53
C GLY F 236 39.98 -14.79 -6.84
N PHE F 237 39.29 -15.90 -6.56
CA PHE F 237 37.96 -15.88 -5.97
C PHE F 237 37.95 -15.65 -4.47
N VAL F 238 36.86 -15.07 -3.97
CA VAL F 238 36.71 -14.82 -2.56
C VAL F 238 35.63 -15.75 -2.00
N PHE F 239 35.79 -16.19 -0.75
CA PHE F 239 34.78 -17.02 -0.12
C PHE F 239 33.56 -16.21 0.30
N GLY F 240 32.40 -16.86 0.23
CA GLY F 240 31.13 -16.25 0.59
C GLY F 240 30.13 -17.34 0.91
N GLU F 241 30.04 -17.70 2.18
CA GLU F 241 29.12 -18.74 2.62
C GLU F 241 27.74 -18.50 2.06
N ALA F 242 27.02 -19.58 1.75
CA ALA F 242 25.69 -19.48 1.17
C ALA F 242 25.01 -20.84 1.05
N GLY F 243 23.72 -20.79 0.73
CA GLY F 243 22.93 -21.98 0.45
C GLY F 243 21.60 -21.51 -0.10
N ALA F 244 21.13 -22.09 -1.21
CA ALA F 244 19.88 -21.65 -1.82
C ALA F 244 19.07 -22.72 -2.59
N LEU F 245 17.77 -22.78 -2.28
CA LEU F 245 16.84 -23.68 -2.96
C LEU F 245 15.70 -22.90 -3.61
N MET F 246 15.12 -23.48 -4.65
CA MET F 246 13.95 -22.90 -5.30
C MET F 246 12.89 -23.97 -5.54
N LEU F 247 11.62 -23.56 -5.52
CA LEU F 247 10.53 -24.44 -5.86
C LEU F 247 10.20 -24.31 -7.34
N ILE F 248 10.22 -25.43 -8.05
CA ILE F 248 9.87 -25.43 -9.47
C ILE F 248 8.74 -26.41 -9.73
N GLU F 249 7.90 -26.09 -10.71
CA GLU F 249 6.76 -26.93 -11.02
C GLU F 249 6.14 -26.55 -12.34
N THR F 250 5.48 -27.52 -12.97
CA THR F 250 4.78 -27.26 -14.21
C THR F 250 3.84 -26.07 -14.00
N GLU F 251 3.66 -25.27 -15.05
CA GLU F 251 2.82 -24.08 -14.98
C GLU F 251 1.35 -24.45 -14.74
N GLU F 252 0.99 -25.67 -15.13
CA GLU F 252 -0.32 -26.21 -14.84
C GLU F 252 -0.44 -26.37 -13.32
N HIS F 253 0.55 -27.04 -12.75
CA HIS F 253 0.57 -27.36 -11.32
C HIS F 253 0.52 -26.11 -10.44
N ALA F 254 1.33 -25.11 -10.78
CA ALA F 254 1.32 -23.85 -10.06
C ALA F 254 -0.03 -23.16 -10.21
N LYS F 255 -0.58 -23.20 -11.41
CA LYS F 255 -1.91 -22.69 -11.69
C LYS F 255 -2.93 -23.26 -10.70
N ALA F 256 -3.11 -24.58 -10.72
CA ALA F 256 -4.15 -25.24 -9.95
C ALA F 256 -4.15 -24.87 -8.47
N ARG F 257 -2.97 -24.62 -7.91
CA ARG F 257 -2.86 -24.29 -6.48
C ARG F 257 -2.80 -22.78 -6.23
N GLY F 258 -2.86 -22.00 -7.31
CA GLY F 258 -2.91 -20.55 -7.19
C GLY F 258 -1.58 -19.86 -6.91
N ALA F 259 -0.49 -20.61 -7.03
CA ALA F 259 0.84 -20.04 -6.81
C ALA F 259 1.26 -19.06 -7.91
N LYS F 260 1.86 -17.95 -7.49
CA LYS F 260 2.33 -16.93 -8.42
C LYS F 260 3.78 -17.19 -8.82
N PRO F 261 4.02 -17.39 -10.13
CA PRO F 261 5.38 -17.62 -10.65
C PRO F 261 6.27 -16.40 -10.43
N LEU F 262 7.57 -16.64 -10.28
CA LEU F 262 8.55 -15.56 -10.21
C LEU F 262 9.26 -15.42 -11.55
N ALA F 263 9.37 -16.52 -12.29
CA ALA F 263 10.07 -16.57 -13.56
C ALA F 263 9.79 -17.88 -14.30
N ARG F 264 10.55 -18.13 -15.37
CA ARG F 264 10.37 -19.35 -16.17
C ARG F 264 11.69 -20.09 -16.37
N LEU F 265 11.67 -21.41 -16.22
CA LEU F 265 12.81 -22.26 -16.55
C LEU F 265 12.52 -23.04 -17.82
N LEU F 266 13.28 -22.76 -18.88
CA LEU F 266 12.94 -23.23 -20.22
C LEU F 266 14.00 -24.13 -20.83
N GLY F 267 15.18 -24.16 -20.23
CA GLY F 267 16.28 -24.93 -20.81
C GLY F 267 17.36 -25.29 -19.82
N ALA F 268 18.13 -26.31 -20.18
CA ALA F 268 19.29 -26.74 -19.40
C ALA F 268 20.27 -27.37 -20.35
N GLY F 269 21.54 -27.00 -20.23
CA GLY F 269 22.58 -27.52 -21.10
C GLY F 269 23.79 -27.95 -20.29
N ILE F 270 24.32 -29.13 -20.60
CA ILE F 270 25.42 -29.71 -19.83
C ILE F 270 26.48 -30.33 -20.75
N THR F 271 27.70 -29.80 -20.68
CA THR F 271 28.83 -30.33 -21.44
C THR F 271 30.08 -30.41 -20.55
N SER F 272 31.18 -30.88 -21.14
CA SER F 272 32.47 -30.96 -20.45
C SER F 272 33.59 -30.63 -21.43
N ASP F 273 34.77 -30.26 -20.90
CA ASP F 273 35.85 -29.72 -21.72
C ASP F 273 36.84 -30.76 -22.24
N ALA F 274 37.03 -31.84 -21.49
CA ALA F 274 38.05 -32.85 -21.79
C ALA F 274 39.41 -32.20 -22.07
N PHE F 275 39.79 -31.27 -21.19
CA PHE F 275 41.01 -30.49 -21.35
C PHE F 275 41.92 -30.49 -20.10
N HIS F 276 41.35 -30.31 -18.92
CA HIS F 276 42.14 -30.24 -17.71
C HIS F 276 41.25 -30.53 -16.51
N MET F 277 41.87 -30.99 -15.41
CA MET F 277 41.14 -31.41 -14.22
C MET F 277 40.62 -30.24 -13.38
N VAL F 278 41.33 -29.13 -13.39
CA VAL F 278 40.87 -27.92 -12.70
C VAL F 278 40.88 -26.69 -13.62
N ALA F 279 41.31 -26.88 -14.86
CA ALA F 279 41.45 -25.75 -15.78
C ALA F 279 40.49 -25.81 -16.97
N PRO F 280 39.76 -24.71 -17.22
CA PRO F 280 38.76 -24.65 -18.29
C PRO F 280 39.45 -24.49 -19.63
N ALA F 281 38.90 -25.06 -20.69
CA ALA F 281 39.41 -24.78 -22.01
C ALA F 281 39.42 -23.27 -22.21
N ALA F 282 40.57 -22.74 -22.64
CA ALA F 282 40.73 -21.29 -22.81
C ALA F 282 39.84 -20.77 -23.93
N ASP F 283 39.54 -21.64 -24.91
CA ASP F 283 38.76 -21.23 -26.07
C ASP F 283 37.26 -21.20 -25.78
N GLY F 284 36.89 -21.59 -24.56
CA GLY F 284 35.52 -21.52 -24.08
C GLY F 284 34.46 -22.22 -24.91
N VAL F 285 34.88 -22.99 -25.91
CA VAL F 285 33.97 -23.63 -26.84
C VAL F 285 32.93 -24.52 -26.15
N ARG F 286 33.40 -25.53 -25.43
CA ARG F 286 32.49 -26.48 -24.79
C ARG F 286 31.62 -25.79 -23.74
N ALA F 287 32.16 -24.75 -23.12
CA ALA F 287 31.42 -23.98 -22.11
C ALA F 287 30.26 -23.20 -22.72
N GLY F 288 30.50 -22.59 -23.88
CA GLY F 288 29.46 -21.90 -24.61
C GLY F 288 28.50 -22.87 -25.27
N ARG F 289 28.98 -24.10 -25.47
CA ARG F 289 28.17 -25.15 -26.09
C ARG F 289 27.02 -25.55 -25.18
N ALA F 290 27.23 -25.39 -23.88
CA ALA F 290 26.21 -25.71 -22.89
C ALA F 290 25.21 -24.56 -22.78
N MET F 291 25.68 -23.35 -23.07
CA MET F 291 24.78 -22.20 -23.15
C MET F 291 23.89 -22.36 -24.38
N THR F 292 24.50 -22.81 -25.48
CA THR F 292 23.77 -23.04 -26.72
C THR F 292 22.71 -24.11 -26.55
N ARG F 293 23.11 -25.24 -25.95
CA ARG F 293 22.23 -26.37 -25.77
C ARG F 293 21.03 -26.01 -24.91
N SER F 294 21.21 -25.08 -23.99
CA SER F 294 20.11 -24.62 -23.15
C SER F 294 19.14 -23.75 -23.95
N LEU F 295 19.65 -23.06 -24.96
CA LEU F 295 18.80 -22.28 -25.86
C LEU F 295 17.99 -23.23 -26.72
N GLU F 296 18.69 -24.12 -27.42
CA GLU F 296 18.07 -25.11 -28.27
C GLU F 296 16.86 -25.75 -27.59
N LEU F 297 17.05 -26.17 -26.34
CA LEU F 297 16.00 -26.84 -25.58
C LEU F 297 14.87 -25.90 -25.14
N ALA F 298 15.21 -24.61 -24.97
CA ALA F 298 14.22 -23.61 -24.57
C ALA F 298 13.44 -23.11 -25.78
N GLY F 299 14.03 -23.25 -26.96
CA GLY F 299 13.40 -22.81 -28.20
C GLY F 299 13.83 -21.42 -28.58
N LEU F 300 14.99 -21.00 -28.07
CA LEU F 300 15.47 -19.64 -28.29
C LEU F 300 16.73 -19.58 -29.17
N SER F 301 17.12 -18.35 -29.51
CA SER F 301 18.37 -18.09 -30.20
C SER F 301 19.21 -17.10 -29.37
N PRO F 302 20.47 -16.87 -29.76
CA PRO F 302 21.30 -15.91 -29.01
C PRO F 302 20.69 -14.51 -29.00
N ALA F 303 19.86 -14.21 -30.00
CA ALA F 303 19.25 -12.89 -30.13
C ALA F 303 18.38 -12.53 -28.93
N ASP F 304 17.84 -13.54 -28.26
CA ASP F 304 16.86 -13.35 -27.20
C ASP F 304 17.49 -13.11 -25.82
N ILE F 305 18.78 -13.41 -25.70
CA ILE F 305 19.43 -13.42 -24.39
C ILE F 305 19.92 -12.03 -23.94
N ASP F 306 19.17 -11.42 -23.03
CA ASP F 306 19.42 -10.05 -22.59
C ASP F 306 20.32 -9.96 -21.36
N HIS F 307 20.42 -11.05 -20.61
CA HIS F 307 21.20 -11.06 -19.37
C HIS F 307 21.97 -12.38 -19.21
N VAL F 308 23.26 -12.28 -18.91
CA VAL F 308 24.04 -13.46 -18.61
C VAL F 308 24.57 -13.38 -17.19
N ASN F 309 24.02 -14.20 -16.30
CA ASN F 309 24.56 -14.30 -14.96
C ASN F 309 25.83 -15.13 -15.03
N ALA F 310 26.97 -14.48 -14.78
CA ALA F 310 28.28 -15.08 -15.02
C ALA F 310 28.85 -15.84 -13.83
N HIS F 311 29.47 -16.99 -14.10
CA HIS F 311 30.17 -17.74 -13.06
C HIS F 311 31.27 -16.84 -12.51
N GLY F 312 31.84 -16.02 -13.39
CA GLY F 312 32.90 -15.08 -13.05
C GLY F 312 33.39 -15.13 -11.62
N THR F 313 34.41 -15.94 -11.38
CA THR F 313 34.92 -16.16 -10.03
C THR F 313 35.92 -15.10 -9.59
N ALA F 314 36.62 -14.51 -10.57
CA ALA F 314 37.65 -13.49 -10.36
C ALA F 314 39.06 -14.07 -10.47
N THR F 315 39.17 -15.22 -11.11
CA THR F 315 40.48 -15.79 -11.43
C THR F 315 40.88 -15.39 -12.85
N PRO F 316 42.18 -15.13 -13.07
CA PRO F 316 42.69 -14.77 -14.39
C PRO F 316 42.26 -15.73 -15.50
N ILE F 317 42.36 -17.04 -15.25
CA ILE F 317 42.05 -18.04 -16.28
C ILE F 317 40.55 -18.27 -16.42
N GLY F 318 39.86 -18.34 -15.29
CA GLY F 318 38.43 -18.57 -15.31
C GLY F 318 37.70 -17.50 -16.10
N ASP F 319 37.85 -16.25 -15.68
CA ASP F 319 37.15 -15.13 -16.31
C ASP F 319 37.42 -15.03 -17.80
N ALA F 320 38.63 -15.37 -18.22
CA ALA F 320 39.01 -15.31 -19.62
C ALA F 320 38.35 -16.44 -20.43
N ALA F 321 38.18 -17.59 -19.79
CA ALA F 321 37.49 -18.70 -20.43
C ALA F 321 36.02 -18.35 -20.68
N GLU F 322 35.36 -17.82 -19.65
CA GLU F 322 33.93 -17.52 -19.71
C GLU F 322 33.62 -16.40 -20.69
N ALA F 323 34.53 -15.42 -20.76
CA ALA F 323 34.43 -14.33 -21.73
C ALA F 323 34.37 -14.84 -23.17
N ASN F 324 35.19 -15.83 -23.51
CA ASN F 324 35.14 -16.46 -24.83
C ASN F 324 33.95 -17.38 -24.97
N ALA F 325 33.51 -17.98 -23.85
CA ALA F 325 32.38 -18.89 -23.85
C ALA F 325 31.09 -18.17 -24.24
N ILE F 326 30.90 -16.98 -23.67
CA ILE F 326 29.76 -16.12 -23.98
C ILE F 326 29.85 -15.62 -25.43
N ARG F 327 31.05 -15.21 -25.83
CA ARG F 327 31.33 -14.83 -27.20
C ARG F 327 30.96 -15.96 -28.15
N VAL F 328 31.29 -17.19 -27.75
CA VAL F 328 31.05 -18.36 -28.59
C VAL F 328 29.56 -18.72 -28.71
N ALA F 329 28.84 -18.62 -27.59
CA ALA F 329 27.41 -18.91 -27.58
C ALA F 329 26.64 -17.84 -28.34
N GLY F 330 27.30 -16.70 -28.59
CA GLY F 330 26.70 -15.61 -29.34
C GLY F 330 25.88 -14.69 -28.47
N CYS F 331 26.21 -14.65 -27.18
CA CYS F 331 25.44 -13.90 -26.19
C CYS F 331 26.20 -12.71 -25.64
N ASP F 332 27.20 -12.25 -26.37
CA ASP F 332 28.10 -11.20 -25.91
C ASP F 332 27.50 -9.79 -25.78
N GLN F 333 26.28 -9.61 -26.30
CA GLN F 333 25.65 -8.29 -26.31
C GLN F 333 24.73 -8.09 -25.10
N ALA F 334 24.64 -9.10 -24.26
CA ALA F 334 23.77 -9.08 -23.09
C ALA F 334 24.42 -8.34 -21.91
N ALA F 335 23.62 -8.01 -20.91
CA ALA F 335 24.13 -7.36 -19.70
C ALA F 335 24.67 -8.41 -18.74
N VAL F 336 25.99 -8.51 -18.66
CA VAL F 336 26.64 -9.55 -17.87
C VAL F 336 26.80 -9.13 -16.39
N TYR F 337 26.25 -9.94 -15.49
CA TYR F 337 26.39 -9.70 -14.04
C TYR F 337 27.17 -10.82 -13.33
N ALA F 338 28.00 -10.43 -12.37
CA ALA F 338 28.87 -11.37 -11.66
C ALA F 338 28.77 -11.24 -10.15
N PRO F 339 27.83 -11.97 -9.53
CA PRO F 339 27.47 -11.93 -8.11
C PRO F 339 28.64 -12.23 -7.14
N LYS F 340 29.61 -13.03 -7.57
CA LYS F 340 30.75 -13.38 -6.72
C LYS F 340 31.54 -12.14 -6.29
N SER F 341 31.27 -11.02 -6.97
CA SER F 341 31.91 -9.75 -6.68
C SER F 341 31.43 -9.19 -5.35
N ALA F 342 30.20 -9.53 -5.00
CA ALA F 342 29.57 -9.04 -3.77
C ALA F 342 29.27 -10.18 -2.81
N LEU F 343 29.03 -11.36 -3.38
CA LEU F 343 28.49 -12.49 -2.62
C LEU F 343 29.47 -13.64 -2.43
N GLY F 344 30.56 -13.63 -3.21
CA GLY F 344 31.61 -14.62 -3.03
C GLY F 344 31.31 -15.96 -3.68
N HIS F 345 32.21 -16.92 -3.50
CA HIS F 345 32.05 -18.25 -4.06
C HIS F 345 31.63 -19.21 -2.94
N SER F 346 30.46 -19.82 -3.10
CA SER F 346 30.01 -20.83 -2.15
C SER F 346 30.07 -22.22 -2.80
N ILE F 347 30.83 -22.32 -3.89
CA ILE F 347 31.19 -23.59 -4.51
C ILE F 347 30.00 -24.45 -4.97
N GLY F 348 29.59 -25.39 -4.13
CA GLY F 348 28.53 -26.31 -4.48
C GLY F 348 27.18 -25.64 -4.45
N ALA F 349 27.05 -24.59 -3.64
CA ALA F 349 25.80 -23.87 -3.50
C ALA F 349 25.68 -22.75 -4.53
N VAL F 350 26.82 -22.21 -4.95
CA VAL F 350 26.87 -20.95 -5.69
C VAL F 350 26.00 -20.89 -6.96
N GLY F 351 25.95 -21.99 -7.71
CA GLY F 351 25.15 -22.04 -8.92
C GLY F 351 23.65 -21.92 -8.67
N ALA F 352 23.23 -22.28 -7.46
CA ALA F 352 21.82 -22.20 -7.10
C ALA F 352 21.48 -20.81 -6.58
N LEU F 353 22.41 -20.24 -5.82
CA LEU F 353 22.30 -18.85 -5.38
C LEU F 353 22.19 -17.96 -6.60
N GLU F 354 23.05 -18.21 -7.57
CA GLU F 354 23.09 -17.41 -8.78
C GLU F 354 21.88 -17.71 -9.67
N SER F 355 21.30 -18.90 -9.52
CA SER F 355 20.05 -19.22 -10.20
C SER F 355 18.90 -18.40 -9.63
N VAL F 356 18.83 -18.30 -8.30
CA VAL F 356 17.81 -17.54 -7.57
C VAL F 356 17.89 -16.04 -7.87
N LEU F 357 19.06 -15.58 -8.28
CA LEU F 357 19.25 -14.16 -8.63
C LEU F 357 18.84 -13.89 -10.07
N THR F 358 19.09 -14.87 -10.93
CA THR F 358 18.71 -14.74 -12.33
C THR F 358 17.18 -14.67 -12.47
N VAL F 359 16.45 -15.28 -11.54
CA VAL F 359 14.99 -15.18 -11.55
C VAL F 359 14.53 -13.85 -10.93
N LEU F 360 15.21 -13.43 -9.87
CA LEU F 360 14.93 -12.14 -9.25
C LEU F 360 15.16 -11.02 -10.25
N THR F 361 16.20 -11.16 -11.07
CA THR F 361 16.52 -10.19 -12.11
C THR F 361 15.43 -10.13 -13.19
N LEU F 362 14.85 -11.29 -13.50
CA LEU F 362 13.75 -11.35 -14.46
C LEU F 362 12.42 -10.87 -13.86
N ARG F 363 12.15 -11.30 -12.63
CA ARG F 363 10.96 -10.86 -11.90
C ARG F 363 10.93 -9.35 -11.73
N ASP F 364 12.06 -8.78 -11.31
CA ASP F 364 12.11 -7.36 -10.98
C ASP F 364 12.56 -6.46 -12.13
N GLY F 365 13.00 -7.09 -13.23
CA GLY F 365 13.46 -6.36 -14.40
C GLY F 365 14.67 -5.49 -14.11
N VAL F 366 15.62 -6.02 -13.35
CA VAL F 366 16.77 -5.24 -12.90
C VAL F 366 18.02 -6.08 -12.62
N ILE F 367 19.14 -5.67 -13.20
CA ILE F 367 20.43 -6.31 -12.93
C ILE F 367 21.28 -5.46 -11.99
N PRO F 368 21.66 -6.02 -10.83
CA PRO F 368 22.52 -5.29 -9.88
C PRO F 368 23.91 -5.01 -10.48
N PRO F 369 24.73 -4.17 -9.80
CA PRO F 369 26.05 -3.79 -10.30
C PRO F 369 27.12 -4.77 -9.85
N THR F 370 28.02 -5.14 -10.75
CA THR F 370 29.13 -6.02 -10.40
C THR F 370 30.18 -5.21 -9.65
N LEU F 371 30.45 -5.60 -8.40
CA LEU F 371 31.34 -4.84 -7.55
C LEU F 371 32.81 -4.94 -7.96
N ASN F 372 33.53 -3.84 -7.80
CA ASN F 372 34.98 -3.80 -7.99
C ASN F 372 35.40 -4.00 -9.45
N TYR F 373 34.54 -3.54 -10.35
CA TYR F 373 34.83 -3.55 -11.78
C TYR F 373 35.21 -2.13 -12.22
N GLU F 374 36.49 -1.82 -12.12
CA GLU F 374 36.98 -0.45 -12.27
C GLU F 374 37.92 -0.32 -13.46
N THR F 375 38.86 -1.24 -13.57
CA THR F 375 39.74 -1.33 -14.73
C THR F 375 39.36 -2.58 -15.50
N PRO F 376 38.66 -2.40 -16.64
CA PRO F 376 38.29 -3.58 -17.40
C PRO F 376 39.51 -4.27 -18.01
N ASP F 377 39.34 -5.54 -18.34
CA ASP F 377 40.37 -6.31 -19.03
C ASP F 377 40.15 -6.21 -20.54
N PRO F 378 41.08 -5.56 -21.25
CA PRO F 378 41.01 -5.40 -22.71
C PRO F 378 40.92 -6.75 -23.42
N GLU F 379 41.38 -7.79 -22.74
CA GLU F 379 41.33 -9.15 -23.31
C GLU F 379 39.96 -9.80 -23.20
N ILE F 380 39.06 -9.16 -22.45
CA ILE F 380 37.74 -9.75 -22.16
C ILE F 380 36.60 -9.20 -23.05
N ASP F 381 36.14 -7.98 -22.80
CA ASP F 381 35.22 -7.28 -23.72
C ASP F 381 33.74 -7.65 -23.62
N LEU F 382 33.14 -7.45 -22.45
CA LEU F 382 31.73 -7.76 -22.23
C LEU F 382 30.95 -6.54 -21.70
N ASP F 383 29.63 -6.60 -21.78
CA ASP F 383 28.80 -5.54 -21.21
C ASP F 383 28.57 -5.80 -19.72
N VAL F 384 29.56 -5.44 -18.91
CA VAL F 384 29.50 -5.71 -17.48
C VAL F 384 28.78 -4.61 -16.72
N VAL F 385 27.59 -4.94 -16.21
CA VAL F 385 26.85 -4.03 -15.36
C VAL F 385 27.64 -3.74 -14.09
N ALA F 386 27.86 -2.46 -13.82
CA ALA F 386 28.58 -1.99 -12.64
C ALA F 386 28.34 -0.50 -12.44
N GLY F 387 28.69 0.01 -11.26
CA GLY F 387 28.43 1.41 -10.92
C GLY F 387 27.14 1.53 -10.13
N GLU F 388 26.01 1.34 -10.81
CA GLU F 388 24.70 1.29 -10.17
C GLU F 388 23.85 0.21 -10.84
N PRO F 389 22.70 -0.14 -10.21
CA PRO F 389 21.82 -1.12 -10.87
C PRO F 389 21.38 -0.65 -12.26
N ARG F 390 21.03 -1.59 -13.12
CA ARG F 390 20.51 -1.24 -14.44
C ARG F 390 19.11 -1.80 -14.68
N TYR F 391 18.14 -0.91 -14.83
CA TYR F 391 16.79 -1.32 -15.18
C TYR F 391 16.68 -1.51 -16.69
N GLY F 392 15.69 -2.26 -17.14
CA GLY F 392 15.57 -2.56 -18.55
C GLY F 392 14.71 -3.78 -18.80
N ASP F 393 14.45 -4.04 -20.08
CA ASP F 393 13.46 -5.02 -20.50
C ASP F 393 14.00 -6.44 -20.60
N TYR F 394 14.43 -7.01 -19.49
CA TYR F 394 15.06 -8.33 -19.47
C TYR F 394 14.07 -9.48 -19.64
N ARG F 395 13.93 -9.96 -20.88
CA ARG F 395 13.00 -11.04 -21.19
C ARG F 395 13.61 -12.42 -20.92
N TYR F 396 14.87 -12.60 -21.33
CA TYR F 396 15.54 -13.90 -21.21
C TYR F 396 16.97 -13.81 -20.66
N ALA F 397 17.29 -14.69 -19.70
CA ALA F 397 18.58 -14.63 -19.02
C ALA F 397 19.22 -15.99 -18.79
N VAL F 398 20.51 -16.11 -19.10
CA VAL F 398 21.28 -17.35 -18.85
C VAL F 398 22.12 -17.23 -17.58
N ASN F 399 22.28 -18.35 -16.87
CA ASN F 399 23.07 -18.42 -15.64
C ASN F 399 24.06 -19.56 -15.77
N ASN F 400 25.36 -19.23 -15.80
CA ASN F 400 26.43 -20.21 -16.00
C ASN F 400 27.15 -20.63 -14.72
N SER F 401 27.41 -21.92 -14.59
CA SER F 401 28.32 -22.40 -13.54
C SER F 401 29.31 -23.34 -14.19
N PHE F 402 30.57 -23.23 -13.76
CA PHE F 402 31.64 -24.06 -14.28
C PHE F 402 32.34 -24.75 -13.12
N GLY F 403 32.77 -25.99 -13.32
CA GLY F 403 33.31 -26.75 -12.21
C GLY F 403 34.63 -27.42 -12.52
N PHE F 404 35.46 -27.57 -11.48
CA PHE F 404 36.68 -28.35 -11.63
C PHE F 404 36.28 -29.73 -12.14
N GLY F 405 37.03 -30.21 -13.12
CA GLY F 405 36.68 -31.45 -13.79
C GLY F 405 36.21 -31.20 -15.20
N GLY F 406 36.01 -29.93 -15.55
CA GLY F 406 35.64 -29.58 -16.92
C GLY F 406 34.15 -29.52 -17.12
N HIS F 407 33.42 -29.32 -16.03
CA HIS F 407 31.97 -29.29 -16.06
C HIS F 407 31.39 -27.93 -16.47
N ASN F 408 30.40 -27.97 -17.36
CA ASN F 408 29.76 -26.76 -17.87
C ASN F 408 28.24 -26.87 -17.78
N VAL F 409 27.62 -25.97 -17.02
CA VAL F 409 26.16 -26.02 -16.82
C VAL F 409 25.49 -24.67 -17.08
N ALA F 410 24.72 -24.58 -18.16
CA ALA F 410 23.99 -23.36 -18.48
C ALA F 410 22.47 -23.51 -18.35
N LEU F 411 21.87 -22.68 -17.50
CA LEU F 411 20.42 -22.65 -17.32
C LEU F 411 19.80 -21.46 -18.04
N ALA F 412 18.84 -21.74 -18.93
CA ALA F 412 18.11 -20.70 -19.66
C ALA F 412 16.79 -20.34 -18.97
N PHE F 413 16.69 -19.09 -18.53
CA PHE F 413 15.48 -18.58 -17.89
C PHE F 413 14.72 -17.61 -18.79
N GLY F 414 13.42 -17.46 -18.53
CA GLY F 414 12.61 -16.46 -19.20
C GLY F 414 11.81 -15.68 -18.16
N ARG F 415 11.19 -14.58 -18.59
CA ARG F 415 10.29 -13.86 -17.70
C ARG F 415 8.86 -14.41 -17.82
N TYR F 416 8.24 -14.72 -16.68
CA TYR F 416 6.92 -15.32 -16.68
C TYR F 416 5.92 -14.46 -17.45
N SER G 2 -10.85 1.97 11.21
CA SER G 2 -11.21 3.30 11.70
C SER G 2 -11.47 3.28 13.20
N GLN G 3 -10.80 4.19 13.92
CA GLN G 3 -10.87 4.23 15.37
C GLN G 3 -12.01 5.10 15.87
N PRO G 4 -12.85 4.54 16.75
CA PRO G 4 -14.04 5.22 17.30
C PRO G 4 -13.74 6.61 17.83
N SER G 5 -14.79 7.42 17.97
CA SER G 5 -14.69 8.75 18.56
C SER G 5 -16.10 9.22 18.92
N THR G 6 -16.21 10.34 19.60
CA THR G 6 -17.53 10.87 19.94
C THR G 6 -18.19 11.39 18.66
N ALA G 7 -17.39 12.05 17.83
CA ALA G 7 -17.88 12.63 16.59
C ALA G 7 -18.50 11.58 15.66
N ASN G 8 -17.76 10.50 15.41
CA ASN G 8 -18.22 9.50 14.44
C ASN G 8 -19.31 8.56 14.94
N GLY G 9 -19.53 8.53 16.26
CA GLY G 9 -20.57 7.68 16.82
C GLY G 9 -20.03 6.46 17.54
N GLY G 10 -18.71 6.28 17.51
CA GLY G 10 -18.07 5.18 18.19
C GLY G 10 -18.26 5.25 19.70
N PHE G 11 -18.29 6.46 20.23
CA PHE G 11 -18.60 6.68 21.64
C PHE G 11 -19.96 7.35 21.77
N PRO G 12 -20.78 6.91 22.74
CA PRO G 12 -22.06 7.58 22.98
C PRO G 12 -21.85 9.06 23.26
N SER G 13 -22.91 9.84 23.21
CA SER G 13 -22.79 11.25 23.53
C SER G 13 -23.00 11.45 25.02
N VAL G 14 -22.09 12.19 25.65
CA VAL G 14 -22.14 12.43 27.08
C VAL G 14 -22.20 13.91 27.36
N VAL G 15 -23.30 14.35 27.97
CA VAL G 15 -23.49 15.76 28.30
C VAL G 15 -23.33 16.00 29.79
N VAL G 16 -23.14 17.26 30.16
CA VAL G 16 -23.07 17.67 31.55
C VAL G 16 -24.39 18.33 31.91
N THR G 17 -25.09 17.79 32.89
CA THR G 17 -26.45 18.25 33.20
C THR G 17 -26.56 19.03 34.52
N ALA G 18 -25.46 19.20 35.24
CA ALA G 18 -25.46 19.96 36.49
C ALA G 18 -24.05 20.12 37.04
N VAL G 19 -23.82 21.18 37.82
CA VAL G 19 -22.50 21.44 38.37
C VAL G 19 -22.58 22.14 39.73
N THR G 20 -21.65 21.80 40.63
CA THR G 20 -21.57 22.41 41.96
C THR G 20 -20.13 22.83 42.25
N ALA G 21 -19.96 23.72 43.23
CA ALA G 21 -18.63 24.07 43.70
C ALA G 21 -18.65 25.01 44.89
N THR G 22 -17.64 24.89 45.75
CA THR G 22 -17.40 25.87 46.79
C THR G 22 -16.00 26.45 46.57
N THR G 23 -15.88 27.77 46.71
CA THR G 23 -14.61 28.44 46.47
C THR G 23 -14.32 29.54 47.49
N SER G 24 -13.21 30.24 47.29
CA SER G 24 -12.84 31.40 48.10
C SER G 24 -13.76 32.59 47.79
N ILE G 25 -14.48 32.50 46.68
CA ILE G 25 -15.37 33.58 46.24
C ILE G 25 -16.83 33.38 46.66
N SER G 26 -17.31 32.13 46.61
CA SER G 26 -18.71 31.87 46.87
C SER G 26 -19.04 30.39 47.11
N PRO G 27 -20.08 30.11 47.91
CA PRO G 27 -20.63 28.76 48.01
C PRO G 27 -21.48 28.41 46.79
N ASP G 28 -21.80 29.42 45.99
CA ASP G 28 -22.60 29.24 44.78
C ASP G 28 -21.68 29.27 43.57
N ILE G 29 -21.81 28.27 42.70
CA ILE G 29 -20.99 28.22 41.49
C ILE G 29 -21.32 29.40 40.57
N GLU G 30 -22.54 29.91 40.70
CA GLU G 30 -22.97 31.03 39.86
C GLU G 30 -22.47 32.38 40.39
N SER G 31 -22.58 32.57 41.70
CA SER G 31 -22.04 33.77 42.35
C SER G 31 -20.52 33.81 42.21
N THR G 32 -19.94 32.65 41.89
CA THR G 32 -18.51 32.49 41.66
C THR G 32 -18.14 32.87 40.23
N TRP G 33 -18.81 32.23 39.26
CA TRP G 33 -18.61 32.50 37.84
C TRP G 33 -18.84 33.98 37.51
N LYS G 34 -19.85 34.56 38.14
CA LYS G 34 -20.15 35.99 37.98
C LYS G 34 -19.07 36.86 38.62
N GLY G 35 -18.44 36.34 39.67
CA GLY G 35 -17.34 37.02 40.32
C GLY G 35 -16.09 37.04 39.48
N LEU G 36 -15.78 35.91 38.83
CA LEU G 36 -14.63 35.82 37.95
C LEU G 36 -14.79 36.76 36.76
N LEU G 37 -16.03 36.89 36.30
CA LEU G 37 -16.32 37.78 35.18
C LEU G 37 -16.16 39.23 35.61
N ALA G 38 -16.37 39.49 36.89
CA ALA G 38 -16.36 40.85 37.42
C ALA G 38 -14.96 41.32 37.82
N GLY G 39 -13.97 40.45 37.66
CA GLY G 39 -12.59 40.76 38.00
C GLY G 39 -12.25 40.55 39.47
N GLU G 40 -13.09 39.78 40.17
CA GLU G 40 -12.91 39.54 41.59
C GLU G 40 -11.86 38.47 41.89
N SER G 41 -11.20 38.62 43.03
CA SER G 41 -10.27 37.62 43.54
C SER G 41 -10.68 37.09 44.91
N GLY G 42 -10.58 35.78 45.09
CA GLY G 42 -10.93 35.17 46.37
C GLY G 42 -9.76 35.10 47.33
N ILE G 43 -8.59 35.53 46.86
CA ILE G 43 -7.39 35.47 47.68
C ILE G 43 -7.32 36.64 48.65
N HIS G 44 -6.99 36.34 49.90
CA HIS G 44 -6.93 37.35 50.94
C HIS G 44 -5.66 37.21 51.77
N ALA G 45 -5.61 37.95 52.87
CA ALA G 45 -4.55 37.80 53.86
C ALA G 45 -4.91 36.61 54.74
N LEU G 46 -3.91 35.90 55.25
CA LEU G 46 -4.20 34.78 56.14
C LEU G 46 -4.17 35.23 57.59
N GLU G 47 -5.36 35.27 58.21
CA GLU G 47 -5.51 35.70 59.59
C GLU G 47 -5.45 34.51 60.55
N ASP G 48 -5.29 33.31 60.00
CA ASP G 48 -5.12 32.11 60.80
C ASP G 48 -3.91 32.26 61.71
N GLU G 49 -4.12 32.09 63.01
CA GLU G 49 -3.06 32.39 63.96
C GLU G 49 -1.95 31.34 63.96
N PHE G 50 -2.09 30.33 63.11
CA PHE G 50 -1.01 29.38 62.91
C PHE G 50 0.00 29.96 61.92
N VAL G 51 -0.18 31.21 61.54
CA VAL G 51 0.72 31.86 60.59
C VAL G 51 1.85 32.61 61.29
N THR G 52 1.52 33.32 62.37
CA THR G 52 2.56 33.96 63.17
C THR G 52 3.08 33.00 64.25
N LYS G 53 2.28 31.98 64.57
CA LYS G 53 2.70 30.93 65.50
C LYS G 53 3.88 30.14 64.94
N TRP G 54 3.83 29.83 63.66
CA TRP G 54 4.94 29.14 62.99
C TRP G 54 5.75 30.15 62.18
N ASP G 55 5.29 31.40 62.16
CA ASP G 55 5.94 32.46 61.40
C ASP G 55 6.10 32.05 59.93
N LEU G 56 5.06 31.42 59.39
CA LEU G 56 5.13 30.86 58.05
C LEU G 56 5.56 31.91 57.03
N ALA G 57 6.34 31.46 56.04
CA ALA G 57 6.81 32.34 54.98
C ALA G 57 5.66 32.83 54.12
N VAL G 58 4.65 31.97 54.00
CA VAL G 58 3.44 32.32 53.25
C VAL G 58 2.32 32.77 54.19
N LYS G 59 1.67 33.87 53.85
CA LYS G 59 0.69 34.50 54.71
C LYS G 59 -0.52 34.95 53.90
N ILE G 60 -0.75 34.27 52.78
CA ILE G 60 -1.85 34.62 51.89
C ILE G 60 -2.53 33.36 51.36
N GLY G 61 -3.67 33.54 50.72
CA GLY G 61 -4.44 32.44 50.17
C GLY G 61 -5.92 32.72 50.32
N GLY G 62 -6.74 31.74 49.96
CA GLY G 62 -8.18 31.91 50.06
C GLY G 62 -8.88 30.73 50.70
N HIS G 63 -9.47 30.97 51.87
CA HIS G 63 -10.36 29.99 52.47
C HIS G 63 -11.68 30.07 51.73
N LEU G 64 -12.47 29.00 51.81
CA LEU G 64 -13.83 29.03 51.29
C LEU G 64 -14.54 30.24 51.85
N LYS G 65 -15.41 30.85 51.05
CA LYS G 65 -16.22 31.95 51.52
C LYS G 65 -17.13 31.46 52.65
N ASP G 66 -17.71 30.29 52.43
CA ASP G 66 -18.54 29.63 53.43
C ASP G 66 -17.85 28.37 53.92
N PRO G 67 -17.40 28.38 55.19
CA PRO G 67 -16.75 27.21 55.79
C PRO G 67 -17.65 25.99 55.73
N VAL G 68 -17.14 24.87 55.22
CA VAL G 68 -17.92 23.65 55.10
C VAL G 68 -18.56 23.22 56.43
N ASP G 69 -17.85 23.43 57.53
CA ASP G 69 -18.26 22.86 58.81
C ASP G 69 -19.41 23.59 59.48
N SER G 70 -19.81 24.74 58.93
CA SER G 70 -20.95 25.47 59.44
C SER G 70 -22.23 24.81 58.94
N HIS G 71 -22.09 23.99 57.92
CA HIS G 71 -23.18 23.17 57.42
C HIS G 71 -23.13 21.77 58.03
N MET G 72 -22.26 21.58 59.02
CA MET G 72 -22.02 20.25 59.58
C MET G 72 -22.35 20.11 61.06
N GLY G 73 -23.01 18.99 61.38
CA GLY G 73 -23.45 18.71 62.74
C GLY G 73 -22.41 18.00 63.58
N ARG G 74 -22.76 17.77 64.84
CA ARG G 74 -21.85 17.21 65.82
C ARG G 74 -21.55 15.74 65.55
N LEU G 75 -22.52 15.04 64.95
CA LEU G 75 -22.32 13.68 64.48
C LEU G 75 -21.26 13.66 63.39
N ASP G 76 -21.51 14.45 62.35
CA ASP G 76 -20.68 14.44 61.16
C ASP G 76 -19.24 14.84 61.45
N MET G 77 -19.04 15.68 62.48
CA MET G 77 -17.72 16.15 62.82
C MET G 77 -16.88 15.09 63.52
N ARG G 78 -17.51 14.02 64.00
CA ARG G 78 -16.80 12.92 64.64
C ARG G 78 -16.60 11.74 63.71
N ARG G 79 -17.50 11.59 62.72
CA ARG G 79 -17.59 10.36 61.95
C ARG G 79 -17.07 10.47 60.52
N MET G 80 -16.78 11.69 60.10
CA MET G 80 -16.22 11.92 58.77
C MET G 80 -14.93 12.72 58.87
N SER G 81 -14.09 12.60 57.86
CA SER G 81 -12.95 13.50 57.74
C SER G 81 -13.36 14.70 56.89
N TYR G 82 -12.59 15.78 56.95
CA TYR G 82 -12.98 17.01 56.26
C TYR G 82 -13.51 16.75 54.86
N VAL G 83 -12.76 15.98 54.07
CA VAL G 83 -13.07 15.78 52.66
C VAL G 83 -14.31 14.93 52.44
N GLN G 84 -14.68 14.12 53.43
CA GLN G 84 -15.94 13.37 53.39
C GLN G 84 -17.09 14.31 53.71
N ARG G 85 -16.78 15.35 54.49
CA ARG G 85 -17.77 16.35 54.85
C ARG G 85 -18.00 17.37 53.72
N MET G 86 -16.94 17.69 52.99
CA MET G 86 -17.06 18.51 51.78
C MET G 86 -17.81 17.72 50.70
N GLY G 87 -17.43 16.45 50.53
CA GLY G 87 -18.07 15.58 49.57
C GLY G 87 -19.57 15.42 49.78
N LYS G 88 -19.97 15.17 51.04
CA LYS G 88 -21.38 15.03 51.36
C LYS G 88 -22.14 16.32 51.07
N LEU G 89 -21.54 17.45 51.43
CA LEU G 89 -22.13 18.76 51.18
C LEU G 89 -22.36 19.02 49.68
N LEU G 90 -21.30 18.87 48.89
CA LEU G 90 -21.37 19.10 47.45
C LEU G 90 -22.22 18.03 46.78
N GLY G 91 -22.16 16.82 47.31
CA GLY G 91 -23.04 15.75 46.86
C GLY G 91 -24.50 16.15 46.94
N GLY G 92 -24.92 16.61 48.11
CA GLY G 92 -26.29 17.04 48.31
C GLY G 92 -26.71 18.16 47.38
N GLN G 93 -25.86 19.18 47.24
CA GLN G 93 -26.18 20.35 46.42
C GLN G 93 -26.31 20.02 44.94
N LEU G 94 -25.45 19.13 44.44
CA LEU G 94 -25.50 18.71 43.05
C LEU G 94 -26.79 17.97 42.75
N TRP G 95 -27.15 17.03 43.63
CA TRP G 95 -28.33 16.20 43.42
C TRP G 95 -29.60 17.03 43.51
N GLU G 96 -29.61 17.96 44.45
CA GLU G 96 -30.73 18.89 44.60
C GLU G 96 -30.78 19.87 43.44
N SER G 97 -29.62 20.24 42.93
CA SER G 97 -29.53 21.15 41.78
C SER G 97 -29.93 20.47 40.48
N ALA G 98 -29.88 19.15 40.46
CA ALA G 98 -30.23 18.39 39.27
C ALA G 98 -31.71 18.00 39.28
N GLY G 99 -32.44 18.52 40.25
CA GLY G 99 -33.84 18.20 40.42
C GLY G 99 -34.03 16.87 41.13
N SER G 100 -33.07 16.51 41.97
CA SER G 100 -33.10 15.25 42.71
C SER G 100 -33.62 14.09 41.88
N PRO G 101 -33.06 13.88 40.68
CA PRO G 101 -33.54 12.85 39.75
C PRO G 101 -33.65 11.48 40.42
N GLU G 102 -34.44 10.60 39.79
CA GLU G 102 -34.51 9.22 40.19
C GLU G 102 -33.80 8.41 39.11
N VAL G 103 -32.59 7.95 39.42
CA VAL G 103 -31.79 7.20 38.45
C VAL G 103 -31.73 5.73 38.81
N ASP G 104 -31.26 4.90 37.87
CA ASP G 104 -31.01 3.51 38.16
C ASP G 104 -29.62 3.34 38.79
N PRO G 105 -29.58 3.02 40.10
CA PRO G 105 -28.34 2.84 40.87
C PRO G 105 -27.36 1.87 40.23
N ASP G 106 -27.85 0.82 39.57
CA ASP G 106 -27.00 -0.13 38.88
C ASP G 106 -26.30 0.49 37.67
N ARG G 107 -26.75 1.69 37.28
CA ARG G 107 -26.17 2.42 36.15
C ARG G 107 -25.57 3.75 36.61
N PHE G 108 -25.46 3.92 37.93
CA PHE G 108 -25.08 5.20 38.51
C PHE G 108 -23.72 5.08 39.17
N ALA G 109 -22.70 5.63 38.54
CA ALA G 109 -21.35 5.57 39.09
C ALA G 109 -20.90 6.92 39.66
N VAL G 110 -20.01 6.86 40.63
CA VAL G 110 -19.37 8.03 41.20
C VAL G 110 -17.85 7.92 40.98
N VAL G 111 -17.22 9.00 40.52
CA VAL G 111 -15.76 9.05 40.37
C VAL G 111 -15.25 10.37 40.92
N VAL G 112 -14.68 10.35 42.13
CA VAL G 112 -14.22 11.57 42.78
C VAL G 112 -12.76 11.49 43.24
N GLY G 113 -11.99 12.53 42.94
CA GLY G 113 -10.56 12.55 43.28
C GLY G 113 -10.19 13.39 44.50
N THR G 114 -9.05 13.05 45.10
CA THR G 114 -8.49 13.86 46.19
C THR G 114 -6.96 13.84 46.09
N GLY G 115 -6.32 14.80 46.76
CA GLY G 115 -4.87 14.82 46.81
C GLY G 115 -4.33 13.84 47.83
N LEU G 116 -4.97 13.76 48.98
CA LEU G 116 -4.46 12.95 50.09
C LEU G 116 -5.50 11.98 50.66
N GLY G 117 -6.37 12.49 51.53
CA GLY G 117 -7.42 11.71 52.15
C GLY G 117 -7.84 12.38 53.45
N GLY G 118 -8.28 11.57 54.41
CA GLY G 118 -8.68 12.08 55.73
C GLY G 118 -7.50 12.19 56.66
N ALA G 119 -6.43 12.83 56.17
CA ALA G 119 -5.14 12.83 56.86
C ALA G 119 -5.15 13.51 58.23
N GLU G 120 -6.14 14.36 58.49
CA GLU G 120 -6.27 14.96 59.81
C GLU G 120 -6.41 13.84 60.82
N ARG G 121 -7.13 12.80 60.43
CA ARG G 121 -7.45 11.68 61.31
C ARG G 121 -6.26 10.76 61.54
N ILE G 122 -5.29 10.84 60.65
CA ILE G 122 -4.03 10.11 60.82
C ILE G 122 -3.21 10.69 61.97
N VAL G 123 -2.97 12.00 61.93
CA VAL G 123 -2.17 12.66 62.98
C VAL G 123 -2.93 12.75 64.30
N GLU G 124 -4.25 12.60 64.23
CA GLU G 124 -5.09 12.65 65.41
C GLU G 124 -5.15 11.29 66.08
N SER G 125 -5.22 10.23 65.29
CA SER G 125 -5.16 8.86 65.79
C SER G 125 -3.74 8.54 66.26
N TYR G 126 -2.74 9.04 65.52
CA TYR G 126 -1.34 8.95 65.91
C TYR G 126 -1.16 9.60 67.29
N ASP G 127 -1.77 10.77 67.49
CA ASP G 127 -1.67 11.49 68.76
C ASP G 127 -2.43 10.80 69.88
N LEU G 128 -3.61 10.29 69.56
CA LEU G 128 -4.47 9.65 70.54
C LEU G 128 -3.90 8.36 71.10
N MET G 129 -3.04 7.69 70.31
CA MET G 129 -2.43 6.42 70.71
C MET G 129 -1.11 6.66 71.44
N ASN G 130 -0.38 7.69 71.04
CA ASN G 130 0.83 8.06 71.76
C ASN G 130 0.50 8.43 73.20
N ALA G 131 -0.63 9.11 73.39
CA ALA G 131 -1.07 9.59 74.70
C ALA G 131 -1.73 8.52 75.59
N GLY G 132 -2.54 7.63 75.00
CA GLY G 132 -3.35 6.73 75.81
C GLY G 132 -3.51 5.29 75.34
N GLY G 133 -2.93 4.96 74.20
CA GLY G 133 -2.89 3.58 73.74
C GLY G 133 -3.76 3.27 72.55
N PRO G 134 -3.55 2.08 71.94
CA PRO G 134 -4.21 1.58 70.73
C PRO G 134 -5.73 1.56 70.85
N ARG G 135 -6.21 1.66 72.09
CA ARG G 135 -7.63 1.54 72.39
C ARG G 135 -8.34 2.89 72.30
N LYS G 136 -7.57 3.97 72.19
CA LYS G 136 -8.14 5.30 72.07
C LYS G 136 -8.18 5.72 70.59
N VAL G 137 -7.98 4.75 69.71
CA VAL G 137 -8.12 5.00 68.28
C VAL G 137 -9.61 4.89 67.96
N SER G 138 -10.14 5.86 67.23
CA SER G 138 -11.56 5.80 66.87
C SER G 138 -11.83 4.50 66.13
N PRO G 139 -12.97 3.85 66.46
CA PRO G 139 -13.38 2.63 65.74
C PRO G 139 -13.63 2.93 64.28
N LEU G 140 -13.76 4.20 63.92
CA LEU G 140 -14.05 4.62 62.54
C LEU G 140 -12.83 5.25 61.88
N ALA G 141 -11.70 5.20 62.57
CA ALA G 141 -10.48 5.85 62.09
C ALA G 141 -10.14 5.50 60.64
N VAL G 142 -10.27 4.22 60.27
CA VAL G 142 -9.84 3.81 58.94
C VAL G 142 -10.77 4.31 57.84
N GLN G 143 -12.08 4.29 58.10
CA GLN G 143 -13.04 4.70 57.08
C GLN G 143 -13.04 6.23 56.86
N MET G 144 -12.51 6.97 57.83
CA MET G 144 -12.36 8.42 57.66
C MET G 144 -11.03 8.74 56.95
N ILE G 145 -10.01 7.93 57.24
CA ILE G 145 -8.66 8.12 56.74
C ILE G 145 -8.50 7.66 55.29
N MET G 146 -9.03 6.47 54.99
CA MET G 146 -8.92 5.90 53.66
C MET G 146 -9.19 6.94 52.55
N PRO G 147 -8.26 7.05 51.59
CA PRO G 147 -8.35 8.08 50.54
C PRO G 147 -9.65 7.96 49.75
N ASN G 148 -10.17 6.74 49.63
CA ASN G 148 -11.43 6.49 48.93
C ASN G 148 -12.68 6.89 49.74
N GLY G 149 -12.47 7.40 50.95
CA GLY G 149 -13.55 7.75 51.85
C GLY G 149 -14.62 8.68 51.29
N ALA G 150 -14.18 9.80 50.72
CA ALA G 150 -15.13 10.81 50.24
C ALA G 150 -15.96 10.33 49.04
N ALA G 151 -15.35 9.57 48.13
CA ALA G 151 -16.07 9.02 47.00
C ALA G 151 -17.15 8.03 47.46
N ALA G 152 -16.81 7.23 48.46
CA ALA G 152 -17.73 6.23 49.02
C ALA G 152 -18.86 6.86 49.83
N VAL G 153 -18.58 7.96 50.51
CA VAL G 153 -19.62 8.68 51.23
C VAL G 153 -20.64 9.20 50.22
N ILE G 154 -20.14 9.84 49.16
CA ILE G 154 -20.99 10.36 48.09
C ILE G 154 -21.72 9.22 47.36
N GLY G 155 -21.06 8.08 47.24
CA GLY G 155 -21.66 6.90 46.65
C GLY G 155 -22.78 6.32 47.49
N LEU G 156 -22.61 6.35 48.80
CA LEU G 156 -23.63 5.84 49.72
C LEU G 156 -24.83 6.79 49.75
N GLN G 157 -24.55 8.07 49.92
CA GLN G 157 -25.55 9.12 49.98
C GLN G 157 -26.52 9.17 48.80
N LEU G 158 -26.00 8.96 47.59
CA LEU G 158 -26.79 9.12 46.36
C LEU G 158 -27.19 7.79 45.73
N GLY G 159 -26.61 6.69 46.25
CA GLY G 159 -27.00 5.35 45.87
C GLY G 159 -26.34 4.77 44.62
N ALA G 160 -25.12 5.21 44.33
CA ALA G 160 -24.39 4.80 43.13
C ALA G 160 -23.87 3.38 43.19
N ARG G 161 -24.46 2.47 42.40
CA ARG G 161 -24.05 1.07 42.43
C ARG G 161 -23.30 0.57 41.20
N ALA G 162 -22.99 1.47 40.27
CA ALA G 162 -22.23 1.07 39.07
C ALA G 162 -20.73 1.33 39.21
N GLY G 163 -20.29 1.58 40.44
CA GLY G 163 -18.87 1.76 40.70
C GLY G 163 -18.54 3.07 41.36
N VAL G 164 -17.67 3.03 42.36
CA VAL G 164 -17.18 4.22 43.06
C VAL G 164 -15.64 4.30 42.99
N MET G 165 -15.15 5.20 42.15
CA MET G 165 -13.71 5.29 41.90
C MET G 165 -13.07 6.53 42.51
N THR G 166 -11.79 6.41 42.85
CA THR G 166 -11.00 7.51 43.39
C THR G 166 -9.60 7.52 42.78
N PRO G 167 -9.41 8.26 41.67
CA PRO G 167 -8.08 8.43 41.07
C PRO G 167 -7.26 9.47 41.82
N VAL G 168 -6.04 9.11 42.24
CA VAL G 168 -5.14 10.05 42.89
C VAL G 168 -3.88 10.27 42.05
N SER G 169 -3.71 11.50 41.58
CA SER G 169 -2.55 11.87 40.78
C SER G 169 -2.17 13.30 41.11
N ALA G 170 -2.35 13.67 42.38
CA ALA G 170 -1.94 14.98 42.84
C ALA G 170 -2.86 16.07 42.32
N GLN G 171 -2.26 17.09 41.72
CA GLN G 171 -2.96 18.29 41.30
C GLN G 171 -3.80 18.09 40.04
N SER G 172 -3.69 16.92 39.42
CA SER G 172 -4.52 16.63 38.26
C SER G 172 -5.66 15.69 38.62
N SER G 173 -5.75 15.34 39.91
CA SER G 173 -6.75 14.39 40.40
C SER G 173 -8.19 14.72 40.03
N GLY G 174 -8.58 15.98 40.21
CA GLY G 174 -9.94 16.42 39.97
C GLY G 174 -10.37 16.18 38.53
N SER G 175 -9.39 16.26 37.62
CA SER G 175 -9.65 16.07 36.20
C SER G 175 -9.54 14.61 35.79
N GLU G 176 -8.60 13.87 36.39
CA GLU G 176 -8.55 12.43 36.12
C GLU G 176 -9.86 11.77 36.51
N ALA G 177 -10.49 12.28 37.58
CA ALA G 177 -11.78 11.80 38.05
C ALA G 177 -12.92 12.03 37.05
N ILE G 178 -12.80 13.10 36.27
CA ILE G 178 -13.82 13.43 35.29
C ILE G 178 -13.54 12.67 33.99
N ALA G 179 -12.30 12.19 33.84
CA ALA G 179 -11.94 11.38 32.68
C ALA G 179 -12.43 9.94 32.85
N HIS G 180 -12.20 9.38 34.03
CA HIS G 180 -12.56 7.99 34.31
C HIS G 180 -14.08 7.78 34.41
N ALA G 181 -14.82 8.86 34.63
CA ALA G 181 -16.27 8.80 34.59
C ALA G 181 -16.74 8.68 33.14
N TRP G 182 -16.14 9.47 32.26
CA TRP G 182 -16.38 9.37 30.82
C TRP G 182 -16.10 7.95 30.33
N ARG G 183 -14.89 7.45 30.56
CA ARG G 183 -14.55 6.06 30.23
C ARG G 183 -15.61 5.10 30.75
N GLN G 184 -16.09 5.35 31.96
CA GLN G 184 -17.05 4.45 32.61
C GLN G 184 -18.37 4.42 31.83
N ILE G 185 -18.77 5.57 31.30
CA ILE G 185 -20.00 5.67 30.51
C ILE G 185 -19.80 5.13 29.09
N VAL G 186 -18.74 5.57 28.42
CA VAL G 186 -18.46 5.14 27.05
C VAL G 186 -18.09 3.66 26.94
N MET G 187 -17.64 3.06 28.04
CA MET G 187 -17.40 1.62 28.06
C MET G 187 -18.71 0.87 28.35
N GLY G 188 -19.74 1.64 28.68
CA GLY G 188 -21.06 1.10 28.92
C GLY G 188 -21.24 0.55 30.32
N ASP G 189 -20.48 1.08 31.26
CA ASP G 189 -20.52 0.61 32.65
C ASP G 189 -21.49 1.41 33.50
N ALA G 190 -21.82 2.60 33.02
CA ALA G 190 -22.74 3.50 33.70
C ALA G 190 -23.39 4.37 32.64
N ASP G 191 -24.57 4.91 32.97
CA ASP G 191 -25.30 5.82 32.09
C ASP G 191 -25.26 7.24 32.64
N VAL G 192 -25.04 7.35 33.95
CA VAL G 192 -24.94 8.64 34.61
C VAL G 192 -23.91 8.54 35.73
N ALA G 193 -23.14 9.60 35.92
CA ALA G 193 -22.08 9.60 36.92
C ALA G 193 -21.88 10.98 37.55
N VAL G 194 -21.68 10.99 38.86
CA VAL G 194 -21.23 12.18 39.56
C VAL G 194 -19.72 12.09 39.67
N CYS G 195 -19.04 13.15 39.23
CA CYS G 195 -17.59 13.16 39.20
C CYS G 195 -17.05 14.53 39.62
N GLY G 196 -15.74 14.62 39.84
CA GLY G 196 -15.12 15.84 40.27
C GLY G 196 -14.07 15.59 41.33
N GLY G 197 -13.88 16.55 42.24
CA GLY G 197 -12.82 16.44 43.22
C GLY G 197 -13.04 17.30 44.44
N VAL G 198 -12.56 16.83 45.59
CA VAL G 198 -12.65 17.57 46.84
C VAL G 198 -11.27 17.66 47.48
N GLU G 199 -11.11 18.55 48.45
CA GLU G 199 -9.80 18.76 49.05
C GLU G 199 -9.88 19.38 50.43
N GLY G 200 -8.85 19.15 51.24
CA GLY G 200 -8.76 19.75 52.55
C GLY G 200 -8.70 21.27 52.51
N PRO G 201 -8.57 21.90 53.67
CA PRO G 201 -8.44 23.35 53.70
C PRO G 201 -6.97 23.76 53.66
N ILE G 202 -6.71 25.04 53.91
CA ILE G 202 -5.36 25.52 54.09
C ILE G 202 -4.97 25.32 55.55
N GLU G 203 -3.77 24.80 55.77
CA GLU G 203 -3.23 24.59 57.12
C GLU G 203 -1.71 24.73 57.11
N ALA G 204 -1.14 24.96 58.30
CA ALA G 204 0.30 25.16 58.44
C ALA G 204 1.14 24.08 57.75
N LEU G 205 0.84 22.81 58.03
CA LEU G 205 1.64 21.69 57.52
C LEU G 205 1.62 21.64 55.99
N PRO G 206 0.42 21.74 55.37
CA PRO G 206 0.35 21.83 53.91
C PRO G 206 1.19 22.97 53.34
N ILE G 207 1.17 24.13 53.99
CA ILE G 207 1.94 25.28 53.54
C ILE G 207 3.44 25.03 53.70
N ALA G 208 3.83 24.54 54.87
CA ALA G 208 5.23 24.20 55.14
C ALA G 208 5.80 23.21 54.12
N ALA G 209 4.96 22.29 53.68
CA ALA G 209 5.38 21.22 52.77
C ALA G 209 5.66 21.75 51.36
N PHE G 210 4.74 22.56 50.85
CA PHE G 210 4.88 23.18 49.54
C PHE G 210 5.79 24.42 49.59
N SER G 211 5.92 25.03 50.76
CA SER G 211 6.83 26.16 50.90
C SER G 211 8.27 25.73 50.61
N MET G 212 8.71 24.72 51.36
CA MET G 212 10.08 24.21 51.29
C MET G 212 10.44 23.73 49.90
N MET G 213 9.43 23.62 49.05
CA MET G 213 9.66 23.28 47.65
C MET G 213 9.96 24.55 46.85
N ARG G 214 9.92 25.70 47.54
CA ARG G 214 9.94 27.00 46.89
C ARG G 214 8.96 27.02 45.72
N ALA G 215 7.82 26.39 45.94
CA ALA G 215 6.79 26.31 44.91
C ALA G 215 5.72 27.38 45.10
N MET G 216 5.66 27.96 46.30
CA MET G 216 4.62 28.90 46.68
C MET G 216 5.05 30.37 46.61
N SER G 217 4.11 31.25 46.27
CA SER G 217 4.37 32.68 46.22
C SER G 217 4.38 33.33 47.60
N THR G 218 5.28 34.29 47.79
CA THR G 218 5.40 35.02 49.03
C THR G 218 5.13 36.51 48.86
N ARG G 219 4.31 36.86 47.87
CA ARG G 219 3.79 38.21 47.76
C ARG G 219 2.69 38.40 48.80
N ASN G 220 3.10 38.45 50.07
CA ASN G 220 2.16 38.57 51.18
C ASN G 220 1.56 39.96 51.30
N ASP G 221 2.27 40.96 50.78
CA ASP G 221 1.84 42.35 50.86
C ASP G 221 0.65 42.68 49.94
N GLU G 222 0.54 41.97 48.83
CA GLU G 222 -0.54 42.20 47.88
C GLU G 222 -1.16 40.86 47.45
N PRO G 223 -2.02 40.28 48.31
CA PRO G 223 -2.56 38.94 48.16
C PRO G 223 -3.17 38.70 46.79
N GLU G 224 -4.03 39.62 46.36
CA GLU G 224 -4.79 39.43 45.13
C GLU G 224 -3.87 39.52 43.92
N ARG G 225 -2.66 40.02 44.15
CA ARG G 225 -1.68 40.21 43.07
C ARG G 225 -0.66 39.06 42.99
N ALA G 226 -0.69 38.16 43.96
CA ALA G 226 0.32 37.10 44.09
C ALA G 226 0.33 36.09 42.95
N SER G 227 -0.79 35.37 42.77
CA SER G 227 -0.90 34.32 41.76
C SER G 227 -0.94 34.89 40.34
N ARG G 228 0.13 34.69 39.57
CA ARG G 228 0.28 35.33 38.28
C ARG G 228 0.57 34.36 37.13
N PRO G 229 -0.44 33.55 36.74
CA PRO G 229 -0.27 32.60 35.65
C PRO G 229 0.22 33.25 34.35
N PHE G 230 1.33 32.74 33.83
CA PHE G 230 1.91 33.20 32.56
C PHE G 230 2.45 34.64 32.56
N ASP G 231 2.40 35.30 33.71
CA ASP G 231 3.01 36.62 33.83
C ASP G 231 4.53 36.45 33.85
N LYS G 232 5.26 37.53 33.63
CA LYS G 232 6.72 37.44 33.65
C LYS G 232 7.25 37.53 35.08
N ASP G 233 6.49 38.18 35.95
CA ASP G 233 6.89 38.35 37.34
C ASP G 233 6.15 37.42 38.31
N ARG G 234 5.90 36.18 37.86
CA ARG G 234 5.29 35.16 38.71
C ARG G 234 6.30 34.46 39.62
N ASP G 235 5.99 34.41 40.91
CA ASP G 235 6.89 33.77 41.87
C ASP G 235 6.27 32.55 42.59
N GLY G 236 5.44 31.78 41.88
CA GLY G 236 4.87 30.55 42.42
C GLY G 236 3.36 30.53 42.53
N PHE G 237 2.82 29.41 43.04
CA PHE G 237 1.37 29.27 43.19
C PHE G 237 0.81 29.84 44.51
N VAL G 238 -0.51 29.90 44.60
CA VAL G 238 -1.18 30.38 45.81
C VAL G 238 -2.34 29.47 46.18
N PHE G 239 -2.40 29.11 47.47
CA PHE G 239 -3.46 28.25 47.98
C PHE G 239 -4.83 28.91 47.94
N GLY G 240 -5.79 28.21 47.35
CA GLY G 240 -7.15 28.70 47.25
C GLY G 240 -8.10 27.52 47.39
N GLU G 241 -8.84 27.48 48.49
CA GLU G 241 -9.69 26.32 48.79
C GLU G 241 -10.81 26.16 47.78
N ALA G 242 -11.21 24.91 47.57
CA ALA G 242 -12.22 24.59 46.58
C ALA G 242 -12.59 23.12 46.60
N GLY G 243 -13.82 22.84 46.20
CA GLY G 243 -14.31 21.50 45.93
C GLY G 243 -15.38 21.64 44.89
N ALA G 244 -15.44 20.71 43.94
CA ALA G 244 -16.39 20.85 42.85
C ALA G 244 -16.83 19.50 42.28
N LEU G 245 -18.12 19.36 42.00
CA LEU G 245 -18.65 18.17 41.38
C LEU G 245 -19.53 18.51 40.17
N MET G 246 -19.64 17.58 39.23
CA MET G 246 -20.60 17.73 38.14
C MET G 246 -21.36 16.45 37.90
N LEU G 247 -22.52 16.57 37.27
CA LEU G 247 -23.31 15.41 36.87
C LEU G 247 -23.17 15.24 35.36
N ILE G 248 -22.81 14.04 34.94
CA ILE G 248 -22.74 13.72 33.51
C ILE G 248 -23.58 12.50 33.22
N GLU G 249 -23.97 12.35 31.96
CA GLU G 249 -24.82 11.23 31.55
C GLU G 249 -24.83 11.08 30.04
N THR G 250 -25.31 9.94 29.57
CA THR G 250 -25.53 9.76 28.14
C THR G 250 -26.56 10.81 27.72
N GLU G 251 -26.45 11.30 26.49
CA GLU G 251 -27.40 12.30 26.02
C GLU G 251 -28.79 11.70 25.99
N GLU G 252 -28.86 10.40 25.77
CA GLU G 252 -30.12 9.67 25.79
C GLU G 252 -30.73 9.68 27.20
N HIS G 253 -29.88 9.54 28.21
CA HIS G 253 -30.31 9.55 29.60
C HIS G 253 -30.84 10.93 30.01
N ALA G 254 -30.13 11.98 29.60
CA ALA G 254 -30.50 13.35 29.93
C ALA G 254 -31.78 13.75 29.21
N LYS G 255 -31.84 13.42 27.93
CA LYS G 255 -33.00 13.70 27.09
C LYS G 255 -34.23 13.12 27.76
N ALA G 256 -34.17 11.82 28.04
CA ALA G 256 -35.30 11.06 28.56
C ALA G 256 -35.89 11.61 29.86
N ARG G 257 -35.18 12.49 30.53
CA ARG G 257 -35.66 13.04 31.80
C ARG G 257 -35.87 14.55 31.74
N GLY G 258 -35.80 15.10 30.53
CA GLY G 258 -36.05 16.52 30.33
C GLY G 258 -34.96 17.44 30.83
N ALA G 259 -33.80 16.87 31.16
CA ALA G 259 -32.68 17.67 31.70
C ALA G 259 -31.94 18.46 30.62
N LYS G 260 -31.83 19.76 30.83
CA LYS G 260 -31.10 20.65 29.93
C LYS G 260 -29.59 20.60 30.17
N PRO G 261 -28.84 20.05 29.19
CA PRO G 261 -27.38 20.00 29.23
C PRO G 261 -26.74 21.38 29.27
N LEU G 262 -25.56 21.47 29.89
CA LEU G 262 -24.83 22.73 29.96
C LEU G 262 -23.69 22.69 28.95
N ALA G 263 -23.15 21.50 28.70
CA ALA G 263 -22.13 21.30 27.70
C ALA G 263 -21.98 19.81 27.43
N ARG G 264 -20.97 19.45 26.64
CA ARG G 264 -20.71 18.05 26.36
C ARG G 264 -19.32 17.66 26.82
N LEU G 265 -19.17 16.40 27.20
CA LEU G 265 -17.88 15.84 27.52
C LEU G 265 -17.47 14.92 26.36
N LEU G 266 -16.60 15.41 25.49
CA LEU G 266 -16.32 14.75 24.21
C LEU G 266 -15.20 13.71 24.27
N GLY G 267 -14.21 13.93 25.14
CA GLY G 267 -13.13 12.98 25.27
C GLY G 267 -12.18 13.26 26.41
N ALA G 268 -11.22 12.35 26.60
CA ALA G 268 -10.22 12.49 27.66
C ALA G 268 -8.90 11.83 27.29
N GLY G 269 -7.79 12.52 27.57
CA GLY G 269 -6.46 11.99 27.34
C GLY G 269 -5.57 12.01 28.59
N ILE G 270 -4.85 10.93 28.82
CA ILE G 270 -3.97 10.81 29.98
C ILE G 270 -2.61 10.26 29.59
N THR G 271 -1.56 10.98 29.95
CA THR G 271 -0.20 10.64 29.59
C THR G 271 0.62 10.85 30.84
N SER G 272 1.93 10.62 30.74
CA SER G 272 2.84 10.86 31.83
C SER G 272 4.18 11.32 31.28
N ASP G 273 5.01 11.90 32.14
CA ASP G 273 6.25 12.54 31.69
C ASP G 273 7.44 11.59 31.70
N ALA G 274 7.48 10.70 32.68
CA ALA G 274 8.69 9.96 32.98
C ALA G 274 9.88 10.93 32.91
N PHE G 275 9.76 12.05 33.61
CA PHE G 275 10.82 13.06 33.63
C PHE G 275 11.30 13.37 35.04
N HIS G 276 10.40 13.87 35.89
CA HIS G 276 10.74 14.27 37.26
C HIS G 276 9.59 13.97 38.23
N MET G 277 9.90 13.95 39.52
CA MET G 277 8.86 13.67 40.52
C MET G 277 7.97 14.88 40.80
N VAL G 278 8.49 16.09 40.54
CA VAL G 278 7.71 17.31 40.79
C VAL G 278 7.76 18.35 39.66
N ALA G 279 8.89 18.43 38.97
CA ALA G 279 9.02 19.37 37.86
C ALA G 279 8.54 18.75 36.56
N PRO G 280 7.81 19.53 35.74
CA PRO G 280 7.30 19.00 34.48
C PRO G 280 8.40 18.88 33.42
N ALA G 281 8.19 18.05 32.42
CA ALA G 281 9.07 18.06 31.27
C ALA G 281 8.99 19.48 30.72
N ALA G 282 10.16 20.06 30.42
CA ALA G 282 10.21 21.44 29.94
C ALA G 282 9.65 21.53 28.53
N ASP G 283 9.71 20.41 27.81
CA ASP G 283 9.27 20.35 26.42
C ASP G 283 7.75 20.23 26.28
N GLY G 284 7.07 20.07 27.41
CA GLY G 284 5.62 19.99 27.44
C GLY G 284 5.04 18.99 26.46
N VAL G 285 5.88 18.06 26.01
CA VAL G 285 5.55 17.15 24.90
C VAL G 285 4.55 16.03 25.23
N ARG G 286 4.84 15.23 26.25
CA ARG G 286 3.88 14.20 26.70
C ARG G 286 2.60 14.87 27.17
N ALA G 287 2.74 16.05 27.77
CA ALA G 287 1.60 16.80 28.24
C ALA G 287 0.70 17.23 27.08
N GLY G 288 1.30 17.78 26.03
CA GLY G 288 0.55 18.19 24.86
C GLY G 288 -0.13 17.03 24.16
N ARG G 289 0.48 15.85 24.26
CA ARG G 289 -0.06 14.64 23.68
C ARG G 289 -1.30 14.20 24.46
N ALA G 290 -1.43 14.68 25.70
CA ALA G 290 -2.64 14.47 26.47
C ALA G 290 -3.77 15.24 25.81
N MET G 291 -3.49 16.49 25.48
CA MET G 291 -4.43 17.34 24.75
C MET G 291 -4.78 16.75 23.39
N THR G 292 -3.78 16.13 22.75
CA THR G 292 -4.01 15.45 21.48
C THR G 292 -4.97 14.28 21.65
N ARG G 293 -4.68 13.41 22.62
CA ARG G 293 -5.52 12.23 22.85
C ARG G 293 -6.97 12.60 23.13
N SER G 294 -7.19 13.66 23.90
CA SER G 294 -8.54 14.13 24.18
C SER G 294 -9.24 14.56 22.90
N LEU G 295 -8.45 15.10 21.96
CA LEU G 295 -8.97 15.51 20.67
C LEU G 295 -9.28 14.30 19.79
N GLU G 296 -8.27 13.43 19.65
CA GLU G 296 -8.44 12.18 18.91
C GLU G 296 -9.75 11.49 19.28
N LEU G 297 -9.99 11.37 20.58
CA LEU G 297 -11.13 10.60 21.09
C LEU G 297 -12.45 11.33 20.87
N ALA G 298 -12.40 12.65 20.88
CA ALA G 298 -13.59 13.46 20.72
C ALA G 298 -14.00 13.60 19.24
N GLY G 299 -13.08 13.25 18.35
CA GLY G 299 -13.27 13.44 16.92
C GLY G 299 -12.99 14.88 16.51
N LEU G 300 -11.86 15.41 16.96
CA LEU G 300 -11.53 16.81 16.72
C LEU G 300 -10.12 16.99 16.18
N SER G 301 -9.83 18.22 15.75
CA SER G 301 -8.48 18.62 15.37
C SER G 301 -8.13 19.90 16.12
N PRO G 302 -6.82 20.22 16.22
CA PRO G 302 -6.45 21.40 17.01
C PRO G 302 -7.07 22.68 16.46
N ALA G 303 -7.45 22.63 15.19
CA ALA G 303 -8.01 23.78 14.49
C ALA G 303 -9.47 24.00 14.87
N ASP G 304 -10.00 23.09 15.70
CA ASP G 304 -11.39 23.16 16.13
C ASP G 304 -11.50 23.85 17.48
N ILE G 305 -10.45 23.70 18.29
CA ILE G 305 -10.42 24.26 19.64
C ILE G 305 -10.43 25.78 19.63
N ASP G 306 -11.37 26.34 20.40
CA ASP G 306 -11.60 27.78 20.46
C ASP G 306 -10.94 28.40 21.70
N HIS G 307 -10.76 27.58 22.74
CA HIS G 307 -10.32 28.08 24.04
C HIS G 307 -9.66 26.98 24.89
N VAL G 308 -8.81 27.37 25.83
CA VAL G 308 -8.19 26.43 26.76
C VAL G 308 -8.22 26.96 28.19
N ASN G 309 -8.59 26.10 29.13
CA ASN G 309 -8.49 26.39 30.56
C ASN G 309 -7.16 25.82 31.03
N ALA G 310 -6.21 26.70 31.32
CA ALA G 310 -4.84 26.26 31.55
C ALA G 310 -4.58 25.90 33.00
N HIS G 311 -3.88 24.80 33.22
CA HIS G 311 -3.50 24.43 34.56
C HIS G 311 -2.96 25.68 35.26
N GLY G 312 -2.00 26.34 34.63
CA GLY G 312 -1.43 27.59 35.12
C GLY G 312 -1.37 27.72 36.63
N THR G 313 -0.31 27.21 37.24
CA THR G 313 -0.10 27.35 38.69
C THR G 313 0.65 28.64 39.06
N ALA G 314 1.36 29.21 38.09
CA ALA G 314 2.09 30.47 38.27
C ALA G 314 3.55 30.31 38.72
N THR G 315 4.07 29.09 38.71
CA THR G 315 5.51 28.90 38.88
C THR G 315 6.22 29.20 37.57
N PRO G 316 7.50 29.63 37.63
CA PRO G 316 8.33 29.85 36.45
C PRO G 316 8.38 28.63 35.52
N ILE G 317 8.93 27.52 35.99
CA ILE G 317 9.06 26.32 35.15
C ILE G 317 7.70 25.70 34.84
N GLY G 318 6.78 25.84 35.80
CA GLY G 318 5.44 25.31 35.65
C GLY G 318 4.75 25.77 34.38
N ASP G 319 4.56 27.08 34.26
CA ASP G 319 3.81 27.63 33.13
C ASP G 319 4.59 27.53 31.82
N ALA G 320 5.91 27.63 31.90
CA ALA G 320 6.77 27.55 30.73
C ALA G 320 6.60 26.19 30.06
N ALA G 321 6.50 25.14 30.86
CA ALA G 321 6.24 23.80 30.35
C ALA G 321 4.88 23.72 29.65
N GLU G 322 3.86 24.31 30.27
CA GLU G 322 2.50 24.29 29.73
C GLU G 322 2.37 25.05 28.41
N ALA G 323 3.04 26.19 28.32
CA ALA G 323 3.06 26.96 27.08
C ALA G 323 3.51 26.09 25.90
N ASN G 324 4.57 25.32 26.11
CA ASN G 324 5.07 24.41 25.08
C ASN G 324 4.13 23.24 24.80
N ALA G 325 3.50 22.73 25.87
CA ALA G 325 2.53 21.65 25.72
C ALA G 325 1.47 22.02 24.71
N ILE G 326 0.98 23.25 24.83
CA ILE G 326 -0.10 23.77 24.00
C ILE G 326 0.31 23.96 22.52
N ARG G 327 1.55 24.38 22.30
CA ARG G 327 2.08 24.49 20.95
C ARG G 327 2.19 23.11 20.32
N VAL G 328 2.79 22.19 21.08
CA VAL G 328 2.85 20.78 20.71
C VAL G 328 1.50 20.27 20.22
N ALA G 329 0.47 20.47 21.04
CA ALA G 329 -0.88 20.04 20.70
C ALA G 329 -1.47 20.85 19.54
N GLY G 330 -0.91 22.03 19.29
CA GLY G 330 -1.29 22.84 18.15
C GLY G 330 -2.49 23.72 18.41
N CYS G 331 -2.69 24.06 19.67
CA CYS G 331 -3.87 24.82 20.08
C CYS G 331 -3.47 26.19 20.59
N ASP G 332 -2.32 26.69 20.13
CA ASP G 332 -1.82 27.96 20.66
C ASP G 332 -2.41 29.18 19.95
N GLN G 333 -3.48 28.97 19.19
CA GLN G 333 -4.24 30.08 18.61
C GLN G 333 -5.47 30.32 19.47
N ALA G 334 -5.78 29.33 20.30
CA ALA G 334 -6.89 29.40 21.23
C ALA G 334 -6.69 30.51 22.25
N ALA G 335 -7.78 31.02 22.80
CA ALA G 335 -7.73 32.02 23.86
C ALA G 335 -7.51 31.34 25.21
N VAL G 336 -6.52 31.80 25.96
CA VAL G 336 -6.09 31.08 27.15
C VAL G 336 -6.51 31.75 28.44
N TYR G 337 -7.25 31.01 29.27
CA TYR G 337 -7.65 31.45 30.60
C TYR G 337 -6.98 30.58 31.66
N ALA G 338 -6.59 31.21 32.76
CA ALA G 338 -5.89 30.52 33.85
C ALA G 338 -6.46 30.93 35.21
N PRO G 339 -7.52 30.24 35.64
CA PRO G 339 -8.38 30.54 36.80
C PRO G 339 -7.66 30.64 38.14
N LYS G 340 -6.49 30.01 38.28
CA LYS G 340 -5.75 30.08 39.54
C LYS G 340 -5.31 31.50 39.87
N SER G 341 -5.45 32.38 38.88
CA SER G 341 -5.10 33.78 39.03
C SER G 341 -6.07 34.49 39.97
N ALA G 342 -7.29 33.96 40.06
CA ALA G 342 -8.34 34.55 40.88
C ALA G 342 -8.80 33.63 42.02
N LEU G 343 -8.73 32.31 41.80
CA LEU G 343 -9.25 31.34 42.77
C LEU G 343 -8.16 30.61 43.56
N GLY G 344 -6.93 30.64 43.04
CA GLY G 344 -5.84 29.90 43.64
C GLY G 344 -5.82 28.44 43.26
N HIS G 345 -4.99 27.66 43.96
CA HIS G 345 -4.76 26.24 43.66
C HIS G 345 -5.42 25.37 44.72
N SER G 346 -6.31 24.47 44.30
CA SER G 346 -6.99 23.57 45.25
C SER G 346 -6.55 22.11 45.12
N ILE G 347 -5.32 21.91 44.65
CA ILE G 347 -4.70 20.60 44.56
C ILE G 347 -5.64 19.54 43.97
N GLY G 348 -6.12 18.62 44.81
CA GLY G 348 -6.97 17.53 44.35
C GLY G 348 -8.33 17.93 43.77
N ALA G 349 -8.80 19.12 44.17
CA ALA G 349 -10.09 19.63 43.72
C ALA G 349 -10.01 20.51 42.47
N VAL G 350 -8.84 21.11 42.22
CA VAL G 350 -8.70 22.19 41.25
C VAL G 350 -9.00 21.78 39.81
N GLY G 351 -8.77 20.52 39.47
CA GLY G 351 -9.01 20.07 38.12
C GLY G 351 -10.49 19.95 37.81
N ALA G 352 -11.25 19.51 38.81
CA ALA G 352 -12.71 19.40 38.70
C ALA G 352 -13.35 20.80 38.60
N LEU G 353 -12.95 21.68 39.50
CA LEU G 353 -13.43 23.05 39.52
C LEU G 353 -13.23 23.70 38.15
N GLU G 354 -11.99 23.71 37.69
CA GLU G 354 -11.67 24.38 36.43
C GLU G 354 -12.35 23.71 35.24
N SER G 355 -12.79 22.46 35.43
CA SER G 355 -13.62 21.78 34.45
C SER G 355 -15.00 22.43 34.42
N VAL G 356 -15.52 22.75 35.60
CA VAL G 356 -16.84 23.36 35.69
C VAL G 356 -16.84 24.76 35.02
N LEU G 357 -15.80 25.54 35.30
CA LEU G 357 -15.62 26.83 34.63
C LEU G 357 -15.56 26.66 33.12
N THR G 358 -14.81 25.67 32.68
CA THR G 358 -14.70 25.35 31.24
C THR G 358 -16.09 25.10 30.65
N VAL G 359 -16.97 24.51 31.45
CA VAL G 359 -18.36 24.31 31.04
C VAL G 359 -19.12 25.63 31.02
N LEU G 360 -18.97 26.42 32.08
CA LEU G 360 -19.66 27.71 32.20
C LEU G 360 -19.18 28.68 31.12
N THR G 361 -17.96 28.48 30.63
CA THR G 361 -17.45 29.26 29.51
C THR G 361 -18.20 28.88 28.24
N LEU G 362 -18.40 27.58 28.05
CA LEU G 362 -19.00 27.06 26.82
C LEU G 362 -20.51 27.22 26.76
N ARG G 363 -21.11 27.44 27.92
CA ARG G 363 -22.56 27.59 28.03
C ARG G 363 -22.96 29.03 27.71
N ASP G 364 -22.03 29.95 27.92
CA ASP G 364 -22.32 31.39 27.80
C ASP G 364 -21.44 32.07 26.74
N GLY G 365 -20.45 31.34 26.23
CA GLY G 365 -19.56 31.87 25.21
C GLY G 365 -18.58 32.93 25.69
N VAL G 366 -18.31 32.93 27.00
CA VAL G 366 -17.42 33.94 27.59
C VAL G 366 -16.26 33.34 28.40
N ILE G 367 -15.12 34.02 28.40
CA ILE G 367 -13.98 33.64 29.23
C ILE G 367 -13.54 34.82 30.09
N PRO G 368 -13.49 34.62 31.42
CA PRO G 368 -13.14 35.70 32.36
C PRO G 368 -11.73 36.26 32.13
N PRO G 369 -11.45 37.46 32.69
CA PRO G 369 -10.10 38.04 32.69
C PRO G 369 -9.12 37.25 33.57
N THR G 370 -7.95 36.95 33.03
CA THR G 370 -6.87 36.35 33.80
C THR G 370 -6.20 37.46 34.63
N LEU G 371 -6.45 37.44 35.94
CA LEU G 371 -5.91 38.46 36.85
C LEU G 371 -4.39 38.46 36.89
N ASN G 372 -3.83 39.60 37.29
CA ASN G 372 -2.39 39.74 37.53
C ASN G 372 -1.50 39.62 36.29
N TYR G 373 -2.11 39.38 35.13
CA TYR G 373 -1.37 39.30 33.87
C TYR G 373 -1.09 40.70 33.37
N GLU G 374 0.15 41.16 33.51
CA GLU G 374 0.48 42.56 33.22
C GLU G 374 1.78 42.74 32.46
N THR G 375 2.70 41.80 32.64
CA THR G 375 3.97 41.82 31.92
C THR G 375 4.14 40.51 31.18
N PRO G 376 3.68 40.45 29.92
CA PRO G 376 3.85 39.29 29.04
C PRO G 376 5.28 38.73 29.02
N ASP G 377 5.37 37.42 29.22
CA ASP G 377 6.61 36.69 29.19
C ASP G 377 6.87 36.22 27.75
N PRO G 378 8.08 36.46 27.23
CA PRO G 378 8.47 36.17 25.84
C PRO G 378 8.71 34.69 25.56
N GLU G 379 8.67 33.86 26.60
CA GLU G 379 8.88 32.43 26.40
C GLU G 379 7.54 31.70 26.45
N ILE G 380 6.47 32.47 26.63
CA ILE G 380 5.12 31.92 26.71
C ILE G 380 4.41 31.97 25.35
N ASP G 381 4.35 33.17 24.76
CA ASP G 381 3.76 33.36 23.43
C ASP G 381 2.36 32.74 23.35
N LEU G 382 1.42 33.30 24.11
CA LEU G 382 0.07 32.75 24.21
C LEU G 382 -0.98 33.86 24.24
N ASP G 383 -2.13 33.59 23.60
CA ASP G 383 -3.29 34.48 23.61
C ASP G 383 -4.01 34.45 24.96
N VAL G 384 -3.42 35.10 25.96
CA VAL G 384 -3.95 35.06 27.33
C VAL G 384 -5.07 36.08 27.52
N VAL G 385 -6.26 35.60 27.90
CA VAL G 385 -7.42 36.47 28.11
C VAL G 385 -7.27 37.23 29.42
N ALA G 386 -7.29 38.56 29.36
CA ALA G 386 -6.97 39.38 30.53
C ALA G 386 -7.67 40.73 30.59
N GLY G 387 -7.64 41.36 31.76
CA GLY G 387 -8.10 42.72 31.96
C GLY G 387 -9.60 42.90 31.84
N GLU G 388 -10.22 42.11 30.97
CA GLU G 388 -11.64 42.25 30.66
C GLU G 388 -12.18 40.95 30.05
N PRO G 389 -13.44 40.62 30.36
CA PRO G 389 -14.05 39.39 29.84
C PRO G 389 -14.12 39.34 28.31
N ARG G 390 -13.55 38.29 27.73
CA ARG G 390 -13.65 38.07 26.29
C ARG G 390 -14.87 37.22 25.95
N TYR G 391 -15.62 37.67 24.95
CA TYR G 391 -16.81 36.95 24.49
C TYR G 391 -16.56 36.31 23.13
N GLY G 392 -17.34 35.29 22.80
CA GLY G 392 -17.16 34.58 21.55
C GLY G 392 -18.07 33.38 21.37
N ASP G 393 -18.13 32.88 20.14
CA ASP G 393 -18.90 31.69 19.82
C ASP G 393 -17.99 30.46 19.91
N TYR G 394 -17.55 30.16 21.12
CA TYR G 394 -16.68 29.01 21.38
C TYR G 394 -17.47 27.71 21.32
N ARG G 395 -17.06 26.79 20.45
CA ARG G 395 -17.78 25.53 20.31
C ARG G 395 -16.99 24.35 20.88
N TYR G 396 -15.69 24.52 21.04
CA TYR G 396 -14.85 23.47 21.59
C TYR G 396 -13.77 24.07 22.49
N ALA G 397 -13.55 23.44 23.65
CA ALA G 397 -12.52 23.91 24.58
C ALA G 397 -11.71 22.74 25.12
N VAL G 398 -10.63 23.04 25.84
CA VAL G 398 -9.81 22.01 26.47
C VAL G 398 -9.40 22.37 27.88
N ASN G 399 -9.71 21.49 28.83
CA ASN G 399 -9.32 21.67 30.22
C ASN G 399 -8.05 20.89 30.57
N ASN G 400 -6.98 21.62 30.90
CA ASN G 400 -5.70 21.02 31.23
C ASN G 400 -5.53 20.79 32.73
N SER G 401 -4.63 19.87 33.10
CA SER G 401 -4.29 19.66 34.51
C SER G 401 -3.05 18.79 34.61
N PHE G 402 -2.10 19.22 35.44
CA PHE G 402 -0.85 18.47 35.60
C PHE G 402 -0.49 18.34 37.08
N GLY G 403 -0.31 17.13 37.57
CA GLY G 403 0.09 16.94 38.95
C GLY G 403 1.53 16.48 39.10
N PHE G 404 2.08 16.63 40.30
CA PHE G 404 3.40 16.09 40.59
C PHE G 404 3.36 14.60 40.29
N GLY G 405 4.38 14.10 39.61
CA GLY G 405 4.43 12.69 39.26
C GLY G 405 4.38 12.45 37.77
N GLY G 406 4.34 13.53 36.98
CA GLY G 406 4.31 13.41 35.55
C GLY G 406 2.91 13.16 35.01
N HIS G 407 1.91 13.35 35.85
CA HIS G 407 0.52 13.14 35.45
C HIS G 407 0.03 14.31 34.61
N ASN G 408 -0.59 13.99 33.48
CA ASN G 408 -1.13 14.99 32.56
C ASN G 408 -2.52 14.56 32.15
N VAL G 409 -3.51 15.42 32.39
CA VAL G 409 -4.88 15.12 32.02
C VAL G 409 -5.49 16.27 31.24
N ALA G 410 -5.96 15.98 30.03
CA ALA G 410 -6.65 16.96 29.21
C ALA G 410 -8.09 16.53 28.97
N LEU G 411 -9.01 17.48 29.11
CA LEU G 411 -10.42 17.20 28.94
C LEU G 411 -11.03 18.04 27.82
N ALA G 412 -11.69 17.37 26.88
CA ALA G 412 -12.36 18.05 25.78
C ALA G 412 -13.85 18.34 26.07
N PHE G 413 -14.21 19.61 26.01
CA PHE G 413 -15.58 20.03 26.31
C PHE G 413 -16.21 20.77 25.12
N GLY G 414 -17.39 20.30 24.70
CA GLY G 414 -18.09 20.88 23.56
C GLY G 414 -19.31 21.70 23.93
N ARG G 415 -19.70 22.58 23.03
CA ARG G 415 -20.91 23.37 23.22
C ARG G 415 -22.13 22.49 22.99
N TYR G 416 -23.24 22.81 23.64
CA TYR G 416 -24.48 22.08 23.37
C TYR G 416 -25.43 22.92 22.54
N SER H 2 -24.88 -6.07 19.70
CA SER H 2 -23.85 -6.85 20.37
C SER H 2 -22.64 -5.99 20.74
N GLN H 3 -22.29 -6.00 22.02
CA GLN H 3 -21.17 -5.21 22.53
C GLN H 3 -19.85 -5.92 22.26
N PRO H 4 -18.72 -5.21 22.43
CA PRO H 4 -17.39 -5.79 22.22
C PRO H 4 -16.98 -6.72 23.36
N SER H 5 -16.37 -7.85 23.02
CA SER H 5 -15.78 -8.72 24.03
C SER H 5 -14.43 -9.24 23.54
N THR H 6 -13.69 -9.90 24.43
CA THR H 6 -12.42 -10.50 24.04
C THR H 6 -12.65 -11.72 23.15
N ALA H 7 -13.68 -12.50 23.46
CA ALA H 7 -13.95 -13.72 22.72
C ALA H 7 -14.43 -13.48 21.28
N ASN H 8 -14.83 -12.25 20.98
CA ASN H 8 -15.29 -11.92 19.64
C ASN H 8 -14.48 -10.83 18.97
N GLY H 9 -13.30 -10.53 19.53
CA GLY H 9 -12.42 -9.53 18.98
C GLY H 9 -12.91 -8.09 19.09
N GLY H 10 -13.81 -7.84 20.05
CA GLY H 10 -14.29 -6.49 20.30
C GLY H 10 -13.19 -5.66 20.94
N PHE H 11 -12.46 -6.29 21.86
CA PHE H 11 -11.24 -5.72 22.41
C PHE H 11 -10.07 -6.56 21.90
N PRO H 12 -8.83 -6.04 22.06
CA PRO H 12 -7.62 -6.79 21.70
C PRO H 12 -7.28 -7.84 22.76
N SER H 13 -6.69 -8.95 22.32
CA SER H 13 -6.18 -9.95 23.23
C SER H 13 -5.06 -9.37 24.09
N VAL H 14 -5.27 -9.33 25.40
CA VAL H 14 -4.26 -8.86 26.34
C VAL H 14 -3.73 -10.06 27.11
N VAL H 15 -2.41 -10.10 27.32
CA VAL H 15 -1.78 -11.24 27.98
C VAL H 15 -0.85 -10.84 29.11
N VAL H 16 -0.66 -11.75 30.06
CA VAL H 16 0.25 -11.54 31.16
C VAL H 16 1.56 -12.23 30.86
N THR H 17 2.62 -11.43 30.69
CA THR H 17 3.92 -11.93 30.23
C THR H 17 5.01 -12.01 31.31
N ALA H 18 4.72 -11.48 32.49
CA ALA H 18 5.67 -11.54 33.61
C ALA H 18 5.02 -11.12 34.91
N VAL H 19 5.45 -11.75 36.01
CA VAL H 19 4.87 -11.49 37.32
C VAL H 19 5.96 -11.38 38.40
N THR H 20 5.74 -10.52 39.39
CA THR H 20 6.68 -10.38 40.51
C THR H 20 5.90 -10.21 41.82
N ALA H 21 6.48 -10.65 42.93
CA ALA H 21 5.81 -10.50 44.23
C ALA H 21 6.72 -10.82 45.41
N THR H 22 6.59 -10.04 46.48
CA THR H 22 7.27 -10.35 47.73
C THR H 22 6.24 -10.61 48.83
N THR H 23 6.42 -11.70 49.56
CA THR H 23 5.41 -12.14 50.53
C THR H 23 6.03 -12.57 51.86
N SER H 24 5.17 -13.11 52.72
CA SER H 24 5.60 -13.64 54.01
C SER H 24 6.28 -15.00 53.88
N ILE H 25 6.21 -15.59 52.68
CA ILE H 25 6.82 -16.88 52.43
C ILE H 25 8.15 -16.73 51.69
N SER H 26 8.21 -15.79 50.75
CA SER H 26 9.36 -15.70 49.86
C SER H 26 9.37 -14.38 49.06
N PRO H 27 10.57 -13.81 48.86
CA PRO H 27 10.75 -12.65 47.98
C PRO H 27 10.70 -13.09 46.52
N ASP H 28 10.55 -14.39 46.31
CA ASP H 28 10.46 -14.98 44.99
C ASP H 28 9.05 -15.56 44.82
N ILE H 29 8.27 -14.98 43.91
CA ILE H 29 6.90 -15.41 43.68
C ILE H 29 6.76 -16.90 43.31
N GLU H 30 7.74 -17.45 42.61
CA GLU H 30 7.68 -18.87 42.25
C GLU H 30 7.93 -19.75 43.47
N SER H 31 8.64 -19.22 44.48
CA SER H 31 8.90 -19.97 45.72
C SER H 31 7.75 -19.82 46.72
N THR H 32 7.09 -18.65 46.71
CA THR H 32 5.81 -18.50 47.38
C THR H 32 4.82 -19.51 46.81
N TRP H 33 4.71 -19.54 45.48
CA TRP H 33 3.78 -20.42 44.78
C TRP H 33 3.98 -21.89 45.17
N LYS H 34 5.23 -22.30 45.28
CA LYS H 34 5.59 -23.65 45.71
C LYS H 34 5.24 -23.85 47.19
N GLY H 35 5.54 -22.84 47.99
CA GLY H 35 5.21 -22.85 49.41
C GLY H 35 3.73 -23.06 49.65
N LEU H 36 2.89 -22.31 48.93
CA LEU H 36 1.44 -22.46 49.03
C LEU H 36 0.95 -23.86 48.62
N LEU H 37 1.53 -24.40 47.54
CA LEU H 37 1.20 -25.74 47.09
C LEU H 37 1.54 -26.78 48.15
N ALA H 38 2.66 -26.56 48.84
CA ALA H 38 3.10 -27.41 49.94
C ALA H 38 2.24 -27.24 51.19
N GLY H 39 1.54 -26.12 51.27
CA GLY H 39 0.63 -25.86 52.38
C GLY H 39 1.29 -25.04 53.48
N GLU H 40 2.32 -24.28 53.11
CA GLU H 40 3.03 -23.45 54.06
C GLU H 40 2.28 -22.18 54.46
N SER H 41 2.62 -21.65 55.62
CA SER H 41 2.07 -20.38 56.10
C SER H 41 3.20 -19.36 56.33
N GLY H 42 2.96 -18.13 55.91
CA GLY H 42 3.90 -17.07 56.19
C GLY H 42 3.52 -16.33 57.47
N ILE H 43 2.46 -16.79 58.13
CA ILE H 43 1.95 -16.12 59.32
C ILE H 43 2.64 -16.62 60.60
N HIS H 44 3.02 -15.69 61.46
CA HIS H 44 3.80 -16.03 62.64
C HIS H 44 3.49 -15.10 63.80
N ALA H 45 4.05 -15.43 64.97
CA ALA H 45 3.91 -14.56 66.13
C ALA H 45 4.77 -13.32 65.91
N LEU H 46 4.24 -12.14 66.23
CA LEU H 46 4.98 -10.90 66.07
C LEU H 46 6.03 -10.67 67.17
N GLU H 47 7.28 -10.49 66.76
CA GLU H 47 8.37 -10.29 67.71
C GLU H 47 8.79 -8.83 67.83
N ASP H 48 8.12 -7.95 67.09
CA ASP H 48 8.41 -6.52 67.13
C ASP H 48 8.18 -5.93 68.52
N GLU H 49 9.07 -5.03 68.94
CA GLU H 49 8.95 -4.45 70.28
C GLU H 49 7.66 -3.67 70.46
N PHE H 50 6.95 -3.40 69.36
CA PHE H 50 5.77 -2.56 69.46
C PHE H 50 4.53 -3.31 69.95
N VAL H 51 4.53 -4.62 69.75
CA VAL H 51 3.43 -5.46 70.23
C VAL H 51 3.36 -5.43 71.75
N THR H 52 4.52 -5.66 72.39
CA THR H 52 4.59 -5.66 73.84
C THR H 52 4.49 -4.25 74.39
N LYS H 53 5.05 -3.29 73.65
CA LYS H 53 5.03 -1.88 74.04
C LYS H 53 3.60 -1.39 74.25
N TRP H 54 2.72 -1.69 73.30
CA TRP H 54 1.34 -1.23 73.37
C TRP H 54 0.40 -2.32 73.90
N ASP H 55 0.98 -3.48 74.22
CA ASP H 55 0.18 -4.62 74.63
C ASP H 55 -1.00 -4.78 73.70
N LEU H 56 -0.71 -4.96 72.41
CA LEU H 56 -1.73 -5.13 71.40
C LEU H 56 -2.50 -6.44 71.59
N ALA H 57 -3.80 -6.40 71.32
CA ALA H 57 -4.61 -7.61 71.39
C ALA H 57 -4.15 -8.58 70.31
N VAL H 58 -3.79 -8.02 69.15
CA VAL H 58 -3.30 -8.80 68.01
C VAL H 58 -1.78 -8.91 68.04
N LYS H 59 -1.27 -10.14 68.03
CA LYS H 59 0.17 -10.39 68.09
C LYS H 59 0.59 -11.43 67.05
N ILE H 60 -0.19 -11.54 65.98
CA ILE H 60 0.10 -12.45 64.90
C ILE H 60 0.00 -11.72 63.57
N GLY H 61 0.64 -12.28 62.54
CA GLY H 61 0.73 -11.65 61.24
C GLY H 61 2.03 -12.10 60.58
N GLY H 62 2.16 -11.87 59.29
CA GLY H 62 3.38 -12.24 58.59
C GLY H 62 4.13 -11.05 58.02
N HIS H 63 5.39 -10.88 58.42
CA HIS H 63 6.24 -9.88 57.82
C HIS H 63 6.79 -10.46 56.53
N LEU H 64 7.27 -9.61 55.62
CA LEU H 64 7.97 -10.12 54.45
C LEU H 64 9.15 -11.00 54.87
N LYS H 65 9.25 -12.17 54.24
CA LYS H 65 10.36 -13.09 54.47
C LYS H 65 11.68 -12.34 54.33
N ASP H 66 11.77 -11.52 53.28
CA ASP H 66 12.93 -10.68 53.02
C ASP H 66 12.47 -9.21 52.99
N PRO H 67 12.80 -8.45 54.05
CA PRO H 67 12.41 -7.03 54.20
C PRO H 67 12.78 -6.18 52.98
N VAL H 68 11.87 -5.33 52.52
CA VAL H 68 12.17 -4.45 51.40
C VAL H 68 13.48 -3.70 51.62
N ASP H 69 13.67 -3.17 52.83
CA ASP H 69 14.79 -2.30 53.15
C ASP H 69 16.11 -3.02 53.36
N SER H 70 16.08 -4.34 53.44
CA SER H 70 17.31 -5.12 53.40
C SER H 70 17.97 -4.96 52.03
N HIS H 71 17.23 -4.35 51.11
CA HIS H 71 17.70 -4.16 49.73
C HIS H 71 17.99 -2.70 49.44
N MET H 72 17.67 -1.83 50.40
CA MET H 72 17.73 -0.40 50.16
C MET H 72 18.93 0.25 50.82
N GLY H 73 19.55 1.18 50.11
CA GLY H 73 20.64 1.97 50.67
C GLY H 73 20.15 3.29 51.24
N ARG H 74 21.02 3.94 52.01
CA ARG H 74 20.67 5.20 52.66
C ARG H 74 20.14 6.27 51.69
N LEU H 75 20.41 6.11 50.40
CA LEU H 75 19.90 7.07 49.42
C LEU H 75 18.37 7.02 49.38
N ASP H 76 17.83 5.87 48.98
CA ASP H 76 16.39 5.69 48.91
C ASP H 76 15.75 5.93 50.27
N MET H 77 16.41 5.45 51.32
CA MET H 77 15.87 5.48 52.68
C MET H 77 15.48 6.87 53.17
N ARG H 78 15.88 7.90 52.43
CA ARG H 78 15.60 9.25 52.87
C ARG H 78 15.00 10.09 51.75
N ARG H 79 14.72 9.46 50.62
CA ARG H 79 14.12 10.17 49.50
C ARG H 79 12.82 9.50 49.02
N MET H 80 12.54 8.31 49.54
CA MET H 80 11.31 7.60 49.20
C MET H 80 10.57 7.16 50.44
N SER H 81 9.25 7.08 50.34
CA SER H 81 8.46 6.43 51.38
C SER H 81 8.60 4.93 51.16
N TYR H 82 8.03 4.14 52.06
CA TYR H 82 8.12 2.70 52.00
C TYR H 82 7.55 2.10 50.71
N VAL H 83 6.31 2.43 50.39
CA VAL H 83 5.64 1.88 49.21
C VAL H 83 6.36 2.28 47.93
N GLN H 84 6.92 3.49 47.93
CA GLN H 84 7.81 3.93 46.85
C GLN H 84 9.03 3.03 46.75
N ARG H 85 9.66 2.74 47.88
CA ARG H 85 10.81 1.83 47.92
C ARG H 85 10.41 0.45 47.43
N MET H 86 9.30 -0.06 47.96
CA MET H 86 8.80 -1.36 47.51
C MET H 86 8.52 -1.36 46.01
N GLY H 87 7.83 -0.33 45.54
CA GLY H 87 7.57 -0.16 44.11
C GLY H 87 8.83 -0.16 43.26
N LYS H 88 9.86 0.53 43.73
CA LYS H 88 11.15 0.53 43.04
C LYS H 88 11.78 -0.87 43.00
N LEU H 89 11.67 -1.60 44.10
CA LEU H 89 12.19 -2.96 44.19
C LEU H 89 11.46 -3.90 43.24
N LEU H 90 10.15 -3.99 43.42
CA LEU H 90 9.32 -4.87 42.60
C LEU H 90 9.31 -4.44 41.14
N GLY H 91 9.39 -3.12 40.91
CA GLY H 91 9.36 -2.59 39.56
C GLY H 91 10.48 -3.12 38.69
N GLY H 92 11.67 -3.21 39.27
CA GLY H 92 12.86 -3.61 38.54
C GLY H 92 13.05 -5.12 38.48
N GLN H 93 12.55 -5.80 39.51
CA GLN H 93 12.53 -7.26 39.49
C GLN H 93 11.65 -7.70 38.33
N LEU H 94 10.48 -7.09 38.21
CA LEU H 94 9.56 -7.41 37.12
C LEU H 94 10.14 -7.09 35.74
N TRP H 95 10.65 -5.87 35.56
CA TRP H 95 11.20 -5.50 34.26
C TRP H 95 12.25 -6.50 33.84
N GLU H 96 13.06 -6.93 34.80
CA GLU H 96 14.13 -7.90 34.54
C GLU H 96 13.61 -9.30 34.25
N SER H 97 12.44 -9.63 34.81
CA SER H 97 11.78 -10.91 34.51
C SER H 97 11.29 -10.93 33.08
N ALA H 98 10.84 -9.77 32.60
CA ALA H 98 10.36 -9.62 31.24
C ALA H 98 11.52 -9.62 30.25
N GLY H 99 12.73 -9.75 30.76
CA GLY H 99 13.92 -9.77 29.93
C GLY H 99 14.42 -8.36 29.71
N SER H 100 14.03 -7.46 30.60
CA SER H 100 14.41 -6.06 30.49
C SER H 100 14.15 -5.57 29.06
N PRO H 101 12.86 -5.49 28.68
CA PRO H 101 12.43 -5.18 27.31
C PRO H 101 12.58 -3.71 26.91
N GLU H 102 12.56 -3.47 25.61
CA GLU H 102 12.63 -2.13 25.06
C GLU H 102 11.28 -1.78 24.47
N VAL H 103 10.45 -1.10 25.25
CA VAL H 103 9.11 -0.76 24.78
C VAL H 103 9.02 0.70 24.35
N ASP H 104 8.05 1.01 23.51
CA ASP H 104 7.80 2.39 23.12
C ASP H 104 7.20 3.10 24.33
N PRO H 105 7.93 4.04 24.92
CA PRO H 105 7.54 4.71 26.16
C PRO H 105 6.16 5.34 26.06
N ASP H 106 5.82 5.81 24.86
CA ASP H 106 4.54 6.48 24.63
C ASP H 106 3.40 5.48 24.65
N ARG H 107 3.73 4.20 24.49
CA ARG H 107 2.75 3.12 24.57
C ARG H 107 3.04 2.20 25.75
N PHE H 108 3.53 2.79 26.84
CA PHE H 108 3.85 2.04 28.05
C PHE H 108 3.31 2.78 29.27
N ALA H 109 2.37 2.17 29.98
CA ALA H 109 1.75 2.84 31.12
C ALA H 109 1.91 2.05 32.43
N VAL H 110 1.55 2.71 33.52
CA VAL H 110 1.66 2.14 34.84
C VAL H 110 0.37 2.43 35.60
N VAL H 111 -0.13 1.43 36.31
CA VAL H 111 -1.28 1.58 37.19
C VAL H 111 -1.03 0.79 38.46
N VAL H 112 -0.90 1.48 39.58
CA VAL H 112 -0.55 0.81 40.82
C VAL H 112 -1.39 1.35 41.98
N GLY H 113 -2.24 0.49 42.52
CA GLY H 113 -3.08 0.84 43.66
C GLY H 113 -2.43 0.60 45.01
N THR H 114 -2.81 1.42 45.99
CA THR H 114 -2.24 1.32 47.34
C THR H 114 -3.28 1.73 48.37
N GLY H 115 -3.11 1.27 49.61
CA GLY H 115 -4.07 1.55 50.65
C GLY H 115 -4.11 2.99 51.10
N LEU H 116 -2.93 3.58 51.35
CA LEU H 116 -2.84 4.95 51.85
C LEU H 116 -1.81 5.80 51.09
N GLY H 117 -0.55 5.36 51.13
CA GLY H 117 0.53 6.14 50.57
C GLY H 117 1.66 6.25 51.57
N GLY H 118 2.60 7.16 51.33
CA GLY H 118 3.71 7.36 52.24
C GLY H 118 3.27 8.01 53.55
N ALA H 119 2.34 7.38 54.24
CA ALA H 119 1.67 7.99 55.39
C ALA H 119 2.51 8.07 56.67
N GLU H 120 3.65 7.37 56.68
CA GLU H 120 4.57 7.48 57.80
C GLU H 120 5.41 8.75 57.69
N ARG H 121 5.46 9.30 56.46
CA ARG H 121 6.16 10.56 56.22
C ARG H 121 5.29 11.74 56.66
N ILE H 122 4.00 11.50 56.83
CA ILE H 122 3.07 12.51 57.29
C ILE H 122 3.23 12.74 58.79
N VAL H 123 3.38 11.65 59.54
CA VAL H 123 3.52 11.73 60.98
C VAL H 123 4.93 12.24 61.31
N GLU H 124 5.89 11.86 60.48
CA GLU H 124 7.25 12.35 60.57
C GLU H 124 7.35 13.86 60.32
N SER H 125 6.68 14.34 59.27
CA SER H 125 6.71 15.76 58.93
C SER H 125 6.02 16.58 60.01
N TYR H 126 5.07 15.95 60.68
CA TYR H 126 4.23 16.57 61.70
C TYR H 126 4.97 16.64 63.03
N ASP H 127 5.65 15.56 63.40
CA ASP H 127 6.53 15.57 64.58
C ASP H 127 7.65 16.59 64.42
N LEU H 128 8.08 16.77 63.16
CA LEU H 128 9.25 17.59 62.86
C LEU H 128 8.96 19.08 62.85
N MET H 129 7.74 19.45 62.48
CA MET H 129 7.33 20.84 62.53
C MET H 129 6.96 21.21 63.97
N ASN H 130 6.27 20.30 64.65
CA ASN H 130 5.84 20.52 66.03
C ASN H 130 6.98 20.75 67.00
N ALA H 131 8.12 20.12 66.73
CA ALA H 131 9.29 20.28 67.59
C ALA H 131 10.27 21.36 67.10
N GLY H 132 10.22 21.69 65.80
CA GLY H 132 11.20 22.61 65.23
C GLY H 132 10.73 23.63 64.21
N GLY H 133 9.44 23.64 63.91
CA GLY H 133 8.90 24.61 62.97
C GLY H 133 8.86 24.16 61.52
N PRO H 134 8.51 25.08 60.62
CA PRO H 134 8.18 24.78 59.22
C PRO H 134 9.39 24.45 58.36
N ARG H 135 10.55 25.01 58.69
CA ARG H 135 11.74 24.77 57.89
C ARG H 135 12.41 23.41 58.22
N LYS H 136 11.90 22.75 59.27
CA LYS H 136 12.32 21.39 59.60
C LYS H 136 11.64 20.37 58.67
N VAL H 137 10.66 20.85 57.90
CA VAL H 137 9.96 20.03 56.91
C VAL H 137 10.78 19.94 55.63
N SER H 138 10.78 18.76 55.02
CA SER H 138 11.61 18.48 53.84
C SER H 138 10.92 18.82 52.52
N PRO H 139 11.71 19.33 51.55
CA PRO H 139 11.25 19.60 50.18
C PRO H 139 10.80 18.33 49.47
N LEU H 140 11.16 17.17 50.04
CA LEU H 140 10.81 15.90 49.43
C LEU H 140 9.56 15.33 50.07
N ALA H 141 9.13 15.97 51.15
CA ALA H 141 8.02 15.46 51.96
C ALA H 141 6.79 15.18 51.12
N VAL H 142 6.55 16.02 50.12
CA VAL H 142 5.32 15.93 49.33
C VAL H 142 5.35 14.83 48.26
N GLN H 143 6.44 14.76 47.51
CA GLN H 143 6.58 13.76 46.47
C GLN H 143 6.68 12.37 47.11
N MET H 144 6.97 12.34 48.41
CA MET H 144 7.05 11.09 49.14
C MET H 144 5.69 10.69 49.64
N ILE H 145 4.96 11.67 50.19
CA ILE H 145 3.69 11.41 50.85
C ILE H 145 2.55 11.19 49.86
N MET H 146 2.64 11.83 48.70
CA MET H 146 1.54 11.82 47.75
C MET H 146 1.11 10.40 47.46
N PRO H 147 -0.17 10.11 47.70
CA PRO H 147 -0.79 8.79 47.47
C PRO H 147 -0.39 8.19 46.13
N ASN H 148 -0.25 9.04 45.11
CA ASN H 148 0.22 8.60 43.78
C ASN H 148 1.72 8.32 43.70
N GLY H 149 2.41 8.40 44.84
CA GLY H 149 3.87 8.35 44.87
C GLY H 149 4.56 7.11 44.38
N ALA H 150 4.04 5.93 44.73
CA ALA H 150 4.62 4.66 44.31
C ALA H 150 4.54 4.48 42.79
N ALA H 151 3.34 4.66 42.25
CA ALA H 151 3.12 4.59 40.81
C ALA H 151 4.09 5.48 40.05
N ALA H 152 4.24 6.71 40.54
CA ALA H 152 5.13 7.69 39.92
C ALA H 152 6.58 7.22 39.91
N VAL H 153 7.07 6.73 41.04
CA VAL H 153 8.41 6.16 41.08
C VAL H 153 8.59 5.05 40.03
N ILE H 154 7.63 4.14 39.94
CA ILE H 154 7.71 3.05 38.98
C ILE H 154 7.69 3.51 37.53
N GLY H 155 6.71 4.35 37.19
CA GLY H 155 6.59 4.90 35.85
C GLY H 155 7.83 5.68 35.41
N LEU H 156 8.44 6.41 36.36
CA LEU H 156 9.66 7.16 36.11
C LEU H 156 10.90 6.26 36.08
N GLN H 157 10.84 5.17 36.84
CA GLN H 157 11.97 4.25 36.92
C GLN H 157 12.04 3.44 35.64
N LEU H 158 10.87 3.16 35.06
CA LEU H 158 10.76 2.28 33.90
C LEU H 158 10.58 3.05 32.60
N GLY H 159 10.05 4.27 32.70
CA GLY H 159 9.92 5.17 31.56
C GLY H 159 8.54 5.19 30.93
N ALA H 160 7.50 4.99 31.74
CA ALA H 160 6.13 4.97 31.23
C ALA H 160 5.57 6.37 31.00
N ARG H 161 5.26 6.68 29.75
CA ARG H 161 4.71 7.99 29.39
C ARG H 161 3.34 7.87 28.74
N ALA H 162 2.78 6.67 28.74
CA ALA H 162 1.43 6.46 28.24
C ALA H 162 0.40 6.49 29.38
N GLY H 163 0.82 7.01 30.53
CA GLY H 163 -0.06 7.14 31.69
C GLY H 163 0.44 6.45 32.94
N VAL H 164 0.31 7.15 34.07
CA VAL H 164 0.65 6.59 35.37
C VAL H 164 -0.53 6.85 36.31
N MET H 165 -1.24 5.78 36.67
CA MET H 165 -2.51 5.89 37.39
C MET H 165 -2.53 5.10 38.70
N THR H 166 -3.14 5.71 39.72
CA THR H 166 -3.25 5.11 41.05
C THR H 166 -4.70 5.04 41.51
N PRO H 167 -5.33 3.86 41.36
CA PRO H 167 -6.69 3.67 41.87
C PRO H 167 -6.70 3.27 43.35
N VAL H 168 -7.35 4.07 44.19
CA VAL H 168 -7.53 3.71 45.60
C VAL H 168 -8.96 3.29 45.94
N SER H 169 -9.12 2.05 46.38
CA SER H 169 -10.42 1.58 46.87
C SER H 169 -10.21 0.59 48.00
N ALA H 170 -9.34 0.94 48.93
CA ALA H 170 -9.07 0.12 50.12
C ALA H 170 -8.54 -1.28 49.79
N GLN H 171 -9.23 -2.30 50.27
CA GLN H 171 -8.73 -3.66 50.13
C GLN H 171 -8.88 -4.24 48.71
N SER H 172 -9.42 -3.44 47.79
CA SER H 172 -9.56 -3.85 46.40
C SER H 172 -8.64 -3.08 45.46
N SER H 173 -7.76 -2.25 46.02
CA SER H 173 -6.95 -1.33 45.21
C SER H 173 -6.04 -2.00 44.18
N GLY H 174 -5.48 -3.16 44.53
CA GLY H 174 -4.50 -3.83 43.67
C GLY H 174 -5.15 -4.58 42.52
N SER H 175 -6.40 -4.94 42.72
CA SER H 175 -7.22 -5.59 41.71
C SER H 175 -7.78 -4.55 40.76
N GLU H 176 -8.12 -3.39 41.29
CA GLU H 176 -8.68 -2.33 40.48
C GLU H 176 -7.59 -1.74 39.60
N ALA H 177 -6.37 -1.79 40.08
CA ALA H 177 -5.26 -1.24 39.31
C ALA H 177 -5.14 -2.05 38.03
N ILE H 178 -4.99 -3.35 38.20
CA ILE H 178 -4.92 -4.28 37.09
C ILE H 178 -6.10 -4.12 36.14
N ALA H 179 -7.24 -3.71 36.67
CA ALA H 179 -8.47 -3.51 35.90
C ALA H 179 -8.32 -2.36 34.91
N HIS H 180 -7.79 -1.26 35.40
CA HIS H 180 -7.67 -0.05 34.58
C HIS H 180 -6.47 -0.15 33.66
N ALA H 181 -5.51 -0.99 34.04
CA ALA H 181 -4.43 -1.36 33.13
C ALA H 181 -5.10 -1.97 31.90
N TRP H 182 -5.84 -3.04 32.12
CA TRP H 182 -6.59 -3.67 31.03
C TRP H 182 -7.39 -2.65 30.21
N ARG H 183 -8.02 -1.69 30.90
CA ARG H 183 -8.84 -0.68 30.25
C ARG H 183 -8.02 0.25 29.35
N GLN H 184 -6.88 0.70 29.86
CA GLN H 184 -5.99 1.59 29.12
C GLN H 184 -5.52 0.95 27.81
N ILE H 185 -5.32 -0.37 27.82
CA ILE H 185 -4.90 -1.07 26.61
C ILE H 185 -6.03 -1.25 25.59
N VAL H 186 -7.15 -1.81 26.01
CA VAL H 186 -8.27 -2.09 25.09
C VAL H 186 -8.88 -0.82 24.49
N MET H 187 -8.70 0.31 25.17
CA MET H 187 -9.22 1.59 24.68
C MET H 187 -8.25 2.29 23.74
N GLY H 188 -6.99 1.87 23.75
CA GLY H 188 -6.01 2.39 22.81
C GLY H 188 -5.06 3.38 23.43
N ASP H 189 -5.06 3.45 24.75
CA ASP H 189 -4.22 4.41 25.45
C ASP H 189 -2.84 3.84 25.78
N ALA H 190 -2.71 2.52 25.68
CA ALA H 190 -1.42 1.86 25.86
C ALA H 190 -1.37 0.52 25.12
N ASP H 191 -0.16 0.00 24.97
CA ASP H 191 0.09 -1.28 24.33
C ASP H 191 0.58 -2.28 25.39
N VAL H 192 1.27 -1.74 26.39
CA VAL H 192 1.84 -2.55 27.48
C VAL H 192 1.74 -1.76 28.78
N ALA H 193 1.49 -2.44 29.89
CA ALA H 193 1.36 -1.78 31.18
C ALA H 193 1.91 -2.59 32.34
N VAL H 194 2.54 -1.89 33.28
CA VAL H 194 2.93 -2.48 34.56
C VAL H 194 1.91 -2.10 35.64
N CYS H 195 1.29 -3.11 36.24
CA CYS H 195 0.16 -2.90 37.13
C CYS H 195 0.24 -3.81 38.34
N GLY H 196 -0.47 -3.42 39.40
CA GLY H 196 -0.51 -4.19 40.63
C GLY H 196 -0.71 -3.28 41.81
N GLY H 197 -0.05 -3.59 42.92
CA GLY H 197 -0.24 -2.84 44.15
C GLY H 197 0.85 -2.99 45.18
N VAL H 198 1.00 -1.97 46.00
CA VAL H 198 1.97 -1.98 47.08
C VAL H 198 1.30 -1.48 48.35
N GLU H 199 1.88 -1.83 49.49
CA GLU H 199 1.29 -1.51 50.78
C GLU H 199 2.36 -1.40 51.86
N GLY H 200 2.09 -0.62 52.90
CA GLY H 200 2.97 -0.54 54.06
C GLY H 200 3.14 -1.83 54.83
N PRO H 201 4.14 -1.87 55.74
CA PRO H 201 4.42 -3.04 56.57
C PRO H 201 3.62 -3.02 57.87
N ILE H 202 3.42 -4.19 58.47
CA ILE H 202 2.71 -4.30 59.75
C ILE H 202 3.28 -3.37 60.82
N GLU H 203 2.41 -2.53 61.37
CA GLU H 203 2.78 -1.56 62.40
C GLU H 203 1.68 -1.42 63.44
N ALA H 204 1.99 -0.70 64.51
CA ALA H 204 1.15 -0.67 65.71
C ALA H 204 -0.15 0.09 65.51
N LEU H 205 -0.07 1.27 64.89
CA LEU H 205 -1.25 2.09 64.67
C LEU H 205 -2.26 1.41 63.72
N PRO H 206 -1.81 0.94 62.54
CA PRO H 206 -2.67 0.16 61.65
C PRO H 206 -3.41 -0.98 62.36
N ILE H 207 -2.67 -1.80 63.11
CA ILE H 207 -3.30 -2.87 63.89
C ILE H 207 -4.35 -2.34 64.85
N ALA H 208 -4.01 -1.28 65.59
CA ALA H 208 -4.91 -0.66 66.55
C ALA H 208 -6.21 -0.23 65.86
N ALA H 209 -6.08 0.47 64.74
CA ALA H 209 -7.22 0.97 63.98
C ALA H 209 -8.20 -0.14 63.63
N PHE H 210 -7.72 -1.13 62.88
CA PHE H 210 -8.55 -2.23 62.41
C PHE H 210 -9.09 -3.11 63.55
N SER H 211 -8.44 -3.07 64.71
CA SER H 211 -8.86 -3.92 65.82
C SER H 211 -9.98 -3.25 66.63
N MET H 212 -10.10 -1.93 66.49
CA MET H 212 -11.19 -1.20 67.13
C MET H 212 -12.49 -1.34 66.34
N MET H 213 -12.36 -1.76 65.08
CA MET H 213 -13.52 -2.18 64.29
C MET H 213 -13.83 -3.63 64.64
N ARG H 214 -12.90 -4.24 65.37
CA ARG H 214 -12.97 -5.65 65.75
C ARG H 214 -13.13 -6.53 64.53
N ALA H 215 -12.16 -6.42 63.62
CA ALA H 215 -12.16 -7.16 62.35
C ALA H 215 -10.99 -8.12 62.21
N MET H 216 -10.09 -8.13 63.19
CA MET H 216 -8.85 -8.92 63.10
C MET H 216 -8.85 -10.14 64.01
N SER H 217 -8.01 -11.11 63.68
CA SER H 217 -7.89 -12.32 64.50
C SER H 217 -7.03 -12.07 65.74
N THR H 218 -7.46 -12.62 66.87
CA THR H 218 -6.76 -12.44 68.13
C THR H 218 -6.36 -13.81 68.66
N ARG H 219 -6.40 -14.77 67.75
CA ARG H 219 -6.02 -16.16 67.98
C ARG H 219 -4.49 -16.26 67.96
N ASN H 220 -3.84 -15.58 68.89
CA ASN H 220 -2.39 -15.45 68.90
C ASN H 220 -1.63 -16.73 69.26
N ASP H 221 -2.28 -17.63 69.99
CA ASP H 221 -1.62 -18.84 70.48
C ASP H 221 -1.14 -19.76 69.37
N GLU H 222 -1.86 -19.78 68.25
CA GLU H 222 -1.45 -20.53 67.07
C GLU H 222 -1.53 -19.65 65.82
N PRO H 223 -0.46 -18.88 65.55
CA PRO H 223 -0.42 -17.94 64.43
C PRO H 223 -0.86 -18.58 63.10
N GLU H 224 -0.32 -19.74 62.77
CA GLU H 224 -0.55 -20.38 61.48
C GLU H 224 -1.99 -20.83 61.27
N ARG H 225 -2.73 -21.00 62.36
CA ARG H 225 -4.12 -21.46 62.28
C ARG H 225 -5.12 -20.33 62.55
N ALA H 226 -4.68 -19.09 62.43
CA ALA H 226 -5.54 -17.95 62.72
C ALA H 226 -6.43 -17.57 61.55
N SER H 227 -5.87 -17.57 60.35
CA SER H 227 -6.61 -17.15 59.15
C SER H 227 -7.44 -18.31 58.60
N ARG H 228 -8.74 -18.25 58.84
CA ARG H 228 -9.63 -19.37 58.51
C ARG H 228 -10.78 -18.95 57.61
N PRO H 229 -10.48 -18.49 56.38
CA PRO H 229 -11.53 -18.09 55.46
C PRO H 229 -12.53 -19.22 55.15
N PHE H 230 -13.82 -18.89 55.27
CA PHE H 230 -14.93 -19.81 55.00
C PHE H 230 -15.10 -20.90 56.07
N ASP H 231 -14.29 -20.82 57.13
CA ASP H 231 -14.34 -21.79 58.20
C ASP H 231 -15.25 -21.33 59.35
N LYS H 232 -15.89 -22.31 59.99
CA LYS H 232 -16.81 -22.05 61.11
C LYS H 232 -16.17 -21.23 62.24
N ASP H 233 -14.91 -21.51 62.53
CA ASP H 233 -14.23 -20.98 63.71
C ASP H 233 -13.36 -19.76 63.41
N ARG H 234 -13.61 -19.13 62.26
CA ARG H 234 -12.85 -17.94 61.85
C ARG H 234 -13.21 -16.74 62.72
N ASP H 235 -12.24 -15.87 62.97
CA ASP H 235 -12.45 -14.74 63.87
C ASP H 235 -11.82 -13.44 63.38
N GLY H 236 -11.77 -13.26 62.06
CA GLY H 236 -11.30 -12.02 61.46
C GLY H 236 -10.08 -12.20 60.58
N PHE H 237 -9.63 -11.11 59.96
CA PHE H 237 -8.44 -11.15 59.09
C PHE H 237 -7.10 -11.01 59.82
N VAL H 238 -6.07 -11.62 59.23
CA VAL H 238 -4.73 -11.52 59.74
C VAL H 238 -3.89 -10.72 58.75
N PHE H 239 -3.07 -9.79 59.27
CA PHE H 239 -2.18 -9.01 58.44
C PHE H 239 -1.13 -9.90 57.78
N GLY H 240 -0.87 -9.66 56.50
CA GLY H 240 0.15 -10.37 55.76
C GLY H 240 0.81 -9.45 54.76
N GLU H 241 2.05 -9.05 55.05
CA GLU H 241 2.73 -8.11 54.18
C GLU H 241 2.93 -8.68 52.77
N ALA H 242 2.87 -7.80 51.78
CA ALA H 242 3.12 -8.19 50.39
C ALA H 242 3.02 -7.01 49.43
N GLY H 243 3.63 -7.17 48.27
CA GLY H 243 3.49 -6.26 47.15
C GLY H 243 3.58 -7.12 45.91
N ALA H 244 2.94 -6.71 44.82
CA ALA H 244 2.94 -7.52 43.61
C ALA H 244 2.66 -6.71 42.35
N LEU H 245 3.39 -7.02 41.28
CA LEU H 245 3.18 -6.41 39.96
C LEU H 245 3.19 -7.49 38.87
N MET H 246 2.46 -7.26 37.78
CA MET H 246 2.56 -8.09 36.60
C MET H 246 2.82 -7.23 35.35
N LEU H 247 3.36 -7.86 34.31
CA LEU H 247 3.51 -7.20 33.03
C LEU H 247 2.41 -7.68 32.11
N ILE H 248 1.62 -6.75 31.59
CA ILE H 248 0.61 -7.08 30.62
C ILE H 248 0.87 -6.32 29.32
N GLU H 249 0.33 -6.84 28.23
CA GLU H 249 0.50 -6.24 26.91
C GLU H 249 -0.40 -7.00 25.96
N THR H 250 -0.67 -6.42 24.79
CA THR H 250 -1.44 -7.14 23.77
C THR H 250 -0.67 -8.39 23.36
N GLU H 251 -1.39 -9.36 22.80
CA GLU H 251 -0.78 -10.57 22.29
C GLU H 251 0.15 -10.23 21.12
N GLU H 252 -0.23 -9.24 20.31
CA GLU H 252 0.63 -8.82 19.21
C GLU H 252 1.93 -8.25 19.76
N HIS H 253 1.81 -7.33 20.72
CA HIS H 253 2.98 -6.70 21.31
C HIS H 253 3.93 -7.74 21.85
N ALA H 254 3.38 -8.68 22.61
CA ALA H 254 4.16 -9.75 23.23
C ALA H 254 4.82 -10.65 22.19
N LYS H 255 4.04 -11.06 21.19
CA LYS H 255 4.53 -11.92 20.12
C LYS H 255 5.69 -11.24 19.39
N ALA H 256 5.51 -9.98 19.03
CA ALA H 256 6.54 -9.23 18.33
C ALA H 256 7.90 -9.35 19.02
N ARG H 257 7.89 -9.22 20.35
CA ARG H 257 9.14 -9.25 21.13
C ARG H 257 9.49 -10.66 21.62
N GLY H 258 8.67 -11.64 21.25
CA GLY H 258 8.90 -13.03 21.63
C GLY H 258 8.81 -13.31 23.13
N ALA H 259 7.88 -12.64 23.80
CA ALA H 259 7.63 -12.89 25.22
C ALA H 259 6.65 -14.06 25.39
N LYS H 260 6.98 -15.00 26.26
CA LYS H 260 6.08 -16.12 26.58
C LYS H 260 5.03 -15.74 27.63
N PRO H 261 3.73 -15.78 27.24
CA PRO H 261 2.60 -15.45 28.12
C PRO H 261 2.34 -16.52 29.18
N LEU H 262 1.89 -16.10 30.35
CA LEU H 262 1.61 -17.05 31.42
C LEU H 262 0.10 -17.28 31.56
N ALA H 263 -0.69 -16.42 30.92
CA ALA H 263 -2.14 -16.47 30.98
C ALA H 263 -2.71 -15.24 30.29
N ARG H 264 -4.01 -15.23 30.03
CA ARG H 264 -4.68 -14.10 29.37
C ARG H 264 -5.58 -13.33 30.35
N LEU H 265 -5.52 -12.00 30.29
CA LEU H 265 -6.45 -11.15 31.02
C LEU H 265 -7.60 -10.75 30.10
N LEU H 266 -8.80 -11.21 30.46
CA LEU H 266 -9.95 -11.18 29.57
C LEU H 266 -10.93 -10.03 29.78
N GLY H 267 -11.06 -9.58 31.02
CA GLY H 267 -12.03 -8.54 31.32
C GLY H 267 -12.05 -8.17 32.79
N ALA H 268 -12.81 -7.14 33.12
CA ALA H 268 -12.82 -6.59 34.47
C ALA H 268 -14.15 -5.92 34.78
N GLY H 269 -14.76 -6.31 35.90
CA GLY H 269 -15.96 -5.67 36.37
C GLY H 269 -15.72 -4.90 37.66
N ILE H 270 -16.15 -3.64 37.68
CA ILE H 270 -16.10 -2.82 38.87
C ILE H 270 -17.50 -2.34 39.21
N THR H 271 -17.94 -2.60 40.43
CA THR H 271 -19.23 -2.11 40.89
C THR H 271 -19.08 -1.50 42.28
N SER H 272 -20.18 -1.06 42.87
CA SER H 272 -20.20 -0.59 44.25
C SER H 272 -21.50 -1.01 44.92
N ASP H 273 -21.52 -0.98 46.24
CA ASP H 273 -22.68 -1.44 47.01
C ASP H 273 -23.68 -0.34 47.33
N ALA H 274 -23.17 0.83 47.70
CA ALA H 274 -23.99 1.90 48.25
C ALA H 274 -24.80 1.36 49.43
N PHE H 275 -24.15 0.54 50.27
CA PHE H 275 -24.81 -0.08 51.42
C PHE H 275 -24.27 0.44 52.75
N HIS H 276 -23.01 0.11 53.04
CA HIS H 276 -22.37 0.52 54.29
C HIS H 276 -21.01 1.09 53.94
N MET H 277 -20.34 1.71 54.90
CA MET H 277 -19.04 2.33 54.62
C MET H 277 -17.90 1.31 54.74
N VAL H 278 -18.07 0.31 55.61
CA VAL H 278 -17.03 -0.69 55.81
C VAL H 278 -17.53 -2.12 55.70
N ALA H 279 -18.85 -2.29 55.59
CA ALA H 279 -19.42 -3.63 55.56
C ALA H 279 -20.04 -3.92 54.19
N PRO H 280 -19.81 -5.12 53.66
CA PRO H 280 -20.40 -5.57 52.40
C PRO H 280 -21.89 -5.87 52.52
N ALA H 281 -22.64 -5.64 51.46
CA ALA H 281 -24.03 -6.10 51.39
C ALA H 281 -24.05 -7.61 51.54
N ALA H 282 -24.94 -8.12 52.40
CA ALA H 282 -25.00 -9.56 52.63
C ALA H 282 -25.40 -10.34 51.37
N ASP H 283 -26.27 -9.76 50.56
CA ASP H 283 -26.76 -10.44 49.36
C ASP H 283 -25.70 -10.67 48.27
N GLY H 284 -24.54 -10.05 48.43
CA GLY H 284 -23.49 -10.13 47.44
C GLY H 284 -24.01 -9.91 46.03
N VAL H 285 -25.06 -9.11 45.90
CA VAL H 285 -25.66 -8.84 44.59
C VAL H 285 -24.80 -7.94 43.71
N ARG H 286 -24.34 -6.81 44.24
CA ARG H 286 -23.50 -5.91 43.48
C ARG H 286 -22.13 -6.51 43.22
N ALA H 287 -21.62 -7.26 44.19
CA ALA H 287 -20.33 -7.92 44.06
C ALA H 287 -20.38 -8.99 42.97
N GLY H 288 -21.53 -9.66 42.86
CA GLY H 288 -21.74 -10.71 41.87
C GLY H 288 -22.10 -10.12 40.51
N ARG H 289 -22.38 -8.82 40.51
CA ARG H 289 -22.55 -8.09 39.26
C ARG H 289 -21.18 -7.78 38.66
N ALA H 290 -20.20 -7.53 39.53
CA ALA H 290 -18.84 -7.25 39.09
C ALA H 290 -18.20 -8.49 38.47
N MET H 291 -18.51 -9.66 39.04
CA MET H 291 -18.05 -10.91 38.46
C MET H 291 -18.71 -11.07 37.10
N THR H 292 -20.00 -10.77 37.06
CA THR H 292 -20.79 -10.87 35.84
C THR H 292 -20.28 -9.91 34.77
N ARG H 293 -19.96 -8.70 35.17
CA ARG H 293 -19.44 -7.70 34.25
C ARG H 293 -18.15 -8.16 33.56
N SER H 294 -17.24 -8.76 34.33
CA SER H 294 -15.97 -9.23 33.76
C SER H 294 -16.19 -10.36 32.76
N LEU H 295 -17.26 -11.13 32.95
CA LEU H 295 -17.58 -12.25 32.06
C LEU H 295 -18.28 -11.81 30.79
N GLU H 296 -18.94 -10.66 30.85
CA GLU H 296 -19.54 -10.06 29.67
C GLU H 296 -18.46 -9.50 28.75
N LEU H 297 -17.54 -8.75 29.34
CA LEU H 297 -16.41 -8.17 28.61
C LEU H 297 -15.47 -9.27 28.09
N ALA H 298 -15.15 -10.22 28.96
CA ALA H 298 -14.35 -11.38 28.60
C ALA H 298 -15.00 -12.20 27.48
N GLY H 299 -16.33 -12.20 27.46
CA GLY H 299 -17.10 -12.97 26.49
C GLY H 299 -17.41 -14.37 27.00
N LEU H 300 -17.41 -14.53 28.32
CA LEU H 300 -17.61 -15.83 28.95
C LEU H 300 -18.98 -16.00 29.60
N SER H 301 -19.36 -17.25 29.84
CA SER H 301 -20.54 -17.58 30.63
C SER H 301 -20.09 -18.14 31.98
N PRO H 302 -20.99 -18.08 33.00
CA PRO H 302 -20.60 -18.57 34.33
C PRO H 302 -20.15 -20.03 34.29
N ALA H 303 -20.58 -20.74 33.25
CA ALA H 303 -20.33 -22.18 33.13
C ALA H 303 -18.89 -22.46 32.75
N ASP H 304 -18.20 -21.46 32.23
CA ASP H 304 -16.81 -21.62 31.78
C ASP H 304 -15.83 -21.36 32.92
N ILE H 305 -16.33 -20.83 34.03
CA ILE H 305 -15.47 -20.47 35.16
C ILE H 305 -15.17 -21.69 36.01
N ASP H 306 -13.94 -22.18 35.90
CA ASP H 306 -13.54 -23.40 36.59
C ASP H 306 -13.01 -23.06 37.96
N HIS H 307 -12.52 -21.84 38.12
CA HIS H 307 -11.81 -21.44 39.34
C HIS H 307 -12.18 -20.03 39.81
N VAL H 308 -12.23 -19.87 41.13
CA VAL H 308 -12.47 -18.58 41.72
C VAL H 308 -11.45 -18.36 42.83
N ASN H 309 -10.56 -17.40 42.60
CA ASN H 309 -9.66 -16.92 43.65
C ASN H 309 -10.47 -15.95 44.48
N ALA H 310 -10.78 -16.35 45.72
CA ALA H 310 -11.71 -15.63 46.57
C ALA H 310 -11.05 -14.56 47.45
N HIS H 311 -11.70 -13.40 47.55
CA HIS H 311 -11.24 -12.37 48.46
C HIS H 311 -10.98 -13.00 49.82
N GLY H 312 -11.97 -13.77 50.27
CA GLY H 312 -11.89 -14.57 51.48
C GLY H 312 -10.98 -14.05 52.57
N THR H 313 -11.48 -13.10 53.34
CA THR H 313 -10.71 -12.43 54.38
C THR H 313 -10.71 -13.15 55.74
N ALA H 314 -11.62 -14.11 55.89
CA ALA H 314 -11.80 -14.86 57.14
C ALA H 314 -12.56 -14.06 58.21
N THR H 315 -13.30 -13.04 57.81
CA THR H 315 -14.22 -12.35 58.73
C THR H 315 -15.60 -12.94 58.53
N PRO H 316 -16.40 -12.99 59.60
CA PRO H 316 -17.75 -13.54 59.52
C PRO H 316 -18.58 -12.96 58.38
N ILE H 317 -18.66 -11.63 58.27
CA ILE H 317 -19.57 -11.03 57.28
C ILE H 317 -19.01 -11.08 55.86
N GLY H 318 -17.71 -10.83 55.72
CA GLY H 318 -17.07 -10.84 54.42
C GLY H 318 -17.25 -12.16 53.68
N ASP H 319 -16.88 -13.26 54.34
CA ASP H 319 -16.93 -14.59 53.75
C ASP H 319 -18.35 -15.05 53.41
N ALA H 320 -19.31 -14.62 54.22
CA ALA H 320 -20.72 -14.91 53.96
C ALA H 320 -21.22 -14.13 52.75
N ALA H 321 -21.03 -12.82 52.78
CA ALA H 321 -21.43 -11.94 51.70
C ALA H 321 -20.79 -12.33 50.38
N GLU H 322 -19.54 -12.78 50.43
CA GLU H 322 -18.87 -13.21 49.20
C GLU H 322 -19.40 -14.55 48.64
N ALA H 323 -19.77 -15.46 49.52
CA ALA H 323 -20.37 -16.73 49.09
C ALA H 323 -21.68 -16.45 48.35
N ASN H 324 -22.44 -15.50 48.86
CA ASN H 324 -23.68 -15.07 48.21
C ASN H 324 -23.43 -14.39 46.88
N ALA H 325 -22.26 -13.78 46.73
CA ALA H 325 -21.92 -13.08 45.50
C ALA H 325 -21.60 -14.07 44.37
N ILE H 326 -20.76 -15.04 44.68
CA ILE H 326 -20.37 -16.06 43.72
C ILE H 326 -21.59 -16.87 43.24
N ARG H 327 -22.60 -16.95 44.10
CA ARG H 327 -23.86 -17.62 43.74
C ARG H 327 -24.67 -16.77 42.76
N VAL H 328 -24.75 -15.48 43.04
CA VAL H 328 -25.51 -14.55 42.21
C VAL H 328 -24.89 -14.43 40.83
N ALA H 329 -23.57 -14.46 40.79
CA ALA H 329 -22.83 -14.47 39.54
C ALA H 329 -23.05 -15.78 38.78
N GLY H 330 -23.45 -16.82 39.51
CA GLY H 330 -23.71 -18.13 38.92
C GLY H 330 -22.46 -19.00 38.87
N CYS H 331 -21.48 -18.68 39.73
CA CYS H 331 -20.18 -19.33 39.68
C CYS H 331 -19.94 -20.34 40.80
N ASP H 332 -20.96 -20.68 41.55
CA ASP H 332 -20.78 -21.49 42.75
C ASP H 332 -20.47 -22.97 42.48
N GLN H 333 -20.14 -23.29 41.23
CA GLN H 333 -19.68 -24.62 40.85
C GLN H 333 -18.17 -24.65 40.67
N ALA H 334 -17.56 -23.47 40.71
CA ALA H 334 -16.13 -23.36 40.48
C ALA H 334 -15.37 -23.88 41.69
N ALA H 335 -14.13 -24.31 41.46
CA ALA H 335 -13.23 -24.63 42.55
C ALA H 335 -12.87 -23.30 43.18
N VAL H 336 -12.82 -23.26 44.51
CA VAL H 336 -12.61 -22.01 45.23
C VAL H 336 -11.31 -22.05 46.02
N TYR H 337 -10.59 -20.94 46.01
CA TYR H 337 -9.36 -20.80 46.76
C TYR H 337 -9.41 -19.50 47.54
N ALA H 338 -9.00 -19.54 48.80
CA ALA H 338 -8.84 -18.34 49.63
C ALA H 338 -7.42 -18.21 50.14
N PRO H 339 -6.54 -17.54 49.34
CA PRO H 339 -5.10 -17.39 49.61
C PRO H 339 -4.73 -16.68 50.91
N LYS H 340 -5.65 -15.91 51.49
CA LYS H 340 -5.37 -15.21 52.75
C LYS H 340 -5.14 -16.19 53.89
N SER H 341 -5.61 -17.42 53.68
CA SER H 341 -5.41 -18.51 54.65
C SER H 341 -3.93 -18.74 54.95
N ALA H 342 -3.10 -18.63 53.91
CA ALA H 342 -1.66 -18.83 54.07
C ALA H 342 -0.87 -17.51 54.01
N LEU H 343 -1.36 -16.53 53.27
CA LEU H 343 -0.59 -15.32 53.01
C LEU H 343 -1.03 -14.10 53.80
N GLY H 344 -2.19 -14.19 54.44
CA GLY H 344 -2.72 -13.06 55.20
C GLY H 344 -3.18 -11.93 54.30
N HIS H 345 -3.68 -10.86 54.93
CA HIS H 345 -4.29 -9.75 54.19
C HIS H 345 -3.32 -8.58 54.02
N SER H 346 -3.02 -8.23 52.78
CA SER H 346 -2.08 -7.13 52.52
C SER H 346 -2.77 -5.85 52.01
N ILE H 347 -4.08 -5.74 52.24
CA ILE H 347 -4.84 -4.54 51.89
C ILE H 347 -4.65 -4.11 50.44
N GLY H 348 -4.12 -2.91 50.24
CA GLY H 348 -4.01 -2.32 48.90
C GLY H 348 -3.18 -3.10 47.90
N ALA H 349 -2.43 -4.09 48.37
CA ALA H 349 -1.58 -4.88 47.50
C ALA H 349 -2.14 -6.28 47.24
N VAL H 350 -3.10 -6.72 48.07
CA VAL H 350 -3.53 -8.11 48.07
C VAL H 350 -4.24 -8.59 46.79
N GLY H 351 -5.04 -7.74 46.18
CA GLY H 351 -5.74 -8.11 44.95
C GLY H 351 -4.78 -8.28 43.79
N ALA H 352 -3.61 -7.66 43.91
CA ALA H 352 -2.58 -7.78 42.89
C ALA H 352 -1.82 -9.08 43.07
N LEU H 353 -1.55 -9.40 44.33
CA LEU H 353 -0.90 -10.66 44.69
C LEU H 353 -1.79 -11.86 44.33
N GLU H 354 -3.08 -11.71 44.50
CA GLU H 354 -4.02 -12.81 44.27
C GLU H 354 -4.36 -12.92 42.78
N SER H 355 -4.07 -11.86 42.03
CA SER H 355 -4.18 -11.89 40.58
C SER H 355 -3.02 -12.69 40.00
N VAL H 356 -1.85 -12.52 40.59
CA VAL H 356 -0.68 -13.31 40.22
C VAL H 356 -0.93 -14.81 40.49
N LEU H 357 -1.60 -15.12 41.59
CA LEU H 357 -1.90 -16.50 41.98
C LEU H 357 -2.96 -17.15 41.09
N THR H 358 -3.89 -16.34 40.60
CA THR H 358 -4.85 -16.81 39.62
C THR H 358 -4.11 -17.19 38.33
N VAL H 359 -3.20 -16.31 37.91
CA VAL H 359 -2.36 -16.56 36.73
C VAL H 359 -1.56 -17.85 36.90
N LEU H 360 -0.86 -17.98 38.03
CA LEU H 360 -0.05 -19.16 38.30
C LEU H 360 -0.89 -20.42 38.41
N THR H 361 -2.19 -20.24 38.69
CA THR H 361 -3.10 -21.37 38.80
C THR H 361 -3.45 -21.88 37.41
N LEU H 362 -3.85 -20.96 36.53
CA LEU H 362 -4.20 -21.30 35.16
C LEU H 362 -3.00 -21.89 34.42
N ARG H 363 -1.85 -21.25 34.59
CA ARG H 363 -0.62 -21.75 33.97
C ARG H 363 -0.31 -23.18 34.36
N ASP H 364 -0.21 -23.43 35.66
CA ASP H 364 0.30 -24.71 36.15
C ASP H 364 -0.78 -25.78 36.24
N GLY H 365 -2.04 -25.36 36.22
CA GLY H 365 -3.17 -26.28 36.27
C GLY H 365 -3.44 -26.91 37.63
N VAL H 366 -3.03 -26.23 38.69
CA VAL H 366 -3.18 -26.74 40.05
C VAL H 366 -3.56 -25.64 41.04
N ILE H 367 -4.49 -25.93 41.95
CA ILE H 367 -4.91 -24.98 42.99
C ILE H 367 -4.41 -25.43 44.36
N PRO H 368 -3.83 -24.50 45.12
CA PRO H 368 -3.32 -24.81 46.47
C PRO H 368 -4.43 -25.10 47.47
N PRO H 369 -4.13 -25.86 48.53
CA PRO H 369 -5.14 -26.01 49.57
C PRO H 369 -5.42 -24.70 50.30
N THR H 370 -6.69 -24.50 50.67
CA THR H 370 -7.07 -23.40 51.54
C THR H 370 -6.77 -23.83 52.96
N LEU H 371 -5.82 -23.16 53.61
CA LEU H 371 -5.41 -23.54 54.96
C LEU H 371 -6.51 -23.27 55.99
N ASN H 372 -6.51 -24.09 57.04
CA ASN H 372 -7.43 -23.93 58.17
C ASN H 372 -8.90 -24.14 57.85
N TYR H 373 -9.18 -24.61 56.64
CA TYR H 373 -10.55 -24.92 56.23
C TYR H 373 -10.96 -26.29 56.77
N GLU H 374 -11.25 -26.34 58.06
CA GLU H 374 -11.49 -27.61 58.73
C GLU H 374 -12.99 -27.89 58.92
N THR H 375 -13.72 -26.92 59.47
CA THR H 375 -15.15 -27.09 59.63
C THR H 375 -15.93 -26.04 58.86
N PRO H 376 -16.35 -26.38 57.65
CA PRO H 376 -17.10 -25.43 56.80
C PRO H 376 -18.31 -24.80 57.52
N ASP H 377 -18.83 -23.73 56.94
CA ASP H 377 -19.97 -23.00 57.50
C ASP H 377 -21.24 -23.40 56.73
N PRO H 378 -22.26 -23.87 57.47
CA PRO H 378 -23.48 -24.43 56.89
C PRO H 378 -24.18 -23.46 55.93
N GLU H 379 -23.90 -22.18 56.11
CA GLU H 379 -24.54 -21.15 55.28
C GLU H 379 -23.65 -20.65 54.15
N ILE H 380 -22.56 -21.37 53.89
CA ILE H 380 -21.59 -20.96 52.87
C ILE H 380 -21.76 -21.75 51.56
N ASP H 381 -21.47 -23.04 51.60
CA ASP H 381 -21.75 -23.95 50.48
C ASP H 381 -20.94 -23.65 49.22
N LEU H 382 -19.62 -23.77 49.32
CA LEU H 382 -18.74 -23.56 48.17
C LEU H 382 -17.74 -24.71 48.06
N ASP H 383 -17.24 -24.92 46.85
CA ASP H 383 -16.27 -25.97 46.57
C ASP H 383 -14.86 -25.50 46.94
N VAL H 384 -14.54 -25.57 48.22
CA VAL H 384 -13.26 -25.06 48.71
C VAL H 384 -12.14 -26.11 48.69
N VAL H 385 -11.19 -25.92 47.79
CA VAL H 385 -9.99 -26.74 47.70
C VAL H 385 -9.24 -26.71 49.04
N ALA H 386 -9.19 -27.85 49.72
CA ALA H 386 -8.53 -27.92 51.02
C ALA H 386 -7.79 -29.24 51.21
N GLY H 387 -6.91 -29.27 52.22
CA GLY H 387 -6.14 -30.46 52.54
C GLY H 387 -4.98 -30.71 51.61
N GLU H 388 -5.29 -30.86 50.32
CA GLU H 388 -4.27 -31.13 49.32
CA GLU H 388 -4.30 -31.16 49.29
C GLU H 388 -4.49 -30.26 48.08
N PRO H 389 -3.42 -30.04 47.30
CA PRO H 389 -3.59 -29.30 46.06
C PRO H 389 -4.51 -30.06 45.13
N ARG H 390 -5.35 -29.34 44.38
CA ARG H 390 -6.21 -29.98 43.40
C ARG H 390 -5.67 -29.74 41.99
N TYR H 391 -5.20 -30.81 41.35
CA TYR H 391 -4.80 -30.75 39.96
C TYR H 391 -6.04 -30.83 39.08
N GLY H 392 -6.25 -29.79 38.28
CA GLY H 392 -7.43 -29.72 37.45
C GLY H 392 -7.14 -29.15 36.10
N ASP H 393 -8.16 -29.13 35.26
CA ASP H 393 -8.04 -28.62 33.91
C ASP H 393 -8.63 -27.20 33.82
N TYR H 394 -8.11 -26.29 34.63
CA TYR H 394 -8.66 -24.92 34.72
C TYR H 394 -8.37 -24.09 33.47
N ARG H 395 -9.44 -23.61 32.84
CA ARG H 395 -9.32 -22.82 31.63
C ARG H 395 -9.58 -21.34 31.91
N TYR H 396 -10.60 -21.06 32.71
CA TYR H 396 -10.90 -19.69 33.13
C TYR H 396 -11.12 -19.58 34.64
N ALA H 397 -10.93 -18.38 35.17
CA ALA H 397 -11.10 -18.13 36.59
C ALA H 397 -11.41 -16.66 36.84
N VAL H 398 -12.06 -16.38 37.97
CA VAL H 398 -12.39 -15.03 38.35
C VAL H 398 -11.74 -14.71 39.68
N ASN H 399 -11.09 -13.55 39.73
CA ASN H 399 -10.41 -13.08 40.93
C ASN H 399 -11.12 -11.89 41.54
N ASN H 400 -11.71 -12.10 42.72
CA ASN H 400 -12.51 -11.11 43.44
C ASN H 400 -11.71 -10.24 44.41
N SER H 401 -12.07 -8.96 44.50
CA SER H 401 -11.56 -8.12 45.58
C SER H 401 -12.64 -7.15 46.03
N PHE H 402 -12.68 -6.90 47.33
CA PHE H 402 -13.70 -6.01 47.88
C PHE H 402 -13.03 -5.06 48.87
N GLY H 403 -13.38 -3.79 48.81
CA GLY H 403 -12.78 -2.80 49.67
C GLY H 403 -13.77 -2.18 50.62
N PHE H 404 -13.29 -1.58 51.71
CA PHE H 404 -14.18 -0.74 52.49
C PHE H 404 -14.57 0.44 51.61
N GLY H 405 -15.82 0.90 51.72
CA GLY H 405 -16.34 1.90 50.81
C GLY H 405 -17.34 1.27 49.86
N GLY H 406 -17.39 -0.05 49.85
CA GLY H 406 -18.35 -0.79 49.05
C GLY H 406 -17.83 -1.11 47.68
N HIS H 407 -16.51 -1.31 47.57
CA HIS H 407 -15.89 -1.47 46.26
C HIS H 407 -15.78 -2.93 45.86
N ASN H 408 -16.13 -3.21 44.62
CA ASN H 408 -16.16 -4.56 44.10
C ASN H 408 -15.42 -4.65 42.77
N VAL H 409 -14.30 -5.35 42.75
CA VAL H 409 -13.52 -5.55 41.54
C VAL H 409 -13.37 -7.04 41.23
N ALA H 410 -13.81 -7.46 40.05
CA ALA H 410 -13.57 -8.83 39.60
C ALA H 410 -12.78 -8.85 38.29
N LEU H 411 -11.80 -9.76 38.23
CA LEU H 411 -10.96 -9.89 37.05
C LEU H 411 -11.04 -11.30 36.44
N ALA H 412 -11.32 -11.35 35.13
CA ALA H 412 -11.41 -12.62 34.42
C ALA H 412 -10.10 -12.97 33.72
N PHE H 413 -9.52 -14.11 34.11
CA PHE H 413 -8.26 -14.58 33.55
C PHE H 413 -8.48 -15.88 32.77
N GLY H 414 -7.72 -16.06 31.69
CA GLY H 414 -7.81 -17.27 30.90
C GLY H 414 -6.47 -17.97 30.72
N ARG H 415 -6.50 -19.30 30.63
CA ARG H 415 -5.28 -20.06 30.40
C ARG H 415 -4.75 -19.70 29.01
N TYR H 416 -3.50 -19.25 28.95
CA TYR H 416 -2.94 -18.87 27.67
C TYR H 416 -2.97 -20.04 26.70
NA NA I . 35.60 37.27 -18.80
O1 PG4 J . 28.73 23.05 -35.84
C1 PG4 J . 28.44 21.89 -35.04
C2 PG4 J . 29.23 20.69 -35.57
O2 PG4 J . 29.52 19.71 -34.58
C3 PG4 J . 30.61 18.93 -35.05
C4 PG4 J . 30.73 17.59 -34.34
O3 PG4 J . 31.30 16.66 -35.26
C5 PG4 J . 32.66 16.33 -34.92
C6 PG4 J . 33.09 15.05 -35.63
O4 PG4 J . 34.43 14.74 -35.25
C7 PG4 J . 34.53 13.46 -34.63
C8 PG4 J . 35.71 13.42 -33.66
O5 PG4 J . 35.49 14.26 -32.51
O1 PG4 K . 14.93 16.35 -35.97
C1 PG4 K . 15.04 17.05 -34.71
C2 PG4 K . 14.37 16.22 -33.62
O2 PG4 K . 14.94 16.54 -32.34
C3 PG4 K . 15.86 15.52 -31.92
C4 PG4 K . 16.06 15.54 -30.41
O3 PG4 K . 14.78 15.70 -29.78
C5 PG4 K . 14.01 14.51 -29.94
C6 PG4 K . 12.59 14.78 -29.47
O4 PG4 K . 11.66 14.13 -30.32
C7 PG4 K . 10.33 14.32 -29.81
C8 PG4 K . 9.33 13.76 -30.81
O5 PG4 K . 8.01 13.98 -30.29
O1 PG4 L . 14.33 17.32 -40.31
C1 PG4 L . 15.47 16.68 -40.91
C2 PG4 L . 15.58 15.26 -40.39
O2 PG4 L . 16.91 14.76 -40.53
C3 PG4 L . 17.72 15.32 -39.50
C4 PG4 L . 18.16 14.28 -38.47
O3 PG4 L . 18.22 14.91 -37.20
C5 PG4 L . 19.24 14.36 -36.37
C6 PG4 L . 18.90 14.56 -34.89
O4 PG4 L . 19.59 13.61 -34.08
C7 PG4 L . 18.69 12.64 -33.53
C8 PG4 L . 19.18 12.07 -32.20
O5 PG4 L . 20.30 11.20 -32.38
NA NA M . 3.12 16.31 -15.62
O1 PG4 N . -37.22 0.81 2.63
C1 PG4 N . -36.11 1.69 2.34
C2 PG4 N . -34.84 1.04 2.84
O2 PG4 N . -33.69 1.88 2.66
C3 PG4 N . -32.48 1.13 2.82
C4 PG4 N . -31.54 1.79 3.84
O3 PG4 N . -30.44 0.92 4.10
C5 PG4 N . -29.93 1.08 5.44
C6 PG4 N . -28.41 0.91 5.46
O4 PG4 N . -28.04 -0.46 5.26
C7 PG4 N . -26.65 -0.58 4.97
C8 PG4 N . -26.41 -1.65 3.92
O5 PG4 N . -25.64 -1.11 2.83
NA NA O . -42.67 -14.37 -13.94
O1 PG4 P . -32.40 12.66 -7.86
C1 PG4 P . -31.75 12.47 -6.60
C2 PG4 P . -31.66 13.81 -5.87
O2 PG4 P . -31.14 13.63 -4.56
C3 PG4 P . -30.47 14.82 -4.11
C4 PG4 P . -30.90 15.11 -2.68
O3 PG4 P . -30.60 14.00 -1.82
C5 PG4 P . -31.80 13.29 -1.50
C6 PG4 P . -32.05 13.27 0.00
O4 PG4 P . -33.36 12.74 0.28
C7 PG4 P . -33.81 13.20 1.56
C8 PG4 P . -35.31 12.94 1.75
O5 PG4 P . -35.80 13.79 2.79
C1 PEG Q . -36.00 20.73 -5.15
O1 PEG Q . -36.86 21.61 -5.91
C2 PEG Q . -36.12 19.26 -5.59
O2 PEG Q . -35.20 18.44 -4.84
C3 PEG Q . -35.42 17.04 -4.98
C4 PEG Q . -34.79 16.31 -3.80
O4 PEG Q . -35.41 15.03 -3.60
NA NA R . -37.15 23.33 -21.63
O1 PG4 S . 42.29 -44.02 4.99
C1 PG4 S . 41.09 -43.41 4.49
C2 PG4 S . 40.07 -43.20 5.61
O2 PG4 S . 38.90 -42.54 5.10
C3 PG4 S . 37.83 -42.64 6.05
C4 PG4 S . 36.47 -42.37 5.39
O3 PG4 S . 35.46 -42.32 6.42
C5 PG4 S . 34.41 -43.27 6.19
C6 PG4 S . 33.13 -42.83 6.88
O4 PG4 S . 32.17 -43.88 6.84
C7 PG4 S . 31.71 -44.07 5.50
C8 PG4 S . 30.26 -43.63 5.34
O5 PG4 S . 29.95 -43.53 3.94
NA NA T . 20.69 -55.63 -8.38
O1 PG4 U . 34.92 -28.68 -4.86
C1 PG4 U . 34.64 -29.70 -3.88
C2 PG4 U . 35.94 -30.27 -3.32
O2 PG4 U . 36.39 -29.53 -2.18
C3 PG4 U . 37.64 -30.01 -1.66
C4 PG4 U . 38.17 -29.03 -0.62
O3 PG4 U . 39.23 -29.63 0.13
C5 PG4 U . 39.24 -29.14 1.48
C6 PG4 U . 38.94 -30.28 2.44
O4 PG4 U . 38.32 -29.79 3.64
C7 PG4 U . 37.31 -30.69 4.10
C8 PG4 U . 37.54 -31.15 5.55
O5 PG4 U . 36.92 -30.28 6.50
NA NA V . 26.36 -17.46 -12.63
NA NA W . -7.41 24.11 33.99
NA NA X . -9.02 -12.98 45.38
#